data_8WMN
#
_entry.id   8WMN
#
_cell.length_a   1.00
_cell.length_b   1.00
_cell.length_c   1.00
_cell.angle_alpha   90.00
_cell.angle_beta   90.00
_cell.angle_gamma   90.00
#
_symmetry.space_group_name_H-M   'P 1'
#
loop_
_entity.id
_entity.type
_entity.pdbx_description
1 polymer deadCbCas9
2 polymer 'DNA (62-MER)'
3 polymer sgRNA
4 polymer PcrIIC1
5 non-polymer 'MAGNESIUM ION'
#
loop_
_entity_poly.entity_id
_entity_poly.type
_entity_poly.pdbx_seq_one_letter_code
_entity_poly.pdbx_strand_id
1 'polypeptide(L)'
;MIKNILGLALGTNSIGWALVKQDFENKQGEILGMGSRIIPMSQDILGDFGKGNSVSQTAERTKYRSVRRLRERFLLRRER
LHRVLYILNFLPEHYASQIDFEKRLGKFKVETEPKLVWKNTDGQFSFLFQNSFNEMLEDFKAAGQELKIPYDWTIYHLRK
KAISQKIEKEELAWILLNFNHKRGYYQLRGEDFEEEKDKTFVRLKVDRIVDSGENVKGKILYDVYFENGWKYDKQVVKTE
DWVDRTKEFIVSESILKNGETKRTFKAVDSEKDWIAIKTKTEQEIEHSHKTVGTYIYETLLQNPKQKIKGKLVRTIERKF
YKEELRQILEKQKEFHQELQSDDLYNDCIRELYRNNEVHQLTLRKKDFVHLFMEDIIFYQRPLRSQKSSVSNCTLEFRKY
KGENGAEHTQYLKAIPKSNPYYQEFRLWQWIFNLNLYTKDNDENVTKVFLNTTQDFENLFEFLNTRKEVDQKALLKHFKL
NEKTHRWNFVEDKKYPCNETKTMISSRLDKVENISDDFLTRDIEQKIWHIIYSVNDKVEYEKALKSFARKHHLDESSFFE
AFRKFPPFKSEYGSFSEKAIKKLLPLMRLGKYWNYAEIDKYSRERIQKIITGEYDENIKDKVREKSVHLTIENDFQGLQL
WLAQYIVYGRHSEASMIGKWNSANDLEVFLKDFKQHSLRNPIVEQVITETLRVVKDIWLKYGNGTKDFFNEIHIELGREM
KLPADDRKKLTNQITENENTNLRIKALLAEMMNDHSVENVRPFSPMQQEILKIYEDGVLKSDIEIEDDILKISKTAQPSS
SDLKRYKLWLEQKYKSPYTGQIIPLNKLFTPEYEIEAIIPQSRYFDDSFSNKIICESAVNKLKDNYIGLGFIKQFGGTII
ELGFGKSVKVFDTEEYEDFVKKHYANNRGKRNKLLMEDIPEKMIERQLNDTRYISKYISGILSNIVRVEDGSDEGVNSKN
IVPGNGKITTQLKQDWGLNDVWNDLILPRFERMNQLTNSKDFTAWNENHQKFLPTVPIEFSKGFSKKRIDHRHHALDALV
IACATTDHVNLLNNQSAKSDTKRYDLKKKLMKFEKVVYHHTQTGEKIEREIPKQFLKPWEKFTVDAKHNLESIIVSFKQN
LRVINKATNYYEKYVEKDGTKNKERVEQAGTNWAIRKPMHKDTVSGKVDLPWVKVPKGKILTATRKSLDSSFDLKSIGSI
TDTGIQKILKNYLAFKDGNPELAFSPEGIDDLNKNIEKYNDGKPHQPINKVRVFELGSKFQVGQTGNKKGKYVEAAKGTN
LFFAVYEDEKGKRSYETIPLNEVIERQKQGLTSVPLENEKGSRLLFDLSPNDLVYVPEIDENIDSNFVFSNLNKEKISRI
YKVEKTSGTECYFVRQDIAYLIKQYDAKTKIGELESQNKLQVTMTDDRIRITDTCVKINCDRLGNINFITKEKIKQIFNE
FR
;
A,B
2 'polydeoxyribonucleotide'
;(DG)(DA)(DG)(DA)(DA)(DT)(DG)(DT)(DC)(DG)(DG)(DG)(DG)(DA)(DG)(DC)(DC)(DG)(DA)(DG)
(DA)(DC)(DA)(DA)(DA)(DA)(DC)(DG)(DA)(DC)(DG)(DC)(DG)(DT)(DC)(DG)(DT)(DT)(DT)(DT)
(DG)(DT)(DC)(DT)(DC)(DG)(DG)(DC)(DT)(DC)(DC)(DC)(DC)(DG)(DA)(DC)(DA)(DT)(DT)(DC)
(DT)(DC)
;
C,N
3 'polyribonucleotide'
;GAGAAUGUCGGGGAGCCGAGGUUGUGAAUUGCUUUCAAAAAUUAUUGAGAAAUAAUUUUGAAAAGCAAUUCACAAUAAGG
AUUAUUCCGUUGUGAAAACAUUCAAGGCGGGGCAACUCGCCUUUUUU
;
F,O
4 'polypeptide(L)'
;MSLDKIAIDTNILLYAYDNRDLDKQDRAVEILLKKPFVTQLVVFEFIKVLERRFKMDKKEITKLTIKLLKEVIIPLSLHR
DIYNYSQFLLQRYNFGLSDILVLSDSILNNCTILLSEDMCNGMIVDKKLKIVNPFL
;
G,H
#
loop_
_chem_comp.id
_chem_comp.type
_chem_comp.name
_chem_comp.formula
A RNA linking ADENOSINE-5'-MONOPHOSPHATE 'C10 H14 N5 O7 P'
C RNA linking CYTIDINE-5'-MONOPHOSPHATE 'C9 H14 N3 O8 P'
DA DNA linking 2'-DEOXYADENOSINE-5'-MONOPHOSPHATE 'C10 H14 N5 O6 P'
DC DNA linking 2'-DEOXYCYTIDINE-5'-MONOPHOSPHATE 'C9 H14 N3 O7 P'
DG DNA linking 2'-DEOXYGUANOSINE-5'-MONOPHOSPHATE 'C10 H14 N5 O7 P'
DT DNA linking THYMIDINE-5'-MONOPHOSPHATE 'C10 H15 N2 O8 P'
G RNA linking GUANOSINE-5'-MONOPHOSPHATE 'C10 H14 N5 O8 P'
MG non-polymer 'MAGNESIUM ION' 'Mg 2'
U RNA linking URIDINE-5'-MONOPHOSPHATE 'C9 H13 N2 O9 P'
#
# COMPACT_ATOMS: atom_id res chain seq x y z
N MET A 1 -54.38 25.06 -31.18
CA MET A 1 -53.63 24.91 -32.42
C MET A 1 -52.30 24.18 -32.19
N ILE A 2 -51.55 24.57 -31.15
CA ILE A 2 -50.40 23.80 -30.71
C ILE A 2 -50.68 23.24 -29.33
N LYS A 3 -50.43 21.94 -29.15
CA LYS A 3 -50.84 21.26 -27.93
C LYS A 3 -49.68 20.47 -27.33
N ASN A 4 -49.41 20.69 -26.04
CA ASN A 4 -48.45 19.89 -25.30
C ASN A 4 -49.14 18.64 -24.79
N ILE A 5 -48.57 17.48 -25.08
CA ILE A 5 -49.17 16.19 -24.75
C ILE A 5 -48.19 15.41 -23.88
N LEU A 6 -48.69 14.88 -22.77
CA LEU A 6 -47.90 14.00 -21.91
C LEU A 6 -48.52 12.61 -21.92
N GLY A 7 -47.79 11.64 -22.47
CA GLY A 7 -48.23 10.26 -22.47
C GLY A 7 -47.52 9.48 -21.38
N LEU A 8 -48.31 8.82 -20.54
CA LEU A 8 -47.82 8.00 -19.44
C LEU A 8 -48.32 6.57 -19.58
N ALA A 9 -47.38 5.64 -19.50
CA ALA A 9 -47.67 4.20 -19.48
C ALA A 9 -47.21 3.66 -18.14
N LEU A 10 -48.13 3.00 -17.42
CA LEU A 10 -47.88 2.56 -16.06
C LEU A 10 -47.80 1.04 -16.02
N GLY A 11 -46.68 0.52 -15.52
CA GLY A 11 -46.49 -0.90 -15.35
C GLY A 11 -46.43 -1.30 -13.89
N THR A 12 -46.08 -2.57 -13.66
CA THR A 12 -45.93 -3.05 -12.30
C THR A 12 -44.80 -2.32 -11.58
N ASN A 13 -43.69 -2.07 -12.26
CA ASN A 13 -42.58 -1.33 -11.67
C ASN A 13 -41.96 -0.35 -12.66
N SER A 14 -42.71 0.06 -13.68
CA SER A 14 -42.16 0.89 -14.73
C SER A 14 -43.09 2.05 -15.04
N ILE A 15 -42.50 3.23 -15.21
CA ILE A 15 -43.23 4.40 -15.69
C ILE A 15 -42.61 4.86 -16.99
N GLY A 16 -43.35 4.77 -18.08
CA GLY A 16 -42.90 5.30 -19.35
C GLY A 16 -43.51 6.68 -19.58
N TRP A 17 -42.64 7.68 -19.70
CA TRP A 17 -43.07 9.06 -19.81
C TRP A 17 -42.58 9.64 -21.14
N ALA A 18 -43.48 10.30 -21.84
CA ALA A 18 -43.14 10.97 -23.09
C ALA A 18 -43.90 12.29 -23.18
N LEU A 19 -43.20 13.33 -23.63
CA LEU A 19 -43.81 14.64 -23.80
C LEU A 19 -43.54 15.13 -25.22
N VAL A 20 -44.60 15.56 -25.90
CA VAL A 20 -44.56 15.95 -27.30
C VAL A 20 -45.31 17.27 -27.46
N LYS A 21 -44.98 18.00 -28.53
CA LYS A 21 -45.65 19.25 -28.88
C LYS A 21 -46.29 19.05 -30.25
N GLN A 22 -47.56 18.68 -30.27
CA GLN A 22 -48.23 18.22 -31.49
C GLN A 22 -49.08 19.34 -32.08
N ASP A 23 -49.05 19.43 -33.41
CA ASP A 23 -49.96 20.25 -34.21
C ASP A 23 -50.52 19.33 -35.28
N PHE A 24 -51.59 18.59 -34.95
CA PHE A 24 -52.09 17.55 -35.83
C PHE A 24 -52.74 18.12 -37.08
N GLU A 25 -53.38 19.29 -36.96
CA GLU A 25 -54.15 19.83 -38.09
C GLU A 25 -53.25 20.15 -39.28
N ASN A 26 -52.00 20.51 -39.02
CA ASN A 26 -51.05 20.80 -40.09
C ASN A 26 -50.07 19.65 -40.33
N LYS A 27 -50.30 18.49 -39.73
CA LYS A 27 -49.40 17.33 -39.84
C LYS A 27 -47.98 17.70 -39.42
N GLN A 28 -47.87 18.52 -38.38
CA GLN A 28 -46.60 18.97 -37.84
C GLN A 28 -46.47 18.52 -36.39
N GLY A 29 -45.39 18.96 -35.76
CA GLY A 29 -45.13 18.67 -34.37
C GLY A 29 -43.81 17.95 -34.21
N GLU A 30 -43.32 17.91 -32.98
CA GLU A 30 -42.06 17.24 -32.69
C GLU A 30 -42.06 16.72 -31.26
N ILE A 31 -41.25 15.70 -31.01
CA ILE A 31 -41.11 15.11 -29.68
C ILE A 31 -40.21 16.02 -28.85
N LEU A 32 -40.47 16.09 -27.54
CA LEU A 32 -39.62 16.88 -26.66
C LEU A 32 -38.84 15.98 -25.71
N GLY A 33 -39.49 15.01 -25.10
CA GLY A 33 -38.81 14.22 -24.09
C GLY A 33 -39.35 12.81 -24.03
N MET A 34 -38.46 11.90 -23.65
CA MET A 34 -38.79 10.48 -23.55
C MET A 34 -37.96 9.86 -22.43
N GLY A 35 -38.55 8.89 -21.73
CA GLY A 35 -37.81 8.21 -20.69
C GLY A 35 -38.64 7.11 -20.06
N SER A 36 -37.94 6.24 -19.33
CA SER A 36 -38.57 5.17 -18.58
C SER A 36 -37.90 5.06 -17.21
N ARG A 37 -38.70 5.16 -16.16
CA ARG A 37 -38.24 5.03 -14.79
C ARG A 37 -38.56 3.62 -14.31
N ILE A 38 -37.58 2.97 -13.69
CA ILE A 38 -37.67 1.57 -13.29
C ILE A 38 -37.47 1.47 -11.79
N ILE A 39 -38.37 0.75 -11.11
CA ILE A 39 -38.24 0.46 -9.70
C ILE A 39 -37.77 -1.00 -9.57
N PRO A 40 -36.56 -1.25 -9.12
CA PRO A 40 -36.04 -2.62 -9.15
C PRO A 40 -36.59 -3.48 -8.01
N MET A 41 -37.10 -4.65 -8.38
CA MET A 41 -37.35 -5.72 -7.43
C MET A 41 -37.32 -7.04 -8.19
N SER A 42 -37.09 -8.13 -7.47
CA SER A 42 -36.91 -9.43 -8.11
C SER A 42 -38.21 -9.91 -8.76
N GLN A 43 -38.06 -10.76 -9.78
CA GLN A 43 -39.21 -11.35 -10.44
C GLN A 43 -39.96 -12.32 -9.54
N ASP A 44 -39.36 -12.71 -8.41
CA ASP A 44 -40.10 -13.46 -7.40
C ASP A 44 -41.31 -12.68 -6.93
N ILE A 45 -41.13 -11.38 -6.65
CA ILE A 45 -42.26 -10.54 -6.26
C ILE A 45 -43.27 -10.45 -7.39
N LEU A 46 -42.79 -10.36 -8.64
CA LEU A 46 -43.69 -10.27 -9.78
C LEU A 46 -44.56 -11.52 -9.92
N GLY A 47 -43.96 -12.70 -9.73
CA GLY A 47 -44.73 -13.93 -9.78
C GLY A 47 -45.52 -14.21 -8.52
N ASP A 48 -45.22 -13.51 -7.43
CA ASP A 48 -45.90 -13.74 -6.16
C ASP A 48 -47.11 -12.85 -5.95
N PHE A 49 -47.05 -11.57 -6.35
CA PHE A 49 -48.18 -10.68 -6.06
C PHE A 49 -49.40 -11.03 -6.89
N GLY A 50 -49.24 -11.75 -8.00
CA GLY A 50 -50.39 -12.22 -8.73
C GLY A 50 -51.24 -13.20 -7.94
N LYS A 51 -50.59 -14.01 -7.11
CA LYS A 51 -51.28 -14.91 -6.19
C LYS A 51 -51.31 -14.39 -4.76
N GLY A 52 -50.23 -13.77 -4.31
CA GLY A 52 -50.17 -13.19 -2.98
C GLY A 52 -49.59 -14.12 -1.94
N ASN A 53 -48.36 -13.84 -1.49
CA ASN A 53 -47.74 -14.62 -0.42
C ASN A 53 -46.82 -13.67 0.35
N SER A 54 -47.39 -13.03 1.38
CA SER A 54 -46.65 -12.11 2.24
C SER A 54 -45.83 -11.12 1.44
N VAL A 55 -46.42 -10.52 0.41
CA VAL A 55 -45.66 -9.65 -0.51
C VAL A 55 -45.66 -8.27 0.12
N SER A 56 -44.78 -8.09 1.09
CA SER A 56 -44.52 -6.80 1.73
C SER A 56 -43.31 -6.92 2.63
N GLN A 57 -42.35 -6.00 2.51
CA GLN A 57 -41.23 -6.00 3.44
C GLN A 57 -41.67 -5.48 4.81
N THR A 58 -42.74 -4.68 4.83
CA THR A 58 -43.30 -4.21 6.08
C THR A 58 -43.79 -5.39 6.93
N ALA A 59 -44.42 -6.38 6.30
CA ALA A 59 -44.88 -7.55 7.06
C ALA A 59 -43.72 -8.32 7.66
N GLU A 60 -42.61 -8.44 6.92
CA GLU A 60 -41.43 -9.12 7.45
C GLU A 60 -40.84 -8.36 8.63
N ARG A 61 -40.77 -7.02 8.51
CA ARG A 61 -40.32 -6.21 9.63
C ARG A 61 -41.23 -6.38 10.84
N THR A 62 -42.54 -6.44 10.61
CA THR A 62 -43.49 -6.65 11.70
C THR A 62 -43.27 -8.01 12.37
N LYS A 63 -43.01 -9.04 11.57
CA LYS A 63 -42.77 -10.36 12.13
C LYS A 63 -41.53 -10.37 13.02
N TYR A 64 -40.43 -9.78 12.54
CA TYR A 64 -39.24 -9.68 13.38
C TYR A 64 -39.51 -8.86 14.64
N ARG A 65 -40.26 -7.77 14.51
CA ARG A 65 -40.58 -6.96 15.67
C ARG A 65 -41.35 -7.76 16.70
N SER A 66 -42.35 -8.53 16.26
CA SER A 66 -43.14 -9.34 17.18
C SER A 66 -42.29 -10.39 17.88
N VAL A 67 -41.40 -11.05 17.13
CA VAL A 67 -40.53 -12.05 17.74
C VAL A 67 -39.64 -11.41 18.80
N ARG A 68 -39.03 -10.29 18.46
CA ARG A 68 -38.20 -9.58 19.43
C ARG A 68 -39.00 -9.19 20.67
N ARG A 69 -40.23 -8.69 20.46
CA ARG A 69 -41.04 -8.22 21.58
C ARG A 69 -41.39 -9.36 22.52
N LEU A 70 -41.76 -10.52 21.96
CA LEU A 70 -41.97 -11.70 22.78
C LEU A 70 -40.72 -12.06 23.57
N ARG A 71 -39.56 -11.96 22.92
CA ARG A 71 -38.31 -12.29 23.59
C ARG A 71 -38.05 -11.38 24.78
N GLU A 72 -38.21 -10.07 24.60
CA GLU A 72 -37.91 -9.16 25.72
C GLU A 72 -38.99 -9.26 26.80
N ARG A 73 -40.22 -9.66 26.45
CA ARG A 73 -41.21 -9.85 27.50
C ARG A 73 -40.90 -11.09 28.34
N PHE A 74 -40.44 -12.17 27.69
CA PHE A 74 -39.95 -13.31 28.47
C PHE A 74 -38.79 -12.90 29.36
N LEU A 75 -37.85 -12.11 28.82
CA LEU A 75 -36.73 -11.65 29.62
C LEU A 75 -37.20 -10.82 30.81
N LEU A 76 -38.16 -9.92 30.60
CA LEU A 76 -38.68 -9.10 31.68
C LEU A 76 -39.33 -9.95 32.78
N ARG A 77 -40.12 -10.95 32.38
CA ARG A 77 -40.67 -11.88 33.36
C ARG A 77 -39.55 -12.50 34.19
N ARG A 78 -38.49 -12.93 33.52
CA ARG A 78 -37.39 -13.56 34.23
C ARG A 78 -36.74 -12.59 35.20
N GLU A 79 -36.58 -11.34 34.77
CA GLU A 79 -35.96 -10.34 35.61
C GLU A 79 -36.76 -10.13 36.88
N ARG A 80 -38.06 -9.98 36.73
CA ARG A 80 -38.93 -9.77 37.89
C ARG A 80 -38.89 -10.99 38.81
N LEU A 81 -38.80 -12.19 38.23
CA LEU A 81 -38.63 -13.38 39.06
C LEU A 81 -37.32 -13.33 39.84
N HIS A 82 -36.22 -12.92 39.20
CA HIS A 82 -34.97 -12.74 39.94
C HIS A 82 -35.14 -11.78 41.11
N ARG A 83 -35.77 -10.63 40.85
CA ARG A 83 -35.92 -9.63 41.92
C ARG A 83 -36.71 -10.20 43.09
N VAL A 84 -37.86 -10.81 42.81
CA VAL A 84 -38.71 -11.32 43.88
C VAL A 84 -38.01 -12.43 44.64
N LEU A 85 -37.40 -13.37 43.93
CA LEU A 85 -36.74 -14.50 44.59
C LEU A 85 -35.53 -14.05 45.40
N TYR A 86 -34.82 -13.02 44.93
CA TYR A 86 -33.72 -12.47 45.72
C TYR A 86 -34.24 -11.82 47.00
N ILE A 87 -35.37 -11.13 46.91
CA ILE A 87 -35.99 -10.58 48.12
C ILE A 87 -36.33 -11.70 49.09
N LEU A 88 -36.91 -12.79 48.58
CA LEU A 88 -37.34 -13.90 49.43
C LEU A 88 -36.17 -14.69 50.02
N ASN A 89 -34.92 -14.40 49.60
CA ASN A 89 -33.76 -15.16 50.02
C ASN A 89 -33.89 -16.63 49.62
N PHE A 90 -34.14 -16.84 48.33
CA PHE A 90 -34.31 -18.18 47.78
C PHE A 90 -33.20 -18.58 46.83
N LEU A 91 -32.62 -17.61 46.12
CA LEU A 91 -31.49 -17.89 45.25
C LEU A 91 -30.27 -18.30 46.08
N PRO A 92 -29.41 -19.17 45.54
CA PRO A 92 -28.19 -19.52 46.26
C PRO A 92 -27.13 -18.44 46.10
N GLU A 93 -26.16 -18.45 47.01
CA GLU A 93 -25.17 -17.38 47.06
C GLU A 93 -24.34 -17.33 45.77
N HIS A 94 -23.96 -18.50 45.24
CA HIS A 94 -23.14 -18.53 44.03
C HIS A 94 -23.87 -17.91 42.86
N TYR A 95 -25.17 -18.20 42.72
CA TYR A 95 -25.94 -17.62 41.63
C TYR A 95 -26.25 -16.15 41.91
N ALA A 96 -26.80 -15.86 43.09
CA ALA A 96 -27.30 -14.53 43.39
C ALA A 96 -26.18 -13.49 43.44
N SER A 97 -24.95 -13.91 43.73
CA SER A 97 -23.85 -12.95 43.84
C SER A 97 -23.56 -12.26 42.52
N GLN A 98 -24.00 -12.85 41.41
CA GLN A 98 -23.68 -12.34 40.08
C GLN A 98 -24.90 -12.01 39.23
N ILE A 99 -26.01 -11.62 39.87
CA ILE A 99 -27.08 -10.87 39.22
C ILE A 99 -27.06 -9.46 39.78
N ASP A 100 -27.11 -8.46 38.90
CA ASP A 100 -27.20 -7.08 39.33
C ASP A 100 -28.61 -6.80 39.85
N PHE A 101 -28.68 -6.14 41.02
CA PHE A 101 -29.97 -5.81 41.61
C PHE A 101 -30.08 -4.31 41.93
N GLU A 102 -29.08 -3.51 41.56
CA GLU A 102 -29.05 -2.10 41.94
C GLU A 102 -29.21 -1.18 40.72
N LYS A 103 -28.37 -1.32 39.71
CA LYS A 103 -28.46 -0.50 38.51
C LYS A 103 -29.21 -1.21 37.40
N ARG A 104 -28.76 -2.40 37.00
CA ARG A 104 -29.47 -3.24 36.05
C ARG A 104 -30.32 -4.21 36.87
N LEU A 105 -31.58 -3.84 37.08
CA LEU A 105 -32.44 -4.56 37.99
C LEU A 105 -32.71 -5.98 37.49
N GLY A 106 -32.12 -6.95 38.16
CA GLY A 106 -32.34 -8.36 37.87
C GLY A 106 -31.50 -8.93 36.74
N LYS A 107 -30.75 -8.10 36.01
CA LYS A 107 -29.95 -8.60 34.91
C LYS A 107 -28.64 -9.20 35.41
N PHE A 108 -28.08 -10.10 34.62
CA PHE A 108 -26.80 -10.70 34.94
C PHE A 108 -25.69 -9.67 34.78
N LYS A 109 -24.62 -9.84 35.54
CA LYS A 109 -23.45 -9.01 35.34
C LYS A 109 -22.84 -9.28 33.96
N VAL A 110 -22.30 -8.23 33.35
CA VAL A 110 -21.87 -8.31 31.96
C VAL A 110 -20.72 -9.31 31.83
N GLU A 111 -20.74 -10.06 30.72
CA GLU A 111 -19.75 -11.09 30.44
C GLU A 111 -19.79 -12.19 31.49
N THR A 112 -20.98 -12.74 31.69
CA THR A 112 -21.18 -13.85 32.63
C THR A 112 -22.42 -14.61 32.20
N GLU A 113 -22.32 -15.94 32.23
CA GLU A 113 -23.43 -16.82 31.87
C GLU A 113 -23.69 -17.78 33.03
N PRO A 114 -24.41 -17.33 34.05
CA PRO A 114 -24.62 -18.18 35.23
C PRO A 114 -25.66 -19.27 34.97
N LYS A 115 -25.45 -20.41 35.63
CA LYS A 115 -26.42 -21.48 35.70
C LYS A 115 -26.82 -21.69 37.15
N LEU A 116 -28.13 -21.85 37.38
CA LEU A 116 -28.63 -21.96 38.74
C LEU A 116 -28.13 -23.25 39.41
N VAL A 117 -27.73 -24.24 38.62
CA VAL A 117 -27.51 -25.58 39.14
C VAL A 117 -26.04 -26.00 39.16
N TRP A 118 -25.16 -25.33 38.43
CA TRP A 118 -23.76 -25.74 38.35
C TRP A 118 -22.89 -24.73 39.08
N LYS A 119 -22.46 -25.07 40.29
CA LYS A 119 -21.60 -24.23 41.09
C LYS A 119 -20.16 -24.40 40.61
N ASN A 120 -19.49 -23.28 40.33
CA ASN A 120 -18.13 -23.29 39.81
C ASN A 120 -17.18 -22.94 40.94
N THR A 121 -16.37 -23.93 41.35
CA THR A 121 -15.32 -23.72 42.35
C THR A 121 -13.98 -24.13 41.77
N ASP A 122 -13.01 -23.21 41.83
CA ASP A 122 -11.67 -23.36 41.24
C ASP A 122 -11.73 -24.00 39.85
N GLY A 123 -12.65 -23.52 39.03
CA GLY A 123 -12.75 -23.95 37.65
C GLY A 123 -13.45 -25.27 37.42
N GLN A 124 -13.93 -25.88 38.50
CA GLN A 124 -14.65 -27.13 38.38
C GLN A 124 -16.12 -26.89 38.61
N PHE A 125 -16.96 -27.68 37.96
CA PHE A 125 -18.39 -27.54 38.13
C PHE A 125 -18.95 -28.68 38.97
N SER A 126 -19.85 -28.34 39.88
CA SER A 126 -20.46 -29.31 40.78
C SER A 126 -21.97 -29.10 40.83
N PHE A 127 -22.70 -30.20 40.97
CA PHE A 127 -24.14 -30.14 41.15
C PHE A 127 -24.46 -29.91 42.62
N LEU A 128 -25.55 -29.17 42.87
CA LEU A 128 -25.85 -28.76 44.24
C LEU A 128 -26.92 -29.62 44.89
N PHE A 129 -27.90 -30.09 44.11
CA PHE A 129 -28.96 -30.97 44.61
C PHE A 129 -28.47 -32.41 44.53
N GLN A 130 -27.55 -32.77 45.42
CA GLN A 130 -27.05 -34.14 45.47
C GLN A 130 -28.10 -35.11 46.02
N ASN A 131 -28.84 -34.69 47.06
CA ASN A 131 -29.75 -35.62 47.73
C ASN A 131 -30.96 -35.93 46.86
N SER A 132 -31.53 -34.93 46.20
CA SER A 132 -32.65 -35.19 45.29
C SER A 132 -32.20 -36.02 44.09
N PHE A 133 -30.97 -35.79 43.63
CA PHE A 133 -30.39 -36.65 42.61
C PHE A 133 -30.30 -38.10 43.08
N ASN A 134 -29.85 -38.29 44.32
CA ASN A 134 -29.80 -39.65 44.88
C ASN A 134 -31.18 -40.27 44.96
N GLU A 135 -32.18 -39.49 45.36
CA GLU A 135 -33.54 -40.02 45.43
C GLU A 135 -34.07 -40.37 44.05
N MET A 136 -33.75 -39.56 43.04
CA MET A 136 -34.19 -39.87 41.68
C MET A 136 -33.53 -41.15 41.17
N LEU A 137 -32.24 -41.33 41.44
CA LEU A 137 -31.58 -42.56 41.00
C LEU A 137 -32.10 -43.77 41.78
N GLU A 138 -32.47 -43.57 43.05
CA GLU A 138 -33.19 -44.62 43.78
C GLU A 138 -34.48 -44.98 43.08
N ASP A 139 -35.23 -43.98 42.62
CA ASP A 139 -36.48 -44.25 41.92
C ASP A 139 -36.23 -45.05 40.64
N PHE A 140 -35.21 -44.67 39.87
CA PHE A 140 -34.90 -45.43 38.66
C PHE A 140 -34.47 -46.86 38.97
N LYS A 141 -33.65 -47.06 40.00
CA LYS A 141 -33.20 -48.42 40.28
C LYS A 141 -34.36 -49.26 40.82
N ALA A 142 -35.31 -48.64 41.53
CA ALA A 142 -36.53 -49.33 41.88
C ALA A 142 -37.31 -49.72 40.63
N ALA A 143 -37.40 -48.82 39.67
CA ALA A 143 -37.93 -49.17 38.35
C ALA A 143 -36.99 -50.07 37.58
N GLY A 144 -35.71 -50.13 37.96
CA GLY A 144 -34.75 -51.02 37.33
C GLY A 144 -34.45 -50.70 35.89
N GLN A 145 -33.92 -49.50 35.62
CA GLN A 145 -33.53 -49.11 34.27
C GLN A 145 -32.03 -48.96 34.13
N GLU A 146 -31.42 -48.06 34.91
CA GLU A 146 -29.98 -47.84 34.90
C GLU A 146 -29.59 -47.29 36.27
N LEU A 147 -28.30 -47.00 36.41
CA LEU A 147 -27.76 -46.33 37.59
C LEU A 147 -26.85 -45.17 37.21
N LYS A 148 -27.05 -44.59 36.03
CA LYS A 148 -26.18 -43.52 35.52
C LYS A 148 -27.01 -42.66 34.58
N ILE A 149 -27.39 -41.47 35.04
CA ILE A 149 -28.31 -40.60 34.31
C ILE A 149 -27.84 -39.16 34.41
N PRO A 150 -28.27 -38.31 33.47
CA PRO A 150 -27.89 -36.89 33.54
C PRO A 150 -28.37 -36.24 34.84
N TYR A 151 -27.54 -35.33 35.35
CA TYR A 151 -27.88 -34.63 36.59
C TYR A 151 -29.11 -33.74 36.40
N ASP A 152 -29.22 -33.09 35.24
CA ASP A 152 -30.28 -32.11 35.03
C ASP A 152 -31.64 -32.77 34.83
N TRP A 153 -31.74 -34.08 34.99
CA TRP A 153 -33.04 -34.75 35.02
C TRP A 153 -33.73 -34.59 36.36
N THR A 154 -33.04 -34.00 37.35
CA THR A 154 -33.60 -33.87 38.69
C THR A 154 -34.81 -32.95 38.73
N ILE A 155 -34.96 -32.05 37.74
CA ILE A 155 -36.04 -31.07 37.78
C ILE A 155 -37.40 -31.75 37.75
N TYR A 156 -37.56 -32.78 36.91
CA TYR A 156 -38.85 -33.46 36.84
C TYR A 156 -39.12 -34.27 38.10
N HIS A 157 -38.07 -34.86 38.69
CA HIS A 157 -38.22 -35.53 39.97
C HIS A 157 -38.70 -34.56 41.04
N LEU A 158 -38.14 -33.36 41.07
CA LEU A 158 -38.56 -32.35 42.04
C LEU A 158 -39.99 -31.88 41.76
N ARG A 159 -40.34 -31.73 40.49
CA ARG A 159 -41.69 -31.28 40.13
C ARG A 159 -42.74 -32.30 40.56
N LYS A 160 -42.42 -33.60 40.41
CA LYS A 160 -43.29 -34.61 41.00
C LYS A 160 -43.28 -34.54 42.52
N LYS A 161 -42.11 -34.34 43.11
CA LYS A 161 -42.00 -34.28 44.56
C LYS A 161 -42.70 -33.07 45.14
N ALA A 162 -42.72 -31.96 44.39
CA ALA A 162 -43.28 -30.72 44.91
C ALA A 162 -44.79 -30.80 45.12
N ILE A 163 -45.46 -31.75 44.46
CA ILE A 163 -46.91 -31.84 44.58
C ILE A 163 -47.32 -32.22 46.00
N SER A 164 -46.56 -33.11 46.65
CA SER A 164 -46.99 -33.61 47.94
C SER A 164 -45.85 -33.75 48.95
N GLN A 165 -44.74 -33.03 48.78
CA GLN A 165 -43.62 -33.17 49.70
C GLN A 165 -42.93 -31.82 49.88
N LYS A 166 -42.08 -31.76 50.91
CA LYS A 166 -41.28 -30.58 51.17
C LYS A 166 -39.98 -30.63 50.39
N ILE A 167 -39.76 -29.60 49.56
CA ILE A 167 -38.51 -29.42 48.85
C ILE A 167 -37.88 -28.12 49.32
N GLU A 168 -36.56 -28.04 49.22
CA GLU A 168 -35.86 -26.84 49.62
C GLU A 168 -36.18 -25.70 48.66
N LYS A 169 -35.87 -24.47 49.10
CA LYS A 169 -36.33 -23.28 48.38
C LYS A 169 -35.66 -23.13 47.02
N GLU A 170 -34.38 -23.51 46.90
CA GLU A 170 -33.67 -23.34 45.64
C GLU A 170 -34.30 -24.16 44.53
N GLU A 171 -34.69 -25.41 44.84
CA GLU A 171 -35.42 -26.22 43.87
C GLU A 171 -36.69 -25.51 43.43
N LEU A 172 -37.37 -24.86 44.37
CA LEU A 172 -38.63 -24.19 44.05
C LEU A 172 -38.39 -23.01 43.12
N ALA A 173 -37.30 -22.25 43.35
CA ALA A 173 -36.94 -21.18 42.42
C ALA A 173 -36.62 -21.73 41.03
N TRP A 174 -35.89 -22.84 40.98
CA TRP A 174 -35.60 -23.49 39.69
C TRP A 174 -36.89 -23.87 38.98
N ILE A 175 -37.85 -24.40 39.72
CA ILE A 175 -39.13 -24.81 39.14
C ILE A 175 -39.89 -23.61 38.62
N LEU A 176 -39.88 -22.50 39.36
CA LEU A 176 -40.57 -21.31 38.88
C LEU A 176 -39.93 -20.77 37.61
N LEU A 177 -38.60 -20.74 37.55
CA LEU A 177 -37.93 -20.30 36.32
C LEU A 177 -38.25 -21.23 35.15
N ASN A 178 -38.30 -22.55 35.42
CA ASN A 178 -38.67 -23.50 34.38
C ASN A 178 -40.08 -23.23 33.87
N PHE A 179 -41.03 -22.98 34.78
CA PHE A 179 -42.39 -22.65 34.37
C PHE A 179 -42.40 -21.36 33.55
N ASN A 180 -41.57 -20.41 33.92
CA ASN A 180 -41.45 -19.19 33.11
C ASN A 180 -40.93 -19.52 31.72
N HIS A 181 -40.05 -20.50 31.60
CA HIS A 181 -39.58 -20.92 30.28
C HIS A 181 -40.71 -21.49 29.44
N LYS A 182 -41.50 -22.40 30.02
CA LYS A 182 -42.54 -23.13 29.29
C LYS A 182 -43.90 -22.72 29.84
N ARG A 183 -44.59 -21.82 29.15
CA ARG A 183 -45.84 -21.26 29.63
C ARG A 183 -47.08 -21.98 29.12
N GLY A 184 -47.13 -22.30 27.83
CA GLY A 184 -48.24 -23.06 27.28
C GLY A 184 -49.19 -22.20 26.45
N TYR A 185 -49.98 -22.90 25.63
CA TYR A 185 -50.93 -22.25 24.74
C TYR A 185 -52.10 -21.69 25.54
N TYR A 186 -52.66 -20.58 25.06
CA TYR A 186 -53.73 -19.90 25.77
C TYR A 186 -54.38 -18.89 24.83
N GLN A 187 -55.71 -18.92 24.77
CA GLN A 187 -56.48 -17.94 24.00
C GLN A 187 -56.98 -16.86 24.95
N LEU A 188 -56.74 -15.59 24.58
CA LEU A 188 -57.05 -14.49 25.48
C LEU A 188 -58.55 -14.37 25.73
N ARG A 189 -59.36 -14.53 24.68
CA ARG A 189 -60.81 -14.39 24.83
C ARG A 189 -61.38 -15.43 25.79
N GLY A 190 -60.95 -16.68 25.64
CA GLY A 190 -61.57 -17.75 26.40
C GLY A 190 -62.83 -18.24 25.70
N GLU A 191 -63.99 -17.80 26.18
CA GLU A 191 -65.26 -18.17 25.54
C GLU A 191 -65.41 -19.69 25.42
N ASP A 192 -65.49 -20.36 26.56
CA ASP A 192 -65.70 -21.80 26.59
C ASP A 192 -66.86 -22.20 25.68
N PHE A 193 -66.58 -23.13 24.77
CA PHE A 193 -67.54 -23.51 23.74
C PHE A 193 -68.57 -24.46 24.34
N GLU A 194 -69.31 -25.16 23.47
CA GLU A 194 -70.28 -26.18 23.87
C GLU A 194 -69.75 -27.00 25.03
N GLU A 195 -70.63 -27.27 26.01
CA GLU A 195 -70.18 -27.87 27.26
C GLU A 195 -69.48 -29.19 27.04
N GLU A 196 -70.00 -30.01 26.12
CA GLU A 196 -69.31 -31.25 25.77
C GLU A 196 -67.98 -30.97 25.08
N LYS A 197 -67.98 -30.05 24.10
CA LYS A 197 -66.76 -29.77 23.34
C LYS A 197 -66.00 -31.07 23.21
N ASP A 198 -66.59 -32.04 22.53
CA ASP A 198 -66.00 -33.36 22.46
C ASP A 198 -64.56 -33.33 21.93
N LYS A 199 -64.40 -32.88 20.68
CA LYS A 199 -63.09 -32.65 20.08
C LYS A 199 -62.10 -33.78 20.39
N THR A 200 -62.61 -35.01 20.41
CA THR A 200 -61.86 -36.14 20.94
C THR A 200 -61.07 -36.82 19.83
N PHE A 201 -59.76 -36.95 20.04
CA PHE A 201 -58.90 -37.61 19.06
C PHE A 201 -58.96 -39.12 19.30
N VAL A 202 -59.55 -39.83 18.35
CA VAL A 202 -59.74 -41.28 18.45
C VAL A 202 -59.17 -41.93 17.19
N ARG A 203 -58.72 -43.18 17.35
CA ARG A 203 -58.24 -44.00 16.25
C ARG A 203 -59.21 -45.17 16.08
N LEU A 204 -59.80 -45.28 14.89
CA LEU A 204 -60.88 -46.22 14.64
C LEU A 204 -60.52 -47.20 13.53
N LYS A 205 -61.21 -48.34 13.55
CA LYS A 205 -61.07 -49.39 12.55
C LYS A 205 -62.40 -49.55 11.83
N VAL A 206 -62.34 -49.74 10.51
CA VAL A 206 -63.54 -49.90 9.70
C VAL A 206 -63.88 -51.39 9.58
N ASP A 207 -65.14 -51.72 9.83
CA ASP A 207 -65.59 -53.12 9.73
C ASP A 207 -65.91 -53.49 8.29
N ARG A 208 -66.89 -52.81 7.69
CA ARG A 208 -67.43 -53.24 6.41
C ARG A 208 -68.06 -52.04 5.72
N ILE A 209 -68.18 -52.14 4.40
CA ILE A 209 -68.77 -51.08 3.59
C ILE A 209 -69.99 -51.66 2.88
N VAL A 210 -71.16 -51.49 3.50
CA VAL A 210 -72.41 -51.90 2.89
C VAL A 210 -72.74 -50.92 1.76
N ASP A 211 -73.15 -51.46 0.61
CA ASP A 211 -73.40 -50.60 -0.54
C ASP A 211 -74.71 -49.82 -0.32
N SER A 212 -74.59 -48.49 -0.29
CA SER A 212 -75.64 -47.63 0.25
C SER A 212 -76.76 -47.33 -0.74
N GLY A 213 -76.65 -47.76 -1.99
CA GLY A 213 -77.70 -47.43 -2.96
C GLY A 213 -77.77 -45.98 -3.34
N GLU A 214 -76.67 -45.24 -3.18
CA GLU A 214 -76.59 -43.84 -3.59
C GLU A 214 -75.68 -43.77 -4.81
N ASN A 215 -76.29 -43.81 -5.99
CA ASN A 215 -75.54 -43.89 -7.25
C ASN A 215 -75.31 -42.48 -7.78
N VAL A 216 -74.05 -42.05 -7.79
CA VAL A 216 -73.66 -40.73 -8.28
C VAL A 216 -72.47 -40.90 -9.22
N LYS A 217 -72.51 -40.21 -10.37
CA LYS A 217 -71.42 -40.20 -11.34
C LYS A 217 -71.13 -41.61 -11.87
N GLY A 218 -72.18 -42.43 -11.94
CA GLY A 218 -72.03 -43.78 -12.44
C GLY A 218 -71.26 -44.69 -11.50
N LYS A 219 -71.01 -44.24 -10.28
CA LYS A 219 -70.35 -45.04 -9.27
C LYS A 219 -71.21 -45.04 -8.02
N ILE A 220 -71.35 -46.20 -7.40
CA ILE A 220 -72.30 -46.39 -6.31
C ILE A 220 -71.59 -46.20 -4.98
N LEU A 221 -72.08 -45.26 -4.18
CA LEU A 221 -71.38 -44.83 -2.97
C LEU A 221 -71.62 -45.78 -1.81
N TYR A 222 -70.58 -46.07 -1.06
CA TYR A 222 -70.62 -46.99 0.07
C TYR A 222 -70.73 -46.20 1.38
N ASP A 223 -71.17 -46.90 2.43
CA ASP A 223 -71.19 -46.33 3.78
C ASP A 223 -70.09 -46.98 4.63
N VAL A 224 -69.83 -46.40 5.79
CA VAL A 224 -68.72 -46.82 6.65
C VAL A 224 -69.22 -47.08 8.06
N TYR A 225 -68.82 -48.22 8.62
CA TYR A 225 -69.08 -48.56 10.01
C TYR A 225 -67.78 -48.86 10.72
N PHE A 226 -67.74 -48.57 12.03
CA PHE A 226 -66.55 -48.77 12.84
C PHE A 226 -66.80 -49.85 13.88
N GLU A 227 -65.71 -50.48 14.33
CA GLU A 227 -65.82 -51.63 15.23
C GLU A 227 -66.45 -51.26 16.56
N ASN A 228 -66.11 -50.08 17.08
CA ASN A 228 -66.71 -49.63 18.33
C ASN A 228 -68.07 -48.98 18.14
N GLY A 229 -68.52 -48.82 16.89
CA GLY A 229 -69.94 -48.70 16.62
C GLY A 229 -70.56 -47.37 16.24
N TRP A 230 -69.85 -46.51 15.49
CA TRP A 230 -70.50 -45.37 14.84
C TRP A 230 -70.34 -45.44 13.34
N LYS A 231 -71.00 -44.51 12.64
CA LYS A 231 -70.99 -44.45 11.19
C LYS A 231 -70.33 -43.16 10.73
N TYR A 232 -69.45 -43.27 9.72
CA TYR A 232 -68.86 -42.09 9.11
C TYR A 232 -69.94 -41.27 8.40
N ASP A 233 -69.95 -39.96 8.65
CA ASP A 233 -71.03 -39.12 8.15
C ASP A 233 -71.04 -39.05 6.62
N LYS A 234 -69.87 -38.96 6.00
CA LYS A 234 -69.76 -38.83 4.56
C LYS A 234 -69.61 -40.19 3.90
N GLN A 235 -69.97 -40.24 2.61
CA GLN A 235 -69.87 -41.47 1.84
C GLN A 235 -68.45 -41.68 1.33
N VAL A 236 -68.24 -42.81 0.66
CA VAL A 236 -66.92 -43.21 0.20
C VAL A 236 -67.02 -43.85 -1.17
N VAL A 237 -66.04 -43.53 -2.04
CA VAL A 237 -65.94 -44.07 -3.38
C VAL A 237 -64.84 -45.13 -3.49
N LYS A 238 -63.60 -44.74 -3.21
CA LYS A 238 -62.46 -45.64 -3.30
C LYS A 238 -62.52 -46.63 -2.15
N THR A 239 -62.52 -47.92 -2.47
CA THR A 239 -62.66 -48.94 -1.44
C THR A 239 -61.33 -49.38 -0.85
N GLU A 240 -60.23 -49.22 -1.61
CA GLU A 240 -58.97 -49.85 -1.22
C GLU A 240 -58.41 -49.27 0.07
N ASP A 241 -58.50 -47.95 0.25
CA ASP A 241 -57.90 -47.29 1.41
C ASP A 241 -58.90 -46.97 2.51
N TRP A 242 -59.94 -47.80 2.68
CA TRP A 242 -60.89 -47.67 3.78
C TRP A 242 -61.20 -49.00 4.46
N VAL A 243 -61.02 -50.13 3.77
CA VAL A 243 -61.27 -51.41 4.39
C VAL A 243 -60.22 -51.68 5.47
N ASP A 244 -60.68 -52.11 6.64
CA ASP A 244 -59.87 -52.45 7.82
C ASP A 244 -58.63 -51.55 7.96
N ARG A 245 -58.86 -50.25 7.82
CA ARG A 245 -57.81 -49.25 7.97
C ARG A 245 -57.85 -48.65 9.37
N THR A 246 -56.67 -48.54 9.98
CA THR A 246 -56.53 -47.93 11.30
C THR A 246 -56.50 -46.43 11.11
N LYS A 247 -57.67 -45.84 10.95
CA LYS A 247 -57.82 -44.40 10.70
C LYS A 247 -58.13 -43.67 12.00
N GLU A 248 -57.62 -42.45 12.11
CA GLU A 248 -57.77 -41.62 13.29
C GLU A 248 -58.52 -40.35 12.93
N PHE A 249 -59.46 -39.96 13.80
CA PHE A 249 -60.35 -38.84 13.53
C PHE A 249 -60.41 -37.93 14.75
N ILE A 250 -60.78 -36.68 14.49
CA ILE A 250 -61.23 -35.77 15.54
C ILE A 250 -62.73 -35.59 15.34
N VAL A 251 -63.51 -35.98 16.35
CA VAL A 251 -64.96 -35.98 16.29
C VAL A 251 -65.50 -34.99 17.30
N SER A 252 -66.60 -34.33 16.94
CA SER A 252 -67.28 -33.39 17.82
C SER A 252 -68.72 -33.84 18.03
N GLU A 253 -69.16 -33.83 19.28
CA GLU A 253 -70.50 -34.28 19.65
C GLU A 253 -71.30 -33.07 20.13
N SER A 254 -72.51 -32.92 19.57
CA SER A 254 -73.44 -31.88 19.99
C SER A 254 -74.78 -32.51 20.29
N ILE A 255 -75.31 -32.25 21.48
CA ILE A 255 -76.61 -32.80 21.87
C ILE A 255 -77.69 -31.99 21.15
N LEU A 256 -78.30 -32.59 20.13
CA LEU A 256 -79.29 -31.89 19.33
C LEU A 256 -80.59 -31.73 20.13
N LYS A 257 -81.52 -30.96 19.55
CA LYS A 257 -82.78 -30.69 20.23
C LYS A 257 -83.58 -31.96 20.49
N ASN A 258 -83.42 -32.98 19.64
CA ASN A 258 -84.14 -34.23 19.84
C ASN A 258 -83.59 -35.02 21.02
N GLY A 259 -82.43 -34.66 21.54
CA GLY A 259 -81.86 -35.36 22.67
C GLY A 259 -80.91 -36.46 22.26
N GLU A 260 -80.11 -36.21 21.23
CA GLU A 260 -79.16 -37.20 20.73
C GLU A 260 -77.90 -36.48 20.28
N THR A 261 -76.81 -37.24 20.18
CA THR A 261 -75.51 -36.68 19.81
C THR A 261 -75.44 -36.49 18.30
N LYS A 262 -75.33 -35.24 17.87
CA LYS A 262 -75.13 -34.91 16.46
C LYS A 262 -73.62 -34.94 16.21
N ARG A 263 -73.13 -36.15 15.95
CA ARG A 263 -71.69 -36.37 15.88
C ARG A 263 -71.16 -35.98 14.50
N THR A 264 -70.01 -35.31 14.49
CA THR A 264 -69.32 -34.92 13.29
C THR A 264 -68.02 -35.70 13.14
N PHE A 265 -67.42 -35.61 11.96
CA PHE A 265 -66.17 -36.30 11.68
C PHE A 265 -65.23 -35.38 10.90
N LYS A 266 -63.93 -35.65 11.04
CA LYS A 266 -62.91 -34.90 10.31
C LYS A 266 -61.63 -35.73 10.32
N ALA A 267 -61.14 -36.07 9.13
CA ALA A 267 -59.93 -36.88 9.04
C ALA A 267 -58.70 -36.05 9.40
N VAL A 268 -57.87 -36.57 10.30
CA VAL A 268 -56.68 -35.89 10.76
C VAL A 268 -55.54 -36.90 10.84
N ASP A 269 -54.31 -36.40 10.78
CA ASP A 269 -53.11 -37.22 10.77
C ASP A 269 -52.24 -36.81 11.95
N SER A 270 -51.86 -37.78 12.79
CA SER A 270 -50.96 -37.52 13.90
C SER A 270 -49.56 -37.24 13.40
N GLU A 271 -48.78 -36.53 14.21
CA GLU A 271 -47.41 -36.10 13.92
C GLU A 271 -47.32 -35.25 12.67
N LYS A 272 -48.46 -34.80 12.13
CA LYS A 272 -48.48 -33.94 10.96
C LYS A 272 -49.42 -32.76 11.10
N ASP A 273 -50.44 -32.83 11.96
CA ASP A 273 -51.34 -31.73 12.22
C ASP A 273 -51.17 -31.28 13.66
N TRP A 274 -51.08 -29.96 13.87
CA TRP A 274 -50.85 -29.41 15.20
C TRP A 274 -52.01 -29.74 16.13
N ILE A 275 -53.23 -29.65 15.63
CA ILE A 275 -54.41 -29.92 16.45
C ILE A 275 -54.41 -31.38 16.92
N ALA A 276 -54.04 -32.31 16.04
CA ALA A 276 -54.08 -33.73 16.40
C ALA A 276 -53.06 -34.05 17.49
N ILE A 277 -51.83 -33.56 17.33
CA ILE A 277 -50.80 -33.81 18.33
C ILE A 277 -51.19 -33.16 19.65
N LYS A 278 -51.70 -31.93 19.59
CA LYS A 278 -52.13 -31.24 20.79
C LYS A 278 -53.19 -32.05 21.53
N THR A 279 -54.24 -32.48 20.83
CA THR A 279 -55.32 -33.22 21.47
C THR A 279 -54.84 -34.57 21.99
N LYS A 280 -53.97 -35.25 21.24
CA LYS A 280 -53.46 -36.54 21.69
C LYS A 280 -52.67 -36.39 22.98
N THR A 281 -51.80 -35.37 23.06
CA THR A 281 -51.06 -35.14 24.29
C THR A 281 -51.99 -34.74 25.43
N GLU A 282 -53.02 -33.94 25.12
CA GLU A 282 -54.03 -33.59 26.12
C GLU A 282 -54.66 -34.83 26.73
N GLN A 283 -55.18 -35.72 25.87
CA GLN A 283 -55.88 -36.89 26.36
C GLN A 283 -54.94 -37.85 27.07
N GLU A 284 -53.70 -37.94 26.60
CA GLU A 284 -52.76 -38.88 27.20
C GLU A 284 -52.29 -38.38 28.56
N ILE A 285 -52.17 -37.07 28.73
CA ILE A 285 -51.85 -36.53 30.06
C ILE A 285 -53.03 -36.69 31.01
N GLU A 286 -54.25 -36.38 30.52
CA GLU A 286 -55.42 -36.46 31.38
C GLU A 286 -55.71 -37.89 31.83
N HIS A 287 -55.60 -38.85 30.91
CA HIS A 287 -55.87 -40.24 31.26
C HIS A 287 -54.91 -40.76 32.32
N SER A 288 -53.70 -40.23 32.38
CA SER A 288 -52.78 -40.59 33.45
C SER A 288 -53.23 -40.07 34.80
N HIS A 289 -54.10 -39.05 34.82
CA HIS A 289 -54.62 -38.45 36.04
C HIS A 289 -53.50 -37.98 36.97
N LYS A 290 -52.59 -37.16 36.43
CA LYS A 290 -51.52 -36.59 37.24
C LYS A 290 -50.97 -35.38 36.48
N THR A 291 -50.22 -34.55 37.20
CA THR A 291 -49.69 -33.32 36.62
C THR A 291 -48.71 -33.63 35.49
N VAL A 292 -48.55 -32.65 34.59
CA VAL A 292 -47.76 -32.87 33.38
C VAL A 292 -46.30 -33.11 33.74
N GLY A 293 -45.81 -32.46 34.79
CA GLY A 293 -44.43 -32.71 35.22
C GLY A 293 -44.22 -34.13 35.68
N THR A 294 -45.14 -34.63 36.52
CA THR A 294 -45.06 -36.01 36.97
C THR A 294 -45.27 -36.99 35.81
N TYR A 295 -46.16 -36.65 34.87
CA TYR A 295 -46.31 -37.48 33.68
C TYR A 295 -45.01 -37.57 32.89
N ILE A 296 -44.33 -36.44 32.70
CA ILE A 296 -43.06 -36.43 31.98
C ILE A 296 -42.03 -37.26 32.74
N TYR A 297 -42.02 -37.13 34.07
CA TYR A 297 -41.11 -37.92 34.89
C TYR A 297 -41.39 -39.41 34.74
N GLU A 298 -42.66 -39.81 34.69
CA GLU A 298 -43.01 -41.22 34.50
C GLU A 298 -42.58 -41.72 33.13
N THR A 299 -42.82 -40.91 32.08
CA THR A 299 -42.42 -41.30 30.74
C THR A 299 -40.91 -41.41 30.62
N LEU A 300 -40.18 -40.58 31.37
CA LEU A 300 -38.73 -40.68 31.40
C LEU A 300 -38.28 -41.90 32.19
N LEU A 301 -39.07 -42.29 33.20
CA LEU A 301 -38.79 -43.51 33.93
C LEU A 301 -38.94 -44.74 33.05
N GLN A 302 -39.99 -44.78 32.22
CA GLN A 302 -40.28 -46.01 31.47
C GLN A 302 -39.47 -46.10 30.18
N ASN A 303 -39.18 -44.94 29.58
CA ASN A 303 -38.36 -44.90 28.38
C ASN A 303 -37.31 -43.82 28.56
N PRO A 304 -36.15 -44.21 29.11
CA PRO A 304 -35.11 -43.21 29.39
C PRO A 304 -34.47 -42.59 28.15
N LYS A 305 -34.80 -43.06 26.95
CA LYS A 305 -34.28 -42.45 25.73
C LYS A 305 -35.28 -41.49 25.09
N GLN A 306 -36.34 -41.16 25.83
CA GLN A 306 -37.38 -40.28 25.29
C GLN A 306 -36.99 -38.83 25.13
N LYS A 307 -37.33 -38.25 23.99
CA LYS A 307 -37.09 -36.83 23.75
C LYS A 307 -38.28 -36.04 24.27
N ILE A 308 -38.05 -35.21 25.30
CA ILE A 308 -39.14 -34.48 25.92
C ILE A 308 -39.44 -33.25 25.07
N LYS A 309 -38.46 -32.35 24.99
CA LYS A 309 -38.65 -31.04 24.36
C LYS A 309 -38.89 -31.20 22.86
N GLY A 310 -40.11 -30.90 22.43
CA GLY A 310 -40.43 -30.93 21.02
C GLY A 310 -40.90 -32.26 20.48
N LYS A 311 -40.76 -33.31 21.29
CA LYS A 311 -41.23 -34.63 20.87
C LYS A 311 -42.33 -35.15 21.77
N LEU A 312 -42.07 -35.23 23.08
CA LEU A 312 -43.08 -35.80 23.97
C LEU A 312 -44.19 -34.81 24.25
N VAL A 313 -43.86 -33.68 24.88
CA VAL A 313 -44.79 -32.58 25.08
C VAL A 313 -44.26 -31.40 24.28
N ARG A 314 -45.02 -30.96 23.28
CA ARG A 314 -44.68 -29.72 22.61
C ARG A 314 -45.55 -28.56 23.11
N THR A 315 -46.86 -28.69 22.98
CA THR A 315 -47.78 -27.63 23.37
C THR A 315 -48.99 -28.23 24.07
N ILE A 316 -49.31 -27.70 25.24
CA ILE A 316 -50.49 -28.09 25.99
C ILE A 316 -51.16 -26.83 26.51
N GLU A 317 -52.43 -26.96 26.89
CA GLU A 317 -53.18 -25.83 27.41
C GLU A 317 -52.49 -25.24 28.63
N ARG A 318 -52.57 -23.92 28.77
CA ARG A 318 -51.96 -23.24 29.91
C ARG A 318 -52.55 -23.70 31.23
N LYS A 319 -53.74 -24.31 31.21
CA LYS A 319 -54.37 -24.76 32.45
C LYS A 319 -53.49 -25.79 33.18
N PHE A 320 -52.79 -26.64 32.44
CA PHE A 320 -51.94 -27.64 33.08
C PHE A 320 -50.79 -27.00 33.83
N TYR A 321 -50.05 -26.10 33.17
CA TYR A 321 -48.96 -25.42 33.87
C TYR A 321 -49.48 -24.60 35.04
N LYS A 322 -50.61 -23.91 34.85
CA LYS A 322 -51.19 -23.13 35.93
C LYS A 322 -51.54 -24.01 37.13
N GLU A 323 -52.23 -25.12 36.89
CA GLU A 323 -52.66 -26.00 37.98
C GLU A 323 -51.47 -26.67 38.65
N GLU A 324 -50.47 -27.10 37.88
CA GLU A 324 -49.31 -27.73 38.47
C GLU A 324 -48.53 -26.76 39.33
N LEU A 325 -48.27 -25.55 38.82
CA LEU A 325 -47.54 -24.56 39.58
C LEU A 325 -48.33 -24.14 40.83
N ARG A 326 -49.65 -24.02 40.70
CA ARG A 326 -50.49 -23.79 41.87
C ARG A 326 -50.29 -24.89 42.91
N GLN A 327 -50.65 -26.13 42.57
CA GLN A 327 -50.52 -27.23 43.52
C GLN A 327 -49.15 -27.24 44.17
N ILE A 328 -48.09 -27.00 43.38
CA ILE A 328 -46.74 -26.94 43.93
C ILE A 328 -46.64 -25.84 44.97
N LEU A 329 -47.16 -24.65 44.67
CA LEU A 329 -46.95 -23.51 45.57
C LEU A 329 -47.77 -23.65 46.85
N GLU A 330 -49.05 -24.03 46.75
CA GLU A 330 -49.79 -24.33 47.97
C GLU A 330 -49.15 -25.44 48.79
N LYS A 331 -48.69 -26.52 48.16
CA LYS A 331 -48.11 -27.59 48.96
C LYS A 331 -46.80 -27.16 49.62
N GLN A 332 -45.98 -26.38 48.92
CA GLN A 332 -44.73 -25.91 49.52
C GLN A 332 -44.98 -24.79 50.53
N LYS A 333 -46.19 -24.20 50.51
CA LYS A 333 -46.48 -23.08 51.38
C LYS A 333 -46.52 -23.47 52.86
N GLU A 334 -47.08 -24.63 53.20
CA GLU A 334 -47.19 -25.00 54.61
C GLU A 334 -45.84 -25.23 55.27
N PHE A 335 -44.78 -25.44 54.51
CA PHE A 335 -43.49 -25.84 55.07
C PHE A 335 -42.48 -24.70 55.12
N HIS A 336 -42.56 -23.74 54.20
CA HIS A 336 -41.64 -22.61 54.18
C HIS A 336 -42.31 -21.40 54.81
N GLN A 337 -41.71 -20.89 55.89
CA GLN A 337 -42.31 -19.77 56.60
C GLN A 337 -42.18 -18.46 55.85
N GLU A 338 -41.26 -18.39 54.89
CA GLU A 338 -41.13 -17.17 54.09
C GLU A 338 -42.35 -16.93 53.21
N LEU A 339 -43.15 -17.98 52.98
CA LEU A 339 -44.36 -17.82 52.18
C LEU A 339 -45.55 -17.34 52.99
N GLN A 340 -45.36 -17.14 54.30
CA GLN A 340 -46.43 -16.64 55.15
C GLN A 340 -46.10 -15.26 55.68
N SER A 341 -44.82 -14.90 55.70
CA SER A 341 -44.38 -13.62 56.25
C SER A 341 -44.92 -12.50 55.38
N ASP A 342 -45.92 -11.78 55.89
CA ASP A 342 -46.53 -10.70 55.11
C ASP A 342 -45.59 -9.53 54.98
N ASP A 343 -44.60 -9.42 55.89
CA ASP A 343 -43.55 -8.42 55.73
C ASP A 343 -42.83 -8.61 54.41
N LEU A 344 -42.39 -9.84 54.13
CA LEU A 344 -41.71 -10.12 52.86
C LEU A 344 -42.65 -9.91 51.68
N TYR A 345 -43.93 -10.27 51.82
CA TYR A 345 -44.87 -10.08 50.73
C TYR A 345 -45.02 -8.60 50.40
N ASN A 346 -45.14 -7.75 51.43
CA ASN A 346 -45.20 -6.31 51.20
C ASN A 346 -43.88 -5.80 50.60
N ASP A 347 -42.75 -6.39 51.01
CA ASP A 347 -41.47 -5.99 50.44
C ASP A 347 -41.42 -6.27 48.93
N CYS A 348 -41.86 -7.46 48.52
CA CYS A 348 -41.93 -7.76 47.10
C CYS A 348 -42.89 -6.82 46.39
N ILE A 349 -44.02 -6.53 47.02
CA ILE A 349 -45.02 -5.65 46.42
C ILE A 349 -44.41 -4.27 46.18
N ARG A 350 -43.76 -3.72 47.20
CA ARG A 350 -43.20 -2.38 47.07
C ARG A 350 -42.06 -2.36 46.05
N GLU A 351 -41.20 -3.38 46.06
CA GLU A 351 -40.10 -3.42 45.10
C GLU A 351 -40.62 -3.47 43.68
N LEU A 352 -41.64 -4.29 43.43
CA LEU A 352 -42.11 -4.47 42.06
C LEU A 352 -42.95 -3.31 41.58
N TYR A 353 -43.60 -2.58 42.49
CA TYR A 353 -44.54 -1.51 42.13
C TYR A 353 -44.32 -0.28 43.00
N ARG A 354 -43.07 0.19 43.07
CA ARG A 354 -42.76 1.38 43.87
C ARG A 354 -43.66 2.56 43.51
N ASN A 355 -43.77 2.87 42.22
CA ASN A 355 -44.43 4.08 41.76
C ASN A 355 -45.92 3.91 41.53
N ASN A 356 -46.47 2.72 41.80
CA ASN A 356 -47.91 2.45 41.62
C ASN A 356 -48.48 2.04 42.97
N GLU A 357 -48.90 3.03 43.76
CA GLU A 357 -49.48 2.74 45.07
C GLU A 357 -50.85 2.09 44.94
N VAL A 358 -51.59 2.42 43.87
CA VAL A 358 -52.88 1.79 43.64
C VAL A 358 -52.73 0.29 43.46
N HIS A 359 -51.78 -0.13 42.63
CA HIS A 359 -51.57 -1.55 42.38
C HIS A 359 -51.04 -2.23 43.64
N GLN A 360 -50.27 -1.50 44.44
CA GLN A 360 -49.81 -2.05 45.71
C GLN A 360 -51.01 -2.30 46.61
N LEU A 361 -51.92 -1.33 46.66
CA LEU A 361 -53.12 -1.48 47.49
C LEU A 361 -53.94 -2.67 47.02
N THR A 362 -54.04 -2.86 45.70
CA THR A 362 -54.75 -4.01 45.16
C THR A 362 -54.11 -5.32 45.60
N LEU A 363 -52.77 -5.40 45.53
CA LEU A 363 -52.11 -6.68 45.78
C LEU A 363 -51.78 -6.89 47.25
N ARG A 364 -52.00 -5.89 48.11
CA ARG A 364 -51.80 -6.11 49.53
C ARG A 364 -52.80 -7.10 50.10
N LYS A 365 -53.91 -7.35 49.39
CA LYS A 365 -54.92 -8.30 49.81
C LYS A 365 -54.64 -9.73 49.36
N LYS A 366 -53.84 -9.92 48.32
CA LYS A 366 -53.54 -11.23 47.78
C LYS A 366 -52.42 -11.89 48.58
N ASP A 367 -51.83 -12.94 48.03
CA ASP A 367 -50.69 -13.61 48.64
C ASP A 367 -49.71 -14.03 47.54
N PHE A 368 -48.71 -14.83 47.93
CA PHE A 368 -47.65 -15.21 47.01
C PHE A 368 -48.18 -16.00 45.82
N VAL A 369 -49.25 -16.76 46.00
CA VAL A 369 -49.82 -17.56 44.92
C VAL A 369 -50.25 -16.66 43.76
N HIS A 370 -51.09 -15.67 44.06
CA HIS A 370 -51.59 -14.77 43.02
C HIS A 370 -50.47 -13.94 42.42
N LEU A 371 -49.50 -13.54 43.26
CA LEU A 371 -48.38 -12.74 42.78
C LEU A 371 -47.52 -13.54 41.80
N PHE A 372 -47.32 -14.83 42.05
CA PHE A 372 -46.48 -15.63 41.17
C PHE A 372 -47.20 -16.01 39.89
N MET A 373 -48.41 -16.54 39.98
CA MET A 373 -49.09 -16.94 38.74
C MET A 373 -49.81 -15.77 38.07
N GLU A 374 -50.78 -15.17 38.75
CA GLU A 374 -51.64 -14.21 38.07
C GLU A 374 -50.92 -12.90 37.76
N ASP A 375 -49.76 -12.67 38.37
CA ASP A 375 -49.04 -11.41 38.17
C ASP A 375 -47.81 -11.54 37.28
N ILE A 376 -46.89 -12.46 37.60
CA ILE A 376 -45.59 -12.44 36.98
C ILE A 376 -45.53 -13.40 35.79
N ILE A 377 -45.75 -14.69 36.04
CA ILE A 377 -45.49 -15.70 35.02
C ILE A 377 -46.58 -15.70 33.96
N PHE A 378 -47.84 -15.81 34.38
CA PHE A 378 -48.94 -16.04 33.44
C PHE A 378 -49.69 -14.76 33.09
N TYR A 379 -49.01 -13.62 33.17
CA TYR A 379 -49.62 -12.34 32.84
C TYR A 379 -49.58 -12.14 31.34
N GLN A 380 -50.76 -12.08 30.72
CA GLN A 380 -50.89 -11.85 29.30
C GLN A 380 -51.62 -10.54 29.06
N ARG A 381 -50.97 -9.62 28.36
CA ARG A 381 -51.53 -8.31 28.13
C ARG A 381 -52.71 -8.39 27.15
N PRO A 382 -53.69 -7.52 27.29
CA PRO A 382 -54.80 -7.48 26.33
C PRO A 382 -54.37 -6.82 25.02
N LEU A 383 -55.21 -7.01 24.00
CA LEU A 383 -54.95 -6.41 22.70
C LEU A 383 -55.00 -4.88 22.79
N ARG A 384 -54.10 -4.24 22.06
CA ARG A 384 -54.13 -2.78 22.00
C ARG A 384 -55.41 -2.30 21.35
N SER A 385 -55.88 -1.15 21.78
CA SER A 385 -57.15 -0.62 21.30
C SER A 385 -57.01 -0.14 19.86
N GLN A 386 -57.93 -0.57 19.01
CA GLN A 386 -58.03 -0.09 17.63
C GLN A 386 -59.04 1.04 17.48
N LYS A 387 -59.56 1.54 18.60
CA LYS A 387 -60.53 2.62 18.57
C LYS A 387 -59.96 3.85 17.90
N SER A 388 -58.67 4.10 18.15
CA SER A 388 -58.02 5.27 17.56
C SER A 388 -57.94 5.17 16.05
N SER A 389 -58.08 3.99 15.47
CA SER A 389 -58.06 3.79 14.03
C SER A 389 -59.44 3.81 13.40
N VAL A 390 -60.50 4.07 14.19
CA VAL A 390 -61.84 4.11 13.65
C VAL A 390 -62.00 5.33 12.74
N SER A 391 -62.79 5.16 11.68
CA SER A 391 -63.01 6.23 10.73
C SER A 391 -63.80 7.38 11.37
N ASN A 392 -64.02 8.43 10.58
CA ASN A 392 -64.67 9.64 11.05
C ASN A 392 -65.83 10.01 10.13
N CYS A 393 -66.83 10.68 10.70
CA CYS A 393 -67.92 11.19 9.90
C CYS A 393 -67.42 12.33 9.01
N THR A 394 -68.07 12.48 7.85
CA THR A 394 -67.74 13.54 6.92
C THR A 394 -68.47 14.84 7.22
N LEU A 395 -69.31 14.88 8.26
CA LEU A 395 -70.15 16.03 8.53
C LEU A 395 -69.79 16.75 9.82
N GLU A 396 -69.77 16.04 10.95
CA GLU A 396 -69.58 16.68 12.24
C GLU A 396 -68.10 16.88 12.53
N PHE A 397 -67.74 18.12 12.86
CA PHE A 397 -66.37 18.57 13.08
C PHE A 397 -66.31 19.23 14.45
N ARG A 398 -65.11 19.40 15.00
CA ARG A 398 -64.96 20.31 16.12
C ARG A 398 -63.72 21.16 15.89
N LYS A 399 -63.78 22.42 16.32
CA LYS A 399 -62.68 23.36 16.13
C LYS A 399 -62.09 23.72 17.49
N TYR A 400 -60.76 23.78 17.56
CA TYR A 400 -60.13 24.29 18.77
C TYR A 400 -58.76 24.86 18.45
N LYS A 401 -58.30 25.73 19.35
CA LYS A 401 -57.04 26.43 19.19
C LYS A 401 -56.00 25.81 20.11
N GLY A 402 -54.87 25.39 19.53
CA GLY A 402 -53.81 24.79 20.29
C GLY A 402 -52.90 25.83 20.94
N GLU A 403 -51.84 25.32 21.56
CA GLU A 403 -50.85 26.19 22.20
C GLU A 403 -50.11 27.06 21.20
N ASN A 404 -50.09 26.68 19.92
CA ASN A 404 -49.39 27.43 18.89
C ASN A 404 -50.18 28.65 18.40
N GLY A 405 -51.41 28.82 18.86
CA GLY A 405 -52.23 29.93 18.40
C GLY A 405 -52.98 29.67 17.13
N ALA A 406 -52.81 28.50 16.53
CA ALA A 406 -53.53 28.12 15.33
C ALA A 406 -54.85 27.47 15.70
N GLU A 407 -55.73 27.33 14.71
CA GLU A 407 -57.07 26.78 14.89
C GLU A 407 -57.18 25.53 14.02
N HIS A 408 -57.25 24.36 14.64
CA HIS A 408 -57.37 23.14 13.88
C HIS A 408 -58.54 22.29 14.37
N THR A 409 -58.90 21.31 13.56
CA THR A 409 -60.15 20.58 13.68
C THR A 409 -59.91 19.16 14.14
N GLN A 410 -60.66 18.75 15.16
CA GLN A 410 -60.73 17.37 15.58
C GLN A 410 -61.94 16.69 14.93
N TYR A 411 -61.72 15.47 14.47
CA TYR A 411 -62.76 14.69 13.81
C TYR A 411 -63.67 14.03 14.85
N LEU A 412 -64.80 13.53 14.38
CA LEU A 412 -65.73 12.79 15.22
C LEU A 412 -65.85 11.37 14.71
N LYS A 413 -65.60 10.39 15.59
CA LYS A 413 -65.53 9.00 15.18
C LYS A 413 -66.90 8.48 14.77
N ALA A 414 -66.91 7.59 13.79
CA ALA A 414 -68.16 7.07 13.24
C ALA A 414 -68.88 6.20 14.28
N ILE A 415 -70.17 5.97 14.01
CA ILE A 415 -71.04 5.24 14.93
C ILE A 415 -70.84 3.74 14.76
N PRO A 416 -70.77 2.97 15.84
CA PRO A 416 -70.86 1.50 15.71
C PRO A 416 -72.22 1.11 15.16
N LYS A 417 -72.21 0.09 14.28
CA LYS A 417 -73.44 -0.29 13.61
C LYS A 417 -74.45 -0.93 14.56
N SER A 418 -74.00 -1.73 15.52
CA SER A 418 -74.91 -2.36 16.47
C SER A 418 -75.58 -1.37 17.41
N ASN A 419 -75.16 -0.11 17.40
CA ASN A 419 -75.84 0.91 18.20
C ASN A 419 -77.32 0.95 17.82
N PRO A 420 -78.22 0.96 18.80
CA PRO A 420 -79.66 1.01 18.47
C PRO A 420 -80.03 2.24 17.66
N TYR A 421 -79.27 3.31 17.79
CA TYR A 421 -79.65 4.57 17.16
C TYR A 421 -79.37 4.51 15.66
N TYR A 422 -78.28 3.82 15.29
CA TYR A 422 -78.03 3.60 13.88
C TYR A 422 -79.03 2.57 13.39
N GLN A 423 -79.43 1.63 14.25
CA GLN A 423 -80.48 0.70 13.86
C GLN A 423 -81.73 1.47 13.43
N GLU A 424 -82.12 2.46 14.24
CA GLU A 424 -83.28 3.29 13.90
C GLU A 424 -83.06 4.01 12.59
N PHE A 425 -81.89 4.65 12.43
CA PHE A 425 -81.56 5.32 11.17
C PHE A 425 -81.71 4.38 9.97
N ARG A 426 -81.03 3.25 10.04
CA ARG A 426 -81.05 2.31 8.92
C ARG A 426 -82.41 1.80 8.56
N LEU A 427 -83.21 1.41 9.55
CA LEU A 427 -84.48 0.76 9.20
C LEU A 427 -85.54 1.82 8.90
N TRP A 428 -85.32 3.07 9.27
CA TRP A 428 -86.25 4.11 8.83
C TRP A 428 -85.91 4.32 7.38
N GLN A 429 -84.62 4.37 7.05
CA GLN A 429 -84.23 4.46 5.64
C GLN A 429 -84.88 3.34 4.83
N TRP A 430 -84.96 2.15 5.40
CA TRP A 430 -85.64 1.05 4.71
C TRP A 430 -87.14 1.30 4.58
N ILE A 431 -87.75 1.89 5.61
CA ILE A 431 -89.18 2.19 5.58
C ILE A 431 -89.47 3.15 4.43
N PHE A 432 -88.64 4.20 4.30
CA PHE A 432 -88.82 5.12 3.19
C PHE A 432 -88.51 4.47 1.86
N ASN A 433 -87.52 3.57 1.84
CA ASN A 433 -87.17 2.88 0.59
C ASN A 433 -88.14 1.76 0.25
N LEU A 434 -89.06 1.42 1.15
CA LEU A 434 -89.98 0.32 0.91
C LEU A 434 -91.08 0.73 -0.07
N ASN A 435 -91.37 -0.16 -1.01
CA ASN A 435 -92.50 0.00 -1.91
C ASN A 435 -92.93 -1.37 -2.44
N LEU A 436 -94.21 -1.53 -2.69
CA LEU A 436 -94.79 -2.83 -3.00
C LEU A 436 -95.30 -2.86 -4.45
N TYR A 437 -95.21 -4.04 -5.06
CA TYR A 437 -95.72 -4.26 -6.41
C TYR A 437 -96.54 -5.54 -6.42
N THR A 438 -97.52 -5.58 -7.32
CA THR A 438 -98.37 -6.74 -7.50
C THR A 438 -97.72 -7.72 -8.46
N LYS A 439 -97.96 -9.02 -8.25
CA LYS A 439 -97.33 -10.04 -9.07
C LYS A 439 -98.01 -10.15 -10.44
N ASP A 440 -99.32 -9.92 -10.49
CA ASP A 440 -100.09 -10.13 -11.72
C ASP A 440 -99.71 -9.14 -12.81
N ASN A 441 -99.89 -7.85 -12.57
CA ASN A 441 -99.70 -6.84 -13.60
C ASN A 441 -98.53 -5.89 -13.31
N ASP A 442 -97.84 -6.05 -12.19
CA ASP A 442 -96.68 -5.25 -11.84
C ASP A 442 -96.98 -3.75 -11.89
N GLU A 443 -97.90 -3.34 -11.02
CA GLU A 443 -98.23 -1.93 -10.86
C GLU A 443 -97.77 -1.44 -9.49
N ASN A 444 -97.63 -0.11 -9.37
CA ASN A 444 -97.21 0.51 -8.11
C ASN A 444 -98.41 0.54 -7.16
N VAL A 445 -98.59 -0.58 -6.45
CA VAL A 445 -99.75 -0.79 -5.61
C VAL A 445 -99.71 0.04 -4.33
N THR A 446 -98.56 0.61 -3.99
CA THR A 446 -98.45 1.42 -2.78
C THR A 446 -99.27 2.70 -2.93
N LYS A 447 -99.23 3.53 -1.89
CA LYS A 447 -100.04 4.73 -1.68
C LYS A 447 -101.46 4.32 -1.30
N VAL A 448 -101.77 3.03 -1.31
CA VAL A 448 -103.02 2.53 -0.74
C VAL A 448 -102.82 1.89 0.62
N PHE A 449 -101.67 1.26 0.88
CA PHE A 449 -101.36 0.69 2.18
C PHE A 449 -100.49 1.58 3.05
N LEU A 450 -99.64 2.41 2.47
CA LEU A 450 -98.83 3.38 3.20
C LEU A 450 -99.07 4.76 2.57
N ASN A 451 -100.10 5.44 3.04
CA ASN A 451 -100.45 6.77 2.54
C ASN A 451 -100.60 7.76 3.69
N THR A 452 -100.91 7.25 4.88
CA THR A 452 -101.06 8.06 6.07
C THR A 452 -100.00 7.67 7.10
N THR A 453 -99.76 8.58 8.05
CA THR A 453 -98.70 8.36 9.02
C THR A 453 -99.02 7.20 9.96
N GLN A 454 -100.31 6.91 10.19
CA GLN A 454 -100.68 5.84 11.10
C GLN A 454 -100.22 4.49 10.56
N ASP A 455 -100.32 4.28 9.23
CA ASP A 455 -99.81 3.05 8.64
C ASP A 455 -98.32 2.91 8.88
N PHE A 456 -97.56 3.99 8.68
CA PHE A 456 -96.12 3.96 8.95
C PHE A 456 -95.85 3.64 10.41
N GLU A 457 -96.63 4.22 11.32
CA GLU A 457 -96.41 4.01 12.74
C GLU A 457 -96.71 2.58 13.16
N ASN A 458 -97.79 1.99 12.63
CA ASN A 458 -98.10 0.60 12.97
C ASN A 458 -97.09 -0.36 12.36
N LEU A 459 -96.67 -0.11 11.12
CA LEU A 459 -95.60 -0.93 10.54
C LEU A 459 -94.33 -0.79 11.36
N PHE A 460 -94.15 0.39 11.94
CA PHE A 460 -93.01 0.59 12.80
C PHE A 460 -93.16 -0.23 14.08
N GLU A 461 -94.34 -0.25 14.69
CA GLU A 461 -94.49 -0.99 15.95
C GLU A 461 -94.33 -2.49 15.72
N PHE A 462 -94.72 -2.98 14.53
CA PHE A 462 -94.55 -4.40 14.28
C PHE A 462 -93.10 -4.75 13.93
N LEU A 463 -92.42 -3.91 13.17
CA LEU A 463 -91.02 -4.17 12.85
C LEU A 463 -90.12 -4.02 14.07
N ASN A 464 -90.44 -3.08 14.95
CA ASN A 464 -89.60 -2.81 16.12
C ASN A 464 -89.48 -4.05 17.00
N THR A 465 -90.54 -4.84 17.07
CA THR A 465 -90.52 -6.07 17.86
C THR A 465 -89.64 -7.14 17.23
N ARG A 466 -89.72 -7.34 15.90
CA ARG A 466 -88.99 -8.43 15.26
C ARG A 466 -87.49 -8.16 15.20
N LYS A 467 -86.75 -9.18 14.73
CA LYS A 467 -85.30 -9.12 14.62
C LYS A 467 -84.81 -9.15 13.17
N GLU A 468 -85.45 -9.95 12.31
CA GLU A 468 -85.26 -9.91 10.86
C GLU A 468 -86.64 -9.90 10.24
N VAL A 469 -86.76 -9.22 9.10
CA VAL A 469 -87.99 -9.21 8.32
C VAL A 469 -87.68 -9.85 6.97
N ASP A 470 -88.72 -10.39 6.33
CA ASP A 470 -88.54 -11.14 5.10
C ASP A 470 -89.76 -10.96 4.20
N GLN A 471 -89.79 -11.73 3.12
CA GLN A 471 -90.93 -11.73 2.21
C GLN A 471 -92.22 -12.06 2.96
N LYS A 472 -92.21 -13.16 3.72
CA LYS A 472 -93.43 -13.70 4.30
C LYS A 472 -94.01 -12.75 5.34
N ALA A 473 -93.19 -12.26 6.26
CA ALA A 473 -93.70 -11.38 7.30
C ALA A 473 -94.22 -10.07 6.72
N LEU A 474 -93.48 -9.51 5.75
CA LEU A 474 -93.90 -8.27 5.13
C LEU A 474 -95.23 -8.43 4.41
N LEU A 475 -95.40 -9.53 3.67
CA LEU A 475 -96.67 -9.77 2.99
C LEU A 475 -97.81 -10.00 3.97
N LYS A 476 -97.57 -10.81 5.01
CA LYS A 476 -98.65 -11.19 5.91
C LYS A 476 -99.02 -10.07 6.87
N HIS A 477 -98.13 -9.09 7.06
CA HIS A 477 -98.47 -7.94 7.90
C HIS A 477 -99.63 -7.15 7.30
N PHE A 478 -99.64 -7.01 5.98
CA PHE A 478 -100.72 -6.33 5.28
C PHE A 478 -101.90 -7.25 4.99
N LYS A 479 -101.86 -8.50 5.47
CA LYS A 479 -102.78 -9.59 5.21
C LYS A 479 -102.56 -10.17 3.80
N LEU A 480 -101.66 -9.60 3.01
CA LEU A 480 -101.39 -10.11 1.68
C LEU A 480 -100.68 -11.47 1.77
N ASN A 481 -100.61 -12.15 0.63
CA ASN A 481 -100.00 -13.48 0.54
C ASN A 481 -98.93 -13.49 -0.55
N GLU A 482 -98.25 -14.64 -0.66
CA GLU A 482 -97.17 -14.79 -1.62
C GLU A 482 -97.67 -14.69 -3.06
N LYS A 483 -98.85 -15.25 -3.32
CA LYS A 483 -99.35 -15.46 -4.68
C LYS A 483 -99.71 -14.18 -5.42
N THR A 484 -99.75 -12.99 -4.82
CA THR A 484 -100.25 -11.82 -5.54
C THR A 484 -99.34 -10.59 -5.48
N HIS A 485 -98.54 -10.41 -4.44
CA HIS A 485 -97.82 -9.16 -4.28
C HIS A 485 -96.37 -9.40 -3.90
N ARG A 486 -95.52 -8.42 -4.23
CA ARG A 486 -94.11 -8.44 -3.90
C ARG A 486 -93.73 -7.05 -3.39
N TRP A 487 -92.44 -6.87 -3.08
CA TRP A 487 -91.98 -5.68 -2.38
C TRP A 487 -90.74 -5.04 -2.98
N ASN A 488 -90.54 -5.14 -4.30
CA ASN A 488 -89.57 -4.36 -5.06
C ASN A 488 -88.13 -4.71 -4.74
N PHE A 489 -87.91 -5.55 -3.74
CA PHE A 489 -86.58 -6.02 -3.38
C PHE A 489 -86.47 -7.50 -3.72
N VAL A 490 -85.28 -8.07 -3.48
CA VAL A 490 -85.01 -9.46 -3.82
C VAL A 490 -86.03 -10.33 -3.09
N GLU A 491 -86.69 -11.22 -3.85
CA GLU A 491 -87.85 -11.94 -3.32
C GLU A 491 -87.49 -12.82 -2.13
N ASP A 492 -86.26 -13.32 -2.06
CA ASP A 492 -85.85 -14.21 -0.99
C ASP A 492 -84.78 -13.61 -0.08
N LYS A 493 -84.58 -12.30 -0.13
CA LYS A 493 -83.57 -11.65 0.70
C LYS A 493 -84.22 -10.98 1.91
N LYS A 494 -83.59 -11.16 3.07
CA LYS A 494 -84.03 -10.57 4.32
C LYS A 494 -83.24 -9.30 4.58
N TYR A 495 -83.83 -8.42 5.39
CA TYR A 495 -83.20 -7.16 5.77
C TYR A 495 -83.19 -7.01 7.28
N PRO A 496 -82.20 -6.30 7.84
CA PRO A 496 -82.11 -6.15 9.29
C PRO A 496 -83.31 -5.41 9.86
N CYS A 497 -83.70 -5.78 11.07
CA CYS A 497 -84.94 -5.29 11.67
C CYS A 497 -84.73 -4.97 13.16
N ASN A 498 -83.76 -4.10 13.44
CA ASN A 498 -83.41 -3.73 14.82
C ASN A 498 -82.96 -4.95 15.63
N GLU A 499 -81.83 -5.51 15.21
CA GLU A 499 -81.29 -6.72 15.81
C GLU A 499 -81.05 -6.58 17.31
N THR A 500 -80.37 -5.51 17.73
CA THR A 500 -79.99 -5.38 19.15
C THR A 500 -81.21 -5.33 20.05
N LYS A 501 -82.20 -4.50 19.69
CA LYS A 501 -83.35 -4.31 20.57
C LYS A 501 -84.19 -5.59 20.68
N THR A 502 -84.33 -6.31 19.58
CA THR A 502 -85.07 -7.56 19.62
C THR A 502 -84.36 -8.54 20.50
N MET A 503 -83.08 -8.72 20.24
CA MET A 503 -82.33 -9.73 20.98
C MET A 503 -82.37 -9.44 22.48
N ILE A 504 -82.18 -8.17 22.85
CA ILE A 504 -82.25 -7.79 24.26
C ILE A 504 -83.66 -8.01 24.80
N SER A 505 -84.68 -7.75 23.98
CA SER A 505 -86.05 -7.94 24.42
C SER A 505 -86.34 -9.40 24.73
N SER A 506 -85.83 -10.31 23.90
CA SER A 506 -86.02 -11.74 24.11
C SER A 506 -85.33 -12.21 25.39
N ARG A 507 -84.09 -11.78 25.59
CA ARG A 507 -83.34 -12.21 26.76
C ARG A 507 -83.95 -11.63 28.01
N LEU A 508 -84.46 -10.41 27.91
CA LEU A 508 -85.12 -9.81 29.05
C LEU A 508 -86.50 -10.41 29.29
N ASP A 509 -87.10 -10.99 28.26
CA ASP A 509 -88.33 -11.75 28.47
C ASP A 509 -88.05 -13.09 29.13
N LYS A 510 -86.87 -13.68 28.88
CA LYS A 510 -86.60 -14.98 29.47
C LYS A 510 -86.29 -14.89 30.96
N VAL A 511 -85.77 -13.76 31.44
CA VAL A 511 -85.36 -13.66 32.83
C VAL A 511 -86.56 -13.72 33.79
N GLU A 512 -87.69 -13.14 33.40
CA GLU A 512 -88.93 -13.15 34.19
C GLU A 512 -88.75 -12.46 35.54
N ASN A 513 -89.67 -12.76 36.47
CA ASN A 513 -89.78 -12.11 37.79
C ASN A 513 -89.71 -10.58 37.69
N ILE A 514 -90.08 -10.04 36.54
CA ILE A 514 -90.07 -8.61 36.30
C ILE A 514 -91.29 -8.25 35.47
N SER A 515 -91.74 -6.99 35.61
CA SER A 515 -92.83 -6.50 34.80
C SER A 515 -92.39 -6.30 33.35
N ASP A 516 -93.37 -6.31 32.44
CA ASP A 516 -93.09 -6.07 31.04
C ASP A 516 -93.11 -4.58 30.72
N ASP A 517 -92.38 -3.79 31.51
CA ASP A 517 -92.26 -2.36 31.25
C ASP A 517 -90.87 -1.83 31.59
N PHE A 518 -89.94 -2.70 32.00
CA PHE A 518 -88.61 -2.24 32.41
C PHE A 518 -87.80 -1.72 31.22
N LEU A 519 -88.05 -2.26 30.03
CA LEU A 519 -87.24 -1.96 28.86
C LEU A 519 -87.79 -0.73 28.15
N THR A 520 -87.08 0.40 28.26
CA THR A 520 -87.37 1.60 27.51
C THR A 520 -86.17 1.97 26.65
N ARG A 521 -86.26 3.14 26.02
CA ARG A 521 -85.20 3.59 25.12
C ARG A 521 -83.89 3.80 25.86
N ASP A 522 -83.92 4.55 26.97
CA ASP A 522 -82.68 4.85 27.70
C ASP A 522 -82.09 3.58 28.30
N ILE A 523 -82.94 2.70 28.83
CA ILE A 523 -82.48 1.41 29.33
C ILE A 523 -81.84 0.62 28.20
N GLU A 524 -82.45 0.64 27.02
CA GLU A 524 -81.91 -0.07 25.87
C GLU A 524 -80.52 0.44 25.52
N GLN A 525 -80.36 1.77 25.50
CA GLN A 525 -79.06 2.36 25.18
C GLN A 525 -78.01 2.00 26.22
N LYS A 526 -78.37 2.08 27.51
CA LYS A 526 -77.39 1.77 28.54
C LYS A 526 -76.95 0.31 28.48
N ILE A 527 -77.88 -0.61 28.28
CA ILE A 527 -77.49 -2.02 28.24
C ILE A 527 -76.67 -2.31 26.98
N TRP A 528 -77.04 -1.68 25.86
CA TRP A 528 -76.22 -1.82 24.65
C TRP A 528 -74.80 -1.34 24.91
N HIS A 529 -74.64 -0.23 25.64
CA HIS A 529 -73.30 0.26 25.93
C HIS A 529 -72.55 -0.67 26.86
N ILE A 530 -73.26 -1.28 27.82
CA ILE A 530 -72.62 -2.26 28.69
C ILE A 530 -72.10 -3.44 27.88
N ILE A 531 -72.90 -3.92 26.93
CA ILE A 531 -72.49 -5.07 26.13
C ILE A 531 -71.34 -4.69 25.22
N TYR A 532 -71.44 -3.54 24.55
CA TYR A 532 -70.47 -3.12 23.54
C TYR A 532 -69.12 -2.74 24.15
N SER A 533 -69.13 -2.12 25.33
CA SER A 533 -67.91 -1.55 25.89
C SER A 533 -67.02 -2.58 26.57
N VAL A 534 -67.52 -3.26 27.60
CA VAL A 534 -66.68 -4.13 28.40
C VAL A 534 -66.59 -5.53 27.80
N ASN A 535 -65.59 -5.73 26.94
CA ASN A 535 -65.37 -7.02 26.30
C ASN A 535 -64.27 -7.81 27.02
N ASP A 536 -64.56 -8.20 28.26
CA ASP A 536 -63.67 -9.06 29.02
C ASP A 536 -64.53 -9.85 30.01
N LYS A 537 -64.23 -11.14 30.13
CA LYS A 537 -65.17 -12.06 30.78
C LYS A 537 -65.49 -11.65 32.22
N VAL A 538 -64.48 -11.70 33.10
CA VAL A 538 -64.73 -11.42 34.51
C VAL A 538 -65.33 -10.03 34.69
N GLU A 539 -64.78 -9.05 33.97
CA GLU A 539 -65.37 -7.72 33.94
C GLU A 539 -66.82 -7.78 33.47
N TYR A 540 -67.11 -8.70 32.54
CA TYR A 540 -68.44 -8.79 31.98
C TYR A 540 -69.45 -9.25 33.02
N GLU A 541 -69.16 -10.34 33.75
CA GLU A 541 -70.15 -10.77 34.74
C GLU A 541 -70.20 -9.79 35.91
N LYS A 542 -69.08 -9.14 36.25
CA LYS A 542 -69.15 -8.13 37.32
C LYS A 542 -70.06 -6.97 36.92
N ALA A 543 -69.92 -6.46 35.70
CA ALA A 543 -70.81 -5.41 35.23
C ALA A 543 -72.25 -5.90 35.20
N LEU A 544 -72.47 -7.14 34.77
CA LEU A 544 -73.83 -7.66 34.70
C LEU A 544 -74.46 -7.76 36.08
N LYS A 545 -73.70 -8.27 37.06
CA LYS A 545 -74.21 -8.41 38.42
C LYS A 545 -74.50 -7.05 39.04
N SER A 546 -73.61 -6.07 38.81
CA SER A 546 -73.87 -4.73 39.34
C SER A 546 -75.09 -4.10 38.69
N PHE A 547 -75.27 -4.30 37.38
CA PHE A 547 -76.46 -3.78 36.73
C PHE A 547 -77.72 -4.42 37.32
N ALA A 548 -77.69 -5.72 37.55
CA ALA A 548 -78.83 -6.40 38.16
C ALA A 548 -79.06 -5.97 39.60
N ARG A 549 -78.02 -5.53 40.29
CA ARG A 549 -78.19 -5.00 41.65
C ARG A 549 -78.82 -3.62 41.65
N LYS A 550 -78.32 -2.72 40.80
CA LYS A 550 -78.83 -1.35 40.79
C LYS A 550 -80.27 -1.31 40.27
N HIS A 551 -80.53 -1.96 39.14
CA HIS A 551 -81.87 -2.09 38.61
C HIS A 551 -82.59 -3.19 39.36
N HIS A 552 -83.80 -2.91 39.85
CA HIS A 552 -84.48 -3.86 40.71
C HIS A 552 -84.96 -5.07 39.92
N LEU A 553 -84.00 -5.85 39.41
CA LEU A 553 -84.31 -7.07 38.67
C LEU A 553 -83.48 -8.14 39.36
N ASP A 554 -84.07 -9.29 39.63
CA ASP A 554 -83.40 -10.34 40.38
C ASP A 554 -82.22 -10.91 39.59
N GLU A 555 -81.05 -10.95 40.23
CA GLU A 555 -79.85 -11.49 39.58
C GLU A 555 -79.81 -13.00 39.71
N SER A 556 -80.88 -13.68 39.31
CA SER A 556 -80.97 -15.13 39.37
C SER A 556 -80.93 -15.76 37.98
N SER A 557 -81.84 -15.35 37.10
CA SER A 557 -81.73 -15.66 35.68
C SER A 557 -81.21 -14.49 34.86
N PHE A 558 -80.98 -13.33 35.47
CA PHE A 558 -80.48 -12.20 34.69
C PHE A 558 -79.10 -12.51 34.15
N PHE A 559 -78.19 -12.94 35.02
CA PHE A 559 -76.84 -13.22 34.57
C PHE A 559 -76.75 -14.52 33.77
N GLU A 560 -77.69 -15.45 33.98
CA GLU A 560 -77.65 -16.69 33.21
C GLU A 560 -78.11 -16.46 31.79
N ALA A 561 -79.13 -15.60 31.61
CA ALA A 561 -79.57 -15.27 30.27
C ALA A 561 -78.58 -14.33 29.59
N PHE A 562 -77.97 -13.44 30.37
CA PHE A 562 -77.12 -12.37 29.88
C PHE A 562 -75.64 -12.74 29.82
N ARG A 563 -75.32 -14.02 29.93
CA ARG A 563 -73.93 -14.44 29.80
C ARG A 563 -73.59 -14.90 28.37
N LYS A 564 -74.55 -15.49 27.67
CA LYS A 564 -74.26 -16.03 26.34
C LYS A 564 -74.63 -15.13 25.16
N PHE A 565 -74.00 -13.97 25.07
CA PHE A 565 -74.29 -13.04 23.98
C PHE A 565 -73.21 -13.08 22.95
N PRO A 566 -73.57 -13.37 21.68
CA PRO A 566 -72.44 -13.22 20.76
C PRO A 566 -71.91 -11.80 20.80
N PRO A 567 -70.60 -11.62 20.92
CA PRO A 567 -70.03 -10.26 20.88
C PRO A 567 -70.39 -9.56 19.58
N PHE A 568 -70.60 -8.24 19.68
CA PHE A 568 -71.02 -7.44 18.54
C PHE A 568 -70.03 -7.58 17.39
N LYS A 569 -70.56 -7.70 16.18
CA LYS A 569 -69.71 -7.76 14.99
C LYS A 569 -69.00 -6.42 14.82
N SER A 570 -67.70 -6.50 14.56
CA SER A 570 -66.87 -5.30 14.49
C SER A 570 -67.16 -4.60 13.17
N GLU A 571 -68.02 -3.58 13.23
CA GLU A 571 -68.37 -2.79 12.07
C GLU A 571 -68.89 -1.45 12.54
N TYR A 572 -68.61 -0.41 11.76
CA TYR A 572 -69.02 0.95 12.10
C TYR A 572 -69.68 1.61 10.90
N GLY A 573 -70.69 2.43 11.20
CA GLY A 573 -71.45 3.11 10.16
C GLY A 573 -70.66 4.23 9.51
N SER A 574 -71.25 4.79 8.46
CA SER A 574 -70.59 5.88 7.73
C SER A 574 -70.49 7.14 8.58
N PHE A 575 -71.52 7.44 9.35
CA PHE A 575 -71.61 8.70 10.08
C PHE A 575 -71.36 8.51 11.56
N SER A 576 -71.36 9.63 12.30
CA SER A 576 -71.14 9.61 13.73
C SER A 576 -72.46 9.69 14.47
N GLU A 577 -72.38 9.64 15.80
CA GLU A 577 -73.60 9.67 16.61
C GLU A 577 -74.27 11.04 16.58
N LYS A 578 -73.48 12.12 16.71
CA LYS A 578 -74.07 13.45 16.76
C LYS A 578 -74.77 13.80 15.45
N ALA A 579 -74.14 13.46 14.32
CA ALA A 579 -74.74 13.78 13.03
C ALA A 579 -76.07 13.05 12.84
N ILE A 580 -76.10 11.75 13.14
CA ILE A 580 -77.33 10.98 13.00
C ILE A 580 -78.37 11.47 14.01
N LYS A 581 -77.92 11.91 15.19
CA LYS A 581 -78.84 12.49 16.17
C LYS A 581 -79.50 13.74 15.62
N LYS A 582 -78.73 14.59 14.94
CA LYS A 582 -79.31 15.77 14.31
C LYS A 582 -80.23 15.38 13.16
N LEU A 583 -79.89 14.32 12.43
CA LEU A 583 -80.68 13.89 11.27
C LEU A 583 -82.04 13.29 11.62
N LEU A 584 -82.10 12.37 12.59
CA LEU A 584 -83.32 11.56 12.74
C LEU A 584 -84.61 12.35 12.96
N PRO A 585 -84.65 13.40 13.80
CA PRO A 585 -85.95 14.06 14.07
C PRO A 585 -86.70 14.53 12.84
N LEU A 586 -85.99 14.94 11.78
CA LEU A 586 -86.67 15.42 10.59
C LEU A 586 -87.39 14.30 9.86
N MET A 587 -86.74 13.14 9.73
CA MET A 587 -87.38 12.03 9.02
C MET A 587 -88.31 11.22 9.91
N ARG A 588 -88.41 11.57 11.19
CA ARG A 588 -89.49 11.02 12.00
C ARG A 588 -90.82 11.63 11.57
N LEU A 589 -91.86 10.81 11.61
CA LEU A 589 -93.23 11.25 11.32
C LEU A 589 -94.17 10.62 12.35
N GLY A 590 -95.37 11.19 12.44
CA GLY A 590 -96.36 10.63 13.34
C GLY A 590 -96.10 10.99 14.79
N LYS A 591 -96.50 10.07 15.69
CA LYS A 591 -96.39 10.33 17.12
C LYS A 591 -94.94 10.40 17.58
N TYR A 592 -94.04 9.67 16.91
CA TYR A 592 -92.64 9.71 17.29
C TYR A 592 -91.94 11.00 16.88
N TRP A 593 -92.59 11.86 16.10
CA TRP A 593 -92.02 13.13 15.68
C TRP A 593 -92.63 14.25 16.50
N ASN A 594 -91.83 15.27 16.80
CA ASN A 594 -92.31 16.49 17.42
C ASN A 594 -91.37 17.62 17.02
N TYR A 595 -91.89 18.85 16.98
CA TYR A 595 -91.12 19.95 16.44
C TYR A 595 -89.99 20.37 17.38
N ALA A 596 -90.16 20.12 18.69
CA ALA A 596 -89.18 20.57 19.67
C ALA A 596 -87.85 19.83 19.58
N GLU A 597 -87.81 18.66 18.94
CA GLU A 597 -86.58 17.89 18.84
C GLU A 597 -85.71 18.27 17.65
N ILE A 598 -86.16 19.22 16.83
CA ILE A 598 -85.36 19.80 15.76
C ILE A 598 -84.50 20.91 16.37
N ASP A 599 -83.20 20.85 16.14
CA ASP A 599 -82.29 21.78 16.80
C ASP A 599 -82.50 23.20 16.27
N LYS A 600 -81.71 24.13 16.85
CA LYS A 600 -81.90 25.55 16.56
C LYS A 600 -81.65 25.86 15.09
N TYR A 601 -80.55 25.34 14.53
CA TYR A 601 -80.19 25.70 13.16
C TYR A 601 -81.19 25.13 12.16
N SER A 602 -81.60 23.87 12.33
CA SER A 602 -82.55 23.28 11.40
C SER A 602 -83.94 23.89 11.56
N ARG A 603 -84.30 24.28 12.79
CA ARG A 603 -85.55 25.01 12.97
C ARG A 603 -85.52 26.36 12.27
N GLU A 604 -84.39 27.07 12.37
CA GLU A 604 -84.25 28.34 11.66
C GLU A 604 -84.35 28.13 10.15
N ARG A 605 -83.71 27.07 9.63
CA ARG A 605 -83.78 26.82 8.20
C ARG A 605 -85.19 26.39 7.77
N ILE A 606 -85.91 25.68 8.65
CA ILE A 606 -87.30 25.33 8.37
C ILE A 606 -88.15 26.59 8.26
N GLN A 607 -87.95 27.52 9.20
CA GLN A 607 -88.67 28.79 9.13
C GLN A 607 -88.31 29.56 7.87
N LYS A 608 -87.03 29.53 7.47
CA LYS A 608 -86.62 30.21 6.25
C LYS A 608 -87.25 29.58 5.02
N ILE A 609 -87.36 28.26 4.99
CA ILE A 609 -87.93 27.56 3.84
C ILE A 609 -89.42 27.85 3.74
N ILE A 610 -90.16 27.75 4.85
CA ILE A 610 -91.59 28.00 4.81
C ILE A 610 -91.86 29.47 4.50
N THR A 611 -91.00 30.37 5.01
CA THR A 611 -91.16 31.79 4.72
C THR A 611 -90.87 32.09 3.26
N GLY A 612 -89.92 31.39 2.65
CA GLY A 612 -89.54 31.66 1.28
C GLY A 612 -88.59 32.81 1.09
N GLU A 613 -87.97 33.29 2.17
CA GLU A 613 -87.05 34.41 2.10
C GLU A 613 -85.71 33.95 1.52
N TYR A 614 -84.80 34.90 1.34
CA TYR A 614 -83.53 34.66 0.65
C TYR A 614 -82.40 34.43 1.63
N ASP A 615 -81.77 33.26 1.54
CA ASP A 615 -80.61 32.94 2.37
C ASP A 615 -79.46 32.51 1.47
N GLU A 616 -78.25 32.97 1.81
CA GLU A 616 -77.06 32.55 1.08
C GLU A 616 -76.78 31.06 1.24
N ASN A 617 -77.12 30.48 2.39
CA ASN A 617 -76.86 29.06 2.65
C ASN A 617 -77.95 28.15 2.12
N ILE A 618 -78.98 28.69 1.48
CA ILE A 618 -80.04 27.92 0.86
C ILE A 618 -80.02 28.19 -0.63
N LYS A 619 -79.95 27.13 -1.43
CA LYS A 619 -79.80 27.25 -2.87
C LYS A 619 -81.17 27.19 -3.56
N ASP A 620 -81.15 27.47 -4.87
CA ASP A 620 -82.38 27.47 -5.65
C ASP A 620 -82.93 26.06 -5.84
N LYS A 621 -82.03 25.08 -5.99
CA LYS A 621 -82.47 23.69 -6.08
C LYS A 621 -83.24 23.26 -4.85
N VAL A 622 -82.94 23.86 -3.71
CA VAL A 622 -83.65 23.54 -2.47
C VAL A 622 -85.12 23.91 -2.59
N ARG A 623 -85.36 25.14 -3.04
CA ARG A 623 -86.73 25.61 -3.20
C ARG A 623 -87.39 24.78 -4.28
N GLU A 624 -86.65 24.43 -5.32
CA GLU A 624 -87.19 23.54 -6.35
C GLU A 624 -87.71 22.26 -5.73
N LYS A 625 -86.93 21.65 -4.83
CA LYS A 625 -87.35 20.41 -4.20
C LYS A 625 -88.33 20.65 -3.05
N SER A 626 -88.15 21.74 -2.30
CA SER A 626 -88.96 22.01 -1.12
C SER A 626 -90.19 22.85 -1.44
N VAL A 627 -90.71 22.77 -2.66
CA VAL A 627 -91.94 23.48 -2.99
C VAL A 627 -93.11 22.92 -2.19
N HIS A 628 -93.08 21.61 -1.92
CA HIS A 628 -94.15 21.00 -1.14
C HIS A 628 -94.03 21.32 0.35
N LEU A 629 -92.85 21.77 0.80
CA LEU A 629 -92.61 22.07 2.20
C LEU A 629 -93.12 23.47 2.56
N THR A 630 -94.43 23.65 2.37
CA THR A 630 -95.04 24.95 2.62
C THR A 630 -95.22 25.20 4.12
N ILE A 631 -95.60 24.17 4.87
CA ILE A 631 -95.94 24.32 6.28
C ILE A 631 -94.96 23.51 7.12
N GLU A 632 -94.91 23.86 8.41
CA GLU A 632 -94.01 23.16 9.34
C GLU A 632 -94.43 21.71 9.52
N ASN A 633 -95.71 21.41 9.27
CA ASN A 633 -96.19 20.03 9.34
C ASN A 633 -95.68 19.19 8.17
N ASP A 634 -95.31 19.81 7.06
CA ASP A 634 -94.77 19.09 5.91
C ASP A 634 -93.40 18.47 6.19
N PHE A 635 -92.74 18.87 7.27
CA PHE A 635 -91.43 18.31 7.63
C PHE A 635 -91.60 17.02 8.43
N GLN A 636 -92.32 16.08 7.83
CA GLN A 636 -92.52 14.76 8.39
C GLN A 636 -92.12 13.72 7.37
N GLY A 637 -91.25 12.80 7.79
CA GLY A 637 -90.86 11.70 6.91
C GLY A 637 -90.05 12.12 5.70
N LEU A 638 -89.08 13.00 5.89
CA LEU A 638 -88.20 13.41 4.80
C LEU A 638 -87.18 12.32 4.53
N GLN A 639 -86.77 12.18 3.27
CA GLN A 639 -85.79 11.16 2.95
C GLN A 639 -84.40 11.59 3.42
N LEU A 640 -83.41 10.73 3.14
CA LEU A 640 -82.06 10.98 3.63
C LEU A 640 -81.48 12.27 3.08
N TRP A 641 -81.65 12.51 1.77
CA TRP A 641 -81.05 13.69 1.15
C TRP A 641 -81.68 14.97 1.68
N LEU A 642 -83.02 15.00 1.82
CA LEU A 642 -83.69 16.19 2.31
C LEU A 642 -83.24 16.53 3.72
N ALA A 643 -83.29 15.56 4.64
CA ALA A 643 -82.90 15.81 6.01
C ALA A 643 -81.43 16.19 6.11
N GLN A 644 -80.57 15.51 5.34
CA GLN A 644 -79.15 15.82 5.37
C GLN A 644 -78.89 17.25 4.92
N TYR A 645 -79.54 17.68 3.84
CA TYR A 645 -79.35 19.05 3.39
C TYR A 645 -79.86 20.04 4.42
N ILE A 646 -81.04 19.80 4.99
CA ILE A 646 -81.60 20.76 5.94
C ILE A 646 -80.70 20.86 7.16
N VAL A 647 -80.12 19.75 7.59
CA VAL A 647 -79.25 19.78 8.76
C VAL A 647 -77.93 20.48 8.45
N TYR A 648 -77.32 20.18 7.30
CA TYR A 648 -75.96 20.66 7.03
C TYR A 648 -75.77 21.40 5.72
N GLY A 649 -76.79 21.52 4.88
CA GLY A 649 -76.73 22.43 3.75
C GLY A 649 -75.92 21.98 2.55
N ARG A 650 -75.72 20.68 2.36
CA ARG A 650 -75.01 20.17 1.19
C ARG A 650 -75.79 19.02 0.57
N HIS A 651 -76.03 19.11 -0.74
CA HIS A 651 -76.72 18.06 -1.49
C HIS A 651 -75.73 16.91 -1.71
N SER A 652 -75.59 16.09 -0.65
CA SER A 652 -74.63 15.00 -0.63
C SER A 652 -73.21 15.49 -0.87
N GLU A 653 -72.31 14.59 -1.25
CA GLU A 653 -70.92 14.95 -1.50
C GLU A 653 -70.80 15.46 -2.93
N ALA A 654 -70.67 16.77 -3.08
CA ALA A 654 -70.60 17.41 -4.38
C ALA A 654 -69.17 17.64 -4.86
N SER A 655 -68.17 17.15 -4.11
CA SER A 655 -66.76 17.27 -4.47
C SER A 655 -66.31 18.72 -4.52
N MET A 656 -65.01 18.94 -4.79
CA MET A 656 -64.46 20.27 -4.88
C MET A 656 -63.76 20.58 -6.20
N ILE A 657 -63.66 19.61 -7.11
CA ILE A 657 -63.07 19.79 -8.44
C ILE A 657 -61.60 20.15 -8.31
N GLY A 658 -61.31 21.35 -7.82
CA GLY A 658 -59.95 21.79 -7.60
C GLY A 658 -59.14 22.03 -8.86
N LYS A 659 -58.04 22.78 -8.72
CA LYS A 659 -57.12 23.02 -9.84
C LYS A 659 -55.79 23.45 -9.28
N TRP A 660 -54.75 22.66 -9.51
CA TRP A 660 -53.40 23.04 -9.12
C TRP A 660 -52.88 24.12 -10.04
N ASN A 661 -52.05 25.01 -9.51
CA ASN A 661 -51.57 26.17 -10.27
C ASN A 661 -50.11 26.08 -10.65
N SER A 662 -49.30 25.34 -9.91
CA SER A 662 -47.86 25.27 -10.16
C SER A 662 -47.34 23.97 -9.56
N ALA A 663 -46.03 23.74 -9.74
CA ALA A 663 -45.40 22.57 -9.13
C ALA A 663 -45.45 22.62 -7.61
N ASN A 664 -45.71 23.81 -7.03
CA ASN A 664 -45.80 23.92 -5.57
C ASN A 664 -46.95 23.07 -5.04
N ASP A 665 -48.12 23.14 -5.67
CA ASP A 665 -49.26 22.33 -5.25
C ASP A 665 -48.95 20.85 -5.34
N LEU A 666 -48.36 20.45 -6.46
CA LEU A 666 -48.01 19.05 -6.65
C LEU A 666 -47.10 18.57 -5.55
N GLU A 667 -45.97 19.24 -5.39
CA GLU A 667 -44.99 18.79 -4.40
C GLU A 667 -45.56 18.81 -2.99
N VAL A 668 -46.46 19.75 -2.69
CA VAL A 668 -47.15 19.72 -1.41
C VAL A 668 -48.01 18.46 -1.30
N PHE A 669 -48.69 18.11 -2.39
CA PHE A 669 -49.56 16.93 -2.39
C PHE A 669 -48.75 15.66 -2.12
N LEU A 670 -47.56 15.59 -2.68
CA LEU A 670 -46.70 14.45 -2.44
C LEU A 670 -46.15 14.48 -1.02
N LYS A 671 -45.82 15.67 -0.52
CA LYS A 671 -45.32 15.80 0.84
C LYS A 671 -46.35 15.34 1.85
N ASP A 672 -47.63 15.60 1.59
N ASP A 672 -47.63 15.60 1.59
CA ASP A 672 -48.71 15.27 2.49
CA ASP A 672 -48.71 15.27 2.49
C ASP A 672 -49.25 13.85 2.28
C ASP A 672 -49.25 13.85 2.28
N PHE A 673 -48.72 13.12 1.31
CA PHE A 673 -49.21 11.77 1.05
C PHE A 673 -48.84 10.84 2.21
N LYS A 674 -49.80 10.00 2.59
CA LYS A 674 -49.65 9.10 3.73
C LYS A 674 -49.38 7.67 3.27
N GLN A 675 -48.50 6.98 4.00
CA GLN A 675 -48.16 5.60 3.71
C GLN A 675 -49.36 4.70 3.96
N HIS A 676 -49.39 3.58 3.23
CA HIS A 676 -50.43 2.55 3.34
C HIS A 676 -51.83 3.09 3.08
N SER A 677 -51.96 4.03 2.14
CA SER A 677 -53.26 4.58 1.80
C SER A 677 -53.92 3.91 0.61
N LEU A 678 -53.31 2.87 0.05
CA LEU A 678 -53.79 2.23 -1.17
C LEU A 678 -53.88 0.71 -0.96
N ARG A 679 -54.10 -0.01 -2.06
CA ARG A 679 -54.31 -1.45 -1.99
C ARG A 679 -53.07 -2.16 -1.45
N ASN A 680 -51.91 -1.89 -2.04
CA ASN A 680 -50.69 -2.61 -1.69
C ASN A 680 -49.50 -1.70 -1.97
N PRO A 681 -48.33 -1.99 -1.39
CA PRO A 681 -47.18 -1.11 -1.59
C PRO A 681 -46.76 -0.92 -3.05
N ILE A 682 -46.99 -1.92 -3.90
CA ILE A 682 -46.49 -1.83 -5.28
C ILE A 682 -47.16 -0.67 -6.02
N VAL A 683 -48.49 -0.62 -5.98
CA VAL A 683 -49.21 0.43 -6.69
C VAL A 683 -48.94 1.79 -6.06
N GLU A 684 -48.74 1.83 -4.74
CA GLU A 684 -48.44 3.09 -4.08
C GLU A 684 -47.08 3.64 -4.53
N GLN A 685 -46.08 2.75 -4.60
CA GLN A 685 -44.78 3.16 -5.11
C GLN A 685 -44.88 3.64 -6.56
N VAL A 686 -45.66 2.92 -7.37
CA VAL A 686 -45.83 3.29 -8.77
C VAL A 686 -46.44 4.69 -8.88
N ILE A 687 -47.50 4.94 -8.12
CA ILE A 687 -48.19 6.23 -8.19
C ILE A 687 -47.29 7.36 -7.68
N THR A 688 -46.58 7.11 -6.57
CA THR A 688 -45.69 8.13 -6.02
C THR A 688 -44.58 8.49 -7.00
N GLU A 689 -43.96 7.47 -7.63
CA GLU A 689 -42.90 7.75 -8.59
C GLU A 689 -43.45 8.42 -9.84
N THR A 690 -44.67 8.08 -10.24
CA THR A 690 -45.30 8.78 -11.36
C THR A 690 -45.46 10.25 -11.04
N LEU A 691 -45.92 10.56 -9.84
CA LEU A 691 -46.09 11.95 -9.45
C LEU A 691 -44.73 12.65 -9.49
N ARG A 692 -43.73 12.03 -8.88
CA ARG A 692 -42.40 12.64 -8.85
C ARG A 692 -41.88 12.92 -10.25
N VAL A 693 -42.06 11.97 -11.17
CA VAL A 693 -41.59 12.15 -12.54
C VAL A 693 -42.36 13.27 -13.24
N VAL A 694 -43.68 13.36 -12.98
CA VAL A 694 -44.46 14.44 -13.57
C VAL A 694 -43.98 15.80 -13.06
N LYS A 695 -43.69 15.89 -11.76
CA LYS A 695 -43.16 17.14 -11.23
C LYS A 695 -41.83 17.49 -11.87
N ASP A 696 -40.95 16.49 -12.02
CA ASP A 696 -39.64 16.74 -12.61
C ASP A 696 -39.74 17.21 -14.05
N ILE A 697 -40.59 16.58 -14.85
CA ILE A 697 -40.74 17.01 -16.25
C ILE A 697 -41.36 18.40 -16.31
N TRP A 698 -42.31 18.68 -15.40
CA TRP A 698 -42.89 20.02 -15.35
C TRP A 698 -41.83 21.07 -15.10
N LEU A 699 -40.98 20.84 -14.09
CA LEU A 699 -39.92 21.79 -13.78
C LEU A 699 -38.93 21.93 -14.94
N LYS A 700 -38.54 20.82 -15.55
CA LYS A 700 -37.48 20.86 -16.55
C LYS A 700 -37.94 21.49 -17.86
N TYR A 701 -39.19 21.22 -18.26
CA TYR A 701 -39.64 21.61 -19.59
C TYR A 701 -40.59 22.80 -19.59
N GLY A 702 -41.18 23.18 -18.46
CA GLY A 702 -42.11 24.28 -18.44
C GLY A 702 -41.96 25.20 -17.26
N ASN A 703 -40.97 24.91 -16.41
CA ASN A 703 -40.65 25.71 -15.22
C ASN A 703 -41.83 25.82 -14.26
N GLY A 704 -42.70 24.81 -14.22
CA GLY A 704 -43.78 24.78 -13.25
C GLY A 704 -44.87 25.82 -13.43
N THR A 705 -44.98 26.42 -14.61
CA THR A 705 -45.98 27.45 -14.82
C THR A 705 -47.36 26.84 -15.02
N LYS A 706 -48.38 27.70 -15.08
CA LYS A 706 -49.74 27.25 -15.26
C LYS A 706 -49.91 26.51 -16.58
N ASP A 707 -50.84 25.56 -16.58
CA ASP A 707 -51.38 24.87 -17.76
C ASP A 707 -50.31 24.64 -18.83
N PHE A 708 -49.16 24.15 -18.40
CA PHE A 708 -48.09 23.81 -19.34
C PHE A 708 -48.43 22.53 -20.10
N PHE A 709 -49.14 21.61 -19.45
CA PHE A 709 -49.60 20.38 -20.10
C PHE A 709 -50.97 20.62 -20.71
N ASN A 710 -51.03 20.73 -22.04
CA ASN A 710 -52.32 20.93 -22.70
C ASN A 710 -53.22 19.72 -22.49
N GLU A 711 -52.68 18.51 -22.67
CA GLU A 711 -53.43 17.28 -22.41
C GLU A 711 -52.49 16.19 -21.94
N ILE A 712 -53.06 15.22 -21.23
CA ILE A 712 -52.34 14.06 -20.74
C ILE A 712 -53.11 12.80 -21.13
N HIS A 713 -52.39 11.81 -21.66
CA HIS A 713 -52.93 10.51 -22.00
C HIS A 713 -52.34 9.47 -21.07
N ILE A 714 -53.18 8.53 -20.64
CA ILE A 714 -52.81 7.56 -19.62
C ILE A 714 -53.11 6.16 -20.13
N GLU A 715 -52.23 5.22 -19.79
CA GLU A 715 -52.47 3.83 -20.15
C GLU A 715 -51.74 2.91 -19.18
N LEU A 716 -52.22 1.68 -19.10
CA LEU A 716 -51.71 0.68 -18.17
C LEU A 716 -51.10 -0.51 -18.89
N GLY A 717 -51.85 -1.13 -19.80
CA GLY A 717 -51.35 -2.27 -20.55
C GLY A 717 -51.17 -3.51 -19.70
N ASP A 930 -56.18 -6.56 -11.99
CA ASP A 930 -55.26 -6.37 -10.88
C ASP A 930 -54.66 -4.97 -10.93
N THR A 931 -53.92 -4.68 -12.01
CA THR A 931 -53.32 -3.36 -12.18
C THR A 931 -54.35 -2.27 -12.43
N ARG A 932 -55.59 -2.65 -12.76
CA ARG A 932 -56.63 -1.67 -13.08
C ARG A 932 -56.82 -0.63 -11.98
N TYR A 933 -56.33 -0.93 -10.77
CA TYR A 933 -56.43 0.01 -9.66
C TYR A 933 -55.80 1.35 -9.99
N ILE A 934 -54.85 1.37 -10.90
CA ILE A 934 -54.20 2.62 -11.27
C ILE A 934 -54.95 3.39 -12.35
N SER A 935 -55.81 2.72 -13.09
CA SER A 935 -56.45 3.37 -14.24
C SER A 935 -57.32 4.54 -13.81
N LYS A 936 -57.89 4.49 -12.62
CA LYS A 936 -58.80 5.54 -12.18
C LYS A 936 -58.19 6.46 -11.14
N TYR A 937 -57.37 5.93 -10.22
CA TYR A 937 -56.82 6.77 -9.16
C TYR A 937 -55.86 7.81 -9.72
N ILE A 938 -54.93 7.38 -10.58
CA ILE A 938 -53.97 8.32 -11.15
C ILE A 938 -54.67 9.32 -12.06
N SER A 939 -55.73 8.89 -12.75
CA SER A 939 -56.48 9.81 -13.59
C SER A 939 -57.18 10.88 -12.74
N GLY A 940 -57.81 10.46 -11.64
CA GLY A 940 -58.43 11.43 -10.76
C GLY A 940 -57.43 12.39 -10.15
N ILE A 941 -56.26 11.89 -9.76
CA ILE A 941 -55.24 12.75 -9.17
C ILE A 941 -54.70 13.73 -10.21
N LEU A 942 -54.46 13.27 -11.43
CA LEU A 942 -53.88 14.10 -12.48
C LEU A 942 -54.90 15.01 -13.15
N SER A 943 -56.19 14.83 -12.86
CA SER A 943 -57.19 15.75 -13.38
C SER A 943 -56.97 17.17 -12.86
N ASN A 944 -56.25 17.31 -11.75
CA ASN A 944 -56.08 18.60 -11.09
C ASN A 944 -55.12 19.53 -11.84
N ILE A 945 -54.42 19.03 -12.87
CA ILE A 945 -53.44 19.84 -13.59
C ILE A 945 -54.03 20.31 -14.91
N VAL A 946 -54.86 19.47 -15.52
CA VAL A 946 -55.29 19.68 -16.90
C VAL A 946 -56.77 20.06 -16.92
N ARG A 947 -57.34 20.33 -15.75
CA ARG A 947 -58.74 20.72 -15.64
C ARG A 947 -58.91 22.17 -16.08
N VAL A 948 -60.09 22.48 -16.62
CA VAL A 948 -60.42 23.82 -17.08
C VAL A 948 -61.46 24.40 -16.13
N GLU A 949 -61.22 25.63 -15.66
CA GLU A 949 -62.07 26.27 -14.67
C GLU A 949 -63.24 27.01 -15.30
N ASP A 950 -63.40 26.95 -16.62
CA ASP A 950 -64.50 27.65 -17.27
C ASP A 950 -65.86 27.04 -17.00
N GLY A 951 -65.91 25.83 -16.43
CA GLY A 951 -67.15 25.14 -16.16
C GLY A 951 -67.52 24.09 -17.20
N SER A 952 -66.81 24.06 -18.33
CA SER A 952 -67.09 23.04 -19.34
C SER A 952 -66.59 21.67 -18.89
N ASP A 953 -65.39 21.62 -18.32
CA ASP A 953 -64.78 20.37 -17.88
C ASP A 953 -65.16 20.13 -16.42
N GLU A 954 -66.19 19.31 -16.20
CA GLU A 954 -66.62 18.96 -14.85
C GLU A 954 -66.89 17.47 -14.78
N GLY A 955 -66.57 16.88 -13.64
CA GLY A 955 -66.81 15.47 -13.41
C GLY A 955 -65.73 14.90 -12.51
N VAL A 956 -65.70 13.55 -12.46
CA VAL A 956 -64.66 12.87 -11.68
C VAL A 956 -63.30 13.07 -12.32
N ASN A 957 -63.24 13.14 -13.64
CA ASN A 957 -62.00 13.27 -14.37
C ASN A 957 -62.11 14.37 -15.41
N SER A 958 -60.98 15.00 -15.74
CA SER A 958 -60.96 16.00 -16.78
C SER A 958 -61.22 15.37 -18.14
N LYS A 959 -61.92 16.11 -19.01
CA LYS A 959 -62.17 15.62 -20.37
C LYS A 959 -60.89 15.50 -21.17
N ASN A 960 -59.82 16.20 -20.77
CA ASN A 960 -58.54 16.12 -21.47
C ASN A 960 -57.82 14.80 -21.23
N ILE A 961 -58.10 14.12 -20.12
CA ILE A 961 -57.50 12.83 -19.85
C ILE A 961 -58.19 11.78 -20.72
N VAL A 962 -57.41 11.09 -21.53
CA VAL A 962 -57.97 10.14 -22.50
C VAL A 962 -57.30 8.78 -22.34
N PRO A 963 -57.80 7.92 -21.46
CA PRO A 963 -57.28 6.54 -21.40
C PRO A 963 -57.57 5.81 -22.70
N GLY A 964 -56.64 4.92 -23.09
CA GLY A 964 -56.76 4.15 -24.29
C GLY A 964 -56.93 2.66 -24.03
N ASN A 965 -56.47 1.86 -24.99
CA ASN A 965 -56.50 0.41 -24.88
C ASN A 965 -55.37 -0.18 -25.72
N GLY A 966 -55.09 -1.46 -25.46
CA GLY A 966 -54.01 -2.13 -26.17
C GLY A 966 -54.24 -2.23 -27.67
N LYS A 967 -55.50 -2.28 -28.09
CA LYS A 967 -55.79 -2.38 -29.52
C LYS A 967 -55.22 -1.20 -30.28
N ILE A 968 -55.46 0.02 -29.78
CA ILE A 968 -54.97 1.22 -30.45
C ILE A 968 -53.45 1.21 -30.50
N THR A 969 -52.82 0.89 -29.38
CA THR A 969 -51.35 0.97 -29.32
C THR A 969 -50.72 -0.06 -30.26
N THR A 970 -51.25 -1.29 -30.29
CA THR A 970 -50.65 -2.30 -31.16
C THR A 970 -50.93 -2.01 -32.63
N GLN A 971 -52.11 -1.47 -32.94
CA GLN A 971 -52.43 -1.17 -34.32
C GLN A 971 -51.59 -0.01 -34.83
N LEU A 972 -51.37 1.02 -34.00
CA LEU A 972 -50.49 2.11 -34.38
C LEU A 972 -49.05 1.64 -34.53
N LYS A 973 -48.59 0.77 -33.62
CA LYS A 973 -47.23 0.26 -33.72
C LYS A 973 -47.02 -0.54 -35.00
N GLN A 974 -47.99 -1.38 -35.35
CA GLN A 974 -47.86 -2.15 -36.59
C GLN A 974 -47.96 -1.25 -37.81
N ASP A 975 -48.88 -0.29 -37.80
CA ASP A 975 -49.11 0.53 -38.99
C ASP A 975 -47.98 1.52 -39.24
N TRP A 976 -47.51 2.19 -38.18
CA TRP A 976 -46.56 3.29 -38.33
C TRP A 976 -45.10 2.84 -38.33
N GLY A 977 -44.84 1.54 -38.19
CA GLY A 977 -43.48 1.05 -38.25
C GLY A 977 -42.71 1.07 -36.95
N LEU A 978 -43.36 1.35 -35.82
CA LEU A 978 -42.68 1.25 -34.54
C LEU A 978 -42.22 -0.17 -34.27
N ASN A 979 -42.98 -1.16 -34.73
CA ASN A 979 -42.57 -2.54 -34.59
C ASN A 979 -41.29 -2.82 -35.37
N ASP A 980 -41.19 -2.26 -36.59
CA ASP A 980 -40.02 -2.50 -37.42
C ASP A 980 -38.76 -1.91 -36.78
N VAL A 981 -38.85 -0.68 -36.29
CA VAL A 981 -37.70 -0.09 -35.61
C VAL A 981 -37.38 -0.85 -34.33
N TRP A 982 -38.42 -1.39 -33.67
CA TRP A 982 -38.17 -2.17 -32.46
C TRP A 982 -37.37 -3.43 -32.77
N ASN A 983 -37.75 -4.15 -33.83
CA ASN A 983 -36.98 -5.32 -34.24
C ASN A 983 -35.57 -4.95 -34.67
N ASP A 984 -35.42 -3.84 -35.39
CA ASP A 984 -34.07 -3.43 -35.80
C ASP A 984 -33.22 -3.10 -34.58
N LEU A 985 -33.83 -2.52 -33.54
CA LEU A 985 -33.09 -2.19 -32.33
C LEU A 985 -32.70 -3.45 -31.55
N ILE A 986 -33.59 -4.45 -31.52
CA ILE A 986 -33.35 -5.62 -30.68
C ILE A 986 -32.60 -6.74 -31.39
N LEU A 987 -32.54 -6.73 -32.72
CA LEU A 987 -31.95 -7.83 -33.48
C LEU A 987 -30.50 -8.15 -33.11
N PRO A 988 -29.60 -7.18 -32.91
CA PRO A 988 -28.19 -7.54 -32.62
C PRO A 988 -28.03 -8.47 -31.42
N ARG A 989 -28.91 -8.37 -30.42
CA ARG A 989 -28.93 -9.36 -29.36
C ARG A 989 -29.19 -10.75 -29.92
N PHE A 990 -30.08 -10.86 -30.90
CA PHE A 990 -30.39 -12.16 -31.49
C PHE A 990 -29.24 -12.68 -32.35
N GLU A 991 -28.54 -11.81 -33.08
CA GLU A 991 -27.34 -12.28 -33.76
C GLU A 991 -26.26 -12.72 -32.77
N ARG A 992 -26.14 -12.03 -31.63
CA ARG A 992 -25.20 -12.46 -30.61
C ARG A 992 -25.58 -13.84 -30.09
N MET A 993 -26.86 -14.08 -29.85
CA MET A 993 -27.31 -15.41 -29.41
C MET A 993 -27.00 -16.46 -30.47
N ASN A 994 -27.25 -16.14 -31.75
CA ASN A 994 -26.93 -17.06 -32.83
C ASN A 994 -25.45 -17.42 -32.84
N GLN A 995 -24.58 -16.40 -32.73
CA GLN A 995 -23.14 -16.66 -32.73
C GLN A 995 -22.73 -17.50 -31.53
N LEU A 996 -23.31 -17.20 -30.36
CA LEU A 996 -22.94 -17.93 -29.15
C LEU A 996 -23.40 -19.38 -29.22
N THR A 997 -24.54 -19.63 -29.86
CA THR A 997 -25.01 -21.00 -30.04
C THR A 997 -24.69 -21.56 -31.42
N ASN A 998 -23.83 -20.88 -32.19
CA ASN A 998 -23.33 -21.32 -33.50
C ASN A 998 -24.43 -21.91 -34.38
N SER A 999 -25.60 -21.28 -34.36
CA SER A 999 -26.73 -21.72 -35.16
C SER A 999 -27.29 -20.51 -35.91
N LYS A 1000 -28.44 -20.71 -36.57
CA LYS A 1000 -29.11 -19.65 -37.30
C LYS A 1000 -30.59 -19.63 -36.93
N ASP A 1001 -30.96 -20.35 -35.87
CA ASP A 1001 -32.36 -20.47 -35.46
C ASP A 1001 -32.88 -19.26 -34.70
N PHE A 1002 -32.03 -18.31 -34.34
CA PHE A 1002 -32.46 -17.13 -33.60
C PHE A 1002 -32.76 -15.95 -34.50
N THR A 1003 -32.49 -16.05 -35.80
CA THR A 1003 -32.88 -15.04 -36.78
C THR A 1003 -33.54 -15.74 -37.95
N ALA A 1004 -34.64 -15.19 -38.44
CA ALA A 1004 -35.40 -15.76 -39.54
C ALA A 1004 -35.46 -14.75 -40.68
N TRP A 1005 -34.96 -15.15 -41.85
CA TRP A 1005 -35.05 -14.27 -43.01
C TRP A 1005 -36.47 -14.25 -43.57
N ASN A 1006 -36.81 -13.12 -44.20
CA ASN A 1006 -38.10 -13.00 -44.83
C ASN A 1006 -37.87 -12.27 -46.15
N GLU A 1007 -38.79 -12.41 -47.09
CA GLU A 1007 -38.68 -11.74 -48.39
C GLU A 1007 -39.72 -10.66 -48.60
N ASN A 1008 -40.80 -10.67 -47.82
CA ASN A 1008 -41.73 -9.54 -47.85
C ASN A 1008 -41.07 -8.28 -47.33
N HIS A 1009 -40.15 -8.43 -46.38
CA HIS A 1009 -39.29 -7.33 -45.93
C HIS A 1009 -37.84 -7.50 -46.34
N GLN A 1010 -37.46 -8.66 -46.89
CA GLN A 1010 -36.12 -8.90 -47.41
C GLN A 1010 -35.05 -8.69 -46.35
N LYS A 1011 -35.35 -9.13 -45.12
CA LYS A 1011 -34.45 -8.85 -44.01
C LYS A 1011 -34.60 -9.92 -42.94
N PHE A 1012 -33.74 -9.84 -41.93
CA PHE A 1012 -33.76 -10.80 -40.84
C PHE A 1012 -34.61 -10.26 -39.69
N LEU A 1013 -35.51 -11.10 -39.20
CA LEU A 1013 -36.31 -10.75 -38.04
C LEU A 1013 -35.88 -11.60 -36.86
N PRO A 1014 -35.91 -11.04 -35.65
CA PRO A 1014 -35.55 -11.80 -34.45
C PRO A 1014 -36.52 -12.96 -34.20
N THR A 1015 -36.03 -14.08 -33.66
CA THR A 1015 -36.89 -15.23 -33.37
C THR A 1015 -36.28 -16.16 -32.34
N VAL A 1016 -37.05 -17.14 -31.86
CA VAL A 1016 -36.54 -18.06 -30.84
C VAL A 1016 -37.00 -19.47 -31.20
N PRO A 1017 -36.20 -20.49 -30.93
CA PRO A 1017 -36.68 -21.86 -31.13
C PRO A 1017 -37.83 -22.19 -30.20
N ILE A 1018 -38.67 -23.14 -30.65
CA ILE A 1018 -39.90 -23.47 -29.93
C ILE A 1018 -39.60 -24.00 -28.54
N GLU A 1019 -38.46 -24.68 -28.38
CA GLU A 1019 -38.13 -25.24 -27.08
C GLU A 1019 -37.51 -24.20 -26.15
N PHE A 1020 -37.22 -23.00 -26.67
CA PHE A 1020 -36.92 -21.83 -25.84
C PHE A 1020 -38.02 -20.78 -25.92
N SER A 1021 -39.24 -21.17 -26.29
CA SER A 1021 -40.36 -20.25 -26.44
C SER A 1021 -41.42 -20.45 -25.37
N LYS A 1022 -41.01 -20.68 -24.13
CA LYS A 1022 -41.97 -20.88 -23.05
C LYS A 1022 -42.85 -19.65 -22.85
N GLY A 1023 -42.24 -18.53 -22.48
CA GLY A 1023 -42.96 -17.29 -22.32
C GLY A 1023 -42.19 -16.11 -22.87
N PHE A 1024 -41.39 -16.36 -23.91
CA PHE A 1024 -40.57 -15.31 -24.49
C PHE A 1024 -41.44 -14.26 -25.16
N SER A 1025 -41.10 -13.00 -24.93
CA SER A 1025 -41.76 -11.86 -25.56
C SER A 1025 -40.70 -10.89 -26.03
N LYS A 1026 -40.75 -10.43 -27.27
CA LYS A 1026 -39.67 -9.55 -27.73
C LYS A 1026 -39.80 -8.15 -27.14
N LYS A 1027 -41.01 -7.73 -26.76
CA LYS A 1027 -41.11 -6.43 -26.11
C LYS A 1027 -40.55 -6.47 -24.69
N ARG A 1028 -40.89 -7.50 -23.92
CA ARG A 1028 -40.67 -7.55 -22.49
C ARG A 1028 -39.19 -7.58 -22.10
N ILE A 1029 -38.29 -7.93 -23.01
CA ILE A 1029 -36.89 -8.18 -22.66
C ILE A 1029 -36.08 -6.90 -22.60
N ASP A 1030 -36.75 -5.74 -22.70
CA ASP A 1030 -36.06 -4.45 -22.67
C ASP A 1030 -36.74 -3.54 -21.65
N HIS A 1031 -36.20 -2.33 -21.53
CA HIS A 1031 -36.73 -1.30 -20.63
C HIS A 1031 -37.38 -0.13 -21.36
N ARG A 1032 -36.89 0.19 -22.56
CA ARG A 1032 -37.40 1.38 -23.27
C ARG A 1032 -38.71 1.16 -23.99
N HIS A 1033 -39.17 -0.08 -24.05
CA HIS A 1033 -40.49 -0.33 -24.64
C HIS A 1033 -41.51 0.52 -23.88
N HIS A 1034 -41.32 0.67 -22.56
CA HIS A 1034 -42.21 1.50 -21.78
C HIS A 1034 -42.32 2.90 -22.39
N ALA A 1035 -41.18 3.51 -22.70
CA ALA A 1035 -41.16 4.83 -23.32
C ALA A 1035 -41.75 4.79 -24.72
N LEU A 1036 -41.49 3.72 -25.48
CA LEU A 1036 -42.08 3.60 -26.81
C LEU A 1036 -43.60 3.56 -26.72
N ASP A 1037 -44.13 2.79 -25.77
CA ASP A 1037 -45.57 2.77 -25.54
C ASP A 1037 -46.08 4.14 -25.14
N ALA A 1038 -45.35 4.83 -24.26
CA ALA A 1038 -45.77 6.17 -23.85
C ALA A 1038 -45.87 7.11 -25.05
N LEU A 1039 -44.88 7.05 -25.94
CA LEU A 1039 -44.91 7.88 -27.14
C LEU A 1039 -46.11 7.55 -28.02
N VAL A 1040 -46.34 6.26 -28.29
CA VAL A 1040 -47.42 5.89 -29.20
C VAL A 1040 -48.78 6.23 -28.58
N ILE A 1041 -48.85 6.23 -27.24
CA ILE A 1041 -50.07 6.69 -26.57
C ILE A 1041 -50.24 8.19 -26.73
N ALA A 1042 -49.17 8.95 -26.53
CA ALA A 1042 -49.30 10.41 -26.46
C ALA A 1042 -49.84 10.99 -27.76
N CYS A 1043 -49.32 10.56 -28.90
CA CYS A 1043 -49.76 11.09 -30.19
C CYS A 1043 -51.16 10.63 -30.58
N ALA A 1044 -51.74 9.68 -29.85
CA ALA A 1044 -53.09 9.21 -30.13
C ALA A 1044 -54.10 10.19 -29.55
N THR A 1045 -54.86 10.85 -30.40
CA THR A 1045 -55.83 11.85 -29.97
C THR A 1045 -57.14 11.19 -29.56
N THR A 1046 -58.07 12.03 -29.10
CA THR A 1046 -59.39 11.53 -28.69
C THR A 1046 -60.16 10.96 -29.88
N ASP A 1047 -59.97 11.53 -31.07
CA ASP A 1047 -60.64 11.01 -32.26
C ASP A 1047 -60.21 9.57 -32.55
N HIS A 1048 -58.92 9.28 -32.40
CA HIS A 1048 -58.43 7.92 -32.67
C HIS A 1048 -59.05 6.91 -31.71
N VAL A 1049 -59.07 7.24 -30.42
CA VAL A 1049 -59.60 6.29 -29.43
C VAL A 1049 -61.10 6.14 -29.60
N ASN A 1050 -61.80 7.23 -29.95
CA ASN A 1050 -63.23 7.12 -30.23
C ASN A 1050 -63.48 6.23 -31.43
N LEU A 1051 -62.69 6.40 -32.49
CA LEU A 1051 -62.86 5.60 -33.69
C LEU A 1051 -62.59 4.12 -33.42
N LEU A 1052 -61.55 3.81 -32.65
CA LEU A 1052 -61.15 2.44 -32.42
C LEU A 1052 -61.86 1.79 -31.23
N ASN A 1053 -62.66 2.54 -30.47
CA ASN A 1053 -63.50 1.97 -29.44
C ASN A 1053 -64.96 1.90 -29.84
N ASN A 1054 -65.40 2.73 -30.76
CA ASN A 1054 -66.78 2.76 -31.25
C ASN A 1054 -66.80 2.66 -32.77
N GLN A 1055 -66.06 1.67 -33.30
CA GLN A 1055 -65.98 1.50 -34.75
C GLN A 1055 -67.34 1.19 -35.35
N SER A 1056 -68.26 0.61 -34.56
CA SER A 1056 -69.62 0.39 -35.02
C SER A 1056 -70.28 1.74 -35.34
N ALA A 1057 -70.54 1.98 -36.61
CA ALA A 1057 -71.00 3.28 -37.08
C ALA A 1057 -72.49 3.34 -37.38
N LYS A 1058 -73.09 2.20 -37.76
CA LYS A 1058 -74.49 2.10 -38.16
C LYS A 1058 -74.71 2.77 -39.52
N SER A 1059 -73.67 3.43 -40.04
CA SER A 1059 -73.69 4.07 -41.34
C SER A 1059 -72.27 4.46 -41.73
N ASP A 1060 -71.85 4.10 -42.94
CA ASP A 1060 -70.47 4.36 -43.36
C ASP A 1060 -70.20 5.85 -43.46
N THR A 1061 -71.19 6.63 -43.90
CA THR A 1061 -70.98 8.05 -44.16
C THR A 1061 -70.66 8.82 -42.87
N LYS A 1062 -71.32 8.46 -41.76
CA LYS A 1062 -71.18 9.25 -40.54
C LYS A 1062 -69.75 9.22 -40.01
N ARG A 1063 -69.12 8.04 -40.02
CA ARG A 1063 -67.73 7.91 -39.58
C ARG A 1063 -66.73 8.02 -40.72
N TYR A 1064 -67.21 8.25 -41.95
CA TYR A 1064 -66.30 8.35 -43.08
C TYR A 1064 -65.39 9.58 -42.97
N ASP A 1065 -65.84 10.62 -42.28
CA ASP A 1065 -65.00 11.80 -42.08
C ASP A 1065 -63.75 11.46 -41.30
N LEU A 1066 -63.90 10.68 -40.23
CA LEU A 1066 -62.73 10.25 -39.46
C LEU A 1066 -61.88 9.27 -40.27
N LYS A 1067 -62.53 8.42 -41.08
CA LYS A 1067 -61.79 7.52 -41.95
C LYS A 1067 -60.86 8.30 -42.89
N LYS A 1068 -61.38 9.36 -43.50
CA LYS A 1068 -60.57 10.13 -44.44
C LYS A 1068 -59.55 10.99 -43.71
N LYS A 1069 -59.89 11.50 -42.52
CA LYS A 1069 -58.99 12.38 -41.80
C LYS A 1069 -57.82 11.63 -41.17
N LEU A 1070 -58.02 10.39 -40.74
CA LEU A 1070 -57.01 9.69 -39.96
C LEU A 1070 -56.36 8.51 -40.66
N MET A 1071 -56.98 8.01 -41.73
CA MET A 1071 -56.46 6.84 -42.44
C MET A 1071 -56.28 7.09 -43.92
N LYS A 1072 -55.19 6.56 -44.46
CA LYS A 1072 -54.93 6.72 -45.89
C LYS A 1072 -55.80 5.78 -46.71
N PHE A 1073 -56.28 6.29 -47.85
CA PHE A 1073 -57.12 5.49 -48.75
C PHE A 1073 -56.41 5.19 -50.05
N PRO A 1092 -59.84 2.18 -46.41
CA PRO A 1092 -59.31 2.07 -45.05
C PRO A 1092 -58.13 1.11 -44.95
N LYS A 1093 -56.92 1.60 -45.19
CA LYS A 1093 -55.74 0.76 -45.22
C LYS A 1093 -54.75 1.07 -44.10
N GLN A 1094 -54.23 2.30 -44.05
CA GLN A 1094 -53.23 2.66 -43.05
C GLN A 1094 -53.51 4.06 -42.53
N PHE A 1095 -53.11 4.33 -41.28
CA PHE A 1095 -53.35 5.64 -40.70
C PHE A 1095 -52.25 6.62 -41.05
N LEU A 1096 -52.62 7.89 -41.14
CA LEU A 1096 -51.67 8.95 -41.45
C LEU A 1096 -50.75 9.18 -40.25
N LYS A 1097 -49.48 9.47 -40.56
CA LYS A 1097 -48.51 9.74 -39.51
C LYS A 1097 -48.81 11.09 -38.86
N PRO A 1098 -48.47 11.25 -37.57
CA PRO A 1098 -48.61 12.58 -36.94
C PRO A 1098 -47.84 13.67 -37.67
N TRP A 1099 -46.65 13.35 -38.18
CA TRP A 1099 -45.92 14.24 -39.06
C TRP A 1099 -45.05 13.39 -39.97
N GLU A 1100 -44.41 14.05 -40.95
CA GLU A 1100 -43.68 13.33 -41.99
C GLU A 1100 -42.52 12.54 -41.40
N LYS A 1101 -41.78 13.13 -40.46
CA LYS A 1101 -40.59 12.52 -39.90
C LYS A 1101 -40.85 11.83 -38.56
N PHE A 1102 -42.05 11.25 -38.39
CA PHE A 1102 -42.37 10.59 -37.13
C PHE A 1102 -41.49 9.37 -36.89
N THR A 1103 -41.36 8.49 -37.90
CA THR A 1103 -40.64 7.24 -37.70
C THR A 1103 -39.15 7.49 -37.47
N VAL A 1104 -38.55 8.38 -38.26
CA VAL A 1104 -37.12 8.65 -38.11
C VAL A 1104 -36.84 9.29 -36.76
N ASP A 1105 -37.68 10.25 -36.36
CA ASP A 1105 -37.50 10.90 -35.07
C ASP A 1105 -37.67 9.90 -33.93
N ALA A 1106 -38.65 9.00 -34.04
CA ALA A 1106 -38.86 7.98 -33.02
C ALA A 1106 -37.67 7.04 -32.93
N LYS A 1107 -37.11 6.65 -34.08
CA LYS A 1107 -35.90 5.83 -34.09
C LYS A 1107 -34.76 6.56 -33.38
N HIS A 1108 -34.57 7.84 -33.72
CA HIS A 1108 -33.50 8.64 -33.13
C HIS A 1108 -33.64 8.73 -31.61
N ASN A 1109 -34.86 8.93 -31.12
CA ASN A 1109 -35.06 8.99 -29.67
C ASN A 1109 -34.88 7.63 -29.01
N LEU A 1110 -35.52 6.58 -29.54
CA LEU A 1110 -35.48 5.28 -28.91
C LEU A 1110 -34.06 4.77 -28.78
N GLU A 1111 -33.22 5.01 -29.79
CA GLU A 1111 -31.83 4.60 -29.71
C GLU A 1111 -30.99 5.57 -28.89
N SER A 1112 -31.63 6.57 -28.28
CA SER A 1112 -30.93 7.56 -27.46
C SER A 1112 -31.65 7.78 -26.14
N ILE A 1113 -32.06 6.71 -25.48
CA ILE A 1113 -32.71 6.76 -24.18
C ILE A 1113 -31.85 6.01 -23.18
N ILE A 1114 -31.52 6.66 -22.08
CA ILE A 1114 -30.84 6.01 -20.96
C ILE A 1114 -31.85 5.78 -19.84
N VAL A 1115 -31.81 4.60 -19.24
CA VAL A 1115 -32.83 4.21 -18.28
C VAL A 1115 -32.37 4.56 -16.87
N SER A 1116 -33.25 5.20 -16.11
CA SER A 1116 -32.96 5.61 -14.75
C SER A 1116 -33.54 4.58 -13.78
N PHE A 1117 -32.70 4.10 -12.87
CA PHE A 1117 -33.08 3.05 -11.93
C PHE A 1117 -33.09 3.61 -10.51
N LYS A 1118 -34.22 3.49 -9.83
CA LYS A 1118 -34.32 3.93 -8.45
C LYS A 1118 -33.40 3.10 -7.57
N GLN A 1119 -32.81 3.73 -6.55
CA GLN A 1119 -31.84 3.09 -5.69
C GLN A 1119 -32.31 3.16 -4.24
N ASN A 1120 -31.99 2.11 -3.47
CA ASN A 1120 -32.27 2.05 -2.04
C ASN A 1120 -30.96 1.72 -1.33
N LEU A 1121 -30.20 2.77 -0.98
CA LEU A 1121 -28.95 2.60 -0.26
C LEU A 1121 -29.10 2.92 1.22
N ARG A 1122 -30.34 2.91 1.73
CA ARG A 1122 -30.56 3.14 3.14
C ARG A 1122 -29.81 2.10 3.96
N VAL A 1123 -28.88 2.57 4.79
CA VAL A 1123 -28.08 1.69 5.63
C VAL A 1123 -28.44 1.96 7.09
N ILE A 1124 -28.43 3.23 7.47
CA ILE A 1124 -28.82 3.65 8.81
C ILE A 1124 -29.78 4.82 8.69
N ASN A 1125 -30.63 4.98 9.72
CA ASN A 1125 -31.55 6.10 9.77
C ASN A 1125 -31.84 6.37 11.24
N LYS A 1126 -32.49 7.50 11.53
CA LYS A 1126 -32.77 7.83 12.92
C LYS A 1126 -34.12 7.24 13.33
N ALA A 1127 -34.19 6.78 14.58
CA ALA A 1127 -35.39 6.18 15.13
C ALA A 1127 -35.74 6.86 16.45
N THR A 1128 -37.03 7.11 16.65
CA THR A 1128 -37.54 7.76 17.85
C THR A 1128 -38.18 6.70 18.74
N ASN A 1129 -37.80 6.70 20.02
CA ASN A 1129 -38.28 5.72 20.98
C ASN A 1129 -39.04 6.43 22.09
N TYR A 1130 -40.35 6.21 22.15
CA TYR A 1130 -41.21 6.71 23.21
C TYR A 1130 -41.57 5.56 24.13
N TYR A 1131 -41.41 5.76 25.44
CA TYR A 1131 -41.70 4.70 26.39
C TYR A 1131 -42.39 5.28 27.61
N GLU A 1132 -43.37 4.53 28.13
CA GLU A 1132 -44.09 4.95 29.33
C GLU A 1132 -43.15 4.94 30.53
N LYS A 1133 -43.34 5.92 31.41
CA LYS A 1133 -42.49 6.06 32.59
C LYS A 1133 -43.17 7.01 33.56
N TYR A 1134 -42.91 6.81 34.85
CA TYR A 1134 -43.47 7.65 35.91
C TYR A 1134 -42.54 8.84 36.13
N VAL A 1135 -43.06 10.05 35.87
CA VAL A 1135 -42.29 11.28 35.96
C VAL A 1135 -42.85 12.13 37.11
N GLU A 1136 -41.93 12.80 37.81
CA GLU A 1136 -42.25 13.65 38.96
C GLU A 1136 -42.54 15.07 38.45
N LYS A 1137 -43.80 15.47 38.51
CA LYS A 1137 -44.21 16.82 38.12
C LYS A 1137 -45.17 17.37 39.17
N ASP A 1138 -44.92 18.62 39.59
CA ASP A 1138 -45.78 19.31 40.55
C ASP A 1138 -45.96 18.50 41.83
N GLY A 1139 -44.89 17.84 42.27
CA GLY A 1139 -44.95 17.06 43.49
C GLY A 1139 -45.72 15.78 43.39
N THR A 1140 -46.10 15.35 42.18
CA THR A 1140 -46.87 14.12 42.00
C THR A 1140 -46.25 13.31 40.88
N LYS A 1141 -46.32 11.98 41.02
CA LYS A 1141 -45.82 11.06 39.99
C LYS A 1141 -46.95 10.75 39.02
N ASN A 1142 -46.70 10.92 37.73
CA ASN A 1142 -47.68 10.62 36.70
C ASN A 1142 -47.03 9.78 35.60
N LYS A 1143 -47.80 8.84 35.04
CA LYS A 1143 -47.31 8.04 33.94
C LYS A 1143 -47.43 8.83 32.64
N GLU A 1144 -46.32 8.96 31.93
CA GLU A 1144 -46.29 9.72 30.67
C GLU A 1144 -45.19 9.11 29.80
N ARG A 1145 -45.28 9.43 28.52
CA ARG A 1145 -44.31 8.93 27.59
C ARG A 1145 -43.07 9.80 27.60
N VAL A 1146 -41.92 9.18 27.57
CA VAL A 1146 -40.65 9.89 27.54
C VAL A 1146 -39.89 9.45 26.30
N GLU A 1147 -39.20 10.41 25.67
CA GLU A 1147 -38.38 10.13 24.50
C GLU A 1147 -36.97 9.74 24.92
N GLN A 1148 -36.41 8.77 24.20
CA GLN A 1148 -35.12 8.19 24.57
C GLN A 1148 -34.01 9.23 24.48
N ALA A 1149 -33.11 9.21 25.45
CA ALA A 1149 -31.96 10.11 25.46
C ALA A 1149 -30.80 9.48 24.69
N GLY A 1150 -29.87 10.33 24.26
CA GLY A 1150 -28.71 9.85 23.52
C GLY A 1150 -29.01 9.58 22.06
N THR A 1151 -28.06 8.97 21.35
CA THR A 1151 -28.24 8.66 19.94
C THR A 1151 -28.43 7.15 19.78
N ASN A 1152 -29.25 6.77 18.81
CA ASN A 1152 -29.57 5.36 18.54
C ASN A 1152 -30.05 5.24 17.10
N TRP A 1153 -29.29 4.52 16.29
CA TRP A 1153 -29.58 4.39 14.87
C TRP A 1153 -30.39 3.11 14.62
N ALA A 1154 -31.12 3.12 13.51
CA ALA A 1154 -31.86 1.96 13.04
C ALA A 1154 -31.25 1.50 11.72
N ILE A 1155 -30.85 0.24 11.67
CA ILE A 1155 -30.30 -0.36 10.46
C ILE A 1155 -31.46 -0.71 9.53
N ARG A 1156 -31.36 -0.28 8.27
CA ARG A 1156 -32.45 -0.45 7.32
C ARG A 1156 -32.20 -1.59 6.33
N LYS A 1157 -31.28 -2.49 6.65
CA LYS A 1157 -31.02 -3.67 5.83
C LYS A 1157 -30.82 -4.87 6.72
N PRO A 1158 -31.22 -6.06 6.26
CA PRO A 1158 -30.92 -7.30 7.02
C PRO A 1158 -29.41 -7.50 7.12
N MET A 1159 -28.91 -7.53 8.35
CA MET A 1159 -27.47 -7.52 8.58
C MET A 1159 -26.78 -8.79 8.09
N HIS A 1160 -27.45 -9.93 8.11
CA HIS A 1160 -26.82 -11.19 7.70
C HIS A 1160 -27.90 -12.24 7.49
N LYS A 1161 -27.46 -13.46 7.23
CA LYS A 1161 -28.37 -14.56 6.96
C LYS A 1161 -28.76 -15.26 8.25
N ASP A 1162 -29.93 -15.93 8.21
CA ASP A 1162 -30.50 -16.54 9.40
C ASP A 1162 -29.67 -17.70 9.92
N THR A 1163 -29.14 -18.55 9.04
CA THR A 1163 -28.43 -19.74 9.48
C THR A 1163 -27.14 -19.36 10.19
N VAL A 1164 -26.89 -20.01 11.33
CA VAL A 1164 -25.74 -19.71 12.19
C VAL A 1164 -24.87 -20.94 12.27
N SER A 1165 -23.57 -20.76 12.08
CA SER A 1165 -22.60 -21.84 12.09
C SER A 1165 -21.55 -21.60 13.17
N GLY A 1166 -20.88 -22.68 13.56
CA GLY A 1166 -19.83 -22.60 14.56
C GLY A 1166 -18.47 -22.99 14.01
N LYS A 1167 -17.43 -22.39 14.56
CA LYS A 1167 -16.08 -22.58 14.07
C LYS A 1167 -15.50 -23.89 14.59
N VAL A 1168 -14.82 -24.61 13.72
CA VAL A 1168 -14.14 -25.85 14.07
C VAL A 1168 -12.72 -25.83 13.48
N ASP A 1169 -11.83 -26.59 14.12
CA ASP A 1169 -10.46 -26.74 13.68
C ASP A 1169 -10.17 -28.23 13.48
N LEU A 1170 -9.92 -28.62 12.23
CA LEU A 1170 -9.69 -30.02 11.91
C LEU A 1170 -8.27 -30.24 11.45
N PRO A 1171 -7.46 -31.03 12.17
CA PRO A 1171 -6.08 -31.26 11.73
C PRO A 1171 -5.96 -31.92 10.37
N TRP A 1172 -6.96 -32.70 9.95
CA TRP A 1172 -6.87 -33.50 8.73
C TRP A 1172 -7.33 -32.73 7.50
N VAL A 1173 -7.47 -31.41 7.58
CA VAL A 1173 -7.77 -30.57 6.43
C VAL A 1173 -6.83 -29.37 6.45
N LYS A 1174 -6.45 -28.89 5.26
CA LYS A 1174 -5.60 -27.72 5.15
C LYS A 1174 -6.46 -26.48 4.95
N VAL A 1175 -6.18 -25.44 5.73
CA VAL A 1175 -6.97 -24.21 5.71
C VAL A 1175 -6.13 -23.12 5.05
N PRO A 1176 -6.58 -22.56 3.92
CA PRO A 1176 -5.87 -21.42 3.35
C PRO A 1176 -5.98 -20.20 4.25
N LYS A 1177 -4.95 -19.35 4.19
CA LYS A 1177 -4.93 -18.16 5.01
C LYS A 1177 -6.04 -17.20 4.60
N GLY A 1178 -6.66 -16.56 5.59
CA GLY A 1178 -7.79 -15.69 5.35
C GLY A 1178 -9.13 -16.36 5.28
N LYS A 1179 -9.20 -17.65 5.61
CA LYS A 1179 -10.45 -18.41 5.59
C LYS A 1179 -10.50 -19.30 6.82
N ILE A 1180 -11.73 -19.68 7.22
CA ILE A 1180 -11.93 -20.51 8.40
C ILE A 1180 -12.94 -21.61 8.09
N LEU A 1181 -13.00 -22.58 8.98
CA LEU A 1181 -13.92 -23.71 8.88
C LEU A 1181 -15.09 -23.52 9.84
N THR A 1182 -16.30 -23.57 9.30
CA THR A 1182 -17.52 -23.42 10.08
C THR A 1182 -18.38 -24.67 9.89
N ALA A 1183 -18.88 -25.22 11.01
CA ALA A 1183 -19.65 -26.45 10.97
C ALA A 1183 -21.06 -26.21 11.47
N THR A 1184 -22.03 -26.81 10.77
CA THR A 1184 -23.44 -26.69 11.11
C THR A 1184 -24.09 -28.07 11.11
N ARG A 1185 -25.08 -28.24 11.98
CA ARG A 1185 -25.81 -29.50 12.07
C ARG A 1185 -26.86 -29.58 10.96
N LYS A 1186 -26.91 -30.73 10.30
CA LYS A 1186 -27.85 -30.98 9.23
C LYS A 1186 -28.35 -32.41 9.32
N SER A 1187 -29.57 -32.64 8.83
CA SER A 1187 -30.19 -33.96 8.88
C SER A 1187 -29.46 -34.92 7.94
N LEU A 1188 -29.23 -36.14 8.44
CA LEU A 1188 -28.65 -37.20 7.63
C LEU A 1188 -29.74 -37.81 6.75
N ASP A 1189 -29.67 -37.57 5.45
CA ASP A 1189 -30.75 -37.94 4.55
C ASP A 1189 -30.16 -38.49 3.25
N SER A 1190 -31.01 -38.63 2.24
CA SER A 1190 -30.69 -39.35 1.02
C SER A 1190 -29.68 -38.64 0.12
N SER A 1191 -29.40 -37.37 0.38
CA SER A 1191 -28.46 -36.61 -0.44
C SER A 1191 -27.03 -36.67 0.09
N PHE A 1192 -26.66 -37.75 0.77
CA PHE A 1192 -25.39 -37.87 1.46
C PHE A 1192 -24.54 -38.93 0.77
N ASP A 1193 -23.77 -38.52 -0.23
CA ASP A 1193 -22.90 -39.43 -0.96
C ASP A 1193 -21.47 -39.33 -0.42
N LEU A 1194 -20.54 -40.02 -1.10
CA LEU A 1194 -19.18 -40.15 -0.57
C LEU A 1194 -18.53 -38.79 -0.33
N LYS A 1195 -18.66 -37.88 -1.30
CA LYS A 1195 -18.07 -36.56 -1.14
C LYS A 1195 -18.68 -35.81 0.04
N SER A 1196 -20.00 -35.88 0.18
CA SER A 1196 -20.66 -35.19 1.29
C SER A 1196 -20.42 -35.91 2.61
N ILE A 1197 -20.33 -37.24 2.59
CA ILE A 1197 -19.99 -37.99 3.79
C ILE A 1197 -18.60 -37.62 4.27
N GLY A 1198 -17.67 -37.40 3.35
CA GLY A 1198 -16.36 -36.91 3.71
C GLY A 1198 -16.34 -35.47 4.20
N SER A 1199 -17.43 -34.74 3.99
CA SER A 1199 -17.59 -33.40 4.53
C SER A 1199 -18.33 -33.41 5.87
N ILE A 1200 -18.36 -34.55 6.56
CA ILE A 1200 -18.94 -34.63 7.89
C ILE A 1200 -17.81 -34.58 8.91
N THR A 1201 -17.97 -33.72 9.92
CA THR A 1201 -16.82 -33.32 10.73
C THR A 1201 -16.35 -34.46 11.62
N ASP A 1202 -17.27 -35.33 12.03
CA ASP A 1202 -16.89 -36.46 12.87
C ASP A 1202 -16.27 -37.58 12.05
N THR A 1203 -15.09 -38.02 12.45
CA THR A 1203 -14.40 -39.08 11.74
C THR A 1203 -15.00 -40.46 12.01
N GLY A 1204 -15.39 -40.75 13.26
CA GLY A 1204 -16.02 -42.03 13.54
C GLY A 1204 -17.38 -42.17 12.88
N ILE A 1205 -18.15 -41.08 12.84
CA ILE A 1205 -19.39 -41.09 12.09
C ILE A 1205 -19.12 -41.35 10.62
N GLN A 1206 -18.04 -40.77 10.08
CA GLN A 1206 -17.66 -41.03 8.70
C GLN A 1206 -17.34 -42.51 8.50
N LYS A 1207 -16.59 -43.11 9.43
CA LYS A 1207 -16.25 -44.53 9.32
C LYS A 1207 -17.50 -45.39 9.31
N ILE A 1208 -18.37 -45.21 10.31
CA ILE A 1208 -19.59 -46.02 10.40
C ILE A 1208 -20.47 -45.79 9.18
N LEU A 1209 -20.54 -44.54 8.72
CA LEU A 1209 -21.48 -44.18 7.67
C LEU A 1209 -21.02 -44.72 6.32
N LYS A 1210 -19.71 -44.69 6.06
CA LYS A 1210 -19.20 -45.29 4.84
C LYS A 1210 -19.27 -46.81 4.89
N ASN A 1211 -19.11 -47.39 6.08
CA ASN A 1211 -19.34 -48.82 6.23
C ASN A 1211 -20.76 -49.19 5.84
N TYR A 1212 -21.74 -48.43 6.36
CA TYR A 1212 -23.13 -48.67 5.98
C TYR A 1212 -23.36 -48.47 4.49
N LEU A 1213 -22.81 -47.41 3.92
CA LEU A 1213 -23.06 -47.12 2.52
C LEU A 1213 -22.47 -48.22 1.63
N ALA A 1214 -21.29 -48.74 2.00
CA ALA A 1214 -20.74 -49.90 1.32
C ALA A 1214 -21.66 -51.10 1.48
N PHE A 1215 -22.23 -51.28 2.69
CA PHE A 1215 -23.13 -52.41 2.91
C PHE A 1215 -24.37 -52.36 2.03
N LYS A 1216 -24.81 -51.17 1.62
CA LYS A 1216 -25.96 -51.01 0.72
C LYS A 1216 -25.55 -50.78 -0.72
N ASP A 1217 -24.43 -51.36 -1.14
CA ASP A 1217 -23.96 -51.31 -2.53
C ASP A 1217 -23.68 -49.87 -2.98
N GLY A 1218 -23.36 -48.99 -2.04
CA GLY A 1218 -23.05 -47.60 -2.38
C GLY A 1218 -24.22 -46.82 -2.93
N ASN A 1219 -25.41 -47.02 -2.36
CA ASN A 1219 -26.61 -46.30 -2.76
C ASN A 1219 -27.16 -45.53 -1.58
N PRO A 1220 -26.88 -44.23 -1.45
CA PRO A 1220 -27.41 -43.47 -0.32
C PRO A 1220 -28.94 -43.43 -0.27
N GLU A 1221 -29.61 -43.45 -1.42
CA GLU A 1221 -31.07 -43.39 -1.41
C GLU A 1221 -31.67 -44.59 -0.69
N LEU A 1222 -31.12 -45.79 -0.94
CA LEU A 1222 -31.56 -46.97 -0.20
C LEU A 1222 -31.01 -46.98 1.22
N ALA A 1223 -29.79 -46.44 1.40
CA ALA A 1223 -29.16 -46.49 2.71
C ALA A 1223 -29.76 -45.46 3.66
N PHE A 1224 -30.09 -44.27 3.16
CA PHE A 1224 -30.43 -43.14 4.00
C PHE A 1224 -31.88 -42.71 3.86
N SER A 1225 -32.74 -43.64 3.45
CA SER A 1225 -34.16 -43.46 3.64
C SER A 1225 -34.47 -43.56 5.14
N PRO A 1226 -35.62 -43.04 5.58
CA PRO A 1226 -35.96 -43.17 7.01
C PRO A 1226 -35.93 -44.61 7.50
N GLU A 1227 -36.39 -45.55 6.67
CA GLU A 1227 -36.25 -46.96 7.01
C GLU A 1227 -34.79 -47.37 7.09
N GLY A 1228 -33.97 -46.90 6.14
CA GLY A 1228 -32.55 -47.22 6.19
C GLY A 1228 -31.85 -46.62 7.39
N ILE A 1229 -32.21 -45.38 7.74
CA ILE A 1229 -31.64 -44.74 8.93
C ILE A 1229 -32.05 -45.51 10.18
N ASP A 1230 -33.31 -45.96 10.25
CA ASP A 1230 -33.74 -46.78 11.38
C ASP A 1230 -32.95 -48.07 11.46
N ASP A 1231 -32.74 -48.73 10.31
CA ASP A 1231 -31.97 -49.97 10.29
C ASP A 1231 -30.54 -49.74 10.78
N LEU A 1232 -29.92 -48.64 10.35
CA LEU A 1232 -28.59 -48.29 10.84
C LEU A 1232 -28.61 -48.06 12.35
N ASN A 1233 -29.64 -47.37 12.86
CA ASN A 1233 -29.68 -47.05 14.28
C ASN A 1233 -29.86 -48.31 15.13
N LYS A 1234 -30.70 -49.23 14.67
CA LYS A 1234 -30.93 -50.46 15.43
C LYS A 1234 -29.69 -51.34 15.47
N ASN A 1235 -28.95 -51.42 14.37
CA ASN A 1235 -27.83 -52.34 14.25
C ASN A 1235 -26.51 -51.60 14.11
N ILE A 1236 -26.28 -50.60 14.97
CA ILE A 1236 -25.06 -49.79 14.88
C ILE A 1236 -23.80 -50.61 15.12
N GLU A 1237 -23.91 -51.78 15.75
CA GLU A 1237 -22.71 -52.57 16.04
C GLU A 1237 -22.09 -53.14 14.77
N LYS A 1238 -22.91 -53.59 13.81
CA LYS A 1238 -22.39 -54.26 12.64
C LYS A 1238 -21.85 -53.28 11.59
N TYR A 1239 -21.68 -52.01 11.95
CA TYR A 1239 -20.97 -51.05 11.11
C TYR A 1239 -19.97 -50.22 11.91
N ASN A 1240 -19.89 -50.44 13.21
CA ASN A 1240 -18.92 -49.77 14.07
C ASN A 1240 -17.89 -50.77 14.58
N ASP A 1241 -17.56 -51.76 13.74
CA ASP A 1241 -16.65 -52.85 14.10
C ASP A 1241 -17.09 -53.58 15.36
N GLY A 1242 -18.40 -53.64 15.62
CA GLY A 1242 -18.91 -54.26 16.81
C GLY A 1242 -18.88 -53.40 18.05
N LYS A 1243 -18.45 -52.14 17.94
CA LYS A 1243 -18.32 -51.27 19.10
C LYS A 1243 -19.61 -50.49 19.31
N PRO A 1244 -20.00 -50.23 20.56
CA PRO A 1244 -21.26 -49.53 20.82
C PRO A 1244 -21.14 -48.05 20.52
N HIS A 1245 -22.27 -47.47 20.07
CA HIS A 1245 -22.33 -46.06 19.72
C HIS A 1245 -23.77 -45.59 19.75
N GLN A 1246 -23.96 -44.32 20.08
CA GLN A 1246 -25.30 -43.74 20.15
C GLN A 1246 -25.89 -43.60 18.75
N PRO A 1247 -27.22 -43.54 18.63
CA PRO A 1247 -27.83 -43.37 17.31
C PRO A 1247 -27.47 -42.05 16.64
N ILE A 1248 -27.63 -41.98 15.32
CA ILE A 1248 -27.28 -40.79 14.54
C ILE A 1248 -28.49 -40.40 13.70
N ASN A 1249 -28.88 -39.14 13.81
CA ASN A 1249 -29.92 -38.55 12.97
C ASN A 1249 -29.49 -37.25 12.33
N LYS A 1250 -28.67 -36.46 13.01
CA LYS A 1250 -28.13 -35.21 12.49
C LYS A 1250 -26.63 -35.19 12.73
N VAL A 1251 -25.89 -34.65 11.76
CA VAL A 1251 -24.44 -34.58 11.82
C VAL A 1251 -23.97 -33.18 11.51
N ARG A 1252 -22.80 -32.82 12.05
CA ARG A 1252 -22.24 -31.50 11.80
C ARG A 1252 -21.34 -31.51 10.59
N VAL A 1253 -21.80 -30.96 9.48
CA VAL A 1253 -21.00 -30.85 8.26
C VAL A 1253 -20.27 -29.52 8.29
N PHE A 1254 -19.01 -29.54 7.85
CA PHE A 1254 -18.15 -28.36 7.90
C PHE A 1254 -17.89 -27.83 6.49
N GLU A 1255 -17.71 -26.52 6.42
CA GLU A 1255 -17.46 -25.81 5.18
C GLU A 1255 -16.30 -24.85 5.40
N LEU A 1256 -15.53 -24.61 4.34
CA LEU A 1256 -14.37 -23.73 4.42
C LEU A 1256 -14.68 -22.45 3.65
N GLY A 1257 -14.57 -21.32 4.33
CA GLY A 1257 -14.93 -20.07 3.69
C GLY A 1257 -14.76 -18.90 4.64
N SER A 1258 -15.43 -17.80 4.30
CA SER A 1258 -15.35 -16.55 5.05
C SER A 1258 -16.70 -16.29 5.73
N LYS A 1259 -16.75 -16.57 7.03
CA LYS A 1259 -17.91 -16.27 7.85
C LYS A 1259 -17.48 -15.38 9.01
N PHE A 1260 -18.26 -14.35 9.29
CA PHE A 1260 -17.89 -13.37 10.30
C PHE A 1260 -18.74 -13.53 11.55
N GLN A 1261 -18.18 -13.07 12.67
CA GLN A 1261 -18.87 -13.09 13.95
C GLN A 1261 -20.08 -12.17 13.94
N VAL A 1262 -21.16 -12.60 14.59
CA VAL A 1262 -22.37 -11.80 14.63
C VAL A 1262 -22.19 -10.62 15.58
N GLY A 1263 -21.49 -10.83 16.68
CA GLY A 1263 -21.30 -9.79 17.68
C GLY A 1263 -20.08 -10.01 18.54
N GLN A 1264 -19.94 -9.22 19.60
CA GLN A 1264 -18.78 -9.32 20.48
C GLN A 1264 -19.13 -9.50 21.95
N THR A 1265 -20.40 -9.64 22.31
CA THR A 1265 -20.81 -9.78 23.70
C THR A 1265 -21.25 -11.21 23.99
N GLY A 1266 -20.92 -11.68 25.20
CA GLY A 1266 -21.37 -12.98 25.65
C GLY A 1266 -20.95 -14.10 24.72
N ASN A 1267 -21.93 -14.87 24.27
CA ASN A 1267 -21.69 -15.97 23.34
C ASN A 1267 -21.95 -15.58 21.89
N LYS A 1268 -22.21 -14.31 21.62
CA LYS A 1268 -22.38 -13.85 20.24
C LYS A 1268 -21.07 -14.01 19.49
N LYS A 1269 -19.95 -13.93 20.20
CA LYS A 1269 -18.64 -14.06 19.56
C LYS A 1269 -18.36 -15.47 19.03
N GLY A 1270 -19.27 -16.40 19.27
CA GLY A 1270 -19.17 -17.74 18.73
C GLY A 1270 -20.12 -18.06 17.58
N LYS A 1271 -20.95 -17.11 17.18
CA LYS A 1271 -21.91 -17.31 16.09
C LYS A 1271 -21.32 -16.72 14.83
N TYR A 1272 -21.25 -17.53 13.77
CA TYR A 1272 -20.68 -17.13 12.50
C TYR A 1272 -21.76 -17.16 11.43
N VAL A 1273 -21.95 -16.03 10.74
CA VAL A 1273 -23.03 -15.86 9.79
C VAL A 1273 -22.46 -15.40 8.45
N GLU A 1274 -23.32 -15.41 7.44
CA GLU A 1274 -22.99 -15.00 6.09
C GLU A 1274 -23.79 -13.77 5.70
N ALA A 1275 -23.21 -12.94 4.84
CA ALA A 1275 -23.86 -11.71 4.41
C ALA A 1275 -25.21 -12.01 3.76
N ALA A 1276 -26.21 -11.18 4.08
CA ALA A 1276 -27.56 -11.42 3.61
C ALA A 1276 -27.69 -11.09 2.13
N LYS A 1277 -28.79 -11.55 1.54
CA LYS A 1277 -29.05 -11.31 0.12
C LYS A 1277 -29.23 -9.81 -0.14
N GLY A 1278 -28.55 -9.31 -1.16
CA GLY A 1278 -28.68 -7.92 -1.53
C GLY A 1278 -28.16 -6.94 -0.52
N THR A 1279 -27.08 -7.27 0.17
CA THR A 1279 -26.48 -6.38 1.15
C THR A 1279 -25.03 -6.03 0.83
N ASN A 1280 -24.49 -6.51 -0.28
CA ASN A 1280 -23.19 -6.05 -0.79
C ASN A 1280 -23.45 -4.84 -1.70
N LEU A 1281 -23.51 -3.67 -1.07
CA LEU A 1281 -24.04 -2.48 -1.72
C LEU A 1281 -22.96 -1.55 -2.26
N PHE A 1282 -21.71 -1.69 -1.81
CA PHE A 1282 -20.66 -0.76 -2.22
C PHE A 1282 -19.44 -1.51 -2.73
N PHE A 1283 -18.92 -1.05 -3.87
CA PHE A 1283 -17.81 -1.69 -4.56
C PHE A 1283 -16.79 -0.59 -4.87
N ALA A 1284 -15.69 -0.56 -4.13
CA ALA A 1284 -14.71 0.50 -4.24
C ALA A 1284 -13.71 0.24 -5.36
N VAL A 1285 -13.45 1.29 -6.15
CA VAL A 1285 -12.47 1.29 -7.21
C VAL A 1285 -11.45 2.38 -6.91
N TYR A 1286 -10.20 1.97 -6.69
CA TYR A 1286 -9.06 2.77 -6.29
C TYR A 1286 -8.03 2.83 -7.41
N GLU A 1287 -7.13 3.82 -7.34
CA GLU A 1287 -6.00 3.91 -8.24
C GLU A 1287 -4.73 4.21 -7.48
N ASP A 1288 -3.63 3.55 -7.86
CA ASP A 1288 -2.32 3.88 -7.33
C ASP A 1288 -1.64 4.91 -8.22
N GLU A 1289 -0.58 5.51 -7.69
CA GLU A 1289 0.09 6.61 -8.40
C GLU A 1289 0.56 6.19 -9.79
N LYS A 1290 0.86 4.89 -9.97
CA LYS A 1290 1.30 4.43 -11.28
C LYS A 1290 0.14 4.41 -12.28
N GLY A 1291 -1.01 3.89 -11.86
CA GLY A 1291 -2.18 3.94 -12.72
C GLY A 1291 -3.08 2.71 -12.69
N LYS A 1292 -2.64 1.63 -12.09
CA LYS A 1292 -3.44 0.41 -12.06
C LYS A 1292 -4.65 0.59 -11.14
N ARG A 1293 -5.76 -0.04 -11.52
CA ARG A 1293 -6.98 0.00 -10.74
C ARG A 1293 -7.05 -1.17 -9.77
N SER A 1294 -7.46 -0.87 -8.55
CA SER A 1294 -7.68 -1.88 -7.52
C SER A 1294 -9.15 -1.90 -7.14
N TYR A 1295 -9.67 -3.08 -6.82
CA TYR A 1295 -11.08 -3.26 -6.53
C TYR A 1295 -11.25 -3.88 -5.16
N GLU A 1296 -12.34 -3.52 -4.48
CA GLU A 1296 -12.66 -4.11 -3.19
C GLU A 1296 -14.16 -4.05 -2.98
N THR A 1297 -14.68 -4.95 -2.16
CA THR A 1297 -16.08 -4.93 -1.75
C THR A 1297 -16.13 -4.79 -0.23
N ILE A 1298 -16.72 -3.70 0.25
CA ILE A 1298 -16.83 -3.46 1.68
C ILE A 1298 -18.14 -4.04 2.20
N PRO A 1299 -18.10 -4.87 3.24
CA PRO A 1299 -19.34 -5.43 3.79
C PRO A 1299 -20.19 -4.37 4.47
N LEU A 1300 -21.41 -4.77 4.82
CA LEU A 1300 -22.37 -3.83 5.40
C LEU A 1300 -21.95 -3.40 6.81
N ASN A 1301 -21.12 -4.20 7.48
CA ASN A 1301 -20.68 -3.86 8.83
C ASN A 1301 -19.86 -2.57 8.83
N GLU A 1302 -18.85 -2.49 7.97
CA GLU A 1302 -18.02 -1.30 7.91
C GLU A 1302 -18.80 -0.11 7.36
N VAL A 1303 -19.74 -0.37 6.43
CA VAL A 1303 -20.62 0.70 5.97
C VAL A 1303 -21.40 1.29 7.15
N ILE A 1304 -21.96 0.41 7.99
CA ILE A 1304 -22.74 0.87 9.15
C ILE A 1304 -21.85 1.69 10.08
N GLU A 1305 -20.68 1.17 10.41
CA GLU A 1305 -19.81 1.85 11.36
C GLU A 1305 -19.33 3.19 10.82
N ARG A 1306 -18.92 3.23 9.54
CA ARG A 1306 -18.47 4.47 8.94
C ARG A 1306 -19.58 5.51 8.88
N GLN A 1307 -20.78 5.12 8.44
CA GLN A 1307 -21.89 6.06 8.38
C GLN A 1307 -22.32 6.52 9.77
N LYS A 1308 -22.14 5.67 10.79
CA LYS A 1308 -22.41 6.11 12.15
C LYS A 1308 -21.36 7.13 12.61
N GLN A 1309 -20.11 7.05 12.15
CA GLN A 1309 -19.16 8.07 12.57
C GLN A 1309 -19.15 9.24 11.61
N GLY A 1310 -20.22 9.43 10.85
CA GLY A 1310 -20.33 10.62 10.02
C GLY A 1310 -19.47 10.61 8.78
N LEU A 1311 -18.72 9.54 8.55
CA LEU A 1311 -17.80 9.46 7.43
C LEU A 1311 -18.53 9.05 6.16
N THR A 1312 -17.76 8.91 5.09
CA THR A 1312 -18.28 8.40 3.83
C THR A 1312 -18.41 6.88 3.92
N SER A 1313 -19.35 6.34 3.15
CA SER A 1313 -19.62 4.90 3.19
C SER A 1313 -18.36 4.10 2.86
N VAL A 1314 -17.63 4.53 1.84
CA VAL A 1314 -16.45 3.80 1.36
C VAL A 1314 -15.21 4.57 1.81
N PRO A 1315 -14.17 3.88 2.31
CA PRO A 1315 -12.91 4.58 2.57
C PRO A 1315 -12.35 5.19 1.29
N LEU A 1316 -11.79 6.38 1.42
CA LEU A 1316 -11.28 7.10 0.26
C LEU A 1316 -9.87 6.69 -0.14
N GLU A 1317 -9.23 5.84 0.65
CA GLU A 1317 -7.96 5.24 0.27
C GLU A 1317 -7.91 3.83 0.84
N ASN A 1318 -7.27 2.92 0.10
CA ASN A 1318 -7.13 1.55 0.56
C ASN A 1318 -5.87 1.42 1.40
N GLU A 1319 -5.56 0.19 1.83
CA GLU A 1319 -4.41 -0.03 2.70
C GLU A 1319 -3.11 0.28 1.98
N LYS A 1320 -3.10 0.19 0.65
CA LYS A 1320 -1.90 0.49 -0.12
C LYS A 1320 -1.72 1.98 -0.37
N GLY A 1321 -2.66 2.79 0.11
CA GLY A 1321 -2.60 4.22 -0.13
C GLY A 1321 -3.14 4.65 -1.47
N SER A 1322 -3.70 3.73 -2.25
CA SER A 1322 -4.24 4.07 -3.56
C SER A 1322 -5.47 4.96 -3.42
N ARG A 1323 -5.48 6.05 -4.17
CA ARG A 1323 -6.61 6.98 -4.12
C ARG A 1323 -7.83 6.36 -4.78
N LEU A 1324 -9.01 6.63 -4.20
CA LEU A 1324 -10.25 6.05 -4.68
C LEU A 1324 -10.76 6.81 -5.90
N LEU A 1325 -10.94 6.09 -7.02
CA LEU A 1325 -11.80 6.64 -8.07
C LEU A 1325 -13.20 6.89 -7.52
N PHE A 1326 -13.88 5.83 -7.12
CA PHE A 1326 -15.28 5.96 -6.72
C PHE A 1326 -15.83 4.60 -6.29
N ASP A 1327 -17.06 4.61 -5.82
CA ASP A 1327 -17.75 3.40 -5.40
C ASP A 1327 -18.96 3.14 -6.28
N LEU A 1328 -19.29 1.87 -6.46
CA LEU A 1328 -20.40 1.43 -7.27
C LEU A 1328 -21.44 0.73 -6.40
N SER A 1329 -22.70 0.92 -6.74
CA SER A 1329 -23.83 0.31 -6.07
C SER A 1329 -24.73 -0.33 -7.12
N PRO A 1330 -25.53 -1.32 -6.73
CA PRO A 1330 -26.51 -1.87 -7.68
C PRO A 1330 -27.42 -0.78 -8.21
N ASN A 1331 -27.73 -0.87 -9.51
CA ASN A 1331 -28.51 0.07 -10.31
C ASN A 1331 -27.72 1.33 -10.65
N ASP A 1332 -26.41 1.37 -10.41
CA ASP A 1332 -25.59 2.47 -10.89
C ASP A 1332 -25.45 2.40 -12.41
N LEU A 1333 -24.93 3.47 -12.99
CA LEU A 1333 -24.65 3.53 -14.42
C LEU A 1333 -23.20 3.93 -14.64
N VAL A 1334 -22.54 3.23 -15.55
CA VAL A 1334 -21.16 3.54 -15.93
C VAL A 1334 -21.07 3.58 -17.45
N TYR A 1335 -20.10 4.34 -17.94
CA TYR A 1335 -19.75 4.37 -19.35
C TYR A 1335 -18.46 3.59 -19.55
N VAL A 1336 -18.48 2.66 -20.50
CA VAL A 1336 -17.32 1.83 -20.83
C VAL A 1336 -16.73 2.38 -22.13
N PRO A 1337 -15.64 3.13 -22.09
CA PRO A 1337 -15.08 3.70 -23.32
C PRO A 1337 -14.46 2.65 -24.21
N GLU A 1338 -14.35 3.00 -25.49
CA GLU A 1338 -13.70 2.13 -26.46
C GLU A 1338 -12.23 1.89 -26.08
N ILE A 1339 -11.64 0.91 -26.76
CA ILE A 1339 -10.24 0.56 -26.48
C ILE A 1339 -9.31 1.68 -26.90
N ASP A 1340 -9.74 2.50 -27.89
CA ASP A 1340 -8.87 3.58 -28.37
C ASP A 1340 -9.07 4.88 -27.60
N GLU A 1341 -10.27 5.12 -27.07
CA GLU A 1341 -10.53 6.33 -26.32
C GLU A 1341 -9.70 6.37 -25.04
N ASN A 1342 -9.25 7.56 -24.68
CA ASN A 1342 -8.49 7.81 -23.45
C ASN A 1342 -9.33 8.74 -22.59
N ILE A 1343 -10.13 8.15 -21.69
CA ILE A 1343 -11.07 8.91 -20.87
C ILE A 1343 -10.39 9.13 -19.52
N ASP A 1344 -9.79 10.31 -19.36
CA ASP A 1344 -9.23 10.76 -18.09
C ASP A 1344 -9.86 12.04 -17.58
N SER A 1345 -10.10 13.00 -18.47
CA SER A 1345 -10.82 14.23 -18.15
C SER A 1345 -11.84 14.52 -19.23
N ASN A 1346 -12.59 13.49 -19.63
CA ASN A 1346 -13.53 13.59 -20.74
C ASN A 1346 -14.61 14.63 -20.45
N PHE A 1347 -15.44 14.38 -19.44
CA PHE A 1347 -16.62 15.19 -19.14
C PHE A 1347 -17.40 15.36 -20.46
N VAL A 1348 -17.78 16.58 -20.84
CA VAL A 1348 -18.50 16.90 -22.07
C VAL A 1348 -19.53 15.80 -22.40
N PHE A 1349 -20.37 15.47 -21.42
CA PHE A 1349 -21.40 14.45 -21.59
C PHE A 1349 -22.67 15.01 -22.23
N SER A 1350 -22.55 16.08 -23.01
CA SER A 1350 -23.68 16.59 -23.78
C SER A 1350 -23.83 15.89 -25.13
N ASN A 1351 -22.73 15.49 -25.75
CA ASN A 1351 -22.77 14.84 -27.07
C ASN A 1351 -22.80 13.31 -26.93
N LEU A 1352 -23.77 12.84 -26.15
CA LEU A 1352 -24.03 11.41 -26.00
C LEU A 1352 -24.78 10.93 -27.24
N ASN A 1353 -24.07 10.23 -28.12
CA ASN A 1353 -24.66 9.67 -29.32
C ASN A 1353 -24.93 8.19 -29.12
N LYS A 1354 -25.31 7.52 -30.21
CA LYS A 1354 -25.72 6.12 -30.13
C LYS A 1354 -24.58 5.22 -29.70
N GLU A 1355 -23.38 5.45 -30.23
CA GLU A 1355 -22.21 4.68 -29.81
C GLU A 1355 -21.88 4.94 -28.35
N LYS A 1356 -21.97 6.19 -27.91
CA LYS A 1356 -21.70 6.53 -26.52
C LYS A 1356 -22.73 5.87 -25.59
N ILE A 1357 -24.00 5.89 -25.99
CA ILE A 1357 -25.05 5.40 -25.09
C ILE A 1357 -25.12 3.88 -25.08
N SER A 1358 -24.71 3.24 -26.18
CA SER A 1358 -24.71 1.78 -26.22
C SER A 1358 -23.62 1.17 -25.34
N ARG A 1359 -22.68 1.98 -24.85
CA ARG A 1359 -21.61 1.51 -23.99
C ARG A 1359 -21.86 1.90 -22.54
N ILE A 1360 -23.14 1.92 -22.15
CA ILE A 1360 -23.55 2.23 -20.78
C ILE A 1360 -24.00 0.94 -20.12
N TYR A 1361 -23.40 0.63 -18.98
CA TYR A 1361 -23.67 -0.61 -18.25
C TYR A 1361 -24.13 -0.32 -16.83
N LYS A 1362 -25.09 -1.12 -16.37
CA LYS A 1362 -25.66 -1.02 -15.04
C LYS A 1362 -25.12 -2.14 -14.16
N VAL A 1363 -24.65 -1.77 -12.97
CA VAL A 1363 -24.20 -2.75 -11.98
C VAL A 1363 -25.37 -3.62 -11.55
N GLU A 1364 -25.10 -4.90 -11.32
CA GLU A 1364 -26.14 -5.83 -10.88
C GLU A 1364 -25.83 -6.48 -9.56
N LYS A 1365 -24.58 -6.89 -9.33
CA LYS A 1365 -24.16 -7.46 -8.07
C LYS A 1365 -22.64 -7.43 -7.99
N THR A 1366 -22.13 -7.66 -6.78
CA THR A 1366 -20.69 -7.65 -6.55
C THR A 1366 -20.31 -8.73 -5.54
N SER A 1367 -19.05 -9.14 -5.59
CA SER A 1367 -18.51 -10.11 -4.64
C SER A 1367 -16.99 -10.11 -4.72
N GLY A 1368 -16.32 -10.02 -3.57
CA GLY A 1368 -14.87 -9.95 -3.57
C GLY A 1368 -14.39 -8.76 -4.38
N THR A 1369 -13.66 -9.06 -5.46
CA THR A 1369 -13.23 -8.05 -6.41
C THR A 1369 -13.95 -8.16 -7.75
N GLU A 1370 -15.04 -8.91 -7.80
CA GLU A 1370 -15.80 -9.10 -9.03
C GLU A 1370 -17.04 -8.20 -9.02
N CYS A 1371 -17.32 -7.58 -10.16
CA CYS A 1371 -18.50 -6.76 -10.33
C CYS A 1371 -19.17 -7.18 -11.63
N TYR A 1372 -20.48 -7.39 -11.59
CA TYR A 1372 -21.21 -7.91 -12.74
C TYR A 1372 -22.11 -6.81 -13.31
N PHE A 1373 -22.19 -6.73 -14.62
CA PHE A 1373 -22.86 -5.64 -15.31
C PHE A 1373 -23.83 -6.18 -16.35
N VAL A 1374 -24.89 -5.41 -16.59
CA VAL A 1374 -25.84 -5.70 -17.66
C VAL A 1374 -26.09 -4.39 -18.42
N ARG A 1375 -26.15 -4.47 -19.75
CA ARG A 1375 -26.43 -3.28 -20.53
C ARG A 1375 -27.76 -2.67 -20.10
N GLN A 1376 -27.76 -1.34 -19.94
CA GLN A 1376 -28.85 -0.66 -19.25
C GLN A 1376 -30.18 -0.85 -19.96
N ASP A 1377 -30.16 -1.19 -21.24
CA ASP A 1377 -31.37 -1.37 -22.02
C ASP A 1377 -31.92 -2.80 -21.96
N ILE A 1378 -31.28 -3.69 -21.20
CA ILE A 1378 -31.70 -5.08 -21.09
C ILE A 1378 -32.49 -5.26 -19.81
N ALA A 1379 -33.72 -5.78 -19.94
CA ALA A 1379 -34.53 -6.16 -18.80
C ALA A 1379 -34.53 -7.66 -18.56
N TYR A 1380 -34.84 -8.44 -19.60
CA TYR A 1380 -34.89 -9.90 -19.51
C TYR A 1380 -34.03 -10.49 -20.61
N LEU A 1381 -33.40 -11.63 -20.31
CA LEU A 1381 -32.58 -12.29 -21.31
C LEU A 1381 -33.44 -13.07 -22.31
N ILE A 1382 -32.90 -13.25 -23.51
CA ILE A 1382 -33.58 -14.05 -24.53
C ILE A 1382 -33.74 -15.48 -24.04
N LYS A 1383 -32.69 -15.97 -23.39
CA LYS A 1383 -32.72 -17.32 -22.81
C LYS A 1383 -31.85 -17.30 -21.56
N GLN A 1384 -32.40 -17.73 -20.42
CA GLN A 1384 -31.62 -17.79 -19.21
C GLN A 1384 -30.63 -18.95 -19.30
N TYR A 1385 -29.96 -19.24 -18.18
CA TYR A 1385 -28.95 -20.28 -18.14
C TYR A 1385 -29.50 -21.53 -17.46
N ASP A 1386 -29.20 -22.69 -18.03
CA ASP A 1386 -29.57 -23.98 -17.46
C ASP A 1386 -28.32 -24.85 -17.39
N ALA A 1387 -28.15 -25.55 -16.27
CA ALA A 1387 -26.96 -26.37 -16.08
C ALA A 1387 -26.90 -27.54 -17.04
N LYS A 1388 -28.00 -27.91 -17.67
CA LYS A 1388 -28.02 -29.03 -18.61
C LYS A 1388 -27.40 -28.63 -19.94
N THR A 1389 -28.00 -27.65 -20.61
CA THR A 1389 -27.47 -27.21 -21.91
C THR A 1389 -26.22 -26.36 -21.73
N LYS A 1390 -26.06 -25.71 -20.58
CA LYS A 1390 -24.91 -24.85 -20.29
C LYS A 1390 -24.78 -23.70 -21.29
N ILE A 1391 -25.92 -23.09 -21.61
CA ILE A 1391 -25.95 -21.92 -22.49
C ILE A 1391 -26.86 -20.87 -21.88
N GLY A 1392 -26.63 -19.63 -22.28
CA GLY A 1392 -27.45 -18.52 -21.81
C GLY A 1392 -27.05 -17.23 -22.49
N GLU A 1393 -27.91 -16.22 -22.36
CA GLU A 1393 -27.60 -14.92 -22.93
C GLU A 1393 -26.33 -14.33 -22.34
N LEU A 1394 -26.16 -14.42 -21.02
CA LEU A 1394 -25.00 -13.86 -20.35
C LEU A 1394 -24.35 -14.92 -19.46
N GLU A 1395 -24.15 -16.12 -20.02
CA GLU A 1395 -23.49 -17.22 -19.33
C GLU A 1395 -24.25 -17.64 -18.09
N SER A 1396 -23.55 -18.29 -17.15
CA SER A 1396 -24.21 -18.91 -16.01
C SER A 1396 -24.84 -17.88 -15.07
N GLN A 1397 -24.13 -16.81 -14.76
CA GLN A 1397 -24.61 -15.81 -13.81
C GLN A 1397 -25.74 -14.96 -14.36
N ASN A 1398 -26.05 -15.06 -15.65
CA ASN A 1398 -27.00 -14.20 -16.33
C ASN A 1398 -26.57 -12.74 -16.31
N LYS A 1399 -25.30 -12.50 -15.99
CA LYS A 1399 -24.68 -11.18 -15.96
C LYS A 1399 -23.18 -11.38 -16.14
N LEU A 1400 -22.53 -10.42 -16.77
CA LEU A 1400 -21.14 -10.56 -17.17
C LEU A 1400 -20.24 -9.62 -16.38
N GLN A 1401 -19.01 -10.07 -16.14
CA GLN A 1401 -17.96 -9.21 -15.62
C GLN A 1401 -17.28 -8.41 -16.72
N VAL A 1402 -17.68 -8.61 -17.97
CA VAL A 1402 -17.11 -7.93 -19.13
C VAL A 1402 -18.25 -7.47 -20.03
N THR A 1403 -17.87 -6.79 -21.11
CA THR A 1403 -18.85 -6.36 -22.09
C THR A 1403 -19.37 -7.55 -22.89
N MET A 1404 -20.54 -7.35 -23.51
CA MET A 1404 -21.08 -8.34 -24.43
C MET A 1404 -20.44 -8.27 -25.81
N THR A 1405 -19.89 -7.13 -26.18
CA THR A 1405 -19.34 -6.94 -27.51
C THR A 1405 -18.08 -7.78 -27.70
N ASP A 1406 -17.62 -7.83 -28.96
CA ASP A 1406 -16.59 -8.78 -29.36
C ASP A 1406 -15.26 -8.53 -28.67
N ASP A 1407 -14.95 -7.29 -28.28
CA ASP A 1407 -13.69 -7.04 -27.59
C ASP A 1407 -13.63 -7.78 -26.26
N ARG A 1408 -14.77 -7.93 -25.59
CA ARG A 1408 -14.86 -8.64 -24.32
C ARG A 1408 -13.83 -8.11 -23.32
N ILE A 1409 -13.98 -6.83 -23.00
CA ILE A 1409 -13.04 -6.13 -22.14
C ILE A 1409 -13.61 -6.08 -20.73
N ARG A 1410 -12.73 -6.29 -19.75
CA ARG A 1410 -13.08 -6.08 -18.35
C ARG A 1410 -13.74 -4.72 -18.18
N ILE A 1411 -14.98 -4.71 -17.70
CA ILE A 1411 -15.70 -3.44 -17.56
C ILE A 1411 -15.07 -2.62 -16.44
N THR A 1412 -14.66 -3.28 -15.36
CA THR A 1412 -14.18 -2.56 -14.18
C THR A 1412 -12.83 -1.88 -14.40
N ASP A 1413 -12.12 -2.19 -15.48
CA ASP A 1413 -10.77 -1.64 -15.62
C ASP A 1413 -10.76 -0.31 -16.38
N THR A 1414 -11.87 0.02 -17.04
CA THR A 1414 -11.91 1.24 -17.84
C THR A 1414 -13.21 2.03 -17.66
N CYS A 1415 -14.17 1.54 -16.87
CA CYS A 1415 -15.46 2.20 -16.78
C CYS A 1415 -15.34 3.49 -15.97
N VAL A 1416 -16.25 4.42 -16.26
CA VAL A 1416 -16.34 5.68 -15.54
C VAL A 1416 -17.77 5.86 -15.05
N LYS A 1417 -17.93 6.09 -13.75
CA LYS A 1417 -19.26 6.25 -13.16
C LYS A 1417 -19.93 7.50 -13.69
N ILE A 1418 -21.25 7.42 -13.89
CA ILE A 1418 -22.02 8.57 -14.33
C ILE A 1418 -23.22 8.74 -13.41
N ASN A 1419 -23.89 9.88 -13.53
CA ASN A 1419 -25.01 10.24 -12.68
C ASN A 1419 -26.14 10.80 -13.51
N CYS A 1420 -27.31 10.19 -13.42
CA CYS A 1420 -28.50 10.65 -14.13
C CYS A 1420 -29.58 11.03 -13.13
N ASP A 1421 -30.54 11.82 -13.60
CA ASP A 1421 -31.67 12.21 -12.79
C ASP A 1421 -32.87 11.30 -13.11
N ARG A 1422 -34.04 11.65 -12.57
CA ARG A 1422 -35.23 10.84 -12.80
C ARG A 1422 -35.58 10.77 -14.28
N LEU A 1423 -35.24 11.81 -15.05
CA LEU A 1423 -35.58 11.89 -16.46
C LEU A 1423 -34.52 11.29 -17.37
N GLY A 1424 -33.46 10.70 -16.79
CA GLY A 1424 -32.38 10.19 -17.60
C GLY A 1424 -31.56 11.26 -18.30
N ASN A 1425 -31.25 12.35 -17.61
CA ASN A 1425 -30.37 13.39 -18.15
C ASN A 1425 -29.08 13.39 -17.34
N ILE A 1426 -27.95 13.35 -18.04
CA ILE A 1426 -26.66 13.23 -17.37
C ILE A 1426 -26.37 14.48 -16.56
N ASN A 1427 -25.68 14.29 -15.43
CA ASN A 1427 -25.30 15.38 -14.53
C ASN A 1427 -23.78 15.40 -14.40
N PHE A 1428 -23.18 16.56 -14.69
CA PHE A 1428 -21.74 16.71 -14.70
C PHE A 1428 -21.39 18.11 -14.22
N ILE A 1429 -20.15 18.28 -13.73
CA ILE A 1429 -19.74 19.58 -13.22
C ILE A 1429 -19.62 20.59 -14.35
N THR A 1430 -20.07 21.81 -14.08
CA THR A 1430 -19.97 22.92 -15.03
C THR A 1430 -19.54 24.17 -14.27
N LYS A 1431 -19.21 25.22 -15.01
CA LYS A 1431 -18.77 26.45 -14.38
C LYS A 1431 -19.86 26.94 -13.45
N GLU A 1432 -21.06 27.09 -13.99
CA GLU A 1432 -22.17 27.58 -13.17
C GLU A 1432 -22.31 26.76 -11.90
N LYS A 1433 -22.10 25.45 -11.99
CA LYS A 1433 -22.25 24.59 -10.85
C LYS A 1433 -21.18 24.93 -9.85
N ILE A 1434 -19.95 25.02 -10.33
CA ILE A 1434 -18.84 25.37 -9.44
C ILE A 1434 -19.11 26.70 -8.76
N LYS A 1435 -19.64 27.66 -9.51
CA LYS A 1435 -20.00 28.95 -8.91
C LYS A 1435 -21.02 28.77 -7.81
N GLN A 1436 -22.03 27.92 -8.04
CA GLN A 1436 -23.12 27.79 -7.09
C GLN A 1436 -22.72 27.00 -5.85
N ILE A 1437 -21.78 26.07 -5.96
CA ILE A 1437 -21.32 25.31 -4.80
C ILE A 1437 -21.15 26.22 -3.62
N PHE A 1438 -20.37 27.28 -3.81
CA PHE A 1438 -20.09 28.24 -2.76
C PHE A 1438 -20.74 29.60 -3.01
N ASN A 1439 -21.65 29.70 -3.98
CA ASN A 1439 -22.62 30.79 -3.98
C ASN A 1439 -23.72 30.51 -2.95
N GLU A 1440 -24.15 29.25 -2.85
CA GLU A 1440 -25.12 28.88 -1.83
C GLU A 1440 -24.57 29.12 -0.43
N PHE A 1441 -23.24 29.05 -0.27
CA PHE A 1441 -22.62 29.46 0.97
C PHE A 1441 -22.26 30.93 1.00
N ARG A 1442 -22.42 31.64 -0.11
CA ARG A 1442 -22.03 33.04 -0.16
C ARG A 1442 -23.16 33.91 0.39
N MET B 1 51.24 7.41 43.17
CA MET B 1 51.16 5.95 43.14
C MET B 1 50.15 5.48 42.09
N ILE B 2 49.15 6.30 41.80
CA ILE B 2 48.13 5.88 40.86
C ILE B 2 48.56 6.31 39.45
N LYS B 3 48.51 5.38 38.51
CA LYS B 3 48.99 5.66 37.15
C LYS B 3 47.96 5.25 36.12
N ASN B 4 47.67 6.17 35.19
CA ASN B 4 46.75 5.90 34.10
C ASN B 4 47.53 5.33 32.92
N ILE B 5 47.10 4.19 32.40
CA ILE B 5 47.83 3.44 31.40
C ILE B 5 46.93 3.24 30.20
N LEU B 6 47.43 3.59 29.02
CA LEU B 6 46.75 3.34 27.75
C LEU B 6 47.55 2.30 26.97
N GLY B 7 46.97 1.12 26.80
CA GLY B 7 47.59 0.06 26.03
C GLY B 7 46.95 -0.04 24.65
N LEU B 8 47.79 -0.04 23.62
CA LEU B 8 47.35 -0.10 22.24
C LEU B 8 48.00 -1.25 21.50
N ALA B 9 47.16 -2.03 20.83
CA ALA B 9 47.60 -3.11 19.95
C ALA B 9 47.18 -2.74 18.52
N LEU B 10 48.14 -2.73 17.61
CA LEU B 10 47.92 -2.23 16.26
C LEU B 10 47.99 -3.38 15.28
N GLY B 11 46.95 -3.52 14.46
CA GLY B 11 46.89 -4.54 13.44
C GLY B 11 46.78 -3.96 12.04
N THR B 12 46.53 -4.85 11.08
CA THR B 12 46.38 -4.41 9.69
C THR B 12 45.13 -3.54 9.54
N ASN B 13 44.04 -3.90 10.21
CA ASN B 13 42.82 -3.10 10.16
C ASN B 13 42.15 -3.04 11.52
N SER B 14 42.91 -3.19 12.60
CA SER B 14 42.33 -3.30 13.93
C SER B 14 43.12 -2.45 14.91
N ILE B 15 42.39 -1.72 15.75
CA ILE B 15 42.98 -1.00 16.87
C ILE B 15 42.39 -1.53 18.16
N GLY B 16 43.22 -2.12 19.01
CA GLY B 16 42.79 -2.57 20.31
C GLY B 16 43.25 -1.57 21.37
N TRP B 17 42.28 -0.96 22.04
CA TRP B 17 42.54 0.10 23.01
C TRP B 17 42.06 -0.32 24.39
N ALA B 18 42.89 -0.03 25.40
CA ALA B 18 42.53 -0.30 26.78
C ALA B 18 43.07 0.80 27.67
N LEU B 19 42.28 1.23 28.64
CA LEU B 19 42.67 2.25 29.60
C LEU B 19 42.40 1.72 31.00
N VAL B 20 43.46 1.70 31.82
CA VAL B 20 43.45 1.10 33.15
C VAL B 20 44.13 2.05 34.13
N LYS B 21 43.78 1.91 35.42
CA LYS B 21 44.23 2.85 36.46
C LYS B 21 44.86 2.02 37.57
N GLN B 22 46.20 1.95 37.58
CA GLN B 22 46.92 0.92 38.29
C GLN B 22 47.66 1.45 39.52
N ASP B 23 47.66 0.61 40.58
CA ASP B 23 48.58 0.67 41.72
C ASP B 23 49.33 -0.66 41.72
N PHE B 24 50.51 -0.71 41.11
CA PHE B 24 51.31 -1.92 41.19
C PHE B 24 51.87 -2.14 42.59
N GLU B 25 52.23 -1.05 43.29
CA GLU B 25 52.86 -1.18 44.61
C GLU B 25 51.90 -1.74 45.66
N ASN B 26 50.65 -1.29 45.66
CA ASN B 26 49.66 -1.75 46.62
C ASN B 26 48.85 -2.92 46.09
N LYS B 27 49.21 -3.41 44.91
CA LYS B 27 48.63 -4.60 44.32
C LYS B 27 47.14 -4.39 44.05
N GLN B 28 46.81 -3.23 43.49
CA GLN B 28 45.45 -2.83 43.20
C GLN B 28 45.34 -2.37 41.74
N GLY B 29 44.17 -1.89 41.36
CA GLY B 29 43.94 -1.36 40.04
C GLY B 29 42.63 -1.88 39.47
N GLU B 30 42.16 -1.22 38.42
CA GLU B 30 40.92 -1.61 37.76
C GLU B 30 40.89 -1.11 36.32
N ILE B 31 40.20 -1.84 35.44
CA ILE B 31 40.07 -1.44 34.04
C ILE B 31 38.95 -0.41 33.95
N LEU B 32 39.27 0.72 33.31
CA LEU B 32 38.28 1.76 33.10
C LEU B 32 37.57 1.50 31.80
N GLY B 33 38.32 1.13 30.76
CA GLY B 33 37.73 0.95 29.45
C GLY B 33 38.52 0.02 28.58
N MET B 34 37.81 -0.65 27.67
CA MET B 34 38.42 -1.50 26.66
C MET B 34 37.57 -1.44 25.40
N GLY B 35 38.20 -1.70 24.26
CA GLY B 35 37.46 -1.71 23.02
C GLY B 35 38.36 -2.07 21.85
N SER B 36 37.71 -2.35 20.72
CA SER B 36 38.41 -2.66 19.48
C SER B 36 37.69 -1.99 18.33
N ARG B 37 38.45 -1.29 17.50
CA ARG B 37 37.95 -0.60 16.32
C ARG B 37 38.41 -1.36 15.09
N ILE B 38 37.48 -1.62 14.17
CA ILE B 38 37.73 -2.45 13.00
C ILE B 38 37.45 -1.63 11.75
N ILE B 39 38.38 -1.66 10.79
CA ILE B 39 38.20 -1.03 9.49
C ILE B 39 37.93 -2.14 8.48
N PRO B 40 36.71 -2.26 7.95
CA PRO B 40 36.39 -3.41 7.10
C PRO B 40 36.99 -3.28 5.70
N MET B 41 37.78 -4.29 5.32
CA MET B 41 38.11 -4.53 3.92
C MET B 41 38.29 -6.03 3.75
N SER B 42 38.06 -6.52 2.53
CA SER B 42 38.03 -7.95 2.30
C SER B 42 39.42 -8.56 2.49
N GLN B 43 39.44 -9.87 2.79
CA GLN B 43 40.69 -10.58 2.98
C GLN B 43 41.51 -10.66 1.70
N ASP B 44 40.90 -10.34 0.55
CA ASP B 44 41.67 -10.24 -0.69
C ASP B 44 42.78 -9.21 -0.54
N ILE B 45 42.47 -8.03 0.01
CA ILE B 45 43.49 -7.02 0.24
C ILE B 45 44.52 -7.53 1.23
N LEU B 46 44.07 -8.24 2.27
CA LEU B 46 45.00 -8.75 3.28
C LEU B 46 45.99 -9.73 2.68
N GLY B 47 45.54 -10.60 1.78
CA GLY B 47 46.45 -11.51 1.11
C GLY B 47 47.22 -10.90 -0.03
N ASP B 48 46.77 -9.75 -0.53
CA ASP B 48 47.42 -9.09 -1.66
C ASP B 48 48.53 -8.13 -1.26
N PHE B 49 48.36 -7.38 -0.17
CA PHE B 49 49.37 -6.36 0.14
C PHE B 49 50.67 -6.98 0.63
N GLY B 50 50.62 -8.23 1.11
CA GLY B 50 51.86 -8.92 1.45
C GLY B 50 52.77 -9.12 0.25
N LYS B 51 52.18 -9.39 -0.90
CA LYS B 51 52.92 -9.51 -2.15
C LYS B 51 52.82 -8.26 -3.03
N GLY B 52 51.66 -7.62 -3.07
CA GLY B 52 51.51 -6.37 -3.78
C GLY B 52 50.98 -6.53 -5.19
N ASN B 53 49.72 -6.17 -5.42
CA ASN B 53 49.15 -6.17 -6.76
C ASN B 53 48.09 -5.06 -6.81
N SER B 54 48.52 -3.86 -7.22
CA SER B 54 47.64 -2.71 -7.37
C SER B 54 46.73 -2.52 -6.15
N VAL B 55 47.30 -2.60 -4.95
CA VAL B 55 46.49 -2.59 -3.72
C VAL B 55 46.29 -1.13 -3.36
N SER B 56 45.36 -0.49 -4.07
CA SER B 56 44.92 0.88 -3.80
C SER B 56 43.68 1.21 -4.62
N GLN B 57 42.65 1.78 -4.02
CA GLN B 57 41.51 2.21 -4.84
C GLN B 57 41.87 3.48 -5.53
N THR B 58 42.78 4.26 -4.95
CA THR B 58 43.25 5.46 -5.63
C THR B 58 43.83 5.12 -7.00
N ALA B 59 44.60 4.04 -7.09
CA ALA B 59 45.18 3.63 -8.37
C ALA B 59 44.08 3.26 -9.36
N GLU B 60 43.03 2.59 -8.88
CA GLU B 60 41.92 2.22 -9.77
C GLU B 60 41.18 3.46 -10.27
N ARG B 61 40.97 4.43 -9.37
CA ARG B 61 40.37 5.69 -9.78
C ARG B 61 41.25 6.40 -10.81
N THR B 62 42.56 6.38 -10.61
CA THR B 62 43.48 6.98 -11.57
C THR B 62 43.40 6.30 -12.92
N LYS B 63 43.29 4.97 -12.93
CA LYS B 63 43.18 4.24 -14.19
C LYS B 63 41.92 4.62 -14.95
N TYR B 64 40.78 4.66 -14.24
CA TYR B 64 39.54 5.10 -14.89
C TYR B 64 39.66 6.53 -15.39
N ARG B 65 40.27 7.41 -14.60
CA ARG B 65 40.44 8.79 -15.03
C ARG B 65 41.26 8.88 -16.31
N SER B 66 42.36 8.14 -16.37
CA SER B 66 43.22 8.16 -17.55
C SER B 66 42.48 7.65 -18.78
N VAL B 67 41.72 6.56 -18.64
CA VAL B 67 40.97 6.02 -19.76
C VAL B 67 39.95 7.05 -20.25
N ARG B 68 39.20 7.64 -19.32
CA ARG B 68 38.25 8.68 -19.70
C ARG B 68 38.96 9.81 -20.45
N ARG B 69 40.07 10.30 -19.89
CA ARG B 69 40.77 11.46 -20.45
C ARG B 69 41.23 11.18 -21.87
N LEU B 70 41.77 9.99 -22.11
CA LEU B 70 42.10 9.59 -23.47
C LEU B 70 40.87 9.63 -24.36
N ARG B 71 39.73 9.21 -23.82
CA ARG B 71 38.50 9.21 -24.62
C ARG B 71 38.09 10.63 -25.01
N GLU B 72 38.11 11.56 -24.05
CA GLU B 72 37.69 12.92 -24.40
C GLU B 72 38.71 13.59 -25.31
N ARG B 73 39.99 13.20 -25.22
CA ARG B 73 40.97 13.79 -26.13
C ARG B 73 40.77 13.29 -27.56
N PHE B 74 40.43 12.00 -27.72
CA PHE B 74 40.04 11.53 -29.05
C PHE B 74 38.81 12.28 -29.56
N LEU B 75 37.83 12.47 -28.68
CA LEU B 75 36.64 13.22 -29.07
C LEU B 75 36.98 14.63 -29.51
N LEU B 76 37.85 15.31 -28.77
CA LEU B 76 38.26 16.68 -29.12
C LEU B 76 38.96 16.72 -30.47
N ARG B 77 39.84 15.75 -30.73
CA ARG B 77 40.48 15.68 -32.04
C ARG B 77 39.44 15.57 -33.15
N ARG B 78 38.51 14.64 -33.02
CA ARG B 78 37.47 14.50 -34.02
C ARG B 78 36.65 15.76 -34.14
N GLU B 79 36.48 16.47 -33.03
CA GLU B 79 35.65 17.66 -33.01
C GLU B 79 36.28 18.78 -33.84
N ARG B 80 37.57 19.02 -33.60
CA ARG B 80 38.30 20.00 -34.39
C ARG B 80 38.34 19.59 -35.86
N LEU B 81 38.41 18.27 -36.12
CA LEU B 81 38.33 17.82 -37.50
C LEU B 81 37.00 18.17 -38.15
N HIS B 82 35.89 17.95 -37.44
CA HIS B 82 34.59 18.39 -37.95
C HIS B 82 34.59 19.88 -38.26
N ARG B 83 35.08 20.71 -37.33
CA ARG B 83 35.05 22.15 -37.55
C ARG B 83 35.85 22.53 -38.80
N VAL B 84 37.07 22.03 -38.90
CA VAL B 84 37.93 22.40 -40.03
C VAL B 84 37.33 21.92 -41.35
N LEU B 85 36.86 20.67 -41.39
CA LEU B 85 36.32 20.12 -42.63
C LEU B 85 35.03 20.83 -43.04
N TYR B 86 34.21 21.24 -42.06
CA TYR B 86 33.03 22.01 -42.38
C TYR B 86 33.40 23.36 -42.97
N ILE B 87 34.46 23.97 -42.45
CA ILE B 87 34.95 25.21 -43.06
C ILE B 87 35.39 24.96 -44.50
N LEU B 88 36.11 23.85 -44.73
CA LEU B 88 36.62 23.54 -46.06
C LEU B 88 35.53 23.14 -47.05
N ASN B 89 34.28 22.97 -46.60
CA ASN B 89 33.18 22.50 -47.44
C ASN B 89 33.51 21.10 -47.99
N PHE B 90 33.90 20.21 -47.07
CA PHE B 90 34.26 18.84 -47.43
C PHE B 90 33.27 17.81 -46.92
N LEU B 91 32.68 18.03 -45.75
CA LEU B 91 31.68 17.12 -45.23
C LEU B 91 30.45 17.09 -46.14
N PRO B 92 29.80 15.95 -46.29
CA PRO B 92 28.60 15.89 -47.14
C PRO B 92 27.42 16.60 -46.49
N GLU B 93 26.49 17.03 -47.34
CA GLU B 93 25.35 17.82 -46.88
C GLU B 93 24.53 17.06 -45.84
N HIS B 94 24.19 15.80 -46.14
CA HIS B 94 23.37 15.02 -45.22
C HIS B 94 24.09 14.82 -43.88
N TYR B 95 25.39 14.55 -43.92
CA TYR B 95 26.14 14.39 -42.68
C TYR B 95 26.24 15.70 -41.93
N ALA B 96 26.82 16.73 -42.56
CA ALA B 96 27.06 18.00 -41.89
C ALA B 96 25.77 18.67 -41.42
N SER B 97 24.63 18.25 -41.97
CA SER B 97 23.36 18.78 -41.49
C SER B 97 23.11 18.46 -40.02
N GLN B 98 23.64 17.33 -39.54
CA GLN B 98 23.37 16.86 -38.18
C GLN B 98 24.53 17.10 -37.21
N ILE B 99 25.42 18.04 -37.52
CA ILE B 99 26.46 18.49 -36.58
C ILE B 99 26.20 19.94 -36.22
N ASP B 100 26.17 20.22 -34.92
CA ASP B 100 26.06 21.60 -34.44
C ASP B 100 27.38 22.32 -34.62
N PHE B 101 27.33 23.55 -35.12
CA PHE B 101 28.52 24.37 -35.29
C PHE B 101 28.39 25.74 -34.67
N GLU B 102 27.34 25.99 -33.89
CA GLU B 102 27.11 27.31 -33.29
C GLU B 102 27.26 27.29 -31.78
N LYS B 103 26.52 26.43 -31.08
CA LYS B 103 26.58 26.37 -29.62
C LYS B 103 27.49 25.24 -29.15
N ARG B 104 27.22 24.02 -29.59
CA ARG B 104 28.13 22.89 -29.34
C ARG B 104 29.01 22.76 -30.59
N LEU B 105 30.21 23.33 -30.49
CA LEU B 105 31.07 23.45 -31.65
C LEU B 105 31.51 22.08 -32.17
N GLY B 106 30.90 21.66 -33.28
CA GLY B 106 31.24 20.42 -33.93
C GLY B 106 30.57 19.17 -33.39
N LYS B 107 29.77 19.28 -32.33
CA LYS B 107 29.13 18.10 -31.78
C LYS B 107 27.92 17.70 -32.60
N PHE B 108 27.58 16.42 -32.56
CA PHE B 108 26.35 15.95 -33.18
C PHE B 108 25.15 16.52 -32.45
N LYS B 109 24.09 16.80 -33.20
CA LYS B 109 22.84 17.19 -32.57
C LYS B 109 22.33 16.05 -31.69
N VAL B 110 21.72 16.43 -30.56
CA VAL B 110 21.38 15.45 -29.53
C VAL B 110 20.39 14.43 -30.09
N GLU B 111 20.56 13.18 -29.69
CA GLU B 111 19.72 12.06 -30.12
C GLU B 111 19.82 11.82 -31.62
N THR B 112 21.03 11.99 -32.15
CA THR B 112 21.31 11.66 -33.54
C THR B 112 22.64 10.92 -33.61
N GLU B 113 22.71 9.93 -34.51
CA GLU B 113 23.94 9.17 -34.75
C GLU B 113 24.19 9.08 -36.25
N PRO B 114 24.62 10.17 -36.88
CA PRO B 114 24.85 10.15 -38.32
C PRO B 114 26.09 9.36 -38.69
N LYS B 115 26.06 8.80 -39.90
CA LYS B 115 27.22 8.16 -40.51
C LYS B 115 27.55 8.89 -41.79
N LEU B 116 28.83 9.06 -42.07
CA LEU B 116 29.26 9.94 -43.16
C LEU B 116 28.78 9.43 -44.51
N VAL B 117 28.76 8.12 -44.71
CA VAL B 117 28.46 7.56 -46.02
C VAL B 117 27.04 7.05 -46.15
N TRP B 118 26.43 6.54 -45.08
CA TRP B 118 25.12 5.94 -45.14
C TRP B 118 24.08 7.06 -45.08
N LYS B 119 23.56 7.44 -46.25
CA LYS B 119 22.56 8.49 -46.36
C LYS B 119 21.19 7.89 -46.16
N ASN B 120 20.38 8.52 -45.31
CA ASN B 120 19.04 8.04 -44.99
C ASN B 120 18.03 8.86 -45.77
N THR B 121 17.28 8.20 -46.65
CA THR B 121 16.17 8.82 -47.37
C THR B 121 14.92 7.96 -47.20
N ASP B 122 13.82 8.59 -46.80
CA ASP B 122 12.55 7.94 -46.48
C ASP B 122 12.75 6.63 -45.71
N GLY B 123 13.61 6.69 -44.69
CA GLY B 123 13.81 5.57 -43.81
C GLY B 123 14.67 4.45 -44.35
N GLN B 124 15.27 4.67 -45.52
CA GLN B 124 16.13 3.68 -46.12
C GLN B 124 17.55 4.21 -46.12
N PHE B 125 18.51 3.30 -46.02
CA PHE B 125 19.92 3.71 -46.02
C PHE B 125 20.58 3.32 -47.33
N SER B 126 21.33 4.26 -47.92
CA SER B 126 22.02 4.03 -49.17
C SER B 126 23.47 4.44 -49.05
N PHE B 127 24.33 3.76 -49.80
CA PHE B 127 25.75 4.12 -49.83
C PHE B 127 25.93 5.40 -50.63
N LEU B 128 27.02 6.10 -50.36
CA LEU B 128 27.24 7.38 -51.02
C LEU B 128 28.29 7.29 -52.11
N PHE B 129 29.28 6.43 -51.95
CA PHE B 129 30.40 6.37 -52.87
C PHE B 129 30.20 5.13 -53.73
N GLN B 130 29.34 5.25 -54.74
CA GLN B 130 29.04 4.12 -55.61
C GLN B 130 30.16 3.87 -56.62
N ASN B 131 30.75 4.93 -57.18
CA ASN B 131 31.74 4.74 -58.23
C ASN B 131 33.00 4.06 -57.70
N SER B 132 33.49 4.49 -56.53
CA SER B 132 34.63 3.83 -55.92
C SER B 132 34.29 2.39 -55.54
N PHE B 133 33.06 2.16 -55.11
CA PHE B 133 32.62 0.79 -54.83
C PHE B 133 32.69 -0.08 -56.08
N ASN B 134 32.22 0.44 -57.21
CA ASN B 134 32.28 -0.33 -58.45
C ASN B 134 33.72 -0.54 -58.90
N GLU B 135 34.58 0.45 -58.69
CA GLU B 135 36.00 0.27 -59.02
C GLU B 135 36.64 -0.81 -58.16
N MET B 136 36.30 -0.85 -56.88
CA MET B 136 36.83 -1.89 -56.01
C MET B 136 36.29 -3.27 -56.40
N LEU B 137 35.03 -3.34 -56.82
CA LEU B 137 34.50 -4.59 -57.35
C LEU B 137 35.23 -5.03 -58.61
N GLU B 138 35.53 -4.08 -59.49
CA GLU B 138 36.33 -4.42 -60.68
C GLU B 138 37.70 -4.92 -60.30
N ASP B 139 38.33 -4.30 -59.30
CA ASP B 139 39.63 -4.77 -58.83
C ASP B 139 39.55 -6.19 -58.28
N PHE B 140 38.50 -6.48 -57.51
CA PHE B 140 38.32 -7.83 -56.98
C PHE B 140 38.06 -8.83 -58.09
N LYS B 141 37.28 -8.44 -59.10
CA LYS B 141 37.02 -9.32 -60.23
C LYS B 141 38.31 -9.63 -60.98
N ALA B 142 39.16 -8.62 -61.17
CA ALA B 142 40.48 -8.86 -61.75
C ALA B 142 41.27 -9.82 -60.89
N ALA B 143 41.23 -9.63 -59.57
CA ALA B 143 41.80 -10.62 -58.66
C ALA B 143 41.00 -11.91 -58.63
N GLY B 144 39.73 -11.87 -59.02
CA GLY B 144 38.91 -13.07 -59.12
C GLY B 144 38.65 -13.78 -57.81
N GLN B 145 37.92 -13.12 -56.90
CA GLN B 145 37.57 -13.72 -55.62
C GLN B 145 36.06 -13.91 -55.49
N GLU B 146 35.29 -12.82 -55.54
CA GLU B 146 33.83 -12.87 -55.46
C GLU B 146 33.28 -11.64 -56.17
N LEU B 147 31.98 -11.40 -55.96
CA LEU B 147 31.32 -10.20 -56.45
C LEU B 147 30.37 -9.61 -55.40
N LYS B 148 30.36 -10.17 -54.19
CA LYS B 148 29.52 -9.70 -53.09
C LYS B 148 30.42 -9.40 -51.90
N ILE B 149 30.68 -8.12 -51.66
CA ILE B 149 31.57 -7.70 -50.58
C ILE B 149 30.96 -6.50 -49.87
N PRO B 150 31.31 -6.31 -48.60
CA PRO B 150 30.74 -5.20 -47.85
C PRO B 150 31.03 -3.85 -48.48
N TYR B 151 30.05 -2.94 -48.41
CA TYR B 151 30.23 -1.60 -48.93
C TYR B 151 31.33 -0.86 -48.19
N ASP B 152 31.42 -1.03 -46.86
CA ASP B 152 32.38 -0.28 -46.06
C ASP B 152 33.80 -0.76 -46.25
N TRP B 153 34.04 -1.69 -47.18
CA TRP B 153 35.41 -2.05 -47.53
C TRP B 153 36.05 -1.03 -48.47
N THR B 154 35.27 -0.04 -48.92
CA THR B 154 35.76 0.92 -49.89
C THR B 154 36.85 1.82 -49.32
N ILE B 155 36.93 1.94 -47.99
CA ILE B 155 37.89 2.85 -47.38
C ILE B 155 39.32 2.45 -47.73
N TYR B 156 39.61 1.16 -47.72
CA TYR B 156 40.98 0.72 -48.04
C TYR B 156 41.30 0.88 -49.51
N HIS B 157 40.30 0.66 -50.38
CA HIS B 157 40.48 0.92 -51.80
C HIS B 157 40.80 2.40 -52.03
N LEU B 158 40.11 3.29 -51.32
CA LEU B 158 40.36 4.71 -51.45
C LEU B 158 41.73 5.09 -50.89
N ARG B 159 42.12 4.49 -49.77
CA ARG B 159 43.41 4.78 -49.17
C ARG B 159 44.56 4.36 -50.09
N LYS B 160 44.41 3.22 -50.77
CA LYS B 160 45.37 2.87 -51.80
C LYS B 160 45.28 3.82 -52.98
N LYS B 161 44.07 4.21 -53.36
CA LYS B 161 43.88 5.09 -54.51
C LYS B 161 44.40 6.49 -54.23
N ALA B 162 44.35 6.92 -52.97
CA ALA B 162 44.78 8.28 -52.63
C ALA B 162 46.28 8.48 -52.82
N ILE B 163 47.05 7.40 -52.89
CA ILE B 163 48.50 7.54 -53.04
C ILE B 163 48.87 8.12 -54.39
N SER B 164 48.12 7.76 -55.44
CA SER B 164 48.54 8.13 -56.79
C SER B 164 47.41 8.62 -57.68
N GLN B 165 46.25 8.95 -57.14
CA GLN B 165 45.14 9.39 -57.98
C GLN B 165 44.33 10.47 -57.28
N LYS B 166 43.30 10.93 -57.98
CA LYS B 166 42.40 11.96 -57.45
C LYS B 166 41.13 11.31 -56.92
N ILE B 167 40.82 11.60 -55.65
CA ILE B 167 39.58 11.16 -55.04
C ILE B 167 38.76 12.38 -54.69
N GLU B 168 37.45 12.18 -54.57
CA GLU B 168 36.58 13.29 -54.20
C GLU B 168 36.85 13.68 -52.75
N LYS B 169 36.42 14.90 -52.40
CA LYS B 169 36.75 15.48 -51.10
C LYS B 169 36.08 14.73 -49.95
N GLU B 170 34.88 14.20 -50.18
CA GLU B 170 34.17 13.46 -49.14
C GLU B 170 34.96 12.23 -48.70
N GLU B 171 35.53 11.49 -49.65
CA GLU B 171 36.34 10.33 -49.27
C GLU B 171 37.58 10.77 -48.49
N LEU B 172 38.13 11.95 -48.82
CA LEU B 172 39.29 12.44 -48.10
C LEU B 172 38.94 12.78 -46.65
N ALA B 173 37.78 13.40 -46.44
CA ALA B 173 37.32 13.68 -45.08
C ALA B 173 37.11 12.38 -44.31
N TRP B 174 36.49 11.39 -44.96
CA TRP B 174 36.32 10.08 -44.35
C TRP B 174 37.66 9.45 -43.96
N ILE B 175 38.63 9.52 -44.87
CA ILE B 175 39.96 8.96 -44.59
C ILE B 175 40.62 9.69 -43.43
N LEU B 176 40.48 11.01 -43.36
CA LEU B 176 41.06 11.76 -42.26
C LEU B 176 40.44 11.34 -40.92
N LEU B 177 39.12 11.18 -40.88
CA LEU B 177 38.49 10.72 -39.65
C LEU B 177 38.96 9.31 -39.28
N ASN B 178 39.09 8.43 -40.28
CA ASN B 178 39.61 7.09 -40.01
C ASN B 178 41.01 7.14 -39.43
N PHE B 179 41.87 8.00 -39.98
CA PHE B 179 43.21 8.17 -39.43
C PHE B 179 43.15 8.67 -37.99
N ASN B 180 42.22 9.58 -37.71
CA ASN B 180 42.02 10.01 -36.34
C ASN B 180 41.61 8.85 -35.44
N HIS B 181 40.86 7.88 -35.97
CA HIS B 181 40.51 6.70 -35.19
C HIS B 181 41.73 5.88 -34.82
N LYS B 182 42.62 5.64 -35.79
CA LYS B 182 43.76 4.73 -35.62
C LYS B 182 45.04 5.54 -35.75
N ARG B 183 45.63 5.91 -34.61
CA ARG B 183 46.80 6.77 -34.60
C ARG B 183 48.12 6.01 -34.54
N GLY B 184 48.25 5.01 -33.68
CA GLY B 184 49.43 4.18 -33.64
C GLY B 184 50.33 4.46 -32.45
N TYR B 185 51.21 3.50 -32.18
CA TYR B 185 52.13 3.59 -31.06
C TYR B 185 53.20 4.64 -31.33
N TYR B 186 53.63 5.33 -30.27
CA TYR B 186 54.60 6.42 -30.40
C TYR B 186 55.13 6.77 -29.02
N GLN B 187 56.45 6.91 -28.94
CA GLN B 187 57.13 7.30 -27.71
C GLN B 187 57.49 8.78 -27.78
N LEU B 188 57.15 9.52 -26.71
CA LEU B 188 57.34 10.96 -26.72
C LEU B 188 58.83 11.33 -26.76
N ARG B 189 59.65 10.68 -25.94
CA ARG B 189 61.07 10.99 -25.92
C ARG B 189 61.73 10.70 -27.26
N GLY B 190 61.49 9.51 -27.81
CA GLY B 190 62.14 9.14 -29.06
C GLY B 190 63.58 8.72 -28.83
N GLU B 191 64.53 9.58 -29.17
CA GLU B 191 65.95 9.33 -29.01
C GLU B 191 66.35 8.05 -29.74
N ASP B 192 66.23 8.12 -31.07
CA ASP B 192 66.53 7.01 -31.97
C ASP B 192 67.81 6.29 -31.55
N PHE B 193 67.70 4.98 -31.33
CA PHE B 193 68.75 4.21 -30.70
C PHE B 193 69.87 3.93 -31.70
N GLU B 194 70.74 2.99 -31.35
CA GLU B 194 71.82 2.53 -32.24
C GLU B 194 71.33 2.41 -33.67
N GLU B 195 72.14 2.89 -34.62
CA GLU B 195 71.68 3.02 -36.00
C GLU B 195 71.23 1.68 -36.56
N GLU B 196 71.96 0.60 -36.23
CA GLU B 196 71.52 -0.72 -36.65
C GLU B 196 70.17 -1.08 -36.02
N LYS B 197 70.05 -0.91 -34.71
CA LYS B 197 68.81 -1.30 -34.00
C LYS B 197 68.26 -2.51 -34.70
N ASP B 198 69.01 -3.60 -34.68
CA ASP B 198 68.61 -4.78 -35.43
C ASP B 198 67.21 -5.25 -35.05
N LYS B 199 67.04 -5.69 -33.79
CA LYS B 199 65.74 -5.97 -33.20
C LYS B 199 64.82 -6.72 -34.17
N THR B 200 65.40 -7.65 -34.93
CA THR B 200 64.70 -8.26 -36.05
C THR B 200 64.09 -9.59 -35.63
N PHE B 201 62.78 -9.72 -35.81
CA PHE B 201 62.08 -10.96 -35.51
C PHE B 201 62.34 -11.95 -36.65
N VAL B 202 63.04 -13.03 -36.34
CA VAL B 202 63.39 -14.05 -37.33
C VAL B 202 62.98 -15.41 -36.81
N ARG B 203 62.77 -16.34 -37.73
CA ARG B 203 62.44 -17.73 -37.40
C ARG B 203 63.57 -18.61 -37.88
N LEU B 204 64.25 -19.26 -36.94
CA LEU B 204 65.45 -20.03 -37.23
C LEU B 204 65.25 -21.50 -36.89
N LYS B 205 66.00 -22.36 -37.57
CA LYS B 205 65.94 -23.80 -37.37
C LYS B 205 67.26 -24.29 -36.79
N VAL B 206 67.16 -25.12 -35.75
CA VAL B 206 68.34 -25.66 -35.09
C VAL B 206 68.85 -26.84 -35.91
N ASP B 207 70.11 -26.76 -36.36
CA ASP B 207 70.68 -27.83 -37.15
C ASP B 207 71.20 -28.96 -36.27
N ARG B 208 72.25 -28.68 -35.49
CA ARG B 208 72.94 -29.66 -34.66
C ARG B 208 73.27 -29.04 -33.31
N ILE B 209 73.61 -29.91 -32.36
CA ILE B 209 74.04 -29.51 -31.02
C ILE B 209 75.32 -30.27 -30.70
N VAL B 210 76.46 -29.63 -30.92
CA VAL B 210 77.76 -30.23 -30.62
C VAL B 210 78.05 -30.03 -29.14
N ASP B 211 78.34 -31.13 -28.44
CA ASP B 211 78.65 -31.07 -27.02
C ASP B 211 79.92 -30.24 -26.79
N SER B 212 79.76 -29.07 -26.19
CA SER B 212 80.81 -28.06 -26.14
C SER B 212 81.92 -28.37 -25.16
N GLY B 213 81.89 -29.53 -24.50
CA GLY B 213 82.89 -29.82 -23.49
C GLY B 213 82.73 -29.00 -22.23
N GLU B 214 81.58 -28.35 -22.06
CA GLU B 214 81.30 -27.52 -20.90
C GLU B 214 80.45 -28.33 -19.92
N ASN B 215 81.14 -29.12 -19.10
CA ASN B 215 80.48 -30.01 -18.15
C ASN B 215 80.05 -29.21 -16.94
N VAL B 216 78.77 -28.90 -16.83
CA VAL B 216 78.20 -28.16 -15.71
C VAL B 216 77.03 -28.94 -15.14
N LYS B 217 77.03 -29.12 -13.82
CA LYS B 217 75.96 -29.81 -13.11
C LYS B 217 75.75 -31.23 -13.63
N GLY B 218 76.86 -31.97 -13.73
CA GLY B 218 76.81 -33.35 -14.17
C GLY B 218 76.31 -33.53 -15.59
N LYS B 219 76.45 -32.51 -16.42
CA LYS B 219 75.98 -32.56 -17.80
C LYS B 219 76.81 -31.60 -18.62
N ILE B 220 77.16 -32.00 -19.84
CA ILE B 220 77.98 -31.20 -20.73
C ILE B 220 77.07 -30.36 -21.60
N LEU B 221 77.29 -29.05 -21.61
CA LEU B 221 76.37 -28.13 -22.27
C LEU B 221 76.58 -28.14 -23.77
N TYR B 222 75.49 -28.09 -24.52
CA TYR B 222 75.53 -28.08 -25.97
C TYR B 222 75.37 -26.67 -26.51
N ASP B 223 75.98 -26.42 -27.67
CA ASP B 223 75.77 -25.20 -28.43
C ASP B 223 74.73 -25.46 -29.53
N VAL B 224 74.25 -24.38 -30.14
CA VAL B 224 73.17 -24.47 -31.12
C VAL B 224 73.61 -23.79 -32.42
N TYR B 225 73.34 -24.44 -33.54
CA TYR B 225 73.70 -23.94 -34.86
C TYR B 225 72.43 -23.67 -35.66
N PHE B 226 72.52 -22.71 -36.57
CA PHE B 226 71.38 -22.31 -37.39
C PHE B 226 71.76 -22.33 -38.86
N GLU B 227 70.73 -22.45 -39.71
CA GLU B 227 70.95 -22.60 -41.15
C GLU B 227 71.70 -21.41 -41.75
N ASN B 228 71.52 -20.23 -41.17
CA ASN B 228 72.18 -19.03 -41.68
C ASN B 228 73.63 -18.91 -41.22
N GLY B 229 74.09 -19.80 -40.34
CA GLY B 229 75.49 -19.79 -39.92
C GLY B 229 75.70 -19.10 -38.59
N TRP B 230 74.66 -19.11 -37.76
CA TRP B 230 74.63 -18.39 -36.50
C TRP B 230 74.61 -19.38 -35.35
N LYS B 231 75.27 -19.00 -34.24
CA LYS B 231 75.30 -19.82 -33.04
C LYS B 231 74.52 -19.14 -31.93
N TYR B 232 73.66 -19.90 -31.26
CA TYR B 232 72.94 -19.39 -30.09
C TYR B 232 73.93 -19.00 -29.01
N ASP B 233 73.74 -17.80 -28.44
CA ASP B 233 74.69 -17.30 -27.44
C ASP B 233 74.69 -18.16 -26.18
N LYS B 234 73.52 -18.63 -25.77
CA LYS B 234 73.39 -19.45 -24.57
C LYS B 234 73.50 -20.93 -24.93
N GLN B 235 73.73 -21.75 -23.90
CA GLN B 235 73.80 -23.18 -24.09
C GLN B 235 72.46 -23.83 -23.76
N VAL B 236 72.36 -25.13 -24.03
CA VAL B 236 71.12 -25.87 -23.88
C VAL B 236 71.38 -27.22 -23.27
N VAL B 237 70.45 -27.68 -22.43
CA VAL B 237 70.49 -29.01 -21.82
C VAL B 237 69.43 -29.92 -22.42
N LYS B 238 68.19 -29.43 -22.54
CA LYS B 238 67.07 -30.23 -23.00
C LYS B 238 67.20 -30.45 -24.50
N THR B 239 67.65 -31.65 -24.88
CA THR B 239 67.84 -32.00 -26.28
C THR B 239 66.51 -32.16 -27.03
N GLU B 240 65.50 -32.72 -26.38
CA GLU B 240 64.29 -33.13 -27.09
C GLU B 240 63.55 -31.94 -27.70
N ASP B 241 63.48 -30.82 -26.98
CA ASP B 241 62.73 -29.66 -27.44
C ASP B 241 63.59 -28.64 -28.18
N TRP B 242 64.77 -29.05 -28.65
CA TRP B 242 65.65 -28.15 -29.38
C TRP B 242 66.13 -28.70 -30.71
N VAL B 243 66.14 -30.03 -30.89
CA VAL B 243 66.54 -30.59 -32.17
C VAL B 243 65.54 -30.20 -33.25
N ASP B 244 66.06 -29.71 -34.38
CA ASP B 244 65.30 -29.30 -35.57
C ASP B 244 63.96 -28.66 -35.23
N ARG B 245 64.00 -27.74 -34.27
CA ARG B 245 62.82 -27.01 -33.83
C ARG B 245 62.77 -25.65 -34.51
N THR B 246 61.65 -25.37 -35.17
CA THR B 246 61.45 -24.10 -35.88
C THR B 246 61.19 -23.03 -34.83
N LYS B 247 62.26 -22.46 -34.30
CA LYS B 247 62.18 -21.46 -33.24
C LYS B 247 62.28 -20.06 -33.83
N GLU B 248 61.52 -19.14 -33.25
CA GLU B 248 61.50 -17.75 -33.68
C GLU B 248 62.07 -16.88 -32.58
N PHE B 249 63.09 -16.08 -32.93
CA PHE B 249 63.83 -15.29 -31.97
C PHE B 249 63.76 -13.82 -32.34
N ILE B 250 63.95 -12.98 -31.33
CA ILE B 250 64.17 -11.55 -31.52
C ILE B 250 65.64 -11.29 -31.22
N VAL B 251 66.37 -10.74 -32.19
CA VAL B 251 67.82 -10.66 -32.13
C VAL B 251 68.27 -9.22 -32.30
N SER B 252 69.32 -8.84 -31.58
CA SER B 252 69.91 -7.51 -31.67
C SER B 252 71.38 -7.64 -32.01
N GLU B 253 71.81 -6.89 -33.03
CA GLU B 253 73.18 -6.92 -33.51
C GLU B 253 73.81 -5.55 -33.32
N SER B 254 75.01 -5.53 -32.75
CA SER B 254 75.74 -4.29 -32.52
C SER B 254 77.15 -4.43 -33.06
N ILE B 255 77.60 -3.44 -33.83
CA ILE B 255 78.96 -3.45 -34.38
C ILE B 255 79.93 -3.17 -33.23
N LEU B 256 80.66 -4.19 -32.80
CA LEU B 256 81.59 -4.02 -31.70
C LEU B 256 82.81 -3.22 -32.14
N LYS B 257 83.64 -2.86 -31.16
CA LYS B 257 84.84 -2.08 -31.44
C LYS B 257 85.80 -2.83 -32.37
N ASN B 258 85.79 -4.16 -32.31
CA ASN B 258 86.65 -4.95 -33.19
C ASN B 258 86.21 -4.86 -34.65
N GLY B 259 84.97 -4.45 -34.91
CA GLY B 259 84.46 -4.36 -36.26
C GLY B 259 83.62 -5.57 -36.64
N GLU B 260 82.98 -6.18 -35.65
CA GLU B 260 82.15 -7.36 -35.88
C GLU B 260 80.83 -7.18 -35.12
N THR B 261 79.80 -7.87 -35.61
CA THR B 261 78.47 -7.75 -35.03
C THR B 261 78.41 -8.52 -33.72
N LYS B 262 78.17 -7.80 -32.62
CA LYS B 262 77.93 -8.43 -31.32
C LYS B 262 76.44 -8.77 -31.26
N ARG B 263 76.13 -10.00 -31.66
CA ARG B 263 74.76 -10.42 -31.83
C ARG B 263 74.19 -11.00 -30.54
N THR B 264 72.98 -10.62 -30.20
CA THR B 264 72.27 -11.16 -29.05
C THR B 264 71.05 -11.95 -29.51
N PHE B 265 70.49 -12.74 -28.59
CA PHE B 265 69.33 -13.56 -28.87
C PHE B 265 68.35 -13.47 -27.70
N LYS B 266 67.07 -13.69 -28.02
CA LYS B 266 66.02 -13.67 -27.00
C LYS B 266 64.83 -14.45 -27.56
N ALA B 267 64.49 -15.56 -26.91
CA ALA B 267 63.37 -16.37 -27.36
C ALA B 267 62.06 -15.62 -27.13
N VAL B 268 61.20 -15.62 -28.14
CA VAL B 268 59.93 -14.90 -28.11
C VAL B 268 58.90 -15.69 -28.92
N ASP B 269 57.65 -15.59 -28.49
CA ASP B 269 56.56 -16.36 -29.07
C ASP B 269 55.59 -15.41 -29.77
N SER B 270 55.28 -15.72 -31.03
CA SER B 270 54.32 -14.93 -31.78
C SER B 270 52.89 -15.20 -31.28
N GLU B 271 52.01 -14.23 -31.51
CA GLU B 271 50.62 -14.25 -31.10
C GLU B 271 50.44 -14.33 -29.60
N LYS B 272 51.53 -14.20 -28.83
CA LYS B 272 51.47 -14.22 -27.38
C LYS B 272 52.30 -13.11 -26.74
N ASP B 273 53.31 -12.58 -27.42
CA ASP B 273 54.10 -11.46 -26.93
C ASP B 273 53.86 -10.24 -27.80
N TRP B 274 53.64 -9.10 -27.14
CA TRP B 274 53.29 -7.88 -27.86
C TRP B 274 54.43 -7.43 -28.77
N ILE B 275 55.67 -7.53 -28.29
CA ILE B 275 56.83 -7.10 -29.06
C ILE B 275 56.97 -7.92 -30.34
N ALA B 276 56.80 -9.24 -30.23
CA ALA B 276 56.95 -10.10 -31.41
C ALA B 276 55.88 -9.79 -32.44
N ILE B 277 54.65 -9.61 -31.99
CA ILE B 277 53.57 -9.31 -32.90
C ILE B 277 53.86 -8.00 -33.60
N LYS B 278 54.20 -6.97 -32.84
CA LYS B 278 54.48 -5.66 -33.42
C LYS B 278 55.58 -5.73 -34.45
N THR B 279 56.69 -6.41 -34.12
CA THR B 279 57.80 -6.50 -35.05
C THR B 279 57.43 -7.28 -36.30
N LYS B 280 56.69 -8.39 -36.15
CA LYS B 280 56.34 -9.21 -37.30
C LYS B 280 55.41 -8.46 -38.25
N THR B 281 54.40 -7.77 -37.70
CA THR B 281 53.51 -6.98 -38.55
C THR B 281 54.27 -5.83 -39.21
N GLU B 282 55.17 -5.19 -38.47
CA GLU B 282 55.95 -4.09 -39.03
C GLU B 282 56.83 -4.57 -40.18
N GLN B 283 57.46 -5.74 -40.02
CA GLN B 283 58.31 -6.27 -41.08
C GLN B 283 57.49 -6.73 -42.27
N GLU B 284 56.29 -7.27 -42.03
CA GLU B 284 55.42 -7.63 -43.14
C GLU B 284 54.96 -6.40 -43.92
N ILE B 285 54.77 -5.28 -43.23
CA ILE B 285 54.39 -4.06 -43.92
C ILE B 285 55.56 -3.51 -44.73
N GLU B 286 56.76 -3.50 -44.14
CA GLU B 286 57.91 -2.94 -44.85
C GLU B 286 58.32 -3.81 -46.04
N HIS B 287 58.39 -5.13 -45.84
CA HIS B 287 58.80 -6.01 -46.92
C HIS B 287 57.84 -5.93 -48.12
N SER B 288 56.57 -5.61 -47.87
CA SER B 288 55.66 -5.35 -48.97
C SER B 288 55.99 -4.06 -49.71
N HIS B 289 56.71 -3.14 -49.07
CA HIS B 289 57.15 -1.89 -49.68
C HIS B 289 55.97 -1.05 -50.18
N LYS B 290 55.01 -0.80 -49.29
CA LYS B 290 53.86 0.04 -49.63
C LYS B 290 53.20 0.48 -48.34
N THR B 291 52.32 1.47 -48.44
CA THR B 291 51.63 2.01 -47.28
C THR B 291 50.75 0.95 -46.62
N VAL B 292 50.54 1.12 -45.31
CA VAL B 292 49.83 0.11 -44.54
C VAL B 292 48.39 -0.03 -45.01
N GLY B 293 47.80 1.06 -45.50
CA GLY B 293 46.46 0.97 -46.06
C GLY B 293 46.41 0.06 -47.28
N THR B 294 47.38 0.21 -48.18
CA THR B 294 47.46 -0.67 -49.34
C THR B 294 47.84 -2.08 -48.95
N TYR B 295 48.69 -2.25 -47.94
CA TYR B 295 48.99 -3.59 -47.43
C TYR B 295 47.71 -4.28 -46.95
N ILE B 296 46.89 -3.56 -46.18
CA ILE B 296 45.63 -4.12 -45.71
C ILE B 296 44.71 -4.43 -46.89
N TYR B 297 44.66 -3.54 -47.88
CA TYR B 297 43.82 -3.77 -49.05
C TYR B 297 44.26 -5.01 -49.81
N GLU B 298 45.57 -5.21 -49.97
CA GLU B 298 46.07 -6.39 -50.67
C GLU B 298 45.78 -7.67 -49.87
N THR B 299 46.01 -7.62 -48.56
CA THR B 299 45.73 -8.79 -47.73
C THR B 299 44.24 -9.13 -47.73
N LEU B 300 43.38 -8.13 -47.84
CA LEU B 300 41.94 -8.36 -47.94
C LEU B 300 41.58 -8.88 -49.32
N LEU B 301 42.34 -8.48 -50.34
CA LEU B 301 42.13 -9.01 -51.68
C LEU B 301 42.47 -10.49 -51.74
N GLN B 302 43.60 -10.90 -51.15
CA GLN B 302 44.05 -12.28 -51.27
C GLN B 302 43.22 -13.20 -50.38
N ASN B 303 42.95 -12.74 -49.15
CA ASN B 303 42.15 -13.53 -48.22
C ASN B 303 40.99 -12.67 -47.77
N PRO B 304 39.87 -12.78 -48.48
CA PRO B 304 38.73 -11.89 -48.15
C PRO B 304 38.03 -12.24 -46.85
N LYS B 305 38.43 -13.29 -46.15
CA LYS B 305 37.89 -13.61 -44.83
C LYS B 305 38.81 -13.15 -43.71
N GLN B 306 39.77 -12.30 -44.05
CA GLN B 306 40.75 -11.83 -43.07
C GLN B 306 40.20 -10.81 -42.08
N LYS B 307 40.49 -11.00 -40.80
CA LYS B 307 40.09 -10.05 -39.78
C LYS B 307 41.16 -8.98 -39.66
N ILE B 308 40.81 -7.73 -39.99
CA ILE B 308 41.80 -6.67 -39.98
C ILE B 308 41.95 -6.16 -38.55
N LYS B 309 40.87 -5.61 -38.01
CA LYS B 309 40.90 -4.93 -36.71
C LYS B 309 41.20 -5.92 -35.59
N GLY B 310 42.40 -5.82 -35.03
CA GLY B 310 42.78 -6.64 -33.90
C GLY B 310 43.40 -7.97 -34.27
N LYS B 311 43.39 -8.31 -35.53
CA LYS B 311 44.04 -9.52 -35.96
C LYS B 311 45.17 -9.20 -36.89
N LEU B 312 44.86 -8.64 -38.05
CA LEU B 312 45.92 -8.43 -39.03
C LEU B 312 46.90 -7.36 -38.59
N VAL B 313 46.41 -6.13 -38.42
CA VAL B 313 47.22 -5.04 -37.91
C VAL B 313 46.68 -4.66 -36.53
N ARG B 314 47.48 -4.89 -35.50
CA ARG B 314 47.07 -4.47 -34.16
C ARG B 314 47.76 -3.17 -33.83
N THR B 315 49.09 -3.18 -33.75
CA THR B 315 49.82 -1.99 -33.34
C THR B 315 51.06 -1.83 -34.21
N ILE B 316 51.20 -0.66 -34.83
CA ILE B 316 52.36 -0.35 -35.65
C ILE B 316 52.81 1.07 -35.29
N GLU B 317 54.07 1.36 -35.63
CA GLU B 317 54.66 2.66 -35.29
C GLU B 317 53.84 3.79 -35.90
N ARG B 318 53.76 4.91 -35.17
CA ARG B 318 53.04 6.08 -35.66
C ARG B 318 53.65 6.61 -36.95
N LYS B 319 54.91 6.30 -37.23
CA LYS B 319 55.55 6.77 -38.46
C LYS B 319 54.82 6.25 -39.69
N PHE B 320 54.31 5.01 -39.64
CA PHE B 320 53.60 4.45 -40.78
C PHE B 320 52.35 5.27 -41.12
N TYR B 321 51.51 5.51 -40.12
CA TYR B 321 50.31 6.32 -40.33
C TYR B 321 50.68 7.73 -40.77
N LYS B 322 51.73 8.29 -40.16
CA LYS B 322 52.15 9.65 -40.52
C LYS B 322 52.56 9.72 -41.99
N GLU B 323 53.41 8.79 -42.44
CA GLU B 323 53.83 8.79 -43.84
C GLU B 323 52.64 8.56 -44.78
N GLU B 324 51.75 7.63 -44.44
CA GLU B 324 50.61 7.37 -45.31
C GLU B 324 49.72 8.60 -45.43
N LEU B 325 49.40 9.24 -44.30
CA LEU B 325 48.55 10.41 -44.33
C LEU B 325 49.23 11.57 -45.06
N ARG B 326 50.54 11.73 -44.86
CA ARG B 326 51.28 12.75 -45.58
C ARG B 326 51.21 12.53 -47.08
N GLN B 327 51.44 11.30 -47.53
CA GLN B 327 51.37 11.01 -48.95
C GLN B 327 49.97 11.27 -49.51
N ILE B 328 48.96 10.84 -48.76
CA ILE B 328 47.59 11.06 -49.18
C ILE B 328 47.33 12.55 -49.36
N LEU B 329 47.66 13.34 -48.34
CA LEU B 329 47.37 14.77 -48.39
C LEU B 329 48.15 15.47 -49.51
N GLU B 330 49.44 15.17 -49.63
CA GLU B 330 50.24 15.82 -50.67
C GLU B 330 49.76 15.47 -52.06
N LYS B 331 49.44 14.20 -52.33
CA LYS B 331 49.01 13.82 -53.66
C LYS B 331 47.56 14.25 -53.94
N GLN B 332 46.76 14.47 -52.91
CA GLN B 332 45.45 15.07 -53.13
C GLN B 332 45.55 16.59 -53.24
N LYS B 333 46.69 17.16 -52.82
CA LYS B 333 46.83 18.60 -52.78
C LYS B 333 46.90 19.24 -54.16
N GLU B 334 47.61 18.62 -55.11
CA GLU B 334 47.74 19.24 -56.43
C GLU B 334 46.46 19.15 -57.26
N PHE B 335 45.51 18.31 -56.86
CA PHE B 335 44.24 18.19 -57.57
C PHE B 335 43.16 19.09 -57.00
N HIS B 336 43.11 19.26 -55.69
CA HIS B 336 42.05 20.03 -55.04
C HIS B 336 42.56 21.44 -54.75
N GLN B 337 41.99 22.43 -55.43
CA GLN B 337 42.41 23.82 -55.23
C GLN B 337 42.00 24.33 -53.85
N GLU B 338 41.01 23.69 -53.22
CA GLU B 338 40.62 24.09 -51.87
C GLU B 338 41.76 23.92 -50.87
N LEU B 339 42.75 23.09 -51.20
CA LEU B 339 43.89 22.90 -50.31
C LEU B 339 44.99 23.92 -50.53
N GLN B 340 44.84 24.85 -51.47
CA GLN B 340 45.81 25.92 -51.68
C GLN B 340 45.25 27.30 -51.34
N SER B 341 43.93 27.44 -51.26
CA SER B 341 43.32 28.75 -50.98
C SER B 341 43.73 29.19 -49.58
N ASP B 342 44.62 30.18 -49.52
CA ASP B 342 45.11 30.62 -48.22
C ASP B 342 44.04 31.41 -47.46
N ASP B 343 43.02 31.89 -48.18
CA ASP B 343 41.86 32.47 -47.52
C ASP B 343 41.20 31.44 -46.60
N LEU B 344 40.91 30.25 -47.13
CA LEU B 344 40.34 29.19 -46.30
C LEU B 344 41.29 28.79 -45.19
N TYR B 345 42.59 28.78 -45.46
CA TYR B 345 43.57 28.40 -44.44
C TYR B 345 43.54 29.38 -43.27
N ASN B 346 43.50 30.68 -43.58
CA ASN B 346 43.37 31.68 -42.51
C ASN B 346 42.04 31.55 -41.79
N ASP B 347 40.97 31.21 -42.52
CA ASP B 347 39.68 31.02 -41.87
C ASP B 347 39.73 29.88 -40.86
N CYS B 348 40.33 28.75 -41.24
CA CYS B 348 40.48 27.64 -40.31
C CYS B 348 41.35 28.03 -39.12
N ILE B 349 42.45 28.74 -39.38
CA ILE B 349 43.35 29.14 -38.28
C ILE B 349 42.62 30.03 -37.30
N ARG B 350 41.83 30.98 -37.81
CA ARG B 350 41.07 31.88 -36.94
C ARG B 350 40.00 31.12 -36.17
N GLU B 351 39.32 30.19 -36.83
CA GLU B 351 38.29 29.40 -36.14
C GLU B 351 38.90 28.57 -35.01
N LEU B 352 40.08 28.00 -35.25
CA LEU B 352 40.65 27.07 -34.29
C LEU B 352 41.40 27.77 -33.16
N TYR B 353 41.90 28.98 -33.39
CA TYR B 353 42.73 29.69 -32.42
C TYR B 353 42.40 31.17 -32.38
N ARG B 354 41.10 31.51 -32.33
CA ARG B 354 40.72 32.92 -32.38
C ARG B 354 41.25 33.71 -31.19
N ASN B 355 41.42 33.06 -30.05
CA ASN B 355 41.88 33.75 -28.84
C ASN B 355 43.38 33.66 -28.65
N ASN B 356 44.10 33.06 -29.60
CA ASN B 356 45.56 32.93 -29.52
C ASN B 356 46.15 33.48 -30.82
N GLU B 357 46.44 34.78 -30.84
CA GLU B 357 46.98 35.39 -32.04
C GLU B 357 48.42 34.97 -32.27
N VAL B 358 49.15 34.63 -31.20
CA VAL B 358 50.50 34.11 -31.34
C VAL B 358 50.51 32.81 -32.13
N HIS B 359 49.62 31.89 -31.76
CA HIS B 359 49.54 30.61 -32.45
C HIS B 359 49.04 30.78 -33.88
N GLN B 360 48.18 31.78 -34.10
CA GLN B 360 47.75 32.05 -35.46
C GLN B 360 48.95 32.52 -36.26
N LEU B 361 49.73 33.44 -35.70
CA LEU B 361 50.90 33.95 -36.40
C LEU B 361 51.87 32.82 -36.72
N THR B 362 52.02 31.86 -35.79
CA THR B 362 52.85 30.70 -36.05
C THR B 362 52.34 29.89 -37.24
N LEU B 363 51.04 29.53 -37.22
CA LEU B 363 50.55 28.61 -38.23
C LEU B 363 50.14 29.30 -39.53
N ARG B 364 50.21 30.63 -39.57
CA ARG B 364 49.99 31.30 -40.86
C ARG B 364 51.13 31.03 -41.84
N LYS B 365 52.29 30.61 -41.35
CA LYS B 365 53.43 30.30 -42.19
C LYS B 365 53.41 28.87 -42.72
N LYS B 366 52.55 28.00 -42.18
CA LYS B 366 52.45 26.62 -42.59
C LYS B 366 51.40 26.47 -43.68
N ASP B 367 50.98 25.23 -43.94
CA ASP B 367 49.93 24.93 -44.91
C ASP B 367 48.96 23.92 -44.30
N PHE B 368 48.01 23.46 -45.12
CA PHE B 368 46.99 22.53 -44.65
C PHE B 368 47.58 21.23 -44.12
N VAL B 369 48.66 20.75 -44.75
CA VAL B 369 49.23 19.46 -44.36
C VAL B 369 49.72 19.50 -42.92
N HIS B 370 50.46 20.56 -42.57
CA HIS B 370 50.98 20.67 -41.21
C HIS B 370 49.86 20.82 -40.20
N LEU B 371 48.82 21.59 -40.56
CA LEU B 371 47.69 21.78 -39.66
C LEU B 371 46.96 20.46 -39.39
N PHE B 372 46.68 19.70 -40.45
CA PHE B 372 45.98 18.42 -40.26
C PHE B 372 46.85 17.42 -39.50
N MET B 373 48.10 17.28 -39.89
CA MET B 373 48.95 16.23 -39.32
C MET B 373 49.54 16.64 -37.98
N GLU B 374 50.38 17.67 -37.97
CA GLU B 374 51.18 17.98 -36.80
C GLU B 374 50.35 18.62 -35.69
N ASP B 375 49.22 19.23 -36.05
CA ASP B 375 48.48 20.04 -35.10
C ASP B 375 47.22 19.34 -34.57
N ILE B 376 46.45 18.68 -35.43
CA ILE B 376 45.18 18.13 -35.01
C ILE B 376 45.30 16.65 -34.66
N ILE B 377 45.70 15.83 -35.63
CA ILE B 377 45.62 14.38 -35.45
C ILE B 377 46.76 13.87 -34.57
N PHE B 378 48.00 14.14 -34.97
CA PHE B 378 49.17 13.53 -34.34
C PHE B 378 49.77 14.44 -33.27
N TYR B 379 48.95 15.29 -32.68
CA TYR B 379 49.40 16.17 -31.61
C TYR B 379 49.37 15.41 -30.29
N GLN B 380 50.54 15.19 -29.70
CA GLN B 380 50.66 14.50 -28.43
C GLN B 380 51.23 15.47 -27.40
N ARG B 381 50.48 15.68 -26.31
CA ARG B 381 50.88 16.64 -25.30
C ARG B 381 52.10 16.13 -24.54
N PRO B 382 52.97 17.03 -24.07
CA PRO B 382 54.12 16.62 -23.28
C PRO B 382 53.72 16.28 -21.86
N LEU B 383 54.66 15.65 -21.15
CA LEU B 383 54.41 15.27 -19.77
C LEU B 383 54.25 16.50 -18.89
N ARG B 384 53.39 16.38 -17.88
CA ARG B 384 53.19 17.47 -16.95
C ARG B 384 54.42 17.69 -16.12
N SER B 385 54.65 18.93 -15.73
CA SER B 385 55.84 19.27 -14.95
C SER B 385 55.70 18.73 -13.53
N GLN B 386 56.69 17.94 -13.11
CA GLN B 386 56.79 17.48 -11.74
C GLN B 386 57.70 18.37 -10.91
N LYS B 387 58.11 19.52 -11.45
CA LYS B 387 59.00 20.42 -10.73
C LYS B 387 58.34 20.98 -9.48
N SER B 388 57.03 21.27 -9.54
CA SER B 388 56.32 21.76 -8.38
C SER B 388 56.27 20.74 -7.24
N SER B 389 56.52 19.47 -7.53
CA SER B 389 56.55 18.42 -6.51
C SER B 389 57.95 18.17 -5.97
N VAL B 390 58.95 18.92 -6.42
CA VAL B 390 60.30 18.74 -5.91
C VAL B 390 60.36 19.20 -4.45
N SER B 391 61.21 18.54 -3.67
CA SER B 391 61.31 18.82 -2.25
C SER B 391 61.82 20.23 -1.98
N ASN B 392 61.88 20.57 -0.71
CA ASN B 392 62.24 21.91 -0.25
C ASN B 392 63.51 21.86 0.59
N CYS B 393 64.31 22.92 0.50
CA CYS B 393 65.47 23.04 1.37
C CYS B 393 65.03 23.23 2.82
N THR B 394 65.75 22.57 3.73
CA THR B 394 65.43 22.63 5.15
C THR B 394 65.99 23.86 5.85
N LEU B 395 66.83 24.63 5.18
CA LEU B 395 67.50 25.76 5.80
C LEU B 395 67.06 27.10 5.24
N GLU B 396 67.06 27.27 3.93
CA GLU B 396 66.67 28.54 3.32
C GLU B 396 65.17 28.64 3.17
N PHE B 397 64.61 29.74 3.65
CA PHE B 397 63.18 30.04 3.64
C PHE B 397 62.96 31.37 2.93
N ARG B 398 61.70 31.75 2.73
CA ARG B 398 61.38 33.12 2.35
C ARG B 398 60.02 33.49 2.92
N LYS B 399 59.89 34.75 3.35
CA LYS B 399 58.66 35.23 3.96
C LYS B 399 58.05 36.34 3.11
N TYR B 400 56.73 36.36 3.01
CA TYR B 400 56.06 37.43 2.30
C TYR B 400 54.64 37.59 2.85
N LYS B 401 54.09 38.78 2.63
CA LYS B 401 52.77 39.13 3.11
C LYS B 401 51.80 39.13 1.94
N GLY B 402 50.73 38.36 2.06
CA GLY B 402 49.72 38.28 1.02
C GLY B 402 48.65 39.34 1.18
N GLU B 403 47.59 39.19 0.38
CA GLU B 403 46.47 40.11 0.42
C GLU B 403 45.64 39.99 1.69
N ASN B 404 45.78 38.89 2.43
CA ASN B 404 45.03 38.66 3.65
C ASN B 404 45.64 39.32 4.87
N GLY B 405 46.79 39.99 4.73
CA GLY B 405 47.44 40.62 5.85
C GLY B 405 48.26 39.69 6.71
N ALA B 406 48.42 38.45 6.30
CA ALA B 406 49.23 37.48 7.03
C ALA B 406 50.64 37.41 6.43
N GLU B 407 51.54 36.81 7.20
CA GLU B 407 52.95 36.68 6.82
C GLU B 407 53.25 35.19 6.69
N HIS B 408 53.25 34.69 5.45
CA HIS B 408 53.46 33.28 5.20
C HIS B 408 54.70 33.07 4.33
N THR B 409 55.25 31.87 4.39
CA THR B 409 56.58 31.58 3.88
C THR B 409 56.50 30.74 2.62
N GLN B 410 57.23 31.21 1.60
CA GLN B 410 57.37 30.41 0.41
C GLN B 410 58.54 29.51 0.73
N TYR B 411 58.88 28.61 -0.17
CA TYR B 411 59.91 27.62 0.07
C TYR B 411 60.93 27.66 -1.06
N LEU B 412 62.14 27.19 -0.79
CA LEU B 412 63.20 27.13 -1.79
C LEU B 412 63.41 25.68 -2.24
N LYS B 413 63.11 25.42 -3.51
CA LYS B 413 63.23 24.07 -4.04
C LYS B 413 64.69 23.63 -4.04
N ALA B 414 64.89 22.33 -3.80
CA ALA B 414 66.23 21.80 -3.62
C ALA B 414 67.01 21.85 -4.94
N ILE B 415 68.33 21.80 -4.81
CA ILE B 415 69.23 21.87 -5.95
C ILE B 415 69.22 20.54 -6.70
N PRO B 416 69.19 20.54 -8.02
CA PRO B 416 69.45 19.31 -8.77
C PRO B 416 70.88 18.85 -8.53
N LYS B 417 71.04 17.54 -8.33
CA LYS B 417 72.37 17.00 -8.02
C LYS B 417 73.35 17.15 -9.17
N SER B 418 72.85 17.22 -10.41
CA SER B 418 73.73 17.41 -11.55
C SER B 418 74.27 18.83 -11.65
N ASN B 419 73.77 19.76 -10.82
CA ASN B 419 74.27 21.12 -10.86
C ASN B 419 75.73 21.15 -10.42
N PRO B 420 76.60 21.85 -11.15
CA PRO B 420 78.02 21.86 -10.77
C PRO B 420 78.29 22.42 -9.38
N TYR B 421 77.39 23.28 -8.86
CA TYR B 421 77.55 23.76 -7.50
C TYR B 421 77.51 22.61 -6.51
N TYR B 422 76.51 21.74 -6.65
CA TYR B 422 76.39 20.59 -5.77
C TYR B 422 77.48 19.57 -6.04
N GLN B 423 77.97 19.52 -7.29
CA GLN B 423 79.14 18.69 -7.61
C GLN B 423 80.36 19.13 -6.80
N GLU B 424 80.64 20.42 -6.83
CA GLU B 424 81.80 20.96 -6.12
C GLU B 424 81.61 20.79 -4.62
N PHE B 425 80.35 20.91 -4.16
CA PHE B 425 80.05 20.68 -2.75
C PHE B 425 80.34 19.24 -2.33
N ARG B 426 79.86 18.25 -3.10
CA ARG B 426 80.11 16.86 -2.74
C ARG B 426 81.61 16.56 -2.77
N LEU B 427 82.32 17.13 -3.76
CA LEU B 427 83.75 16.90 -3.84
C LEU B 427 84.49 17.47 -2.62
N TRP B 428 84.12 18.68 -2.20
CA TRP B 428 84.72 19.25 -0.99
C TRP B 428 84.39 18.41 0.25
N GLN B 429 83.13 17.99 0.39
CA GLN B 429 82.76 17.20 1.55
C GLN B 429 83.59 15.92 1.61
N TRP B 430 83.73 15.24 0.47
CA TRP B 430 84.55 14.03 0.45
C TRP B 430 86.00 14.36 0.78
N ILE B 431 86.54 15.44 0.20
CA ILE B 431 87.94 15.78 0.41
C ILE B 431 88.22 15.96 1.90
N PHE B 432 87.29 16.59 2.61
CA PHE B 432 87.41 16.66 4.06
C PHE B 432 87.16 15.30 4.70
N ASN B 433 86.43 14.42 4.01
CA ASN B 433 86.13 13.08 4.54
C ASN B 433 87.25 12.09 4.28
N LEU B 434 88.21 12.40 3.41
CA LEU B 434 89.22 11.42 3.02
C LEU B 434 90.37 11.39 4.02
N ASN B 435 90.83 10.18 4.32
CA ASN B 435 92.00 9.97 5.18
C ASN B 435 92.66 8.64 4.82
N LEU B 436 93.99 8.63 4.69
CA LEU B 436 94.71 7.46 4.24
C LEU B 436 95.17 6.60 5.42
N TYR B 437 95.29 5.30 5.16
CA TYR B 437 95.84 4.35 6.11
C TYR B 437 96.83 3.45 5.39
N THR B 438 97.77 2.89 6.14
CA THR B 438 98.72 1.94 5.57
C THR B 438 98.17 0.52 5.71
N LYS B 439 98.60 -0.36 4.80
CA LYS B 439 98.20 -1.77 4.90
C LYS B 439 99.02 -2.49 5.95
N ASP B 440 100.29 -2.12 6.12
CA ASP B 440 101.20 -2.81 7.02
C ASP B 440 100.76 -2.74 8.48
N ASN B 441 100.73 -1.54 9.05
CA ASN B 441 100.41 -1.35 10.45
C ASN B 441 98.99 -0.86 10.70
N ASP B 442 98.22 -0.62 9.65
CA ASP B 442 96.86 -0.08 9.76
C ASP B 442 96.85 1.20 10.58
N GLU B 443 97.88 2.02 10.36
CA GLU B 443 98.08 3.25 11.12
C GLU B 443 97.45 4.42 10.39
N ASN B 444 97.20 5.50 11.14
CA ASN B 444 96.64 6.72 10.56
C ASN B 444 97.77 7.55 9.94
N VAL B 445 98.08 7.21 8.69
CA VAL B 445 99.20 7.82 7.98
C VAL B 445 98.88 9.23 7.50
N THR B 446 97.69 9.74 7.80
CA THR B 446 97.31 11.08 7.41
C THR B 446 98.20 12.10 8.12
N LYS B 447 98.04 13.37 7.73
CA LYS B 447 98.74 14.55 8.24
C LYS B 447 100.18 14.59 7.70
N VAL B 448 100.59 13.61 6.91
CA VAL B 448 101.91 13.64 6.29
C VAL B 448 101.87 14.00 4.82
N PHE B 449 101.01 13.38 4.02
CA PHE B 449 100.87 13.71 2.61
C PHE B 449 99.85 14.79 2.33
N LEU B 450 98.83 14.97 3.18
CA LEU B 450 97.83 16.03 3.05
C LEU B 450 97.74 16.75 4.38
N ASN B 451 98.61 17.75 4.58
CA ASN B 451 98.58 18.54 5.81
C ASN B 451 98.53 20.03 5.49
N THR B 452 99.21 20.45 4.43
CA THR B 452 99.25 21.85 4.03
C THR B 452 98.21 22.10 2.94
N THR B 453 97.89 23.38 2.76
CA THR B 453 96.83 23.76 1.82
C THR B 453 97.21 23.43 0.38
N GLN B 454 98.50 23.47 0.04
CA GLN B 454 98.92 23.19 -1.33
C GLN B 454 98.59 21.75 -1.74
N ASP B 455 98.75 20.81 -0.81
CA ASP B 455 98.41 19.42 -1.10
C ASP B 455 96.93 19.28 -1.44
N PHE B 456 96.05 19.92 -0.68
CA PHE B 456 94.62 19.84 -0.97
C PHE B 456 94.26 20.59 -2.25
N GLU B 457 94.98 21.68 -2.54
CA GLU B 457 94.81 22.35 -3.82
C GLU B 457 95.09 21.41 -4.99
N ASN B 458 96.23 20.72 -4.95
CA ASN B 458 96.56 19.78 -6.01
C ASN B 458 95.57 18.64 -6.05
N LEU B 459 95.11 18.18 -4.88
CA LEU B 459 94.10 17.12 -4.83
C LEU B 459 92.82 17.54 -5.55
N PHE B 460 92.33 18.74 -5.26
CA PHE B 460 91.10 19.20 -5.89
C PHE B 460 91.27 19.41 -7.39
N GLU B 461 92.39 20.02 -7.80
CA GLU B 461 92.63 20.20 -9.23
C GLU B 461 92.71 18.85 -9.94
N PHE B 462 93.34 17.86 -9.31
CA PHE B 462 93.37 16.52 -9.87
C PHE B 462 91.98 15.91 -9.98
N LEU B 463 91.15 16.08 -8.94
CA LEU B 463 89.85 15.43 -8.94
C LEU B 463 88.87 16.12 -9.89
N ASN B 464 89.15 17.37 -10.27
CA ASN B 464 88.28 18.06 -11.21
C ASN B 464 88.33 17.41 -12.59
N THR B 465 89.51 16.98 -13.02
CA THR B 465 89.70 16.52 -14.39
C THR B 465 89.11 15.14 -14.64
N ARG B 466 88.89 14.34 -13.60
CA ARG B 466 88.28 13.03 -13.76
C ARG B 466 86.80 13.11 -13.35
N LYS B 467 86.04 12.06 -13.64
CA LYS B 467 84.64 11.99 -13.25
C LYS B 467 84.37 10.99 -12.13
N GLU B 468 85.20 9.96 -11.98
CA GLU B 468 85.04 8.99 -10.91
C GLU B 468 86.35 8.23 -10.75
N VAL B 469 86.80 8.09 -9.50
CA VAL B 469 88.13 7.61 -9.18
C VAL B 469 87.97 6.23 -8.55
N ASP B 470 89.10 5.57 -8.31
CA ASP B 470 89.12 4.24 -7.73
C ASP B 470 90.22 4.20 -6.68
N GLN B 471 90.44 3.02 -6.11
CA GLN B 471 91.63 2.77 -5.30
C GLN B 471 92.89 3.21 -6.03
N LYS B 472 93.02 2.78 -7.29
CA LYS B 472 94.29 2.90 -8.00
C LYS B 472 94.65 4.35 -8.28
N ALA B 473 93.71 5.12 -8.82
CA ALA B 473 94.03 6.48 -9.24
C ALA B 473 94.27 7.40 -8.05
N LEU B 474 93.48 7.23 -6.99
CA LEU B 474 93.72 8.02 -5.78
C LEU B 474 95.05 7.66 -5.13
N LEU B 475 95.41 6.37 -5.13
CA LEU B 475 96.72 6.00 -4.62
C LEU B 475 97.85 6.56 -5.49
N LYS B 476 97.69 6.50 -6.81
CA LYS B 476 98.76 6.90 -7.71
C LYS B 476 98.91 8.41 -7.78
N HIS B 477 97.86 9.16 -7.44
CA HIS B 477 98.00 10.61 -7.32
C HIS B 477 99.08 10.96 -6.31
N PHE B 478 99.17 10.19 -5.22
CA PHE B 478 100.16 10.42 -4.19
C PHE B 478 101.39 9.53 -4.35
N LYS B 479 101.48 8.79 -5.45
CA LYS B 479 102.52 7.83 -5.80
C LYS B 479 102.36 6.52 -5.02
N LEU B 480 101.42 6.44 -4.08
CA LEU B 480 101.23 5.21 -3.33
C LEU B 480 100.59 4.15 -4.20
N ASN B 481 100.74 2.89 -3.80
CA ASN B 481 100.28 1.75 -4.57
C ASN B 481 99.44 0.81 -3.73
N GLU B 482 98.95 -0.26 -4.37
CA GLU B 482 98.03 -1.18 -3.73
C GLU B 482 98.67 -1.89 -2.54
N LYS B 483 99.94 -2.28 -2.67
CA LYS B 483 100.61 -3.18 -1.73
C LYS B 483 100.86 -2.56 -0.35
N THR B 484 100.70 -1.27 -0.08
CA THR B 484 101.08 -0.76 1.22
C THR B 484 100.05 0.14 1.90
N HIS B 485 99.07 0.70 1.18
CA HIS B 485 98.21 1.72 1.78
C HIS B 485 96.75 1.46 1.40
N ARG B 486 95.87 1.94 2.28
CA ARG B 486 94.43 1.89 2.06
C ARG B 486 93.84 3.26 2.40
N TRP B 487 92.70 3.56 1.80
CA TRP B 487 92.15 4.91 1.83
C TRP B 487 90.87 5.02 2.64
N ASN B 488 90.65 4.11 3.60
CA ASN B 488 89.60 4.21 4.62
C ASN B 488 88.20 4.09 4.05
N PHE B 489 88.09 4.00 2.74
CA PHE B 489 86.81 3.78 2.06
C PHE B 489 86.81 2.36 1.51
N VAL B 490 85.66 1.95 0.95
CA VAL B 490 85.53 0.61 0.40
C VAL B 490 86.57 0.45 -0.70
N GLU B 491 87.38 -0.60 -0.59
CA GLU B 491 88.58 -0.72 -1.41
C GLU B 491 88.26 -0.81 -2.89
N ASP B 492 87.19 -1.52 -3.25
CA ASP B 492 86.82 -1.73 -4.64
C ASP B 492 85.68 -0.84 -5.10
N LYS B 493 85.32 0.19 -4.32
CA LYS B 493 84.20 1.04 -4.67
C LYS B 493 84.68 2.35 -5.29
N LYS B 494 83.90 2.82 -6.28
CA LYS B 494 84.14 4.11 -6.91
C LYS B 494 83.19 5.16 -6.34
N TYR B 495 83.68 6.38 -6.24
CA TYR B 495 82.93 7.48 -5.64
C TYR B 495 82.88 8.64 -6.62
N PRO B 496 81.74 9.34 -6.69
CA PRO B 496 81.57 10.40 -7.70
C PRO B 496 82.63 11.48 -7.58
N CYS B 497 83.10 11.95 -8.73
CA CYS B 497 84.20 12.92 -8.81
C CYS B 497 83.88 14.01 -9.83
N ASN B 498 82.69 14.60 -9.73
CA ASN B 498 82.26 15.67 -10.62
C ASN B 498 82.18 15.17 -12.07
N GLU B 499 81.24 14.25 -12.29
CA GLU B 499 80.99 13.74 -13.64
C GLU B 499 80.60 14.86 -14.60
N THR B 500 79.83 15.84 -14.13
CA THR B 500 79.30 16.88 -15.00
C THR B 500 80.43 17.61 -15.73
N LYS B 501 81.31 18.27 -14.97
CA LYS B 501 82.36 19.08 -15.59
C LYS B 501 83.30 18.23 -16.43
N THR B 502 83.62 17.01 -15.99
CA THR B 502 84.57 16.18 -16.71
C THR B 502 84.00 15.72 -18.05
N MET B 503 82.72 15.35 -18.07
CA MET B 503 82.11 14.89 -19.31
C MET B 503 81.89 16.07 -20.25
N ILE B 504 81.58 17.24 -19.70
CA ILE B 504 81.56 18.46 -20.50
C ILE B 504 82.94 18.71 -21.10
N SER B 505 83.99 18.48 -20.32
CA SER B 505 85.34 18.68 -20.83
C SER B 505 85.64 17.73 -21.98
N SER B 506 85.19 16.48 -21.86
CA SER B 506 85.42 15.52 -22.94
C SER B 506 84.69 15.94 -24.22
N ARG B 507 83.42 16.34 -24.10
CA ARG B 507 82.68 16.76 -25.27
C ARG B 507 83.19 18.09 -25.85
N LEU B 508 83.74 18.97 -25.02
CA LEU B 508 84.33 20.20 -25.53
C LEU B 508 85.73 19.95 -26.09
N ASP B 509 86.35 18.84 -25.70
CA ASP B 509 87.63 18.47 -26.30
C ASP B 509 87.44 17.87 -27.68
N LYS B 510 86.36 17.10 -27.88
CA LYS B 510 86.20 16.43 -29.16
C LYS B 510 85.89 17.42 -30.29
N VAL B 511 85.27 18.55 -29.98
CA VAL B 511 84.89 19.51 -31.02
C VAL B 511 86.12 20.13 -31.67
N GLU B 512 87.19 20.35 -30.90
CA GLU B 512 88.44 20.94 -31.40
C GLU B 512 88.21 22.35 -31.94
N ASN B 513 89.13 22.80 -32.79
CA ASN B 513 89.09 24.11 -33.47
C ASN B 513 88.79 25.27 -32.51
N ILE B 514 89.13 25.10 -31.23
CA ILE B 514 88.89 26.14 -30.23
C ILE B 514 90.12 26.25 -29.35
N SER B 515 90.27 27.40 -28.71
CA SER B 515 91.31 27.58 -27.71
C SER B 515 90.98 26.76 -26.47
N ASP B 516 92.03 26.27 -25.80
CA ASP B 516 91.83 25.46 -24.60
C ASP B 516 91.62 26.34 -23.36
N ASP B 517 90.67 27.27 -23.44
CA ASP B 517 90.29 28.07 -22.29
C ASP B 517 88.80 28.41 -22.31
N PHE B 518 88.04 27.89 -23.29
CA PHE B 518 86.65 28.29 -23.42
C PHE B 518 85.78 27.70 -22.32
N LEU B 519 86.30 26.71 -21.60
CA LEU B 519 85.57 26.07 -20.50
C LEU B 519 85.91 26.80 -19.21
N THR B 520 85.01 27.65 -18.75
CA THR B 520 85.12 28.33 -17.48
C THR B 520 83.86 28.09 -16.64
N ARG B 521 83.82 28.74 -15.48
CA ARG B 521 82.65 28.63 -14.61
C ARG B 521 81.38 29.13 -15.28
N ASP B 522 81.43 30.32 -15.90
CA ASP B 522 80.24 30.88 -16.52
C ASP B 522 79.74 29.98 -17.64
N ILE B 523 80.64 29.58 -18.54
CA ILE B 523 80.23 28.78 -19.70
C ILE B 523 79.70 27.43 -19.24
N GLU B 524 80.39 26.80 -18.29
CA GLU B 524 79.96 25.49 -17.80
C GLU B 524 78.57 25.56 -17.17
N GLN B 525 78.35 26.56 -16.30
CA GLN B 525 77.04 26.70 -15.68
C GLN B 525 75.96 27.00 -16.71
N LYS B 526 76.25 27.88 -17.67
CA LYS B 526 75.28 28.15 -18.73
C LYS B 526 74.90 26.85 -19.45
N ILE B 527 75.88 26.19 -20.06
CA ILE B 527 75.57 25.01 -20.88
C ILE B 527 74.91 23.94 -20.03
N TRP B 528 75.22 23.88 -18.73
CA TRP B 528 74.49 22.98 -17.85
C TRP B 528 73.02 23.38 -17.78
N HIS B 529 72.73 24.68 -17.68
CA HIS B 529 71.34 25.10 -17.60
C HIS B 529 70.60 24.79 -18.90
N ILE B 530 71.23 25.05 -20.05
CA ILE B 530 70.60 24.66 -21.32
C ILE B 530 70.35 23.16 -21.36
N ILE B 531 71.36 22.35 -21.04
CA ILE B 531 71.26 20.92 -21.27
C ILE B 531 70.37 20.27 -20.21
N TYR B 532 70.11 20.98 -19.12
CA TYR B 532 69.19 20.51 -18.08
C TYR B 532 67.76 20.93 -18.36
N SER B 533 67.55 22.13 -18.91
CA SER B 533 66.21 22.67 -19.05
C SER B 533 65.47 22.14 -20.27
N VAL B 534 66.10 22.16 -21.45
CA VAL B 534 65.41 21.76 -22.67
C VAL B 534 65.59 20.26 -22.93
N ASN B 535 64.64 19.48 -22.43
CA ASN B 535 64.62 18.03 -22.67
C ASN B 535 63.64 17.68 -23.79
N ASP B 536 63.93 18.18 -25.00
CA ASP B 536 63.12 17.89 -26.17
C ASP B 536 63.99 18.04 -27.41
N LYS B 537 63.88 17.06 -28.31
CA LYS B 537 64.88 16.89 -29.38
C LYS B 537 65.06 18.15 -30.21
N VAL B 538 64.00 18.59 -30.90
CA VAL B 538 64.12 19.73 -31.81
C VAL B 538 64.49 20.99 -31.04
N GLU B 539 63.86 21.21 -29.89
CA GLU B 539 64.20 22.35 -29.06
C GLU B 539 65.64 22.29 -28.59
N TYR B 540 66.10 21.10 -28.21
CA TYR B 540 67.48 20.92 -27.74
C TYR B 540 68.49 21.23 -28.83
N GLU B 541 68.25 20.76 -30.05
CA GLU B 541 69.20 21.04 -31.13
C GLU B 541 69.15 22.52 -31.53
N LYS B 542 67.98 23.14 -31.42
CA LYS B 542 67.90 24.57 -31.67
C LYS B 542 68.81 25.24 -30.68
N ALA B 543 68.61 24.94 -29.40
CA ALA B 543 69.39 25.60 -28.36
C ALA B 543 70.89 25.39 -28.54
N LEU B 544 71.29 24.17 -28.92
CA LEU B 544 72.71 23.91 -29.13
C LEU B 544 73.26 24.73 -30.30
N LYS B 545 72.52 24.80 -31.40
CA LYS B 545 72.98 25.60 -32.54
C LYS B 545 73.06 27.08 -32.18
N SER B 546 72.08 27.57 -31.42
CA SER B 546 72.11 28.97 -31.00
C SER B 546 73.29 29.24 -30.08
N PHE B 547 73.62 28.31 -29.18
CA PHE B 547 74.81 28.48 -28.36
C PHE B 547 76.07 28.48 -29.21
N ALA B 548 76.14 27.60 -30.20
CA ALA B 548 77.30 27.57 -31.08
C ALA B 548 77.40 28.81 -31.94
N ARG B 549 76.29 29.52 -32.15
CA ARG B 549 76.35 30.78 -32.90
C ARG B 549 76.77 31.94 -32.00
N LYS B 550 76.11 32.09 -30.84
CA LYS B 550 76.42 33.21 -29.95
C LYS B 550 77.86 33.15 -29.46
N HIS B 551 78.31 31.98 -29.03
CA HIS B 551 79.70 31.78 -28.65
C HIS B 551 80.51 31.34 -29.86
N HIS B 552 81.67 31.95 -30.05
CA HIS B 552 82.37 31.87 -31.32
C HIS B 552 82.97 30.48 -31.55
N LEU B 553 82.09 29.51 -31.80
CA LEU B 553 82.48 28.13 -32.05
C LEU B 553 81.78 27.64 -33.30
N ASP B 554 82.40 26.69 -34.01
CA ASP B 554 81.82 26.19 -35.25
C ASP B 554 80.68 25.23 -34.93
N GLU B 555 79.53 25.44 -35.60
CA GLU B 555 78.39 24.54 -35.43
C GLU B 555 78.42 23.44 -36.48
N SER B 556 79.55 22.75 -36.60
CA SER B 556 79.69 21.58 -37.46
C SER B 556 80.07 20.34 -36.69
N SER B 557 80.82 20.49 -35.60
CA SER B 557 81.22 19.38 -34.75
C SER B 557 80.72 19.51 -33.32
N PHE B 558 80.32 20.71 -32.89
CA PHE B 558 79.90 20.91 -31.51
C PHE B 558 78.53 20.27 -31.25
N PHE B 559 77.59 20.45 -32.19
CA PHE B 559 76.29 19.80 -32.03
C PHE B 559 76.42 18.29 -32.13
N GLU B 560 77.32 17.80 -33.00
CA GLU B 560 77.61 16.38 -33.02
C GLU B 560 78.20 15.92 -31.69
N ALA B 561 78.97 16.79 -31.04
CA ALA B 561 79.53 16.45 -29.73
C ALA B 561 78.43 16.35 -28.69
N PHE B 562 77.43 17.22 -28.73
CA PHE B 562 76.43 17.29 -27.68
C PHE B 562 75.04 16.80 -28.08
N ARG B 563 74.85 16.29 -29.30
CA ARG B 563 73.52 15.83 -29.67
C ARG B 563 73.14 14.53 -28.97
N LYS B 564 74.11 13.68 -28.63
CA LYS B 564 73.81 12.40 -28.00
C LYS B 564 74.26 12.43 -26.53
N PHE B 565 74.08 13.57 -25.87
CA PHE B 565 74.33 13.61 -24.44
C PHE B 565 73.24 12.84 -23.71
N PRO B 566 73.58 11.82 -22.94
CA PRO B 566 72.56 11.11 -22.14
C PRO B 566 71.97 12.03 -21.08
N PRO B 567 70.65 12.14 -21.03
CA PRO B 567 70.01 13.09 -20.11
C PRO B 567 70.33 12.77 -18.65
N PHE B 568 70.32 13.81 -17.82
CA PHE B 568 70.66 13.67 -16.41
C PHE B 568 69.65 12.79 -15.69
N LYS B 569 70.13 12.01 -14.73
CA LYS B 569 69.26 11.27 -13.84
C LYS B 569 68.45 12.23 -12.97
N SER B 570 67.22 11.85 -12.68
CA SER B 570 66.32 12.70 -11.89
C SER B 570 66.63 12.49 -10.41
N GLU B 571 67.42 13.39 -9.85
CA GLU B 571 67.72 13.38 -8.43
C GLU B 571 68.05 14.79 -7.98
N TYR B 572 67.74 15.09 -6.72
CA TYR B 572 67.97 16.42 -6.16
C TYR B 572 68.61 16.29 -4.79
N GLY B 573 69.42 17.28 -4.44
CA GLY B 573 70.13 17.28 -3.17
C GLY B 573 69.24 17.68 -2.01
N SER B 574 69.83 17.64 -0.81
CA SER B 574 69.08 17.97 0.39
C SER B 574 68.86 19.47 0.51
N PHE B 575 69.74 20.27 -0.08
CA PHE B 575 69.70 21.72 0.07
C PHE B 575 69.31 22.40 -1.24
N SER B 576 69.13 23.71 -1.17
CA SER B 576 68.82 24.52 -2.34
C SER B 576 70.08 25.21 -2.85
N GLU B 577 69.95 25.90 -3.99
CA GLU B 577 71.11 26.56 -4.58
C GLU B 577 71.59 27.71 -3.71
N LYS B 578 70.68 28.46 -3.10
CA LYS B 578 71.09 29.57 -2.24
C LYS B 578 71.89 29.08 -1.05
N ALA B 579 71.42 28.02 -0.39
CA ALA B 579 72.12 27.49 0.78
C ALA B 579 73.49 26.95 0.40
N ILE B 580 73.57 26.21 -0.71
CA ILE B 580 74.86 25.67 -1.13
C ILE B 580 75.83 26.79 -1.50
N LYS B 581 75.33 27.79 -2.23
CA LYS B 581 76.18 28.92 -2.62
C LYS B 581 76.69 29.67 -1.40
N LYS B 582 75.82 29.85 -0.39
CA LYS B 582 76.26 30.51 0.84
C LYS B 582 77.29 29.66 1.58
N LEU B 583 77.11 28.34 1.58
CA LEU B 583 78.00 27.47 2.33
C LEU B 583 79.36 27.29 1.68
N LEU B 584 79.43 27.32 0.34
CA LEU B 584 80.68 26.99 -0.35
C LEU B 584 81.89 27.77 0.14
N PRO B 585 81.82 29.08 0.41
CA PRO B 585 83.05 29.81 0.79
C PRO B 585 83.78 29.22 2.00
N LEU B 586 83.06 28.69 2.99
CA LEU B 586 83.73 28.24 4.21
C LEU B 586 84.45 26.91 4.02
N MET B 587 83.89 26.01 3.20
CA MET B 587 84.61 24.77 2.91
C MET B 587 85.83 25.02 2.02
N ARG B 588 85.94 26.22 1.47
CA ARG B 588 87.08 26.52 0.64
C ARG B 588 88.37 26.67 1.40
N LEU B 589 89.47 26.29 0.77
CA LEU B 589 90.80 26.46 1.34
C LEU B 589 91.72 26.99 0.26
N GLY B 590 92.84 27.58 0.69
CA GLY B 590 93.85 28.05 -0.25
C GLY B 590 93.33 29.12 -1.19
N LYS B 591 93.74 29.01 -2.47
CA LYS B 591 93.44 30.05 -3.44
C LYS B 591 91.95 30.14 -3.75
N TYR B 592 91.22 29.02 -3.71
CA TYR B 592 89.78 29.10 -3.91
C TYR B 592 89.04 29.67 -2.71
N TRP B 593 89.71 29.86 -1.58
CA TRP B 593 89.12 30.48 -0.40
C TRP B 593 89.47 31.95 -0.37
N ASN B 594 88.50 32.78 0.01
CA ASN B 594 88.75 34.19 0.24
C ASN B 594 87.66 34.73 1.15
N TYR B 595 88.02 35.70 2.00
CA TYR B 595 87.08 36.25 2.96
C TYR B 595 86.02 37.10 2.28
N ALA B 596 86.34 37.66 1.11
CA ALA B 596 85.45 38.59 0.42
C ALA B 596 84.16 37.96 -0.07
N GLU B 597 84.15 36.66 -0.36
CA GLU B 597 82.99 36.00 -0.94
C GLU B 597 81.97 35.57 0.11
N ILE B 598 82.23 35.80 1.39
CA ILE B 598 81.32 35.44 2.47
C ILE B 598 80.37 36.61 2.69
N ASP B 599 79.07 36.31 2.80
CA ASP B 599 78.07 37.35 2.91
C ASP B 599 78.20 38.11 4.24
N LYS B 600 77.35 39.13 4.39
CA LYS B 600 77.47 40.03 5.53
C LYS B 600 77.21 39.31 6.85
N TYR B 601 76.18 38.49 6.92
CA TYR B 601 75.79 37.87 8.19
C TYR B 601 76.85 36.88 8.68
N SER B 602 77.35 36.03 7.79
CA SER B 602 78.35 35.05 8.21
C SER B 602 79.67 35.74 8.57
N ARG B 603 80.03 36.81 7.86
CA ARG B 603 81.22 37.57 8.23
C ARG B 603 81.06 38.23 9.59
N GLU B 604 79.86 38.76 9.88
CA GLU B 604 79.60 39.31 11.20
C GLU B 604 79.73 38.24 12.28
N ARG B 605 79.19 37.05 12.02
CA ARG B 605 79.31 35.97 13.00
C ARG B 605 80.75 35.53 13.18
N ILE B 606 81.53 35.54 12.09
CA ILE B 606 82.96 35.22 12.19
C ILE B 606 83.67 36.24 13.06
N GLN B 607 83.36 37.52 12.86
CA GLN B 607 83.95 38.57 13.70
C GLN B 607 83.57 38.38 15.16
N LYS B 608 82.30 38.02 15.41
CA LYS B 608 81.85 37.79 16.78
C LYS B 608 82.59 36.62 17.41
N ILE B 609 82.80 35.55 16.63
CA ILE B 609 83.51 34.39 17.15
C ILE B 609 84.96 34.73 17.47
N ILE B 610 85.65 35.41 16.56
CA ILE B 610 87.07 35.69 16.78
C ILE B 610 87.25 36.69 17.91
N THR B 611 86.32 37.64 18.05
CA THR B 611 86.42 38.64 19.10
C THR B 611 86.20 38.02 20.48
N GLY B 612 85.36 37.00 20.57
CA GLY B 612 85.06 36.39 21.85
C GLY B 612 83.96 37.07 22.65
N GLU B 613 83.24 38.00 22.05
CA GLU B 613 82.17 38.71 22.74
C GLU B 613 80.93 37.81 22.84
N TYR B 614 79.87 38.33 23.46
CA TYR B 614 78.70 37.54 23.79
C TYR B 614 77.53 37.92 22.89
N ASP B 615 76.98 36.94 22.18
CA ASP B 615 75.80 37.12 21.36
C ASP B 615 74.77 36.05 21.71
N GLU B 616 73.49 36.39 21.56
CA GLU B 616 72.42 35.45 21.83
C GLU B 616 72.33 34.37 20.75
N ASN B 617 72.86 34.62 19.56
CA ASN B 617 72.81 33.67 18.47
C ASN B 617 73.98 32.68 18.49
N ILE B 618 74.88 32.80 19.46
CA ILE B 618 76.03 31.92 19.58
C ILE B 618 75.96 31.19 20.91
N LYS B 619 76.18 29.88 20.87
CA LYS B 619 76.07 29.04 22.05
C LYS B 619 77.45 28.76 22.64
N ASP B 620 77.45 28.15 23.84
CA ASP B 620 78.71 27.82 24.50
C ASP B 620 79.43 26.68 23.81
N LYS B 621 78.66 25.70 23.29
CA LYS B 621 79.26 24.62 22.53
C LYS B 621 80.03 25.13 21.32
N VAL B 622 79.65 26.31 20.82
CA VAL B 622 80.31 26.89 19.64
C VAL B 622 81.75 27.23 19.98
N ARG B 623 81.94 28.07 20.99
CA ARG B 623 83.30 28.42 21.39
C ARG B 623 84.01 27.17 21.90
N GLU B 624 83.28 26.23 22.49
CA GLU B 624 83.89 24.97 22.86
C GLU B 624 84.54 24.30 21.66
N LYS B 625 83.84 24.31 20.52
CA LYS B 625 84.37 23.69 19.31
C LYS B 625 85.24 24.64 18.51
N SER B 626 84.90 25.94 18.50
CA SER B 626 85.61 26.93 17.71
C SER B 626 86.75 27.60 18.48
N VAL B 627 87.32 26.92 19.47
CA VAL B 627 88.45 27.48 20.20
C VAL B 627 89.66 27.63 19.27
N HIS B 628 89.81 26.72 18.32
CA HIS B 628 90.94 26.79 17.38
C HIS B 628 90.73 27.89 16.35
N LEU B 629 89.51 28.42 16.23
CA LEU B 629 89.19 29.47 15.27
C LEU B 629 89.51 30.85 15.86
N THR B 630 90.78 31.04 16.22
CA THR B 630 91.20 32.29 16.84
C THR B 630 91.25 33.42 15.83
N ILE B 631 91.80 33.16 14.64
CA ILE B 631 91.97 34.18 13.62
C ILE B 631 90.98 33.91 12.50
N GLU B 632 90.67 34.96 11.72
CA GLU B 632 89.77 34.80 10.59
C GLU B 632 90.36 33.87 9.53
N ASN B 633 91.69 33.82 9.44
CA ASN B 633 92.35 32.86 8.56
C ASN B 633 92.09 31.42 8.96
N ASP B 634 91.76 31.15 10.22
CA ASP B 634 91.37 29.81 10.64
C ASP B 634 90.06 29.37 10.01
N PHE B 635 89.28 30.29 9.43
CA PHE B 635 88.06 29.93 8.71
C PHE B 635 88.40 29.49 7.29
N GLN B 636 89.34 28.54 7.22
CA GLN B 636 89.73 27.88 5.99
C GLN B 636 89.62 26.38 6.21
N GLY B 637 89.13 25.68 5.20
CA GLY B 637 88.98 24.24 5.32
C GLY B 637 88.01 23.82 6.40
N LEU B 638 86.94 24.58 6.61
CA LEU B 638 85.91 24.21 7.57
C LEU B 638 84.98 23.19 6.95
N GLN B 639 84.60 22.19 7.73
CA GLN B 639 83.80 21.09 7.21
C GLN B 639 82.33 21.51 7.10
N LEU B 640 81.48 20.53 6.76
CA LEU B 640 80.06 20.80 6.60
C LEU B 640 79.43 21.25 7.92
N TRP B 641 79.81 20.61 9.02
CA TRP B 641 79.15 20.85 10.30
C TRP B 641 79.43 22.28 10.80
N LEU B 642 80.71 22.64 10.89
CA LEU B 642 81.09 23.96 11.40
C LEU B 642 80.57 25.07 10.50
N ALA B 643 80.78 24.93 9.19
CA ALA B 643 80.34 25.95 8.25
C ALA B 643 78.82 26.09 8.26
N GLN B 644 78.11 24.96 8.33
CA GLN B 644 76.65 25.00 8.38
C GLN B 644 76.17 25.77 9.60
N TYR B 645 76.76 25.48 10.77
CA TYR B 645 76.38 26.24 11.95
C TYR B 645 76.69 27.72 11.79
N ILE B 646 77.90 28.04 11.35
CA ILE B 646 78.30 29.45 11.28
C ILE B 646 77.40 30.21 10.33
N VAL B 647 76.98 29.58 9.23
CA VAL B 647 76.09 30.24 8.29
C VAL B 647 74.71 30.42 8.89
N TYR B 648 74.16 29.38 9.53
CA TYR B 648 72.76 29.41 9.92
C TYR B 648 72.48 29.36 11.42
N GLY B 649 73.51 29.17 12.25
CA GLY B 649 73.33 29.36 13.69
C GLY B 649 72.60 28.27 14.43
N ARG B 650 72.34 27.13 13.80
CA ARG B 650 71.68 26.01 14.45
C ARG B 650 72.57 24.78 14.39
N HIS B 651 72.70 24.09 15.52
CA HIS B 651 73.56 22.90 15.62
C HIS B 651 72.87 21.75 14.89
N SER B 652 72.82 21.86 13.57
CA SER B 652 72.06 20.95 12.72
C SER B 652 70.61 20.88 13.18
N GLU B 653 69.91 19.81 12.82
CA GLU B 653 68.52 19.65 13.20
C GLU B 653 68.45 19.04 14.59
N ALA B 654 68.12 19.88 15.59
CA ALA B 654 68.01 19.44 16.97
C ALA B 654 66.58 19.09 17.37
N SER B 655 65.64 19.11 16.42
CA SER B 655 64.24 18.81 16.65
C SER B 655 63.58 19.80 17.60
N MET B 656 62.26 19.69 17.78
CA MET B 656 61.51 20.60 18.63
C MET B 656 60.93 19.95 19.87
N ILE B 657 61.07 18.63 20.05
CA ILE B 657 60.59 17.90 21.22
C ILE B 657 59.07 17.99 21.31
N GLY B 658 58.54 19.18 21.52
CA GLY B 658 57.10 19.40 21.49
C GLY B 658 56.35 18.89 22.70
N LYS B 659 55.16 19.44 22.92
CA LYS B 659 54.31 19.03 24.03
C LYS B 659 52.88 19.47 23.73
N TRP B 660 51.97 18.52 23.60
CA TRP B 660 50.56 18.84 23.43
C TRP B 660 49.92 19.06 24.78
N ASN B 661 49.09 20.10 24.89
CA ASN B 661 48.51 20.51 26.16
C ASN B 661 47.07 20.05 26.35
N SER B 662 46.34 19.78 25.27
CA SER B 662 44.94 19.40 25.36
C SER B 662 44.58 18.66 24.08
N ALA B 663 43.34 18.16 24.03
CA ALA B 663 42.85 17.47 22.84
C ALA B 663 42.79 18.40 21.63
N ASN B 664 42.81 19.72 21.85
CA ASN B 664 42.79 20.65 20.72
C ASN B 664 44.03 20.50 19.86
N ASP B 665 45.20 20.33 20.49
CA ASP B 665 46.43 20.12 19.73
C ASP B 665 46.33 18.85 18.88
N LEU B 666 45.85 17.77 19.46
CA LEU B 666 45.75 16.53 18.71
C LEU B 666 44.79 16.72 17.54
N GLU B 667 43.61 17.28 17.79
CA GLU B 667 42.64 17.39 16.72
C GLU B 667 43.13 18.33 15.62
N VAL B 668 43.89 19.37 15.97
CA VAL B 668 44.49 20.23 14.94
C VAL B 668 45.52 19.43 14.13
N PHE B 669 46.32 18.61 14.82
CA PHE B 669 47.29 17.77 14.14
C PHE B 669 46.61 16.80 13.18
N LEU B 670 45.46 16.29 13.60
CA LEU B 670 44.72 15.36 12.76
C LEU B 670 44.11 16.12 11.58
N LYS B 671 43.63 17.34 11.79
CA LYS B 671 43.07 18.15 10.72
C LYS B 671 44.12 18.48 9.67
N ASP B 672 45.34 18.75 10.10
N ASP B 672 45.34 18.75 10.10
CA ASP B 672 46.42 19.16 9.21
CA ASP B 672 46.42 19.16 9.21
C ASP B 672 47.18 17.98 8.60
C ASP B 672 47.18 17.98 8.60
N PHE B 673 46.78 16.75 8.92
CA PHE B 673 47.46 15.59 8.35
C PHE B 673 47.20 15.51 6.85
N LYS B 674 48.25 15.20 6.10
CA LYS B 674 48.21 15.19 4.64
C LYS B 674 48.11 13.76 4.12
N GLN B 675 47.25 13.57 3.13
CA GLN B 675 47.07 12.27 2.50
C GLN B 675 48.35 11.85 1.76
N HIS B 676 48.55 10.54 1.68
CA HIS B 676 49.69 9.93 0.98
C HIS B 676 51.02 10.35 1.58
N SER B 677 51.08 10.57 2.89
CA SER B 677 52.33 10.97 3.53
C SER B 677 53.11 9.80 4.11
N LEU B 678 52.64 8.57 3.94
CA LEU B 678 53.25 7.38 4.54
C LEU B 678 53.52 6.33 3.46
N ARG B 679 53.88 5.13 3.91
CA ARG B 679 54.26 4.06 2.99
C ARG B 679 53.11 3.68 2.07
N ASN B 680 51.94 3.39 2.64
CA ASN B 680 50.81 2.88 1.88
C ASN B 680 49.52 3.27 2.59
N PRO B 681 48.39 3.24 1.89
CA PRO B 681 47.13 3.68 2.52
C PRO B 681 46.75 2.89 3.77
N ILE B 682 47.14 1.62 3.88
CA ILE B 682 46.66 0.79 4.99
C ILE B 682 47.19 1.34 6.32
N VAL B 683 48.50 1.54 6.41
CA VAL B 683 49.09 2.03 7.65
C VAL B 683 48.63 3.46 7.93
N GLU B 684 48.37 4.24 6.88
CA GLU B 684 47.89 5.60 7.07
C GLU B 684 46.51 5.61 7.70
N GLN B 685 45.61 4.75 7.19
CA GLN B 685 44.29 4.60 7.79
C GLN B 685 44.39 4.13 9.23
N VAL B 686 45.28 3.16 9.48
CA VAL B 686 45.44 2.63 10.84
C VAL B 686 45.89 3.73 11.79
N ILE B 687 46.89 4.52 11.39
CA ILE B 687 47.42 5.58 12.24
C ILE B 687 46.37 6.66 12.47
N THR B 688 45.67 7.06 11.40
CA THR B 688 44.66 8.11 11.55
C THR B 688 43.54 7.67 12.49
N GLU B 689 43.07 6.43 12.35
CA GLU B 689 42.00 5.96 13.22
C GLU B 689 42.50 5.78 14.65
N THR B 690 43.76 5.39 14.82
CA THR B 690 44.32 5.30 16.16
C THR B 690 44.34 6.68 16.83
N LEU B 691 44.71 7.70 16.07
CA LEU B 691 44.73 9.06 16.61
C LEU B 691 43.33 9.55 16.94
N ARG B 692 42.36 9.24 16.08
CA ARG B 692 40.98 9.59 16.36
C ARG B 692 40.49 8.89 17.63
N VAL B 693 40.84 7.61 17.79
CA VAL B 693 40.38 6.85 18.95
C VAL B 693 41.00 7.37 20.23
N VAL B 694 42.29 7.72 20.20
CA VAL B 694 42.91 8.23 21.41
C VAL B 694 42.35 9.60 21.77
N LYS B 695 42.03 10.42 20.76
CA LYS B 695 41.36 11.69 21.06
C LYS B 695 40.01 11.45 21.72
N ASP B 696 39.23 10.50 21.19
CA ASP B 696 37.92 10.21 21.75
C ASP B 696 38.02 9.70 23.18
N ILE B 697 38.98 8.80 23.46
CA ILE B 697 39.12 8.28 24.81
C ILE B 697 39.60 9.37 25.76
N TRP B 698 40.48 10.27 25.29
CA TRP B 698 40.89 11.41 26.09
C TRP B 698 39.69 12.26 26.47
N LEU B 699 38.85 12.58 25.49
CA LEU B 699 37.67 13.40 25.77
C LEU B 699 36.72 12.70 26.73
N LYS B 700 36.49 11.40 26.54
CA LYS B 700 35.45 10.72 27.31
C LYS B 700 35.91 10.45 28.75
N TYR B 701 37.19 10.14 28.95
CA TYR B 701 37.64 9.67 30.25
C TYR B 701 38.47 10.69 31.02
N GLY B 702 39.05 11.69 30.36
CA GLY B 702 39.85 12.68 31.06
C GLY B 702 39.49 14.09 30.67
N ASN B 703 38.54 14.23 29.75
CA ASN B 703 38.02 15.52 29.29
C ASN B 703 39.11 16.45 28.78
N GLY B 704 40.10 15.91 28.05
CA GLY B 704 41.10 16.73 27.41
C GLY B 704 42.03 17.47 28.33
N THR B 705 42.12 17.10 29.61
CA THR B 705 43.00 17.79 30.53
C THR B 705 44.45 17.41 30.30
N LYS B 706 45.35 18.19 30.89
CA LYS B 706 46.78 17.90 30.78
C LYS B 706 47.12 16.57 31.42
N ASP B 707 48.16 15.93 30.86
CA ASP B 707 48.81 14.72 31.38
C ASP B 707 47.83 13.75 32.03
N PHE B 708 46.72 13.52 31.34
CA PHE B 708 45.74 12.54 31.83
C PHE B 708 46.25 11.12 31.65
N PHE B 709 47.05 10.89 30.61
CA PHE B 709 47.66 9.58 30.35
C PHE B 709 49.01 9.54 31.04
N ASN B 710 49.11 8.80 32.14
CA ASN B 710 50.40 8.66 32.83
C ASN B 710 51.40 7.91 31.97
N GLU B 711 50.91 6.93 31.23
CA GLU B 711 51.79 6.13 30.39
C GLU B 711 51.06 5.49 29.24
N ILE B 712 51.76 5.29 28.12
CA ILE B 712 51.20 4.63 26.94
C ILE B 712 52.10 3.45 26.60
N HIS B 713 51.52 2.26 26.49
CA HIS B 713 52.21 1.08 26.03
C HIS B 713 51.70 0.73 24.64
N ILE B 714 52.64 0.43 23.74
CA ILE B 714 52.35 0.26 22.32
C ILE B 714 52.87 -1.11 21.87
N GLU B 715 52.12 -1.76 20.99
CA GLU B 715 52.61 -2.97 20.37
C GLU B 715 51.81 -3.28 19.11
N LEU B 716 52.38 -4.14 18.26
CA LEU B 716 51.79 -4.51 16.99
C LEU B 716 51.35 -5.97 16.97
N GLY B 717 52.26 -6.90 17.25
CA GLY B 717 51.94 -8.31 17.23
C GLY B 717 51.88 -8.90 15.84
N ASP B 930 56.93 -6.03 7.78
CA ASP B 930 56.00 -5.35 6.89
C ASP B 930 55.22 -4.30 7.65
N THR B 931 54.47 -4.73 8.66
CA THR B 931 53.72 -3.81 9.51
C THR B 931 54.62 -2.99 10.42
N ARG B 932 55.91 -3.32 10.51
CA ARG B 932 56.82 -2.66 11.43
C ARG B 932 56.92 -1.16 11.17
N TYR B 933 56.35 -0.68 10.05
CA TYR B 933 56.41 0.74 9.72
C TYR B 933 55.79 1.59 10.83
N ILE B 934 54.64 1.15 11.36
CA ILE B 934 53.94 1.92 12.39
C ILE B 934 54.49 1.68 13.79
N SER B 935 55.52 0.85 13.94
CA SER B 935 56.09 0.61 15.25
C SER B 935 56.76 1.86 15.81
N LYS B 936 57.43 2.63 14.95
CA LYS B 936 58.16 3.81 15.40
C LYS B 936 57.42 5.10 15.12
N TYR B 937 56.67 5.18 14.02
CA TYR B 937 55.97 6.41 13.67
C TYR B 937 54.90 6.75 14.71
N ILE B 938 54.10 5.77 15.11
CA ILE B 938 53.03 6.04 16.07
C ILE B 938 53.62 6.38 17.43
N SER B 939 54.73 5.74 17.81
CA SER B 939 55.37 6.09 19.07
C SER B 939 55.91 7.51 19.05
N GLY B 940 56.55 7.90 17.94
CA GLY B 940 57.02 9.26 17.81
C GLY B 940 55.89 10.28 17.87
N ILE B 941 54.78 9.98 17.19
CA ILE B 941 53.65 10.92 17.18
C ILE B 941 53.02 11.04 18.56
N LEU B 942 52.83 9.91 19.25
CA LEU B 942 52.18 9.92 20.56
C LEU B 942 53.13 10.26 21.70
N SER B 943 54.43 10.41 21.42
CA SER B 943 55.36 10.84 22.45
C SER B 943 55.03 12.23 22.97
N ASN B 944 54.34 13.04 22.16
CA ASN B 944 54.02 14.41 22.55
C ASN B 944 53.11 14.50 23.77
N ILE B 945 52.28 13.50 23.99
CA ILE B 945 51.29 13.60 25.06
C ILE B 945 51.77 13.09 26.39
N VAL B 946 52.69 12.13 26.38
CA VAL B 946 53.14 11.50 27.62
C VAL B 946 54.58 11.92 27.93
N ARG B 947 55.08 12.90 27.18
CA ARG B 947 56.41 13.43 27.41
C ARG B 947 56.44 14.26 28.69
N VAL B 948 57.66 14.46 29.22
CA VAL B 948 57.88 15.28 30.40
C VAL B 948 58.81 16.43 30.02
N GLU B 949 58.43 17.64 30.39
CA GLU B 949 59.15 18.85 30.01
C GLU B 949 60.30 19.20 30.96
N ASP B 950 60.48 18.44 32.04
CA ASP B 950 61.50 18.77 33.03
C ASP B 950 62.92 18.60 32.52
N GLY B 951 63.11 17.93 31.38
CA GLY B 951 64.43 17.65 30.85
C GLY B 951 64.92 16.23 31.07
N SER B 952 64.27 15.48 31.98
CA SER B 952 64.62 14.08 32.14
C SER B 952 64.24 13.27 30.91
N ASP B 953 63.10 13.57 30.31
CA ASP B 953 62.62 12.85 29.12
C ASP B 953 63.05 13.63 27.87
N GLU B 954 64.19 13.26 27.31
CA GLU B 954 64.66 13.82 26.05
C GLU B 954 65.08 12.68 25.13
N GLY B 955 64.60 12.75 23.89
CA GLY B 955 64.90 11.72 22.92
C GLY B 955 63.84 11.69 21.84
N VAL B 956 63.99 10.72 20.94
CA VAL B 956 63.05 10.59 19.82
C VAL B 956 61.67 10.18 20.32
N ASN B 957 61.62 9.33 21.36
CA ASN B 957 60.36 8.86 21.92
C ASN B 957 60.35 9.13 23.43
N SER B 958 59.17 9.39 23.96
CA SER B 958 59.03 9.60 25.40
C SER B 958 59.39 8.33 26.15
N LYS B 959 60.10 8.50 27.27
CA LYS B 959 60.51 7.35 28.07
C LYS B 959 59.32 6.57 28.61
N ASN B 960 58.13 7.18 28.59
CA ASN B 960 56.90 6.51 29.04
C ASN B 960 56.36 5.58 27.97
N ILE B 961 56.82 5.75 26.74
CA ILE B 961 56.40 4.86 25.65
C ILE B 961 57.22 3.58 25.74
N VAL B 962 56.55 2.46 26.01
CA VAL B 962 57.23 1.21 26.28
C VAL B 962 56.73 0.12 25.35
N PRO B 963 57.31 -0.03 24.16
CA PRO B 963 56.94 -1.15 23.28
C PRO B 963 57.34 -2.49 23.91
N GLY B 964 56.55 -3.52 23.60
CA GLY B 964 56.82 -4.86 24.06
C GLY B 964 57.21 -5.81 22.94
N ASN B 965 56.85 -7.07 23.13
CA ASN B 965 57.10 -8.09 22.11
C ASN B 965 56.10 -9.23 22.30
N GLY B 966 56.10 -10.15 21.33
CA GLY B 966 55.20 -11.29 21.40
C GLY B 966 55.50 -12.21 22.56
N LYS B 967 56.78 -12.34 22.93
CA LYS B 967 57.16 -13.22 24.03
C LYS B 967 56.45 -12.82 25.32
N ILE B 968 56.49 -11.53 25.65
CA ILE B 968 55.87 -11.06 26.90
C ILE B 968 54.38 -11.35 26.88
N THR B 969 53.70 -10.99 25.80
CA THR B 969 52.24 -11.13 25.77
C THR B 969 51.81 -12.59 25.81
N THR B 970 52.55 -13.47 25.12
CA THR B 970 52.15 -14.88 25.14
C THR B 970 52.46 -15.53 26.48
N GLN B 971 53.62 -15.19 27.08
CA GLN B 971 53.93 -15.74 28.39
C GLN B 971 52.93 -15.26 29.44
N LEU B 972 52.47 -14.03 29.30
CA LEU B 972 51.47 -13.52 30.21
C LEU B 972 50.15 -14.23 30.01
N LYS B 973 49.64 -14.28 28.78
CA LYS B 973 48.35 -14.90 28.51
C LYS B 973 48.33 -16.36 28.95
N GLN B 974 49.45 -17.06 28.83
CA GLN B 974 49.54 -18.40 29.38
C GLN B 974 49.51 -18.37 30.90
N ASP B 975 50.30 -17.49 31.52
CA ASP B 975 50.49 -17.55 32.96
C ASP B 975 49.32 -16.91 33.72
N TRP B 976 48.49 -16.12 33.05
CA TRP B 976 47.39 -15.43 33.73
C TRP B 976 46.09 -16.16 33.63
N GLY B 977 46.06 -17.33 33.02
CA GLY B 977 44.78 -17.94 32.75
C GLY B 977 43.96 -17.20 31.72
N LEU B 978 44.57 -16.27 30.98
CA LEU B 978 43.87 -15.51 29.94
C LEU B 978 43.52 -16.44 28.81
N ASN B 979 44.41 -17.35 28.49
CA ASN B 979 44.06 -18.36 27.51
C ASN B 979 42.83 -19.14 27.97
N ASP B 980 42.72 -19.37 29.28
CA ASP B 980 41.55 -20.06 29.82
C ASP B 980 40.28 -19.21 29.67
N VAL B 981 40.35 -17.92 29.97
CA VAL B 981 39.16 -17.09 29.80
C VAL B 981 38.80 -17.03 28.32
N TRP B 982 39.81 -17.00 27.45
CA TRP B 982 39.57 -16.95 26.01
C TRP B 982 38.87 -18.21 25.52
N ASN B 983 39.40 -19.39 25.87
CA ASN B 983 38.84 -20.63 25.32
C ASN B 983 37.48 -20.93 25.95
N ASP B 984 37.28 -20.54 27.22
CA ASP B 984 35.94 -20.61 27.79
C ASP B 984 34.98 -19.72 27.03
N LEU B 985 35.43 -18.54 26.61
CA LEU B 985 34.56 -17.64 25.86
C LEU B 985 34.22 -18.21 24.48
N ILE B 986 35.20 -18.85 23.82
CA ILE B 986 34.99 -19.33 22.45
C ILE B 986 34.36 -20.70 22.32
N LEU B 987 34.40 -21.49 23.39
CA LEU B 987 33.90 -22.87 23.30
C LEU B 987 32.50 -23.01 22.71
N PRO B 988 31.51 -22.17 23.02
CA PRO B 988 30.16 -22.39 22.45
C PRO B 988 30.10 -22.46 20.93
N ARG B 989 30.96 -21.71 20.24
CA ARG B 989 31.02 -21.82 18.79
C ARG B 989 31.42 -23.23 18.37
N PHE B 990 32.42 -23.81 19.04
CA PHE B 990 32.85 -25.15 18.70
C PHE B 990 31.80 -26.19 19.07
N GLU B 991 31.06 -25.95 20.15
CA GLU B 991 29.94 -26.84 20.48
C GLU B 991 28.86 -26.79 19.40
N ARG B 992 28.58 -25.59 18.89
CA ARG B 992 27.62 -25.46 17.80
C ARG B 992 28.10 -26.21 16.57
N MET B 993 29.38 -26.14 16.26
CA MET B 993 29.88 -26.83 15.09
C MET B 993 29.86 -28.33 15.32
N ASN B 994 30.13 -28.77 16.54
CA ASN B 994 30.03 -30.19 16.84
C ASN B 994 28.62 -30.71 16.61
N GLN B 995 27.61 -29.99 17.11
CA GLN B 995 26.24 -30.43 16.92
C GLN B 995 25.81 -30.31 15.46
N LEU B 996 26.42 -29.37 14.71
CA LEU B 996 26.10 -29.24 13.30
C LEU B 996 26.70 -30.37 12.48
N THR B 997 27.94 -30.76 12.80
CA THR B 997 28.61 -31.85 12.10
C THR B 997 28.26 -33.21 12.69
N ASN B 998 27.55 -33.24 13.83
CA ASN B 998 27.14 -34.49 14.47
C ASN B 998 28.35 -35.35 14.82
N SER B 999 29.39 -34.73 15.37
CA SER B 999 30.59 -35.42 15.77
C SER B 999 31.04 -34.87 17.12
N LYS B 1000 32.25 -35.25 17.55
CA LYS B 1000 32.83 -34.74 18.78
C LYS B 1000 34.29 -34.38 18.54
N ASP B 1001 34.67 -34.14 17.29
CA ASP B 1001 36.04 -33.83 16.93
C ASP B 1001 36.40 -32.36 17.11
N PHE B 1002 35.42 -31.48 17.32
CA PHE B 1002 35.68 -30.06 17.48
C PHE B 1002 35.92 -29.67 18.94
N THR B 1003 35.72 -30.59 19.88
CA THR B 1003 36.02 -30.33 21.29
C THR B 1003 36.77 -31.52 21.86
N ALA B 1004 37.82 -31.25 22.64
CA ALA B 1004 38.67 -32.29 23.21
C ALA B 1004 38.66 -32.18 24.73
N TRP B 1005 38.25 -33.24 25.42
CA TRP B 1005 38.29 -33.25 26.87
C TRP B 1005 39.73 -33.33 27.36
N ASN B 1006 39.97 -32.72 28.52
CA ASN B 1006 41.27 -32.81 29.16
C ASN B 1006 41.05 -33.08 30.65
N GLU B 1007 41.93 -33.83 31.29
CA GLU B 1007 41.81 -34.17 32.70
C GLU B 1007 42.71 -33.32 33.60
N ASN B 1008 43.80 -32.77 33.05
CA ASN B 1008 44.63 -31.88 33.84
C ASN B 1008 43.86 -30.63 34.25
N HIS B 1009 42.94 -30.18 33.39
CA HIS B 1009 42.03 -29.10 33.72
C HIS B 1009 40.58 -29.57 33.85
N GLN B 1010 40.30 -30.83 33.46
CA GLN B 1010 38.96 -31.41 33.56
C GLN B 1010 37.90 -30.58 32.85
N LYS B 1011 38.13 -30.29 31.57
CA LYS B 1011 37.10 -29.58 30.82
C LYS B 1011 37.33 -29.79 29.32
N PHE B 1012 36.35 -29.33 28.54
CA PHE B 1012 36.41 -29.43 27.10
C PHE B 1012 37.13 -28.21 26.53
N LEU B 1013 38.23 -28.46 25.81
CA LEU B 1013 39.09 -27.53 25.11
C LEU B 1013 38.66 -27.40 23.66
N PRO B 1014 38.68 -26.18 23.12
CA PRO B 1014 38.46 -26.02 21.69
C PRO B 1014 39.54 -26.74 20.89
N THR B 1015 39.14 -27.31 19.76
CA THR B 1015 40.07 -27.99 18.87
C THR B 1015 39.44 -28.11 17.49
N VAL B 1016 40.27 -28.46 16.51
CA VAL B 1016 39.83 -28.62 15.13
C VAL B 1016 40.39 -29.94 14.59
N PRO B 1017 39.66 -30.64 13.73
CA PRO B 1017 40.25 -31.80 13.06
C PRO B 1017 41.41 -31.40 12.15
N ILE B 1018 42.34 -32.32 11.97
CA ILE B 1018 43.56 -32.04 11.22
C ILE B 1018 43.23 -31.68 9.77
N GLU B 1019 42.13 -32.23 9.25
CA GLU B 1019 41.79 -31.97 7.85
C GLU B 1019 41.20 -30.56 7.68
N PHE B 1020 40.71 -29.96 8.76
CA PHE B 1020 40.30 -28.57 8.79
C PHE B 1020 41.30 -27.67 9.52
N SER B 1021 42.55 -28.10 9.61
CA SER B 1021 43.59 -27.33 10.30
C SER B 1021 44.63 -26.76 9.33
N LYS B 1022 44.17 -26.28 8.17
CA LYS B 1022 45.08 -25.76 7.16
C LYS B 1022 45.85 -24.55 7.67
N GLY B 1023 45.15 -23.57 8.23
CA GLY B 1023 45.77 -22.34 8.67
C GLY B 1023 45.16 -21.80 9.94
N PHE B 1024 44.70 -22.71 10.80
CA PHE B 1024 43.92 -22.33 11.97
C PHE B 1024 44.74 -21.62 13.03
N SER B 1025 44.14 -20.61 13.63
CA SER B 1025 44.56 -20.12 14.93
C SER B 1025 43.29 -19.88 15.73
N LYS B 1026 43.29 -20.30 17.00
CA LYS B 1026 42.12 -20.05 17.82
C LYS B 1026 41.91 -18.57 18.08
N LYS B 1027 42.94 -17.74 17.89
CA LYS B 1027 42.92 -16.38 18.38
C LYS B 1027 42.42 -15.40 17.33
N ARG B 1028 42.53 -15.75 16.05
CA ARG B 1028 42.22 -14.84 14.95
C ARG B 1028 40.75 -14.87 14.54
N ILE B 1029 39.92 -15.66 15.19
CA ILE B 1029 38.54 -15.87 14.74
C ILE B 1029 37.58 -14.95 15.48
N ASP B 1030 38.12 -14.05 16.31
CA ASP B 1030 37.30 -13.08 17.04
C ASP B 1030 37.90 -11.69 16.86
N HIS B 1031 37.11 -10.67 17.20
CA HIS B 1031 37.54 -9.29 17.13
C HIS B 1031 38.09 -8.75 18.45
N ARG B 1032 37.67 -9.30 19.59
CA ARG B 1032 38.13 -8.78 20.87
C ARG B 1032 39.47 -9.36 21.31
N HIS B 1033 40.10 -10.22 20.51
CA HIS B 1033 41.50 -10.53 20.76
C HIS B 1033 42.35 -9.26 20.77
N HIS B 1034 41.97 -8.26 19.99
CA HIS B 1034 42.65 -6.98 20.01
C HIS B 1034 42.54 -6.34 21.39
N ALA B 1035 41.35 -6.40 22.00
CA ALA B 1035 41.18 -5.90 23.35
C ALA B 1035 42.00 -6.71 24.36
N LEU B 1036 42.02 -8.03 24.21
CA LEU B 1036 42.88 -8.86 25.06
C LEU B 1036 44.33 -8.39 24.97
N ASP B 1037 44.82 -8.20 23.75
CA ASP B 1037 46.21 -7.77 23.56
C ASP B 1037 46.44 -6.41 24.19
N ALA B 1038 45.53 -5.47 23.99
CA ALA B 1038 45.69 -4.15 24.57
C ALA B 1038 45.75 -4.23 26.09
N LEU B 1039 44.89 -5.04 26.70
CA LEU B 1039 44.86 -5.16 28.15
C LEU B 1039 46.14 -5.76 28.69
N VAL B 1040 46.63 -6.83 28.04
CA VAL B 1040 47.84 -7.49 28.54
C VAL B 1040 49.05 -6.59 28.33
N ILE B 1041 49.05 -5.80 27.27
CA ILE B 1041 50.13 -4.84 27.05
C ILE B 1041 50.11 -3.75 28.12
N ALA B 1042 48.93 -3.25 28.45
CA ALA B 1042 48.82 -2.15 29.41
C ALA B 1042 49.38 -2.53 30.78
N CYS B 1043 49.03 -3.71 31.28
CA CYS B 1043 49.50 -4.14 32.60
C CYS B 1043 50.96 -4.54 32.62
N ALA B 1044 51.60 -4.69 31.45
CA ALA B 1044 53.01 -5.04 31.39
C ALA B 1044 53.85 -3.78 31.60
N THR B 1045 54.48 -3.68 32.76
CA THR B 1045 55.27 -2.52 33.11
C THR B 1045 56.63 -2.56 32.41
N THR B 1046 57.38 -1.46 32.55
CA THR B 1046 58.73 -1.42 32.02
C THR B 1046 59.62 -2.47 32.68
N ASP B 1047 59.37 -2.76 33.96
CA ASP B 1047 60.10 -3.82 34.63
C ASP B 1047 59.86 -5.17 33.95
N HIS B 1048 58.61 -5.45 33.58
CA HIS B 1048 58.28 -6.70 32.91
C HIS B 1048 59.03 -6.85 31.59
N VAL B 1049 58.99 -5.80 30.77
CA VAL B 1049 59.62 -5.89 29.45
C VAL B 1049 61.13 -5.95 29.58
N ASN B 1050 61.70 -5.22 30.54
CA ASN B 1050 63.14 -5.32 30.77
C ASN B 1050 63.52 -6.72 31.22
N LEU B 1051 62.74 -7.31 32.12
CA LEU B 1051 63.02 -8.65 32.62
C LEU B 1051 62.93 -9.70 31.51
N LEU B 1052 61.92 -9.57 30.64
CA LEU B 1052 61.70 -10.58 29.61
C LEU B 1052 62.48 -10.29 28.32
N ASN B 1053 63.14 -9.15 28.21
CA ASN B 1053 64.01 -8.87 27.08
C ASN B 1053 65.49 -8.97 27.41
N ASN B 1054 65.85 -8.86 28.68
CA ASN B 1054 67.23 -8.97 29.14
C ASN B 1054 67.33 -10.01 30.24
N GLN B 1055 66.74 -11.19 30.00
CA GLN B 1055 66.74 -12.25 30.98
C GLN B 1055 68.15 -12.69 31.34
N SER B 1056 69.09 -12.56 30.40
CA SER B 1056 70.48 -12.86 30.69
C SER B 1056 71.00 -11.91 31.76
N ALA B 1057 71.34 -12.46 32.92
CA ALA B 1057 71.66 -11.67 34.11
C ALA B 1057 73.15 -11.60 34.42
N LYS B 1058 73.91 -12.66 34.07
CA LYS B 1058 75.33 -12.79 34.40
C LYS B 1058 75.52 -13.04 35.89
N SER B 1059 74.43 -12.96 36.65
CA SER B 1059 74.43 -13.21 38.09
C SER B 1059 73.00 -13.32 38.58
N ASP B 1060 72.70 -14.39 39.33
CA ASP B 1060 71.32 -14.61 39.77
C ASP B 1060 70.87 -13.53 40.74
N THR B 1061 71.78 -13.05 41.60
CA THR B 1061 71.40 -12.12 42.66
C THR B 1061 70.90 -10.80 42.10
N LYS B 1062 71.53 -10.30 41.04
CA LYS B 1062 71.21 -8.96 40.54
C LYS B 1062 69.77 -8.90 40.02
N ARG B 1063 69.33 -9.94 39.31
CA ARG B 1063 67.97 -10.00 38.79
C ARG B 1063 67.02 -10.76 39.71
N TYR B 1064 67.49 -11.20 40.88
CA TYR B 1064 66.63 -11.93 41.81
C TYR B 1064 65.56 -11.03 42.43
N ASP B 1065 65.87 -9.74 42.60
CA ASP B 1065 64.89 -8.81 43.15
C ASP B 1065 63.69 -8.69 42.22
N LEU B 1066 63.94 -8.63 40.91
CA LEU B 1066 62.84 -8.58 39.95
C LEU B 1066 62.05 -9.89 39.97
N LYS B 1067 62.73 -11.02 40.17
CA LYS B 1067 62.03 -12.29 40.33
C LYS B 1067 61.08 -12.25 41.51
N LYS B 1068 61.58 -11.83 42.68
CA LYS B 1068 60.72 -11.81 43.87
C LYS B 1068 59.61 -10.79 43.73
N LYS B 1069 59.87 -9.67 43.06
CA LYS B 1069 58.84 -8.65 42.87
C LYS B 1069 57.81 -9.04 41.82
N LEU B 1070 58.15 -9.94 40.90
CA LEU B 1070 57.30 -10.25 39.76
C LEU B 1070 56.92 -11.72 39.62
N MET B 1071 57.76 -12.65 40.07
CA MET B 1071 57.51 -14.08 39.91
C MET B 1071 56.95 -14.64 41.21
N LYS B 1072 56.08 -15.64 41.08
CA LYS B 1072 55.63 -16.38 42.25
C LYS B 1072 56.60 -17.53 42.54
N PHE B 1073 57.03 -17.61 43.79
CA PHE B 1073 58.00 -18.64 44.19
C PHE B 1073 57.34 -19.72 45.05
N PRO B 1092 60.67 -18.86 40.09
CA PRO B 1092 60.15 -18.34 38.83
C PRO B 1092 59.13 -19.27 38.18
N LYS B 1093 57.88 -19.22 38.63
CA LYS B 1093 56.83 -20.09 38.13
C LYS B 1093 55.75 -19.32 37.36
N GLN B 1094 55.10 -18.34 37.99
CA GLN B 1094 54.01 -17.60 37.37
C GLN B 1094 54.08 -16.15 37.83
N PHE B 1095 53.37 -15.28 37.10
CA PHE B 1095 53.31 -13.88 37.48
C PHE B 1095 52.23 -13.63 38.52
N LEU B 1096 52.54 -12.73 39.45
CA LEU B 1096 51.61 -12.36 40.52
C LEU B 1096 50.63 -11.29 40.04
N LYS B 1097 49.40 -11.41 40.53
CA LYS B 1097 48.30 -10.59 40.03
C LYS B 1097 48.58 -9.10 40.25
N PRO B 1098 48.27 -8.26 39.26
CA PRO B 1098 48.25 -6.82 39.53
C PRO B 1098 47.26 -6.46 40.63
N TRP B 1099 46.14 -7.18 40.69
CA TRP B 1099 45.23 -7.15 41.81
C TRP B 1099 44.49 -8.48 41.84
N GLU B 1100 43.94 -8.82 43.01
CA GLU B 1100 43.43 -10.16 43.22
C GLU B 1100 42.27 -10.48 42.28
N LYS B 1101 41.56 -9.45 41.81
CA LYS B 1101 40.35 -9.62 41.03
C LYS B 1101 40.62 -9.48 39.53
N PHE B 1102 41.88 -9.57 39.13
CA PHE B 1102 42.26 -9.27 37.74
C PHE B 1102 41.57 -10.19 36.74
N THR B 1103 41.60 -11.50 36.98
CA THR B 1103 41.13 -12.45 35.98
C THR B 1103 39.61 -12.36 35.78
N VAL B 1104 38.85 -12.36 36.88
CA VAL B 1104 37.40 -12.34 36.76
C VAL B 1104 36.94 -10.99 36.23
N ASP B 1105 37.64 -9.92 36.62
CA ASP B 1105 37.34 -8.60 36.06
C ASP B 1105 37.59 -8.59 34.56
N ALA B 1106 38.66 -9.23 34.11
CA ALA B 1106 38.91 -9.35 32.68
C ALA B 1106 37.81 -10.14 31.99
N LYS B 1107 37.31 -11.18 32.65
CA LYS B 1107 36.19 -11.90 32.06
C LYS B 1107 35.04 -10.94 31.89
N HIS B 1108 34.66 -10.27 32.97
CA HIS B 1108 33.53 -9.35 32.92
C HIS B 1108 33.69 -8.30 31.84
N ASN B 1109 34.88 -7.72 31.71
CA ASN B 1109 35.13 -6.71 30.70
C ASN B 1109 35.01 -7.27 29.29
N LEU B 1110 35.66 -8.40 29.03
CA LEU B 1110 35.75 -8.89 27.65
C LEU B 1110 34.43 -9.47 27.18
N GLU B 1111 33.63 -10.03 28.09
CA GLU B 1111 32.31 -10.53 27.72
C GLU B 1111 31.31 -9.37 27.62
N SER B 1112 31.80 -8.14 27.72
CA SER B 1112 30.97 -6.95 27.65
C SER B 1112 31.60 -5.90 26.75
N ILE B 1113 32.00 -6.31 25.54
CA ILE B 1113 32.64 -5.42 24.58
C ILE B 1113 31.80 -5.38 23.31
N ILE B 1114 31.50 -4.17 22.85
CA ILE B 1114 30.91 -3.96 21.53
C ILE B 1114 32.03 -3.63 20.56
N VAL B 1115 32.03 -4.30 19.41
CA VAL B 1115 33.00 -3.99 18.37
C VAL B 1115 32.40 -2.94 17.45
N SER B 1116 33.14 -1.86 17.24
CA SER B 1116 32.68 -0.74 16.42
C SER B 1116 33.31 -0.84 15.04
N PHE B 1117 32.47 -0.80 14.01
CA PHE B 1117 32.89 -1.01 12.63
C PHE B 1117 32.77 0.29 11.86
N LYS B 1118 33.87 0.78 11.32
CA LYS B 1118 33.84 1.97 10.49
C LYS B 1118 33.01 1.72 9.23
N GLN B 1119 32.31 2.75 8.77
CA GLN B 1119 31.42 2.64 7.64
C GLN B 1119 31.83 3.61 6.54
N ASN B 1120 31.61 3.22 5.30
CA ASN B 1120 31.86 4.07 4.13
C ASN B 1120 30.58 4.12 3.32
N LEU B 1121 29.71 5.09 3.63
CA LEU B 1121 28.45 5.25 2.92
C LEU B 1121 28.49 6.43 1.95
N ARG B 1122 29.69 6.87 1.57
CA ARG B 1122 29.82 7.95 0.60
C ARG B 1122 29.16 7.53 -0.71
N VAL B 1123 28.12 8.27 -1.11
CA VAL B 1123 27.43 8.00 -2.35
C VAL B 1123 27.70 9.16 -3.30
N ILE B 1124 27.47 10.38 -2.84
CA ILE B 1124 27.75 11.58 -3.60
C ILE B 1124 28.55 12.53 -2.72
N ASN B 1125 29.38 13.35 -3.35
CA ASN B 1125 30.13 14.39 -2.65
C ASN B 1125 30.37 15.52 -3.62
N LYS B 1126 30.91 16.63 -3.15
CA LYS B 1126 31.14 17.76 -4.04
C LYS B 1126 32.56 17.73 -4.61
N ALA B 1127 32.69 18.09 -5.88
CA ALA B 1127 33.97 18.16 -6.55
C ALA B 1127 34.06 19.47 -7.32
N THR B 1128 35.22 20.09 -7.27
CA THR B 1128 35.46 21.39 -7.88
C THR B 1128 36.25 21.20 -9.17
N ASN B 1129 35.81 21.86 -10.24
CA ASN B 1129 36.41 21.73 -11.55
C ASN B 1129 37.03 23.06 -11.97
N TYR B 1130 38.32 23.04 -12.27
CA TYR B 1130 39.05 24.19 -12.80
C TYR B 1130 39.46 23.89 -14.22
N TYR B 1131 39.38 24.91 -15.08
CA TYR B 1131 39.75 24.72 -16.48
C TYR B 1131 40.31 26.01 -17.06
N GLU B 1132 41.32 25.88 -17.90
CA GLU B 1132 41.91 27.03 -18.57
C GLU B 1132 40.94 27.61 -19.59
N LYS B 1133 40.96 28.93 -19.73
CA LYS B 1133 40.04 29.64 -20.61
C LYS B 1133 40.51 31.08 -20.73
N TYR B 1134 40.21 31.70 -21.87
CA TYR B 1134 40.63 33.07 -22.13
C TYR B 1134 39.55 34.02 -21.63
N VAL B 1135 39.92 34.89 -20.68
CA VAL B 1135 38.99 35.82 -20.06
C VAL B 1135 39.40 37.25 -20.43
N GLU B 1136 38.38 38.09 -20.61
CA GLU B 1136 38.54 39.51 -20.93
C GLU B 1136 38.73 40.29 -19.64
N LYS B 1137 39.95 40.76 -19.40
CA LYS B 1137 40.25 41.61 -18.25
C LYS B 1137 41.11 42.77 -18.71
N ASP B 1138 40.73 43.98 -18.30
CA ASP B 1138 41.48 45.21 -18.61
C ASP B 1138 41.75 45.33 -20.10
N GLY B 1139 40.74 45.02 -20.90
CA GLY B 1139 40.86 45.15 -22.34
C GLY B 1139 41.73 44.11 -23.01
N THR B 1140 42.09 43.04 -22.31
CA THR B 1140 42.96 42.02 -22.87
C THR B 1140 42.41 40.63 -22.60
N LYS B 1141 42.57 39.75 -23.58
CA LYS B 1141 42.30 38.32 -23.39
C LYS B 1141 43.50 37.69 -22.73
N ASN B 1142 43.28 37.05 -21.58
CA ASN B 1142 44.34 36.35 -20.88
C ASN B 1142 43.89 34.93 -20.55
N LYS B 1143 44.80 33.96 -20.75
CA LYS B 1143 44.50 32.59 -20.38
C LYS B 1143 44.60 32.44 -18.87
N GLU B 1144 43.46 32.27 -18.22
CA GLU B 1144 43.42 32.07 -16.77
C GLU B 1144 42.48 30.91 -16.47
N ARG B 1145 42.45 30.54 -15.20
CA ARG B 1145 41.78 29.32 -14.77
C ARG B 1145 40.43 29.66 -14.16
N VAL B 1146 39.36 29.17 -14.81
CA VAL B 1146 37.98 29.46 -14.41
C VAL B 1146 37.43 28.26 -13.65
N GLU B 1147 36.54 28.55 -12.71
CA GLU B 1147 35.84 27.52 -11.95
C GLU B 1147 34.48 27.24 -12.57
N GLN B 1148 34.07 25.98 -12.54
CA GLN B 1148 32.85 25.55 -13.19
C GLN B 1148 31.63 26.12 -12.48
N ALA B 1149 30.65 26.58 -13.26
CA ALA B 1149 29.42 27.13 -12.72
C ALA B 1149 28.40 26.01 -12.47
N GLY B 1150 27.36 26.33 -11.72
CA GLY B 1150 26.31 25.38 -11.43
C GLY B 1150 26.73 24.33 -10.41
N THR B 1151 25.91 23.30 -10.24
CA THR B 1151 26.21 22.22 -9.31
C THR B 1151 26.60 20.97 -10.10
N ASN B 1152 27.52 20.19 -9.54
CA ASN B 1152 28.03 18.96 -10.16
C ASN B 1152 28.58 18.07 -9.07
N TRP B 1153 27.95 16.91 -8.88
CA TRP B 1153 28.34 15.98 -7.84
C TRP B 1153 29.30 14.92 -8.37
N ALA B 1154 30.07 14.34 -7.47
CA ALA B 1154 30.95 13.23 -7.77
C ALA B 1154 30.44 11.99 -7.06
N ILE B 1155 30.18 10.93 -7.81
CA ILE B 1155 29.75 9.66 -7.25
C ILE B 1155 30.97 8.96 -6.67
N ARG B 1156 30.86 8.51 -5.41
CA ARG B 1156 31.98 7.92 -4.71
C ARG B 1156 31.89 6.39 -4.63
N LYS B 1157 31.08 5.77 -5.47
CA LYS B 1157 30.98 4.33 -5.55
C LYS B 1157 30.92 3.90 -7.01
N PRO B 1158 31.48 2.74 -7.33
CA PRO B 1158 31.32 2.20 -8.69
C PRO B 1158 29.85 1.91 -8.96
N MET B 1159 29.30 2.60 -9.96
CA MET B 1159 27.87 2.58 -10.18
C MET B 1159 27.34 1.21 -10.58
N HIS B 1160 28.11 0.44 -11.35
CA HIS B 1160 27.63 -0.84 -11.86
C HIS B 1160 28.81 -1.64 -12.40
N LYS B 1161 28.52 -2.87 -12.81
CA LYS B 1161 29.55 -3.80 -13.25
C LYS B 1161 29.95 -3.50 -14.70
N ASP B 1162 31.16 -3.91 -15.06
CA ASP B 1162 31.71 -3.58 -16.36
C ASP B 1162 31.03 -4.30 -17.51
N THR B 1163 30.68 -5.58 -17.34
CA THR B 1163 30.11 -6.34 -18.44
C THR B 1163 28.74 -5.78 -18.83
N VAL B 1164 28.53 -5.61 -20.13
CA VAL B 1164 27.32 -5.01 -20.67
C VAL B 1164 26.60 -6.04 -21.51
N SER B 1165 25.29 -6.16 -21.29
CA SER B 1165 24.46 -7.13 -22.00
C SER B 1165 23.33 -6.42 -22.72
N GLY B 1166 22.77 -7.07 -23.73
CA GLY B 1166 21.68 -6.52 -24.50
C GLY B 1166 20.40 -7.32 -24.33
N LYS B 1167 19.28 -6.60 -24.35
CA LYS B 1167 17.97 -7.21 -24.12
C LYS B 1167 17.49 -7.94 -25.36
N VAL B 1168 16.93 -9.13 -25.17
CA VAL B 1168 16.40 -9.94 -26.25
C VAL B 1168 15.04 -10.49 -25.84
N ASP B 1169 14.24 -10.83 -26.86
CA ASP B 1169 12.92 -11.44 -26.67
C ASP B 1169 12.89 -12.78 -27.38
N LEU B 1170 12.66 -13.85 -26.62
CA LEU B 1170 12.66 -15.20 -27.19
C LEU B 1170 11.29 -15.82 -27.09
N PRO B 1171 10.62 -16.13 -28.22
CA PRO B 1171 9.29 -16.77 -28.13
C PRO B 1171 9.31 -18.10 -27.41
N TRP B 1172 10.40 -18.86 -27.49
CA TRP B 1172 10.47 -20.20 -26.91
C TRP B 1172 10.93 -20.20 -25.46
N VAL B 1173 10.92 -19.05 -24.80
CA VAL B 1173 11.25 -18.95 -23.39
C VAL B 1173 10.13 -18.19 -22.68
N LYS B 1174 9.66 -18.75 -21.57
CA LYS B 1174 8.63 -18.10 -20.77
C LYS B 1174 9.30 -17.13 -19.80
N VAL B 1175 8.89 -15.87 -19.83
CA VAL B 1175 9.51 -14.82 -19.04
C VAL B 1175 8.56 -14.46 -17.89
N PRO B 1176 8.99 -14.57 -16.65
CA PRO B 1176 8.16 -14.08 -15.54
C PRO B 1176 8.01 -12.57 -15.59
N LYS B 1177 6.90 -12.08 -15.06
CA LYS B 1177 6.67 -10.65 -15.00
C LYS B 1177 7.66 -9.99 -14.06
N GLY B 1178 8.18 -8.83 -14.47
CA GLY B 1178 9.17 -8.13 -13.70
C GLY B 1178 10.61 -8.53 -13.95
N LYS B 1179 10.86 -9.40 -14.92
CA LYS B 1179 12.21 -9.82 -15.28
C LYS B 1179 12.35 -9.82 -16.79
N ILE B 1180 13.60 -9.75 -17.26
CA ILE B 1180 13.88 -9.64 -18.68
C ILE B 1180 15.01 -10.59 -19.05
N LEU B 1181 15.15 -10.83 -20.35
CA LEU B 1181 16.20 -11.67 -20.90
C LEU B 1181 17.28 -10.79 -21.53
N THR B 1182 18.53 -11.00 -21.09
CA THR B 1182 19.67 -10.24 -21.59
C THR B 1182 20.70 -11.20 -22.17
N ALA B 1183 21.23 -10.86 -23.33
CA ALA B 1183 22.15 -11.75 -24.05
C ALA B 1183 23.51 -11.10 -24.20
N THR B 1184 24.56 -11.88 -23.95
CA THR B 1184 25.94 -11.41 -24.08
C THR B 1184 26.75 -12.43 -24.87
N ARG B 1185 27.78 -11.93 -25.55
CA ARG B 1185 28.63 -12.81 -26.33
C ARG B 1185 29.66 -13.50 -25.49
N LYS B 1186 29.87 -14.78 -25.75
CA LYS B 1186 30.84 -15.58 -25.02
C LYS B 1186 31.60 -16.46 -26.00
N SER B 1187 32.82 -16.83 -25.60
CA SER B 1187 33.64 -17.70 -26.44
C SER B 1187 33.17 -19.14 -26.34
N LEU B 1188 32.93 -19.76 -27.49
CA LEU B 1188 32.53 -21.15 -27.55
C LEU B 1188 33.72 -22.03 -27.17
N ASP B 1189 33.65 -22.65 -26.00
CA ASP B 1189 34.79 -23.38 -25.46
C ASP B 1189 34.30 -24.67 -24.79
N SER B 1190 35.21 -25.31 -24.05
CA SER B 1190 35.00 -26.64 -23.50
C SER B 1190 33.88 -26.72 -22.47
N SER B 1191 33.52 -25.63 -21.82
CA SER B 1191 32.51 -25.65 -20.77
C SER B 1191 31.09 -25.52 -21.32
N PHE B 1192 30.87 -25.87 -22.58
CA PHE B 1192 29.57 -25.75 -23.23
C PHE B 1192 28.95 -27.14 -23.31
N ASP B 1193 28.17 -27.50 -22.29
CA ASP B 1193 27.47 -28.78 -22.28
C ASP B 1193 26.02 -28.56 -22.70
N LEU B 1194 25.23 -29.64 -22.63
CA LEU B 1194 23.88 -29.62 -23.22
C LEU B 1194 23.01 -28.55 -22.58
N LYS B 1195 23.04 -28.44 -21.26
CA LYS B 1195 22.25 -27.39 -20.62
C LYS B 1195 22.73 -26.03 -21.11
N SER B 1196 24.04 -25.81 -21.08
CA SER B 1196 24.57 -24.53 -21.55
C SER B 1196 24.34 -24.34 -23.04
N ILE B 1197 24.48 -25.42 -23.83
CA ILE B 1197 24.22 -25.33 -25.26
C ILE B 1197 22.77 -24.93 -25.53
N GLY B 1198 21.86 -25.30 -24.63
CA GLY B 1198 20.49 -24.83 -24.75
C GLY B 1198 20.28 -23.38 -24.38
N SER B 1199 21.32 -22.70 -23.88
CA SER B 1199 21.21 -21.32 -23.45
C SER B 1199 21.77 -20.32 -24.46
N ILE B 1200 22.08 -20.74 -25.68
CA ILE B 1200 22.45 -19.81 -26.73
C ILE B 1200 21.19 -19.35 -27.44
N THR B 1201 21.09 -18.04 -27.68
CA THR B 1201 19.87 -17.46 -28.24
C THR B 1201 19.62 -17.96 -29.66
N ASP B 1202 20.66 -18.38 -30.35
CA ASP B 1202 20.48 -18.80 -31.74
C ASP B 1202 20.04 -20.26 -31.80
N THR B 1203 18.92 -20.50 -32.48
CA THR B 1203 18.39 -21.85 -32.60
C THR B 1203 19.15 -22.70 -33.60
N GLY B 1204 19.59 -22.12 -34.73
CA GLY B 1204 20.41 -22.87 -35.67
C GLY B 1204 21.76 -23.23 -35.10
N ILE B 1205 22.37 -22.31 -34.36
CA ILE B 1205 23.61 -22.64 -33.65
C ILE B 1205 23.35 -23.76 -32.64
N GLN B 1206 22.21 -23.71 -31.95
CA GLN B 1206 21.89 -24.79 -31.02
C GLN B 1206 21.78 -26.12 -31.75
N LYS B 1207 21.13 -26.14 -32.92
CA LYS B 1207 21.01 -27.36 -33.71
C LYS B 1207 22.37 -27.89 -34.12
N ILE B 1208 23.24 -27.01 -34.65
CA ILE B 1208 24.54 -27.46 -35.16
C ILE B 1208 25.41 -27.94 -34.01
N LEU B 1209 25.42 -27.22 -32.89
CA LEU B 1209 26.22 -27.64 -31.74
C LEU B 1209 25.69 -28.94 -31.15
N LYS B 1210 24.37 -29.14 -31.14
CA LYS B 1210 23.83 -30.42 -30.70
C LYS B 1210 24.30 -31.55 -31.61
N ASN B 1211 24.23 -31.35 -32.92
CA ASN B 1211 24.69 -32.37 -33.86
C ASN B 1211 26.16 -32.69 -33.62
N TYR B 1212 27.00 -31.67 -33.48
CA TYR B 1212 28.43 -31.90 -33.28
C TYR B 1212 28.70 -32.61 -31.96
N LEU B 1213 28.05 -32.18 -30.88
CA LEU B 1213 28.27 -32.80 -29.59
C LEU B 1213 27.85 -34.26 -29.59
N ALA B 1214 26.72 -34.56 -30.23
CA ALA B 1214 26.34 -35.96 -30.42
C ALA B 1214 27.38 -36.71 -31.22
N PHE B 1215 27.92 -36.08 -32.26
CA PHE B 1215 28.93 -36.72 -33.11
C PHE B 1215 30.20 -37.06 -32.35
N LYS B 1216 30.55 -36.29 -31.32
CA LYS B 1216 31.72 -36.56 -30.49
C LYS B 1216 31.35 -37.27 -29.19
N ASP B 1217 30.31 -38.10 -29.22
CA ASP B 1217 29.91 -38.93 -28.09
C ASP B 1217 29.52 -38.09 -26.86
N GLY B 1218 29.04 -36.87 -27.08
CA GLY B 1218 28.62 -36.03 -25.98
C GLY B 1218 29.77 -35.60 -25.06
N ASN B 1219 30.92 -35.28 -25.64
CA ASN B 1219 32.08 -34.84 -24.88
C ASN B 1219 32.49 -33.45 -25.33
N PRO B 1220 32.04 -32.39 -24.65
CA PRO B 1220 32.44 -31.04 -25.06
C PRO B 1220 33.94 -30.81 -25.05
N GLU B 1221 34.67 -31.44 -24.12
CA GLU B 1221 36.10 -31.22 -24.02
C GLU B 1221 36.81 -31.63 -25.31
N LEU B 1222 36.43 -32.78 -25.87
CA LEU B 1222 36.97 -33.17 -27.16
C LEU B 1222 36.30 -32.40 -28.31
N ALA B 1223 35.01 -32.11 -28.17
CA ALA B 1223 34.28 -31.44 -29.24
C ALA B 1223 34.68 -29.97 -29.37
N PHE B 1224 34.81 -29.28 -28.24
CA PHE B 1224 35.00 -27.84 -28.24
C PHE B 1224 36.41 -27.44 -27.81
N SER B 1225 37.38 -28.31 -28.03
CA SER B 1225 38.77 -27.89 -28.00
C SER B 1225 39.04 -26.99 -29.20
N PRO B 1226 40.10 -26.18 -29.15
CA PRO B 1226 40.42 -25.36 -30.33
C PRO B 1226 40.56 -26.18 -31.60
N GLU B 1227 41.17 -27.36 -31.51
CA GLU B 1227 41.20 -28.26 -32.65
C GLU B 1227 39.79 -28.72 -33.02
N GLY B 1228 38.96 -29.01 -32.02
CA GLY B 1228 37.58 -29.40 -32.30
C GLY B 1228 36.78 -28.28 -32.93
N ILE B 1229 36.96 -27.06 -32.44
CA ILE B 1229 36.30 -25.90 -33.04
C ILE B 1229 36.74 -25.72 -34.48
N ASP B 1230 38.04 -25.88 -34.75
CA ASP B 1230 38.54 -25.82 -36.12
C ASP B 1230 37.88 -26.89 -36.99
N ASP B 1231 37.81 -28.12 -36.48
CA ASP B 1231 37.22 -29.21 -37.25
C ASP B 1231 35.75 -28.92 -37.58
N LEU B 1232 35.00 -28.41 -36.59
CA LEU B 1232 33.61 -28.05 -36.85
C LEU B 1232 33.51 -26.92 -37.88
N ASN B 1233 34.40 -25.94 -37.79
CA ASN B 1233 34.36 -24.82 -38.73
C ASN B 1233 34.65 -25.28 -40.15
N LYS B 1234 35.62 -26.18 -40.33
CA LYS B 1234 35.94 -26.65 -41.67
C LYS B 1234 34.81 -27.47 -42.28
N ASN B 1235 34.08 -28.22 -41.45
CA ASN B 1235 33.04 -29.12 -41.95
C ASN B 1235 31.66 -28.72 -41.47
N ILE B 1236 31.33 -27.43 -41.57
CA ILE B 1236 30.05 -26.94 -41.11
C ILE B 1236 28.87 -27.53 -41.90
N GLU B 1237 29.11 -28.01 -43.11
CA GLU B 1237 28.04 -28.64 -43.89
C GLU B 1237 27.57 -29.93 -43.22
N LYS B 1238 28.49 -30.67 -42.61
CA LYS B 1238 28.17 -32.00 -42.11
C LYS B 1238 27.22 -31.97 -40.92
N TYR B 1239 27.08 -30.83 -40.25
CA TYR B 1239 26.26 -30.72 -39.06
C TYR B 1239 25.19 -29.65 -39.17
N ASN B 1240 24.98 -29.10 -40.36
CA ASN B 1240 23.88 -28.16 -40.63
C ASN B 1240 22.91 -28.79 -41.61
N ASP B 1241 22.76 -30.12 -41.55
CA ASP B 1241 21.95 -30.89 -42.49
C ASP B 1241 22.38 -30.66 -43.93
N GLY B 1242 23.68 -30.49 -44.16
CA GLY B 1242 24.20 -30.24 -45.49
C GLY B 1242 24.12 -28.81 -45.96
N LYS B 1243 23.62 -27.89 -45.13
CA LYS B 1243 23.41 -26.51 -45.56
C LYS B 1243 24.62 -25.65 -45.20
N PRO B 1244 24.96 -24.67 -46.03
CA PRO B 1244 26.10 -23.81 -45.74
C PRO B 1244 25.80 -22.84 -44.61
N HIS B 1245 26.86 -22.45 -43.90
CA HIS B 1245 26.73 -21.54 -42.77
C HIS B 1245 28.10 -20.96 -42.44
N GLN B 1246 28.10 -19.72 -41.93
CA GLN B 1246 29.34 -19.05 -41.59
C GLN B 1246 29.97 -19.70 -40.35
N PRO B 1247 31.29 -19.59 -40.18
CA PRO B 1247 31.94 -20.20 -39.01
C PRO B 1247 31.47 -19.61 -37.69
N ILE B 1248 31.71 -20.34 -36.60
CA ILE B 1248 31.29 -19.92 -35.27
C ILE B 1248 32.48 -19.99 -34.34
N ASN B 1249 32.74 -18.90 -33.63
CA ASN B 1249 33.73 -18.86 -32.56
C ASN B 1249 33.16 -18.25 -31.28
N LYS B 1250 32.21 -17.34 -31.39
CA LYS B 1250 31.54 -16.73 -30.25
C LYS B 1250 30.03 -16.76 -30.47
N VAL B 1251 29.29 -16.98 -29.39
CA VAL B 1251 27.85 -17.09 -29.46
C VAL B 1251 27.22 -16.23 -28.37
N ARG B 1252 25.99 -15.76 -28.62
CA ARG B 1252 25.31 -14.93 -27.65
C ARG B 1252 24.42 -15.74 -26.73
N VAL B 1253 24.88 -15.96 -25.51
CA VAL B 1253 24.14 -16.71 -24.51
C VAL B 1253 23.25 -15.74 -23.74
N PHE B 1254 22.03 -16.18 -23.43
CA PHE B 1254 21.05 -15.33 -22.78
C PHE B 1254 20.79 -15.79 -21.35
N GLU B 1255 20.42 -14.84 -20.51
CA GLU B 1255 20.14 -15.08 -19.11
C GLU B 1255 18.86 -14.34 -18.73
N LEU B 1256 18.14 -14.87 -17.76
CA LEU B 1256 16.88 -14.30 -17.32
C LEU B 1256 17.08 -13.70 -15.93
N GLY B 1257 16.75 -12.41 -15.79
CA GLY B 1257 16.96 -11.76 -14.52
C GLY B 1257 16.61 -10.29 -14.58
N SER B 1258 17.16 -9.54 -13.64
CA SER B 1258 16.92 -8.11 -13.50
C SER B 1258 18.19 -7.35 -13.82
N LYS B 1259 18.22 -6.71 -14.98
CA LYS B 1259 19.31 -5.85 -15.39
C LYS B 1259 18.75 -4.49 -15.78
N PHE B 1260 19.40 -3.42 -15.32
CA PHE B 1260 18.92 -2.07 -15.56
C PHE B 1260 19.77 -1.38 -16.61
N GLN B 1261 19.15 -0.41 -17.28
CA GLN B 1261 19.85 0.38 -18.29
C GLN B 1261 20.95 1.22 -17.66
N VAL B 1262 22.03 1.41 -18.41
CA VAL B 1262 23.13 2.25 -17.93
C VAL B 1262 22.71 3.72 -17.94
N GLY B 1263 22.08 4.16 -19.02
CA GLY B 1263 21.69 5.55 -19.14
C GLY B 1263 20.43 5.74 -19.96
N GLN B 1264 20.17 6.98 -20.39
CA GLN B 1264 18.97 7.27 -21.17
C GLN B 1264 19.28 7.99 -22.47
N THR B 1265 20.51 8.43 -22.69
CA THR B 1265 20.87 9.22 -23.87
C THR B 1265 21.48 8.34 -24.95
N GLY B 1266 21.17 8.66 -26.20
CA GLY B 1266 21.75 7.95 -27.32
C GLY B 1266 21.50 6.47 -27.26
N ASN B 1267 22.57 5.68 -27.32
CA ASN B 1267 22.50 4.23 -27.26
C ASN B 1267 22.77 3.66 -25.87
N LYS B 1268 22.92 4.52 -24.85
CA LYS B 1268 23.09 4.01 -23.49
C LYS B 1268 21.82 3.37 -22.96
N LYS B 1269 20.67 3.60 -23.61
CA LYS B 1269 19.44 2.96 -23.19
C LYS B 1269 19.39 1.50 -23.59
N GLY B 1270 20.28 1.06 -24.47
CA GLY B 1270 20.37 -0.32 -24.89
C GLY B 1270 21.38 -1.14 -24.13
N LYS B 1271 22.10 -0.55 -23.18
CA LYS B 1271 23.12 -1.24 -22.40
C LYS B 1271 22.51 -1.64 -21.06
N TYR B 1272 22.53 -2.93 -20.77
CA TYR B 1272 21.95 -3.47 -19.54
C TYR B 1272 23.05 -4.08 -18.69
N VAL B 1273 23.10 -3.70 -17.42
CA VAL B 1273 24.19 -4.06 -16.52
C VAL B 1273 23.63 -4.56 -15.19
N GLU B 1274 24.55 -4.98 -14.33
CA GLU B 1274 24.25 -5.48 -13.00
C GLU B 1274 24.91 -4.61 -11.94
N ALA B 1275 24.28 -4.53 -10.77
CA ALA B 1275 24.82 -3.73 -9.69
C ALA B 1275 26.21 -4.19 -9.30
N ALA B 1276 27.10 -3.22 -9.05
CA ALA B 1276 28.49 -3.51 -8.76
C ALA B 1276 28.63 -4.11 -7.36
N LYS B 1277 29.81 -4.68 -7.11
CA LYS B 1277 30.09 -5.29 -5.82
C LYS B 1277 30.12 -4.25 -4.72
N GLY B 1278 29.43 -4.54 -3.62
CA GLY B 1278 29.42 -3.64 -2.48
C GLY B 1278 28.71 -2.32 -2.73
N THR B 1279 27.61 -2.35 -3.48
CA THR B 1279 26.84 -1.14 -3.75
C THR B 1279 25.39 -1.25 -3.31
N ASN B 1280 24.98 -2.38 -2.75
CA ASN B 1280 23.68 -2.49 -2.08
C ASN B 1280 23.87 -2.09 -0.62
N LEU B 1281 23.85 -0.77 -0.40
CA LEU B 1281 24.32 -0.21 0.85
C LEU B 1281 23.21 0.10 1.84
N PHE B 1282 21.96 0.17 1.40
CA PHE B 1282 20.85 0.50 2.30
C PHE B 1282 19.75 -0.55 2.17
N PHE B 1283 19.21 -0.94 3.32
CA PHE B 1283 18.18 -1.97 3.42
C PHE B 1283 17.06 -1.40 4.28
N ALA B 1284 15.93 -1.08 3.66
CA ALA B 1284 14.84 -0.42 4.35
C ALA B 1284 13.92 -1.42 5.03
N VAL B 1285 13.55 -1.11 6.28
CA VAL B 1285 12.59 -1.88 7.04
C VAL B 1285 11.45 -0.94 7.40
N TYR B 1286 10.26 -1.23 6.86
CA TYR B 1286 9.03 -0.50 7.12
C TYR B 1286 8.10 -1.36 7.99
N GLU B 1287 7.09 -0.70 8.56
CA GLU B 1287 6.05 -1.40 9.31
C GLU B 1287 4.71 -0.80 8.95
N ASP B 1288 3.70 -1.67 8.77
CA ASP B 1288 2.35 -1.21 8.51
C ASP B 1288 1.60 -1.04 9.82
N GLU B 1289 0.41 -0.44 9.73
CA GLU B 1289 -0.31 -0.02 10.93
C GLU B 1289 -0.61 -1.20 11.86
N LYS B 1290 -0.89 -2.37 11.28
CA LYS B 1290 -1.24 -3.52 12.10
C LYS B 1290 0.01 -4.03 12.81
N GLY B 1291 1.12 -4.15 12.08
CA GLY B 1291 2.35 -4.55 12.74
C GLY B 1291 3.37 -5.36 11.96
N LYS B 1292 3.04 -5.83 10.77
CA LYS B 1292 3.99 -6.65 10.03
C LYS B 1292 5.15 -5.79 9.51
N ARG B 1293 6.33 -6.41 9.46
CA ARG B 1293 7.51 -5.75 8.92
C ARG B 1293 7.68 -6.10 7.44
N SER B 1294 7.88 -5.06 6.64
CA SER B 1294 8.16 -5.19 5.22
C SER B 1294 9.59 -4.74 4.96
N TYR B 1295 10.24 -5.37 3.97
CA TYR B 1295 11.64 -5.15 3.71
C TYR B 1295 11.84 -4.73 2.27
N GLU B 1296 12.91 -3.97 2.02
CA GLU B 1296 13.24 -3.54 0.67
C GLU B 1296 14.75 -3.37 0.58
N THR B 1297 15.31 -3.76 -0.57
CA THR B 1297 16.69 -3.46 -0.89
C THR B 1297 16.69 -2.31 -1.88
N ILE B 1298 17.28 -1.19 -1.47
CA ILE B 1298 17.20 0.02 -2.26
C ILE B 1298 18.54 0.16 -3.00
N PRO B 1299 18.57 -0.01 -4.32
CA PRO B 1299 19.85 0.07 -5.04
C PRO B 1299 20.33 1.50 -5.22
N LEU B 1300 21.59 1.62 -5.65
CA LEU B 1300 22.33 2.86 -5.52
C LEU B 1300 21.76 3.99 -6.37
N ASN B 1301 20.99 3.67 -7.41
CA ASN B 1301 20.55 4.68 -8.37
C ASN B 1301 19.63 5.71 -7.72
N GLU B 1302 18.47 5.24 -7.25
CA GLU B 1302 17.53 6.13 -6.57
C GLU B 1302 18.11 6.67 -5.27
N VAL B 1303 19.08 5.97 -4.66
CA VAL B 1303 19.84 6.64 -3.60
C VAL B 1303 20.54 7.88 -4.13
N ILE B 1304 21.11 7.78 -5.34
CA ILE B 1304 21.85 8.91 -5.90
C ILE B 1304 20.92 10.09 -6.13
N GLU B 1305 19.80 9.89 -6.84
CA GLU B 1305 18.99 11.08 -7.12
C GLU B 1305 18.24 11.56 -5.87
N ARG B 1306 17.95 10.67 -4.91
CA ARG B 1306 17.38 11.13 -3.66
C ARG B 1306 18.36 12.03 -2.91
N GLN B 1307 19.62 11.61 -2.78
CA GLN B 1307 20.61 12.44 -2.11
C GLN B 1307 20.92 13.70 -2.90
N LYS B 1308 20.72 13.67 -4.23
CA LYS B 1308 20.91 14.88 -5.02
C LYS B 1308 19.77 15.86 -4.81
N GLN B 1309 18.55 15.36 -4.61
CA GLN B 1309 17.41 16.21 -4.30
C GLN B 1309 17.37 16.67 -2.85
N GLY B 1310 18.42 16.42 -2.08
CA GLY B 1310 18.47 16.82 -0.69
C GLY B 1310 17.68 15.93 0.26
N LEU B 1311 17.07 14.87 -0.24
CA LEU B 1311 16.23 14.01 0.56
C LEU B 1311 17.07 13.02 1.37
N THR B 1312 16.37 12.16 2.11
CA THR B 1312 17.03 11.07 2.83
C THR B 1312 17.37 9.94 1.86
N SER B 1313 18.36 9.13 2.24
CA SER B 1313 18.82 8.07 1.35
C SER B 1313 17.71 7.11 0.98
N VAL B 1314 16.89 6.75 1.96
CA VAL B 1314 15.80 5.80 1.74
C VAL B 1314 14.46 6.48 1.89
N PRO B 1315 13.49 6.13 1.04
CA PRO B 1315 12.16 6.70 1.24
C PRO B 1315 11.61 6.33 2.62
N LEU B 1316 10.92 7.29 3.24
CA LEU B 1316 10.41 7.12 4.59
C LEU B 1316 9.10 6.36 4.64
N GLU B 1317 8.54 6.01 3.48
CA GLU B 1317 7.38 5.11 3.42
C GLU B 1317 7.47 4.34 2.11
N ASN B 1318 6.96 3.10 2.13
CA ASN B 1318 6.97 2.28 0.94
C ASN B 1318 5.71 2.55 0.12
N GLU B 1319 5.51 1.77 -0.95
CA GLU B 1319 4.35 1.98 -1.82
C GLU B 1319 3.06 1.68 -1.07
N LYS B 1320 3.10 0.74 -0.13
CA LYS B 1320 1.92 0.41 0.65
C LYS B 1320 1.60 1.47 1.70
N GLY B 1321 2.50 2.43 1.88
CA GLY B 1321 2.31 3.44 2.89
C GLY B 1321 2.80 3.04 4.27
N SER B 1322 3.39 1.86 4.41
CA SER B 1322 3.93 1.43 5.69
C SER B 1322 5.05 2.37 6.12
N ARG B 1323 4.97 2.85 7.36
CA ARG B 1323 5.97 3.78 7.87
C ARG B 1323 7.32 3.08 8.02
N LEU B 1324 8.39 3.78 7.64
CA LEU B 1324 9.73 3.22 7.69
C LEU B 1324 10.17 3.08 9.13
N LEU B 1325 10.51 1.86 9.54
CA LEU B 1325 11.18 1.67 10.82
C LEU B 1325 12.58 2.25 10.78
N PHE B 1326 13.44 1.69 9.93
CA PHE B 1326 14.80 2.23 9.83
C PHE B 1326 15.54 1.60 8.66
N ASP B 1327 16.77 2.07 8.45
CA ASP B 1327 17.63 1.63 7.36
C ASP B 1327 18.83 0.89 7.92
N LEU B 1328 19.28 -0.13 7.20
CA LEU B 1328 20.45 -0.91 7.58
C LEU B 1328 21.52 -0.80 6.51
N SER B 1329 22.77 -0.72 6.94
CA SER B 1329 23.92 -0.64 6.05
C SER B 1329 24.93 -1.69 6.49
N PRO B 1330 25.80 -2.13 5.58
CA PRO B 1330 26.88 -3.03 6.00
C PRO B 1330 27.68 -2.39 7.11
N ASN B 1331 28.02 -3.20 8.11
CA ASN B 1331 28.71 -2.87 9.36
C ASN B 1331 27.77 -2.19 10.36
N ASP B 1332 26.47 -2.14 10.12
CA ASP B 1332 25.53 -1.67 11.14
C ASP B 1332 25.42 -2.69 12.27
N LEU B 1333 24.80 -2.27 13.37
CA LEU B 1333 24.58 -3.13 14.53
C LEU B 1333 23.11 -3.14 14.90
N VAL B 1334 22.57 -4.32 15.17
CA VAL B 1334 21.20 -4.46 15.63
C VAL B 1334 21.20 -5.35 16.87
N TYR B 1335 20.20 -5.14 17.72
CA TYR B 1335 19.91 -6.02 18.84
C TYR B 1335 18.72 -6.89 18.48
N VAL B 1336 18.89 -8.20 18.63
CA VAL B 1336 17.83 -9.16 18.35
C VAL B 1336 17.28 -9.62 19.69
N PRO B 1337 16.11 -9.14 20.12
CA PRO B 1337 15.60 -9.50 21.45
C PRO B 1337 15.16 -10.94 21.51
N GLU B 1338 15.03 -11.42 22.75
CA GLU B 1338 14.59 -12.78 23.00
C GLU B 1338 13.19 -13.01 22.43
N ILE B 1339 12.80 -14.28 22.37
CA ILE B 1339 11.49 -14.64 21.82
C ILE B 1339 10.38 -14.17 22.76
N ASP B 1340 10.69 -14.04 24.05
CA ASP B 1340 9.68 -13.62 25.02
C ASP B 1340 9.66 -12.10 25.21
N GLU B 1341 10.79 -11.44 25.04
CA GLU B 1341 10.85 -9.99 25.23
C GLU B 1341 9.98 -9.28 24.19
N ASN B 1342 9.37 -8.17 24.62
CA ASN B 1342 8.56 -7.32 23.76
C ASN B 1342 9.24 -5.96 23.71
N ILE B 1343 10.10 -5.76 22.72
CA ILE B 1343 10.88 -4.52 22.59
C ILE B 1343 10.14 -3.64 21.58
N ASP B 1344 9.33 -2.74 22.10
CA ASP B 1344 8.60 -1.77 21.28
C ASP B 1344 9.04 -0.34 21.55
N SER B 1345 9.16 0.05 22.83
CA SER B 1345 9.70 1.33 23.23
C SER B 1345 10.67 1.14 24.40
N ASN B 1346 11.50 0.10 24.31
CA ASN B 1346 12.37 -0.29 25.40
C ASN B 1346 13.36 0.81 25.75
N PHE B 1347 14.26 1.14 24.81
CA PHE B 1347 15.44 1.97 25.08
C PHE B 1347 16.16 1.32 26.26
N VAL B 1348 16.51 2.06 27.31
CA VAL B 1348 17.19 1.53 28.49
C VAL B 1348 18.37 0.68 28.03
N PHE B 1349 19.26 1.27 27.23
CA PHE B 1349 20.45 0.58 26.76
C PHE B 1349 21.68 0.89 27.61
N SER B 1350 21.50 1.11 28.91
CA SER B 1350 22.63 1.23 29.83
C SER B 1350 22.91 -0.06 30.58
N ASN B 1351 21.87 -0.87 30.84
CA ASN B 1351 22.02 -2.14 31.53
C ASN B 1351 22.21 -3.29 30.54
N LEU B 1352 23.20 -3.13 29.67
CA LEU B 1352 23.60 -4.17 28.73
C LEU B 1352 24.41 -5.22 29.48
N ASN B 1353 23.77 -6.32 29.85
CA ASN B 1353 24.49 -7.46 30.41
C ASN B 1353 24.82 -8.44 29.28
N LYS B 1354 25.23 -9.64 29.67
CA LYS B 1354 25.86 -10.55 28.73
C LYS B 1354 24.86 -11.19 27.79
N GLU B 1355 23.66 -11.51 28.28
CA GLU B 1355 22.63 -12.07 27.42
C GLU B 1355 22.13 -11.03 26.42
N LYS B 1356 22.06 -9.76 26.85
CA LYS B 1356 21.77 -8.68 25.91
C LYS B 1356 22.86 -8.54 24.86
N ILE B 1357 24.14 -8.61 25.28
CA ILE B 1357 25.22 -8.28 24.36
C ILE B 1357 25.48 -9.42 23.38
N SER B 1358 25.21 -10.67 23.79
CA SER B 1358 25.39 -11.78 22.88
C SER B 1358 24.37 -11.81 21.75
N ARG B 1359 23.34 -10.98 21.84
CA ARG B 1359 22.28 -10.93 20.83
C ARG B 1359 22.43 -9.70 19.94
N ILE B 1360 23.67 -9.30 19.68
CA ILE B 1360 23.99 -8.18 18.81
C ILE B 1360 24.55 -8.72 17.50
N TYR B 1361 23.91 -8.36 16.40
CA TYR B 1361 24.28 -8.85 15.08
C TYR B 1361 24.66 -7.70 14.15
N LYS B 1362 25.72 -7.91 13.38
CA LYS B 1362 26.21 -6.95 12.40
C LYS B 1362 25.76 -7.37 11.02
N VAL B 1363 25.22 -6.41 10.26
CA VAL B 1363 24.86 -6.65 8.87
C VAL B 1363 26.11 -6.95 8.06
N GLU B 1364 25.99 -7.86 7.08
CA GLU B 1364 27.10 -8.21 6.21
C GLU B 1364 26.83 -7.90 4.76
N LYS B 1365 25.66 -8.30 4.24
CA LYS B 1365 25.29 -7.99 2.87
C LYS B 1365 23.76 -8.01 2.75
N THR B 1366 23.28 -7.67 1.57
CA THR B 1366 21.85 -7.46 1.37
C THR B 1366 21.48 -7.74 -0.09
N SER B 1367 20.31 -8.33 -0.29
CA SER B 1367 19.79 -8.59 -1.63
C SER B 1367 18.28 -8.82 -1.60
N GLY B 1368 17.55 -8.19 -2.51
CA GLY B 1368 16.11 -8.38 -2.59
C GLY B 1368 15.40 -7.97 -1.31
N THR B 1369 14.85 -8.93 -0.61
CA THR B 1369 14.30 -8.71 0.73
C THR B 1369 15.08 -9.48 1.79
N GLU B 1370 16.26 -9.99 1.44
CA GLU B 1370 17.06 -10.82 2.33
C GLU B 1370 18.21 -9.98 2.89
N CYS B 1371 18.43 -10.10 4.20
CA CYS B 1371 19.54 -9.44 4.86
C CYS B 1371 20.31 -10.50 5.64
N TYR B 1372 21.64 -10.48 5.55
CA TYR B 1372 22.48 -11.49 6.16
C TYR B 1372 23.27 -10.87 7.31
N PHE B 1373 23.40 -11.62 8.40
CA PHE B 1373 23.96 -11.11 9.63
C PHE B 1373 25.03 -12.05 10.16
N VAL B 1374 25.98 -11.47 10.88
CA VAL B 1374 27.00 -12.24 11.61
C VAL B 1374 27.11 -11.64 13.00
N ARG B 1375 27.20 -12.49 14.01
CA ARG B 1375 27.37 -12.00 15.38
C ARG B 1375 28.60 -11.11 15.46
N GLN B 1376 28.45 -9.95 16.11
CA GLN B 1376 29.42 -8.88 15.99
C GLN B 1376 30.81 -9.28 16.47
N ASP B 1377 30.90 -10.34 17.28
CA ASP B 1377 32.16 -10.78 17.84
C ASP B 1377 32.89 -11.80 16.97
N ILE B 1378 32.35 -12.13 15.79
CA ILE B 1378 32.94 -13.11 14.91
C ILE B 1378 33.79 -12.39 13.87
N ALA B 1379 35.07 -12.75 13.80
CA ALA B 1379 35.98 -12.25 12.79
C ALA B 1379 36.16 -13.23 11.63
N TYR B 1380 36.54 -14.47 11.93
CA TYR B 1380 36.74 -15.50 10.91
C TYR B 1380 36.00 -16.75 11.32
N LEU B 1381 35.30 -17.36 10.36
CA LEU B 1381 34.65 -18.64 10.62
C LEU B 1381 35.69 -19.74 10.71
N ILE B 1382 35.52 -20.62 11.70
CA ILE B 1382 36.50 -21.68 11.96
C ILE B 1382 36.65 -22.51 10.70
N LYS B 1383 35.53 -22.86 10.07
CA LYS B 1383 35.56 -23.59 8.81
C LYS B 1383 34.64 -22.91 7.83
N GLN B 1384 35.16 -22.51 6.67
CA GLN B 1384 34.32 -21.90 5.66
C GLN B 1384 33.47 -22.98 5.00
N TYR B 1385 32.80 -22.64 3.92
CA TYR B 1385 31.90 -23.56 3.26
C TYR B 1385 32.53 -24.05 1.96
N ASP B 1386 32.51 -25.36 1.76
CA ASP B 1386 33.00 -26.00 0.54
C ASP B 1386 31.86 -26.79 -0.08
N ALA B 1387 31.67 -26.63 -1.39
CA ALA B 1387 30.53 -27.23 -2.06
C ALA B 1387 30.58 -28.76 -2.05
N LYS B 1388 31.74 -29.35 -1.80
CA LYS B 1388 31.84 -30.81 -1.76
C LYS B 1388 31.31 -31.36 -0.45
N THR B 1389 31.90 -30.96 0.68
CA THR B 1389 31.46 -31.45 1.98
C THR B 1389 30.11 -30.86 2.36
N LYS B 1390 29.78 -29.68 1.82
CA LYS B 1390 28.51 -29.00 2.11
C LYS B 1390 28.31 -28.73 3.60
N ILE B 1391 29.39 -28.29 4.26
CA ILE B 1391 29.33 -27.90 5.66
C ILE B 1391 30.07 -26.58 5.84
N GLY B 1392 29.69 -25.85 6.88
CA GLY B 1392 30.32 -24.57 7.17
C GLY B 1392 29.83 -24.02 8.48
N GLU B 1393 30.55 -23.02 8.99
CA GLU B 1393 30.15 -22.35 10.23
C GLU B 1393 28.78 -21.70 10.08
N LEU B 1394 28.52 -21.03 8.97
CA LEU B 1394 27.26 -20.34 8.74
C LEU B 1394 26.68 -20.75 7.39
N GLU B 1395 26.62 -22.04 7.14
CA GLU B 1395 26.06 -22.55 5.88
C GLU B 1395 26.89 -22.16 4.66
N SER B 1396 26.23 -22.06 3.51
CA SER B 1396 26.93 -21.77 2.26
C SER B 1396 27.40 -20.31 2.19
N GLN B 1397 26.54 -19.37 2.53
CA GLN B 1397 26.85 -17.95 2.39
C GLN B 1397 27.90 -17.46 3.37
N ASN B 1398 28.27 -18.28 4.36
CA ASN B 1398 29.16 -17.87 5.45
C ASN B 1398 28.56 -16.74 6.27
N LYS B 1399 27.24 -16.58 6.19
CA LYS B 1399 26.46 -15.60 6.93
C LYS B 1399 25.00 -16.04 6.89
N LEU B 1400 24.29 -15.79 7.98
CA LEU B 1400 22.94 -16.31 8.14
C LEU B 1400 21.91 -15.19 8.11
N GLN B 1401 20.76 -15.48 7.50
CA GLN B 1401 19.60 -14.62 7.59
C GLN B 1401 18.92 -14.71 8.94
N VAL B 1402 19.33 -15.65 9.79
CA VAL B 1402 18.73 -15.88 11.09
C VAL B 1402 19.84 -15.91 12.14
N THR B 1403 19.44 -16.10 13.39
CA THR B 1403 20.40 -16.24 14.47
C THR B 1403 21.10 -17.60 14.40
N MET B 1404 22.27 -17.68 15.01
CA MET B 1404 22.95 -18.95 15.15
C MET B 1404 22.38 -19.81 16.26
N THR B 1405 21.67 -19.21 17.21
CA THR B 1405 21.20 -19.93 18.38
C THR B 1405 20.06 -20.88 18.00
N ASP B 1406 19.68 -21.72 18.96
CA ASP B 1406 18.80 -22.84 18.69
C ASP B 1406 17.41 -22.41 18.23
N ASP B 1407 16.93 -21.24 18.63
CA ASP B 1407 15.61 -20.81 18.20
C ASP B 1407 15.56 -20.59 16.70
N ARG B 1408 16.66 -20.12 16.11
CA ARG B 1408 16.76 -19.88 14.67
C ARG B 1408 15.61 -18.99 14.21
N ILE B 1409 15.61 -17.77 14.72
CA ILE B 1409 14.55 -16.80 14.44
C ILE B 1409 15.05 -15.82 13.38
N ARG B 1410 14.16 -15.44 12.47
CA ARG B 1410 14.53 -14.47 11.46
C ARG B 1410 14.91 -13.19 12.17
N ILE B 1411 16.10 -12.72 11.91
CA ILE B 1411 16.61 -11.54 12.59
C ILE B 1411 15.84 -10.30 12.17
N THR B 1412 15.48 -10.23 10.88
CA THR B 1412 14.90 -9.01 10.33
C THR B 1412 13.51 -8.71 10.85
N ASP B 1413 12.85 -9.67 11.48
CA ASP B 1413 11.49 -9.45 11.93
C ASP B 1413 11.40 -8.90 13.35
N THR B 1414 12.50 -8.94 14.10
CA THR B 1414 12.47 -8.49 15.48
C THR B 1414 13.67 -7.63 15.85
N CYS B 1415 14.64 -7.45 14.95
CA CYS B 1415 15.83 -6.69 15.30
C CYS B 1415 15.51 -5.21 15.46
N VAL B 1416 16.29 -4.54 16.30
CA VAL B 1416 16.18 -3.10 16.50
C VAL B 1416 17.57 -2.50 16.27
N LYS B 1417 17.63 -1.50 15.38
CA LYS B 1417 18.89 -0.86 15.05
C LYS B 1417 19.45 -0.12 16.26
N ILE B 1418 20.78 -0.13 16.41
CA ILE B 1418 21.43 0.59 17.49
C ILE B 1418 22.52 1.48 16.90
N ASN B 1419 23.13 2.29 17.76
CA ASN B 1419 24.13 3.26 17.35
C ASN B 1419 25.24 3.31 18.40
N CYS B 1420 26.47 3.08 17.96
CA CYS B 1420 27.64 3.13 18.82
C CYS B 1420 28.61 4.18 18.34
N ASP B 1421 29.51 4.60 19.22
CA ASP B 1421 30.55 5.56 18.90
C ASP B 1421 31.86 4.82 18.63
N ARG B 1422 32.95 5.57 18.48
CA ARG B 1422 34.24 4.94 18.19
C ARG B 1422 34.68 4.02 19.32
N LEU B 1423 34.46 4.42 20.58
CA LEU B 1423 34.74 3.57 21.72
C LEU B 1423 33.72 2.47 21.91
N GLY B 1424 32.75 2.34 21.00
CA GLY B 1424 31.78 1.27 21.07
C GLY B 1424 30.73 1.42 22.16
N ASN B 1425 30.48 2.65 22.61
CA ASN B 1425 29.47 2.90 23.62
C ASN B 1425 28.16 3.25 22.94
N ILE B 1426 27.07 2.61 23.39
CA ILE B 1426 25.76 2.84 22.82
C ILE B 1426 25.35 4.30 22.98
N ASN B 1427 24.65 4.83 21.99
CA ASN B 1427 24.14 6.19 22.02
C ASN B 1427 22.63 6.15 21.83
N PHE B 1428 21.92 6.80 22.76
CA PHE B 1428 20.46 6.76 22.78
C PHE B 1428 19.93 8.10 23.28
N ILE B 1429 18.66 8.37 22.97
CA ILE B 1429 18.05 9.63 23.40
C ILE B 1429 17.99 9.71 24.91
N THR B 1430 18.31 10.90 25.44
CA THR B 1430 18.16 11.17 26.87
C THR B 1430 17.56 12.56 27.04
N LYS B 1431 17.31 12.92 28.29
CA LYS B 1431 16.64 14.19 28.58
C LYS B 1431 17.57 15.36 28.30
N GLU B 1432 18.86 15.21 28.61
CA GLU B 1432 19.82 16.23 28.24
C GLU B 1432 19.89 16.39 26.72
N LYS B 1433 19.90 15.25 26.01
CA LYS B 1433 19.91 15.31 24.54
C LYS B 1433 18.67 15.99 24.00
N ILE B 1434 17.50 15.64 24.54
CA ILE B 1434 16.25 16.22 24.04
C ILE B 1434 16.21 17.72 24.33
N LYS B 1435 16.85 18.14 25.43
CA LYS B 1435 16.98 19.56 25.68
C LYS B 1435 17.90 20.22 24.67
N GLN B 1436 19.05 19.58 24.40
CA GLN B 1436 20.07 20.21 23.56
C GLN B 1436 19.66 20.31 22.11
N ILE B 1437 18.85 19.37 21.61
CA ILE B 1437 18.39 19.42 20.23
C ILE B 1437 18.02 20.83 19.83
N PHE B 1438 17.17 21.46 20.62
CA PHE B 1438 16.70 22.81 20.37
C PHE B 1438 17.21 23.82 21.39
N ASN B 1439 18.12 23.42 22.28
CA ASN B 1439 18.96 24.41 22.96
C ASN B 1439 20.00 24.97 22.00
N GLU B 1440 20.51 24.12 21.10
CA GLU B 1440 21.46 24.60 20.10
C GLU B 1440 20.82 25.64 19.18
N PHE B 1441 19.58 25.42 18.75
CA PHE B 1441 18.90 26.38 17.90
C PHE B 1441 18.41 27.62 18.66
N ARG B 1442 18.34 27.58 19.99
CA ARG B 1442 17.78 28.69 20.74
C ARG B 1442 18.77 29.88 20.70
N LEU E 3 -0.02 17.03 -21.89
CA LEU E 3 0.13 16.27 -20.65
C LEU E 3 0.86 17.10 -19.60
N ASP E 4 0.20 17.33 -18.47
CA ASP E 4 0.78 18.10 -17.37
C ASP E 4 -0.09 17.96 -16.14
N LYS E 5 0.52 18.07 -14.97
CA LYS E 5 -0.19 17.97 -13.71
C LYS E 5 -0.32 19.35 -13.06
N ILE E 6 -1.53 19.88 -13.05
CA ILE E 6 -1.81 21.25 -12.62
C ILE E 6 -2.11 21.24 -11.12
N ALA E 7 -1.36 22.04 -10.37
CA ALA E 7 -1.64 22.32 -8.97
C ALA E 7 -2.06 23.79 -8.83
N ILE E 8 -2.62 24.13 -7.67
CA ILE E 8 -3.14 25.47 -7.41
C ILE E 8 -2.88 25.82 -5.94
N ASP E 9 -3.04 27.10 -5.61
CA ASP E 9 -2.74 27.64 -4.29
C ASP E 9 -3.97 28.32 -3.69
N THR E 10 -3.80 28.84 -2.47
CA THR E 10 -4.92 29.45 -1.75
C THR E 10 -5.51 30.63 -2.52
N ASN E 11 -4.67 31.30 -3.32
CA ASN E 11 -5.11 32.50 -4.03
C ASN E 11 -6.26 32.19 -4.99
N ILE E 12 -6.15 31.08 -5.73
CA ILE E 12 -7.19 30.77 -6.73
C ILE E 12 -8.54 30.56 -6.04
N LEU E 13 -8.56 29.84 -4.92
CA LEU E 13 -9.80 29.61 -4.20
C LEU E 13 -10.33 30.91 -3.60
N LEU E 14 -9.44 31.76 -3.09
CA LEU E 14 -9.90 33.01 -2.48
C LEU E 14 -10.49 33.96 -3.50
N TYR E 15 -9.88 34.06 -4.69
CA TYR E 15 -10.51 34.89 -5.73
C TYR E 15 -11.77 34.25 -6.26
N ALA E 16 -11.85 32.91 -6.26
CA ALA E 16 -13.08 32.25 -6.65
C ALA E 16 -14.22 32.63 -5.70
N TYR E 17 -13.95 32.64 -4.39
CA TYR E 17 -15.02 32.88 -3.42
C TYR E 17 -15.52 34.31 -3.45
N ASP E 18 -14.63 35.29 -3.58
CA ASP E 18 -15.02 36.68 -3.42
C ASP E 18 -15.73 37.19 -4.67
N ASN E 19 -16.57 38.22 -4.48
CA ASN E 19 -17.37 38.79 -5.55
C ASN E 19 -16.73 40.03 -6.19
N ARG E 20 -16.18 40.94 -5.38
CA ARG E 20 -15.82 42.28 -5.82
C ARG E 20 -14.77 42.29 -6.94
N ASP E 21 -14.29 41.10 -7.31
CA ASP E 21 -13.28 40.92 -8.34
C ASP E 21 -13.81 39.98 -9.43
N LEU E 22 -14.99 40.33 -9.97
CA LEU E 22 -15.73 39.47 -10.91
C LEU E 22 -14.85 38.78 -11.93
N ASP E 23 -13.89 39.50 -12.51
CA ASP E 23 -12.99 38.88 -13.49
C ASP E 23 -12.10 37.84 -12.82
N LYS E 24 -11.54 38.17 -11.66
CA LYS E 24 -10.70 37.22 -10.94
C LYS E 24 -11.52 36.00 -10.52
N GLN E 25 -12.73 36.25 -10.00
CA GLN E 25 -13.61 35.14 -9.61
C GLN E 25 -13.92 34.25 -10.80
N ASP E 26 -14.19 34.86 -11.96
CA ASP E 26 -14.48 34.08 -13.15
C ASP E 26 -13.30 33.19 -13.51
N ARG E 27 -12.15 33.80 -13.78
CA ARG E 27 -10.99 33.02 -14.22
C ARG E 27 -10.67 31.94 -13.20
N ALA E 28 -10.86 32.23 -11.92
CA ALA E 28 -10.69 31.19 -10.90
C ALA E 28 -11.67 30.04 -11.09
N VAL E 29 -12.94 30.34 -11.41
CA VAL E 29 -13.90 29.24 -11.51
C VAL E 29 -13.66 28.40 -12.77
N GLU E 30 -13.27 29.02 -13.89
CA GLU E 30 -12.85 28.14 -15.01
C GLU E 30 -11.63 27.32 -14.64
N ILE E 31 -10.68 27.87 -13.88
CA ILE E 31 -9.50 27.09 -13.52
C ILE E 31 -9.89 25.90 -12.64
N LEU E 32 -10.99 26.01 -11.90
CA LEU E 32 -11.43 24.90 -11.08
C LEU E 32 -12.13 23.80 -11.89
N LEU E 33 -12.54 24.11 -13.12
CA LEU E 33 -13.25 23.13 -13.93
C LEU E 33 -12.37 21.96 -14.37
N LYS E 34 -11.08 22.19 -14.60
CA LYS E 34 -10.18 21.14 -15.03
C LYS E 34 -9.77 20.20 -13.90
N LYS E 35 -10.47 20.26 -12.75
CA LYS E 35 -10.23 19.41 -11.60
C LYS E 35 -8.79 19.53 -11.13
N PRO E 36 -8.26 20.73 -10.92
CA PRO E 36 -6.84 20.86 -10.57
C PRO E 36 -6.55 20.27 -9.20
N PHE E 37 -5.36 19.70 -9.08
CA PHE E 37 -4.93 19.07 -7.84
C PHE E 37 -4.64 20.14 -6.79
N VAL E 38 -4.80 19.74 -5.52
CA VAL E 38 -4.56 20.63 -4.39
C VAL E 38 -3.76 19.87 -3.34
N THR E 39 -3.10 20.64 -2.49
CA THR E 39 -2.37 20.11 -1.34
C THR E 39 -3.30 20.08 -0.13
N GLN E 40 -2.87 19.42 0.94
CA GLN E 40 -3.59 19.55 2.19
C GLN E 40 -3.27 20.87 2.87
N LEU E 41 -2.04 21.36 2.66
CA LEU E 41 -1.68 22.69 3.15
C LEU E 41 -2.64 23.74 2.61
N VAL E 42 -2.81 23.79 1.28
CA VAL E 42 -3.64 24.81 0.66
C VAL E 42 -5.04 24.82 1.26
N VAL E 43 -5.60 23.66 1.55
CA VAL E 43 -6.90 23.61 2.21
C VAL E 43 -6.80 24.15 3.63
N PHE E 44 -5.67 23.88 4.31
CA PHE E 44 -5.52 24.37 5.68
C PHE E 44 -5.49 25.90 5.75
N GLU E 45 -4.69 26.54 4.88
CA GLU E 45 -4.74 28.00 4.84
C GLU E 45 -6.06 28.51 4.27
N PHE E 46 -6.75 27.72 3.44
CA PHE E 46 -8.11 28.13 3.05
C PHE E 46 -9.01 28.23 4.27
N ILE E 47 -8.97 27.22 5.14
CA ILE E 47 -9.77 27.24 6.35
C ILE E 47 -9.36 28.41 7.24
N LYS E 48 -8.05 28.62 7.38
CA LYS E 48 -7.56 29.69 8.25
C LYS E 48 -8.02 31.05 7.76
N VAL E 49 -7.93 31.31 6.45
CA VAL E 49 -8.30 32.62 5.92
C VAL E 49 -9.81 32.79 5.96
N LEU E 50 -10.58 31.70 5.80
CA LEU E 50 -12.03 31.83 5.93
C LEU E 50 -12.42 32.16 7.36
N GLU E 51 -11.67 31.64 8.35
CA GLU E 51 -11.99 31.96 9.74
C GLU E 51 -11.49 33.33 10.15
N ARG E 52 -10.39 33.81 9.56
CA ARG E 52 -9.82 35.08 9.98
C ARG E 52 -10.35 36.24 9.15
N ARG E 53 -10.13 36.18 7.83
CA ARG E 53 -10.58 37.27 6.96
C ARG E 53 -12.09 37.33 6.85
N PHE E 54 -12.74 36.18 6.72
CA PHE E 54 -14.16 36.13 6.37
C PHE E 54 -15.07 35.80 7.54
N LYS E 55 -14.52 35.51 8.71
CA LYS E 55 -15.25 35.27 9.96
C LYS E 55 -16.46 34.33 9.78
N MET E 56 -16.35 33.36 8.88
CA MET E 56 -17.42 32.39 8.69
C MET E 56 -17.43 31.39 9.85
N ASP E 57 -18.63 30.88 10.16
CA ASP E 57 -18.76 29.90 11.23
C ASP E 57 -18.18 28.56 10.81
N LYS E 58 -17.84 27.74 11.81
CA LYS E 58 -17.11 26.51 11.55
C LYS E 58 -17.90 25.51 10.71
N LYS E 59 -19.20 25.39 10.98
CA LYS E 59 -20.01 24.36 10.32
C LYS E 59 -20.06 24.58 8.81
N GLU E 60 -20.35 25.81 8.40
CA GLU E 60 -20.44 26.12 6.98
C GLU E 60 -19.08 25.96 6.30
N ILE E 61 -18.01 26.35 6.98
CA ILE E 61 -16.67 26.22 6.44
C ILE E 61 -16.35 24.75 6.17
N THR E 62 -16.64 23.88 7.15
CA THR E 62 -16.33 22.46 6.97
C THR E 62 -17.22 21.85 5.88
N LYS E 63 -18.48 22.25 5.82
CA LYS E 63 -19.35 21.77 4.77
C LYS E 63 -18.81 22.13 3.39
N LEU E 64 -18.37 23.39 3.23
CA LEU E 64 -17.86 23.83 1.93
C LEU E 64 -16.57 23.11 1.56
N THR E 65 -15.65 22.95 2.53
CA THR E 65 -14.39 22.30 2.20
C THR E 65 -14.60 20.82 1.85
N ILE E 66 -15.52 20.15 2.55
CA ILE E 66 -15.84 18.76 2.22
C ILE E 66 -16.44 18.68 0.83
N LYS E 67 -17.37 19.59 0.51
CA LYS E 67 -18.00 19.57 -0.81
C LYS E 67 -16.97 19.77 -1.91
N LEU E 68 -16.07 20.73 -1.74
CA LEU E 68 -15.09 21.03 -2.78
C LEU E 68 -14.09 19.88 -2.93
N LEU E 69 -13.59 19.35 -1.81
CA LEU E 69 -12.69 18.21 -1.87
C LEU E 69 -13.34 16.98 -2.50
N LYS E 70 -14.65 16.80 -2.30
CA LYS E 70 -15.33 15.68 -2.94
C LYS E 70 -15.48 15.88 -4.44
N GLU E 71 -15.88 17.09 -4.85
CA GLU E 71 -16.32 17.28 -6.22
C GLU E 71 -15.33 18.02 -7.11
N VAL E 72 -14.85 19.20 -6.72
CA VAL E 72 -14.22 20.12 -7.66
C VAL E 72 -12.71 19.93 -7.69
N ILE E 73 -12.08 19.97 -6.52
CA ILE E 73 -10.64 19.87 -6.43
C ILE E 73 -10.27 18.46 -5.96
N ILE E 74 -9.09 18.00 -6.37
CA ILE E 74 -8.62 16.66 -6.06
C ILE E 74 -7.47 16.78 -5.07
N PRO E 75 -7.64 16.40 -3.82
CA PRO E 75 -6.54 16.50 -2.85
C PRO E 75 -5.41 15.56 -3.19
N LEU E 76 -4.21 15.96 -2.77
CA LEU E 76 -3.03 15.15 -2.98
C LEU E 76 -2.47 14.77 -1.62
N SER E 77 -1.84 13.61 -1.52
CA SER E 77 -1.32 13.10 -0.27
C SER E 77 -0.15 13.96 0.21
N LEU E 78 -0.01 14.06 1.53
CA LEU E 78 1.09 14.81 2.13
C LEU E 78 2.36 13.97 2.03
N HIS E 79 3.24 14.32 1.11
CA HIS E 79 4.47 13.57 0.93
C HIS E 79 5.32 13.63 2.19
N ARG E 80 5.97 12.52 2.51
CA ARG E 80 6.74 12.44 3.76
C ARG E 80 8.08 13.14 3.64
N ASP E 81 8.57 13.33 2.41
CA ASP E 81 9.81 14.06 2.17
C ASP E 81 9.60 15.55 1.98
N ILE E 82 8.45 16.07 2.42
CA ILE E 82 8.12 17.47 2.19
C ILE E 82 9.09 18.38 2.93
N TYR E 83 9.56 17.95 4.10
CA TYR E 83 10.35 18.84 4.94
C TYR E 83 11.79 18.94 4.44
N ASN E 84 12.41 17.78 4.16
CA ASN E 84 13.75 17.78 3.59
C ASN E 84 13.79 18.50 2.25
N TYR E 85 12.78 18.24 1.40
CA TYR E 85 12.77 18.87 0.08
C TYR E 85 12.49 20.35 0.17
N SER E 86 11.64 20.77 1.13
CA SER E 86 11.41 22.19 1.34
C SER E 86 12.68 22.88 1.81
N GLN E 87 13.45 22.20 2.66
CA GLN E 87 14.74 22.75 3.06
C GLN E 87 15.69 22.80 1.87
N PHE E 88 15.57 21.86 0.93
CA PHE E 88 16.43 21.87 -0.26
C PHE E 88 16.24 23.15 -1.07
N LEU E 89 14.99 23.54 -1.33
CA LEU E 89 14.73 24.75 -2.08
C LEU E 89 15.07 26.01 -1.29
N LEU E 90 15.19 25.87 0.04
CA LEU E 90 15.49 27.02 0.88
C LEU E 90 16.83 27.65 0.55
N GLN E 91 17.81 26.83 0.14
CA GLN E 91 19.15 27.36 -0.14
C GLN E 91 19.17 28.19 -1.41
N ARG E 92 18.38 27.80 -2.42
CA ARG E 92 18.45 28.39 -3.74
C ARG E 92 17.33 29.38 -4.03
N TYR E 93 16.27 29.41 -3.22
CA TYR E 93 15.07 30.16 -3.55
C TYR E 93 14.73 31.14 -2.43
N ASN E 94 14.16 32.28 -2.80
CA ASN E 94 13.83 33.35 -1.86
C ASN E 94 12.31 33.48 -1.78
N PHE E 95 11.73 32.72 -0.85
CA PHE E 95 10.28 32.67 -0.71
C PHE E 95 9.90 32.48 0.75
N GLY E 96 8.67 32.86 1.08
CA GLY E 96 8.13 32.56 2.38
C GLY E 96 8.04 31.06 2.60
N LEU E 97 8.29 30.65 3.85
CA LEU E 97 8.43 29.23 4.14
C LEU E 97 7.15 28.45 3.84
N SER E 98 5.99 29.06 4.04
CA SER E 98 4.73 28.40 3.66
C SER E 98 4.67 28.18 2.15
N ASP E 99 5.09 29.18 1.37
CA ASP E 99 5.17 29.02 -0.07
C ASP E 99 6.16 27.92 -0.44
N ILE E 100 7.28 27.84 0.29
CA ILE E 100 8.26 26.80 0.01
C ILE E 100 7.66 25.42 0.28
N LEU E 101 6.86 25.28 1.34
CA LEU E 101 6.18 24.02 1.59
C LEU E 101 5.16 23.69 0.50
N VAL E 102 4.39 24.68 0.04
CA VAL E 102 3.38 24.36 -0.97
C VAL E 102 4.04 23.94 -2.28
N LEU E 103 5.12 24.62 -2.68
CA LEU E 103 5.87 24.17 -3.86
C LEU E 103 6.53 22.81 -3.62
N SER E 104 7.04 22.57 -2.41
CA SER E 104 7.67 21.29 -2.13
C SER E 104 6.68 20.14 -2.30
N ASP E 105 5.48 20.29 -1.76
CA ASP E 105 4.51 19.21 -1.85
C ASP E 105 3.92 19.11 -3.26
N SER E 106 3.81 20.23 -3.97
CA SER E 106 3.38 20.16 -5.37
C SER E 106 4.42 19.42 -6.21
N ILE E 107 5.70 19.70 -5.98
CA ILE E 107 6.76 19.07 -6.76
C ILE E 107 6.84 17.58 -6.45
N LEU E 108 6.84 17.24 -5.16
CA LEU E 108 6.98 15.84 -4.77
C LEU E 108 5.83 14.97 -5.24
N ASN E 109 4.72 15.61 -5.66
CA ASN E 109 3.53 14.89 -6.16
C ASN E 109 3.46 14.91 -7.68
N ASN E 110 4.57 15.21 -8.35
CA ASN E 110 4.69 15.17 -9.80
C ASN E 110 3.87 16.27 -10.48
N CYS E 111 3.69 17.41 -9.83
CA CYS E 111 2.99 18.51 -10.48
C CYS E 111 3.96 19.32 -11.32
N THR E 112 3.50 19.76 -12.49
CA THR E 112 4.35 20.50 -13.42
C THR E 112 4.04 22.00 -13.47
N ILE E 113 2.79 22.40 -13.27
CA ILE E 113 2.41 23.81 -13.34
C ILE E 113 1.64 24.19 -12.09
N LEU E 114 2.04 25.29 -11.46
CA LEU E 114 1.33 25.85 -10.32
C LEU E 114 0.78 27.22 -10.69
N LEU E 115 -0.37 27.57 -10.12
CA LEU E 115 -1.09 28.79 -10.50
C LEU E 115 -1.28 29.67 -9.27
N SER E 116 -0.94 30.95 -9.40
CA SER E 116 -1.12 31.95 -8.35
C SER E 116 -0.74 33.34 -8.82
N GLU E 117 -1.26 34.38 -8.14
CA GLU E 117 -0.76 35.73 -8.36
C GLU E 117 0.68 35.89 -7.94
N ASP E 118 1.02 35.46 -6.72
CA ASP E 118 2.32 35.77 -6.14
C ASP E 118 3.36 34.76 -6.60
N MET E 119 4.53 34.79 -5.95
CA MET E 119 5.58 33.79 -6.10
C MET E 119 6.20 33.84 -7.51
N CYS E 120 6.57 35.05 -7.92
CA CYS E 120 7.50 35.25 -9.02
C CYS E 120 7.05 34.60 -10.32
N ASN E 121 6.01 35.15 -10.93
CA ASN E 121 5.39 34.61 -12.15
C ASN E 121 6.45 34.14 -13.15
N GLY E 122 6.16 32.99 -13.76
CA GLY E 122 6.98 32.49 -14.86
C GLY E 122 8.33 31.95 -14.49
N MET E 123 8.52 31.55 -13.23
CA MET E 123 9.83 31.16 -12.73
C MET E 123 9.83 29.65 -12.46
N ILE E 124 10.73 28.94 -13.14
CA ILE E 124 10.79 27.49 -13.03
C ILE E 124 11.59 27.10 -11.79
N VAL E 125 11.05 26.16 -11.01
CA VAL E 125 11.62 25.79 -9.72
C VAL E 125 12.28 24.42 -9.86
N ASP E 126 13.60 24.40 -9.69
CA ASP E 126 14.40 23.17 -9.76
C ASP E 126 14.16 22.46 -11.09
N LYS E 127 14.05 23.24 -12.16
CA LYS E 127 13.88 22.76 -13.55
C LYS E 127 12.86 21.63 -13.66
N LYS E 128 11.86 21.61 -12.78
CA LYS E 128 10.80 20.62 -12.87
C LYS E 128 9.40 21.15 -12.61
N LEU E 129 9.24 22.36 -12.08
CA LEU E 129 7.93 22.94 -11.83
C LEU E 129 7.93 24.39 -12.29
N LYS E 130 6.79 24.82 -12.82
CA LYS E 130 6.63 26.21 -13.27
C LYS E 130 5.51 26.87 -12.49
N ILE E 131 5.58 28.20 -12.42
CA ILE E 131 4.57 29.02 -11.76
C ILE E 131 3.96 29.94 -12.80
N VAL E 132 2.64 29.90 -12.94
CA VAL E 132 1.93 30.66 -13.97
C VAL E 132 0.86 31.50 -13.29
N ASN E 133 0.88 32.81 -13.55
CA ASN E 133 -0.23 33.65 -13.11
C ASN E 133 -1.31 33.61 -14.18
N PRO E 134 -2.45 33.00 -13.88
CA PRO E 134 -3.46 32.77 -14.94
C PRO E 134 -4.42 33.92 -15.14
N PHE E 135 -4.60 34.78 -14.13
CA PHE E 135 -5.55 35.88 -14.22
C PHE E 135 -5.13 36.95 -15.22
N LEU E 136 -3.85 37.02 -15.57
CA LEU E 136 -3.36 38.03 -16.50
C LEU E 136 -3.90 37.82 -17.90
N LEU F 3 0.40 0.07 25.36
CA LEU F 3 -0.80 -0.02 26.19
C LEU F 3 -1.76 1.13 25.87
N ASP F 4 -1.20 2.24 25.39
CA ASP F 4 -2.01 3.39 24.98
C ASP F 4 -1.21 4.28 24.04
N LYS F 5 -1.78 4.60 22.89
CA LYS F 5 -1.11 5.48 21.95
C LYS F 5 -1.29 6.93 22.38
N ILE F 6 -0.22 7.51 22.92
CA ILE F 6 -0.27 8.88 23.39
C ILE F 6 0.19 9.85 22.33
N ALA F 7 -0.55 10.92 22.16
CA ALA F 7 -0.22 11.97 21.22
C ALA F 7 0.03 13.28 21.96
N ILE F 8 0.43 14.30 21.19
CA ILE F 8 0.74 15.62 21.73
C ILE F 8 0.23 16.68 20.76
N ASP F 9 0.38 17.94 21.19
CA ASP F 9 -0.05 19.07 20.39
C ASP F 9 1.06 20.11 20.38
N THR F 10 0.84 21.23 19.70
CA THR F 10 1.85 22.29 19.61
C THR F 10 2.22 22.85 20.98
N ASN F 11 1.32 22.74 21.95
CA ASN F 11 1.59 23.33 23.26
C ASN F 11 2.81 22.69 23.93
N ILE F 12 2.93 21.37 23.86
CA ILE F 12 4.06 20.70 24.49
C ILE F 12 5.36 21.18 23.87
N LEU F 13 5.41 21.24 22.54
CA LEU F 13 6.61 21.69 21.85
C LEU F 13 6.94 23.14 22.20
N LEU F 14 5.92 24.00 22.27
CA LEU F 14 6.17 25.42 22.55
C LEU F 14 6.70 25.64 23.96
N TYR F 15 6.09 24.97 24.95
CA TYR F 15 6.62 25.13 26.30
C TYR F 15 7.97 24.45 26.45
N ALA F 16 8.24 23.42 25.65
CA ALA F 16 9.59 22.83 25.64
C ALA F 16 10.62 23.83 25.11
N TYR F 17 10.26 24.56 24.05
CA TYR F 17 11.21 25.44 23.38
C TYR F 17 11.70 26.56 24.30
N ASP F 18 10.84 27.09 25.15
CA ASP F 18 11.16 28.31 25.91
C ASP F 18 11.81 27.98 27.24
N ASN F 19 12.79 28.80 27.62
CA ASN F 19 13.42 28.73 28.94
C ASN F 19 12.80 29.66 29.97
N ARG F 20 11.81 30.50 29.60
CA ARG F 20 11.30 31.45 30.58
C ARG F 20 10.66 30.74 31.77
N ASP F 21 9.89 29.69 31.51
CA ASP F 21 9.33 28.83 32.55
C ASP F 21 10.09 27.51 32.54
N LEU F 22 11.03 27.36 33.50
CA LEU F 22 11.86 26.16 33.55
C LEU F 22 11.02 24.91 33.84
N ASP F 23 10.08 25.02 34.76
CA ASP F 23 9.31 23.85 35.18
C ASP F 23 8.45 23.32 34.04
N LYS F 24 7.76 24.21 33.34
CA LYS F 24 6.93 23.79 32.22
C LYS F 24 7.78 23.27 31.07
N GLN F 25 8.93 23.89 30.87
CA GLN F 25 9.84 23.39 29.86
C GLN F 25 10.19 21.95 30.19
N ASP F 26 10.59 21.71 31.44
CA ASP F 26 10.94 20.36 31.84
C ASP F 26 9.79 19.40 31.57
N ARG F 27 8.64 19.66 32.18
CA ARG F 27 7.48 18.82 31.93
C ARG F 27 7.41 18.47 30.47
N ALA F 28 7.42 19.49 29.64
CA ALA F 28 7.30 19.26 28.21
C ALA F 28 8.39 18.33 27.68
N VAL F 29 9.64 18.49 28.13
CA VAL F 29 10.70 17.67 27.56
C VAL F 29 10.57 16.20 28.00
N GLU F 30 10.23 15.96 29.27
CA GLU F 30 9.92 14.57 29.64
C GLU F 30 8.61 14.08 29.06
N ILE F 31 7.86 14.96 28.40
CA ILE F 31 6.67 14.50 27.69
C ILE F 31 7.17 13.97 26.34
N LEU F 32 8.34 14.44 25.87
CA LEU F 32 8.84 14.06 24.54
C LEU F 32 9.72 12.82 24.58
N LEU F 33 10.30 12.47 25.72
CA LEU F 33 11.22 11.35 25.82
C LEU F 33 10.59 10.01 25.45
N LYS F 34 9.28 9.85 25.63
CA LYS F 34 8.60 8.58 25.41
C LYS F 34 8.15 8.39 23.97
N LYS F 35 8.76 9.10 23.02
CA LYS F 35 8.37 9.07 21.62
C LYS F 35 6.85 9.25 21.43
N PRO F 36 6.29 10.35 21.95
CA PRO F 36 4.85 10.58 21.76
C PRO F 36 4.54 10.87 20.29
N PHE F 37 3.43 10.30 19.83
CA PHE F 37 2.99 10.54 18.46
C PHE F 37 2.63 12.01 18.28
N VAL F 38 2.49 12.42 17.03
CA VAL F 38 2.29 13.83 16.70
C VAL F 38 1.56 13.91 15.36
N THR F 39 0.78 14.96 15.19
CA THR F 39 0.02 15.19 13.96
C THR F 39 0.78 16.16 13.08
N GLN F 40 0.62 16.03 11.76
CA GLN F 40 1.31 16.93 10.84
C GLN F 40 0.81 18.35 11.00
N LEU F 41 -0.46 18.52 11.35
CA LEU F 41 -0.99 19.86 11.62
C LEU F 41 -0.31 20.48 12.83
N VAL F 42 0.08 19.66 13.81
CA VAL F 42 0.84 20.16 14.96
C VAL F 42 2.17 20.74 14.49
N VAL F 43 2.85 20.03 13.58
CA VAL F 43 4.13 20.51 13.08
C VAL F 43 3.94 21.78 12.26
N PHE F 44 2.85 21.86 11.50
CA PHE F 44 2.58 23.07 10.72
C PHE F 44 2.33 24.27 11.63
N GLU F 45 1.52 24.10 12.67
CA GLU F 45 1.28 25.19 13.61
C GLU F 45 2.57 25.57 14.34
N PHE F 46 3.41 24.57 14.65
CA PHE F 46 4.68 24.84 15.29
C PHE F 46 5.57 25.70 14.39
N ILE F 47 5.61 25.37 13.10
CA ILE F 47 6.36 26.18 12.14
C ILE F 47 5.79 27.59 12.08
N LYS F 48 4.46 27.70 12.05
CA LYS F 48 3.83 29.02 11.98
C LYS F 48 4.20 29.87 13.18
N VAL F 49 4.18 29.29 14.38
CA VAL F 49 4.45 30.09 15.58
C VAL F 49 5.93 30.43 15.70
N LEU F 50 6.80 29.52 15.28
CA LEU F 50 8.23 29.85 15.26
C LEU F 50 8.51 30.97 14.26
N GLU F 51 7.89 30.93 13.08
CA GLU F 51 8.14 31.93 12.06
C GLU F 51 7.48 33.28 12.37
N ARG F 52 6.35 33.27 13.07
CA ARG F 52 5.55 34.46 13.31
C ARG F 52 5.88 35.14 14.64
N ARG F 53 5.68 34.42 15.76
CA ARG F 53 5.96 35.03 17.06
C ARG F 53 7.45 35.29 17.25
N PHE F 54 8.28 34.28 17.01
CA PHE F 54 9.70 34.35 17.34
C PHE F 54 10.53 34.97 16.24
N LYS F 55 9.99 35.13 15.03
CA LYS F 55 10.68 35.72 13.88
C LYS F 55 11.99 35.02 13.57
N MET F 56 12.05 33.70 13.80
CA MET F 56 13.26 32.96 13.57
C MET F 56 13.47 32.71 12.07
N ASP F 57 14.73 32.47 11.71
CA ASP F 57 15.09 32.23 10.33
C ASP F 57 14.45 30.94 9.83
N LYS F 58 14.17 30.90 8.52
CA LYS F 58 13.57 29.71 7.92
C LYS F 58 14.48 28.51 8.03
N LYS F 59 15.78 28.71 7.81
CA LYS F 59 16.72 27.59 7.73
C LYS F 59 16.79 26.84 9.05
N GLU F 60 16.93 27.57 10.16
CA GLU F 60 17.15 26.90 11.45
C GLU F 60 15.87 26.25 11.96
N ILE F 61 14.71 26.86 11.71
CA ILE F 61 13.46 26.23 12.12
C ILE F 61 13.21 24.97 11.28
N THR F 62 13.59 25.00 10.00
CA THR F 62 13.44 23.81 9.18
C THR F 62 14.39 22.70 9.65
N LYS F 63 15.63 23.06 9.97
CA LYS F 63 16.55 22.10 10.58
C LYS F 63 15.96 21.50 11.86
N LEU F 64 15.40 22.34 12.73
CA LEU F 64 14.83 21.83 13.97
C LEU F 64 13.65 20.90 13.72
N THR F 65 12.78 21.27 12.77
CA THR F 65 11.65 20.41 12.43
C THR F 65 12.12 19.06 11.92
N ILE F 66 13.09 19.05 11.00
CA ILE F 66 13.58 17.79 10.46
C ILE F 66 14.24 16.95 11.55
N LYS F 67 15.04 17.58 12.41
CA LYS F 67 15.71 16.87 13.48
C LYS F 67 14.70 16.23 14.43
N LEU F 68 13.67 17.01 14.83
CA LEU F 68 12.67 16.50 15.76
C LEU F 68 11.89 15.35 15.13
N LEU F 69 11.50 15.49 13.86
CA LEU F 69 10.73 14.44 13.23
C LEU F 69 11.55 13.17 13.00
N LYS F 70 12.85 13.31 12.72
CA LYS F 70 13.69 12.12 12.54
C LYS F 70 13.96 11.43 13.86
N GLU F 71 14.26 12.19 14.91
CA GLU F 71 14.79 11.62 16.14
C GLU F 71 13.83 11.69 17.32
N VAL F 72 12.89 12.63 17.33
CA VAL F 72 12.17 12.95 18.57
C VAL F 72 10.73 12.47 18.54
N ILE F 73 9.92 13.01 17.64
CA ILE F 73 8.49 12.71 17.62
C ILE F 73 8.16 11.90 16.38
N ILE F 74 7.12 11.07 16.46
CA ILE F 74 6.75 10.20 15.35
C ILE F 74 5.60 10.87 14.59
N PRO F 75 5.84 11.38 13.39
CA PRO F 75 4.75 11.97 12.61
C PRO F 75 3.70 10.93 12.26
N LEU F 76 2.45 11.36 12.28
CA LEU F 76 1.33 10.50 11.94
C LEU F 76 0.81 10.88 10.57
N SER F 77 0.61 9.88 9.72
CA SER F 77 0.13 10.13 8.37
C SER F 77 -1.23 10.84 8.41
N LEU F 78 -1.36 11.89 7.62
CA LEU F 78 -2.61 12.62 7.57
C LEU F 78 -3.71 11.72 7.03
N HIS F 79 -4.84 11.68 7.74
CA HIS F 79 -5.93 10.78 7.40
C HIS F 79 -6.86 11.46 6.41
N ARG F 80 -7.41 10.68 5.48
CA ARG F 80 -8.24 11.23 4.42
C ARG F 80 -9.64 11.58 4.90
N ASP F 81 -10.11 10.95 5.97
CA ASP F 81 -11.43 11.22 6.53
C ASP F 81 -11.40 12.29 7.61
N ILE F 82 -10.32 13.09 7.67
CA ILE F 82 -10.18 14.07 8.73
C ILE F 82 -11.25 15.14 8.63
N TYR F 83 -11.63 15.53 7.41
CA TYR F 83 -12.59 16.62 7.24
C TYR F 83 -13.99 16.18 7.65
N ASN F 84 -14.44 15.03 7.17
CA ASN F 84 -15.76 14.53 7.54
C ASN F 84 -15.84 14.24 9.03
N TYR F 85 -14.80 13.62 9.59
CA TYR F 85 -14.81 13.31 11.02
C TYR F 85 -14.81 14.58 11.86
N SER F 86 -14.03 15.58 11.46
CA SER F 86 -14.03 16.85 12.18
C SER F 86 -15.39 17.53 12.10
N GLN F 87 -16.06 17.42 10.95
CA GLN F 87 -17.43 17.94 10.84
C GLN F 87 -18.36 17.17 11.77
N PHE F 88 -18.16 15.86 11.90
CA PHE F 88 -18.99 15.07 12.81
C PHE F 88 -18.78 15.49 14.26
N LEU F 89 -17.52 15.67 14.67
CA LEU F 89 -17.25 16.14 16.03
C LEU F 89 -17.75 17.56 16.25
N LEU F 90 -18.06 18.28 15.17
CA LEU F 90 -18.39 19.69 15.26
C LEU F 90 -19.80 19.89 15.81
N GLN F 91 -20.69 18.92 15.60
CA GLN F 91 -22.07 19.06 16.05
C GLN F 91 -22.16 18.94 17.57
N ARG F 92 -21.31 18.11 18.16
CA ARG F 92 -21.40 17.84 19.60
C ARG F 92 -20.41 18.61 20.45
N TYR F 93 -19.40 19.20 19.82
CA TYR F 93 -18.35 19.90 20.56
C TYR F 93 -18.23 21.33 20.05
N ASN F 94 -17.71 22.22 20.90
CA ASN F 94 -17.47 23.60 20.54
C ASN F 94 -16.05 23.98 20.95
N PHE F 95 -15.10 23.69 20.07
CA PHE F 95 -13.71 24.13 20.17
C PHE F 95 -13.36 24.95 18.94
N GLY F 96 -12.20 25.59 18.98
CA GLY F 96 -11.64 26.15 17.76
C GLY F 96 -11.43 25.07 16.73
N LEU F 97 -11.84 25.35 15.49
CA LEU F 97 -11.85 24.33 14.45
C LEU F 97 -10.47 23.74 14.21
N SER F 98 -9.41 24.52 14.43
CA SER F 98 -8.06 23.96 14.33
C SER F 98 -7.84 22.86 15.36
N ASP F 99 -8.29 23.10 16.59
CA ASP F 99 -8.21 22.08 17.62
C ASP F 99 -9.07 20.87 17.26
N ILE F 100 -10.21 21.10 16.61
CA ILE F 100 -11.08 19.98 16.25
C ILE F 100 -10.43 19.12 15.17
N LEU F 101 -9.73 19.74 14.22
CA LEU F 101 -8.95 18.95 13.26
C LEU F 101 -7.82 18.20 13.95
N VAL F 102 -7.16 18.82 14.93
CA VAL F 102 -6.10 18.12 15.66
C VAL F 102 -6.67 16.88 16.35
N LEU F 103 -7.79 17.05 17.07
CA LEU F 103 -8.43 15.94 17.76
C LEU F 103 -8.92 14.88 16.77
N SER F 104 -9.49 15.31 15.65
CA SER F 104 -9.98 14.37 14.65
C SER F 104 -8.85 13.51 14.09
N ASP F 105 -7.73 14.13 13.73
CA ASP F 105 -6.62 13.37 13.19
C ASP F 105 -5.97 12.49 14.26
N SER F 106 -5.93 12.95 15.51
CA SER F 106 -5.42 12.11 16.58
C SER F 106 -6.31 10.89 16.78
N ILE F 107 -7.63 11.07 16.73
CA ILE F 107 -8.55 9.97 16.93
C ILE F 107 -8.48 8.98 15.77
N LEU F 108 -8.47 9.49 14.54
CA LEU F 108 -8.46 8.61 13.37
C LEU F 108 -7.20 7.78 13.27
N ASN F 109 -6.18 8.14 14.05
CA ASN F 109 -4.90 7.41 14.05
C ASN F 109 -4.78 6.49 15.25
N ASN F 110 -5.88 6.28 15.96
CA ASN F 110 -5.94 5.38 17.11
C ASN F 110 -5.15 5.90 18.30
N CYS F 111 -5.21 7.20 18.57
CA CYS F 111 -4.52 7.75 19.74
C CYS F 111 -5.42 7.67 20.96
N THR F 112 -4.84 7.24 22.09
CA THR F 112 -5.60 7.07 23.32
C THR F 112 -5.56 8.29 24.23
N ILE F 113 -4.39 8.91 24.39
CA ILE F 113 -4.23 10.05 25.30
C ILE F 113 -3.66 11.23 24.52
N LEU F 114 -4.25 12.40 24.69
CA LEU F 114 -3.76 13.64 24.10
C LEU F 114 -3.31 14.57 25.20
N LEU F 115 -2.24 15.33 24.93
CA LEU F 115 -1.68 16.24 25.92
C LEU F 115 -1.76 17.68 25.43
N SER F 116 -2.29 18.56 26.27
CA SER F 116 -2.42 19.97 25.90
C SER F 116 -2.81 20.77 27.14
N GLU F 117 -3.00 22.07 26.92
CA GLU F 117 -3.42 23.00 27.97
C GLU F 117 -4.79 23.61 27.68
N ASP F 118 -4.94 24.24 26.52
CA ASP F 118 -6.15 24.99 26.22
C ASP F 118 -7.24 24.12 25.62
N MET F 119 -7.49 22.94 26.21
CA MET F 119 -8.50 22.06 25.66
C MET F 119 -9.32 21.33 26.73
N CYS F 120 -9.47 21.91 27.92
CA CYS F 120 -10.39 21.39 28.94
C CYS F 120 -10.02 19.96 29.36
N ASN F 121 -8.87 19.86 30.03
CA ASN F 121 -8.27 18.59 30.40
C ASN F 121 -9.28 17.68 31.11
N GLY F 122 -9.02 16.37 31.02
CA GLY F 122 -9.89 15.36 31.61
C GLY F 122 -11.11 15.02 30.79
N MET F 123 -11.36 15.74 29.70
CA MET F 123 -12.61 15.60 28.95
C MET F 123 -12.50 14.49 27.93
N ILE F 124 -13.63 13.83 27.66
CA ILE F 124 -13.68 12.67 26.78
C ILE F 124 -14.24 13.12 25.43
N VAL F 125 -13.56 12.75 24.35
CA VAL F 125 -13.95 13.14 23.00
C VAL F 125 -14.43 11.89 22.27
N ASP F 126 -15.75 11.77 22.11
CA ASP F 126 -16.38 10.66 21.40
C ASP F 126 -15.95 9.29 21.95
N LYS F 127 -15.83 9.20 23.27
CA LYS F 127 -15.46 7.96 23.98
C LYS F 127 -14.31 7.21 23.30
N LYS F 128 -13.30 7.98 22.86
CA LYS F 128 -12.13 7.40 22.20
C LYS F 128 -10.80 8.00 22.65
N LEU F 129 -10.79 9.24 23.10
CA LEU F 129 -9.53 9.94 23.41
C LEU F 129 -9.83 10.99 24.46
N LYS F 130 -8.94 11.12 25.44
CA LYS F 130 -9.13 12.07 26.53
C LYS F 130 -8.00 13.08 26.55
N ILE F 131 -8.34 14.33 26.87
CA ILE F 131 -7.35 15.39 26.91
C ILE F 131 -6.80 15.53 28.33
N VAL F 132 -5.48 15.54 28.45
CA VAL F 132 -4.79 15.57 29.75
C VAL F 132 -3.82 16.74 29.77
N ASN F 133 -3.87 17.51 30.85
CA ASN F 133 -2.89 18.58 31.07
C ASN F 133 -1.76 18.01 31.90
N PRO F 134 -0.56 17.84 31.35
CA PRO F 134 0.50 17.16 32.10
C PRO F 134 1.31 18.08 32.99
N PHE F 135 1.26 19.39 32.73
CA PHE F 135 2.06 20.35 33.47
C PHE F 135 1.61 20.51 34.91
N LEU F 136 0.37 20.12 35.23
CA LEU F 136 -0.15 20.27 36.59
C LEU F 136 0.57 19.37 37.58
MG MG I . 1.57 31.84 0.13
MG MG J . -4.73 24.77 19.01
#